data_3PCL
#
_entry.id   3PCL
#
_cell.length_a   195.700
_cell.length_b   128.000
_cell.length_c   134.200
_cell.angle_alpha   90.00
_cell.angle_beta   97.80
_cell.angle_gamma   90.00
#
_symmetry.space_group_name_H-M   'I 1 2 1'
#
loop_
_entity.id
_entity.type
_entity.pdbx_description
1 polymer 'PROTOCATECHUATE 3,4-DIOXYGENASE'
2 polymer 'PROTOCATECHUATE 3,4-DIOXYGENASE'
3 non-polymer 'CYANIDE ION'
4 non-polymer 'FE (III) ION'
5 non-polymer '2-HYDROXYISONICOTINIC ACID N-OXIDE'
6 water water
#
loop_
_entity_poly.entity_id
_entity_poly.type
_entity_poly.pdbx_seq_one_letter_code
_entity_poly.pdbx_strand_id
1 'polypeptide(L)'
;PIELLPETPSQTAGPYVHIGLALEAAGNPTRDQEIWNRLAKPDAPGEHILLLGQVYDGNGHLVRDSFLEVWQADANGEYQ
DAYNLENAFNSFGRTATTFDAGEWTLHTVKPGVVNNAAGVPMAPHINISLFARGINIHLHTRLYFDDEAQANAKCPVLNL
IEQPQRRETLIAKRCEVDGKTAYRFDIRIQGEGETVFFDF
;
A,B,C,D,E,F
2 'polypeptide(L)'
;PAQDNSRFVIRDRNWHPKALTPDYKTSIARSPRQALVSIPQSISETTGPNFSHLGFGAHDHDLLLNFNNGGLPIGERIIV
AGRVVDQYGKPVPNTLVEMWQANAGGRYRHKNDRYLAPLDPNFGGVGRCLTDSDGYYSFRTIKPGPYPWRNGPNDWRPAH
IHFGISGPSIATKLITQLYFEGDPLIPMCPIVKSIANPEAVQQLIAKLDMNNANPMDCLAYRFDIVLRGQRKTHFENC
;
M,N,O,P,Q,R
#
# COMPACT_ATOMS: atom_id res chain seq x y z
N PRO A 1 11.36 4.51 29.07
CA PRO A 1 12.55 3.64 29.26
C PRO A 1 13.34 3.68 27.93
N ILE A 2 14.48 3.04 27.88
CA ILE A 2 15.32 3.01 26.68
C ILE A 2 14.87 1.83 25.77
N GLU A 3 14.87 2.07 24.48
CA GLU A 3 14.50 0.96 23.54
C GLU A 3 15.57 0.77 22.50
N LEU A 4 15.91 -0.47 22.18
CA LEU A 4 16.98 -0.71 21.15
C LEU A 4 16.24 -1.02 19.83
N LEU A 5 17.00 -1.41 18.82
CA LEU A 5 16.32 -1.88 17.55
C LEU A 5 15.66 -3.23 18.01
N PRO A 6 14.48 -3.48 17.49
CA PRO A 6 13.77 -4.74 17.80
C PRO A 6 14.43 -5.84 16.98
N GLU A 7 14.57 -7.00 17.65
CA GLU A 7 15.16 -8.17 16.95
C GLU A 7 14.22 -8.63 15.82
N THR A 8 14.79 -9.18 14.77
CA THR A 8 13.97 -9.71 13.65
C THR A 8 13.16 -10.88 14.20
N PRO A 9 11.84 -10.82 13.95
CA PRO A 9 10.92 -11.85 14.43
C PRO A 9 11.25 -13.21 13.83
N SER A 10 11.10 -14.23 14.68
CA SER A 10 11.31 -15.63 14.22
C SER A 10 10.07 -16.02 13.34
N GLN A 11 10.20 -17.10 12.68
CA GLN A 11 9.22 -17.76 11.86
C GLN A 11 9.59 -19.28 11.83
N THR A 12 8.54 -20.04 11.75
CA THR A 12 8.75 -21.54 11.72
C THR A 12 9.76 -21.83 10.58
N ALA A 13 10.48 -22.94 10.80
CA ALA A 13 11.47 -23.41 9.87
C ALA A 13 10.73 -23.94 8.59
N GLY A 14 9.53 -24.44 8.79
CA GLY A 14 8.73 -25.02 7.67
C GLY A 14 9.10 -26.52 7.56
N PRO A 15 8.26 -27.26 6.84
CA PRO A 15 8.46 -28.66 6.56
C PRO A 15 9.65 -29.02 5.69
N TYR A 16 10.08 -28.13 4.84
CA TYR A 16 11.19 -28.35 3.90
C TYR A 16 12.52 -27.85 4.41
N VAL A 17 12.60 -27.65 5.73
CA VAL A 17 13.88 -27.15 6.32
C VAL A 17 15.09 -27.91 5.83
N HIS A 18 14.96 -29.17 5.48
CA HIS A 18 16.05 -30.02 5.04
C HIS A 18 16.76 -29.55 3.78
N ILE A 19 15.98 -28.94 2.86
CA ILE A 19 16.64 -28.51 1.61
C ILE A 19 17.78 -27.56 1.94
N GLY A 20 17.53 -26.74 2.98
CA GLY A 20 18.47 -25.78 3.42
C GLY A 20 19.51 -26.22 4.42
N LEU A 21 19.13 -26.98 5.42
CA LEU A 21 19.98 -27.40 6.52
C LEU A 21 20.31 -28.85 6.69
N ALA A 22 19.73 -29.72 5.92
CA ALA A 22 19.97 -31.19 6.00
C ALA A 22 19.79 -31.76 4.58
N LEU A 23 20.68 -31.30 3.73
CA LEU A 23 20.70 -31.67 2.31
C LEU A 23 20.43 -33.13 2.05
N GLU A 24 21.21 -33.99 2.63
CA GLU A 24 21.06 -35.46 2.46
C GLU A 24 19.60 -35.85 2.63
N ALA A 25 19.08 -35.60 3.83
CA ALA A 25 17.71 -35.87 4.22
C ALA A 25 16.73 -35.37 3.19
N ALA A 26 17.01 -34.17 2.67
CA ALA A 26 16.10 -33.59 1.65
C ALA A 26 16.07 -34.50 0.42
N GLY A 27 17.12 -35.31 0.34
CA GLY A 27 17.34 -36.25 -0.77
C GLY A 27 17.96 -35.46 -1.92
N ASN A 28 18.80 -34.51 -1.55
CA ASN A 28 19.49 -33.64 -2.53
C ASN A 28 21.01 -33.81 -2.37
N PRO A 29 21.72 -33.56 -3.47
CA PRO A 29 23.18 -33.63 -3.47
C PRO A 29 23.72 -32.67 -2.39
N THR A 30 24.75 -33.10 -1.68
CA THR A 30 25.33 -32.24 -0.63
C THR A 30 26.50 -31.47 -1.26
N ARG A 31 27.04 -30.58 -0.46
CA ARG A 31 28.21 -29.77 -0.89
C ARG A 31 29.44 -30.43 -0.30
N ASP A 32 30.61 -29.97 -0.66
CA ASP A 32 31.88 -30.48 -0.19
C ASP A 32 31.91 -30.52 1.34
N GLN A 33 31.46 -29.43 1.93
CA GLN A 33 31.49 -29.32 3.42
C GLN A 33 30.09 -29.05 3.95
N GLU A 34 29.66 -29.89 4.87
CA GLU A 34 28.35 -29.80 5.52
C GLU A 34 28.47 -29.98 7.04
N ILE A 35 27.62 -29.23 7.71
CA ILE A 35 27.54 -29.25 9.19
C ILE A 35 26.56 -30.38 9.51
N TRP A 36 27.10 -31.48 10.04
CA TRP A 36 26.22 -32.62 10.32
C TRP A 36 26.24 -33.16 11.72
N ASN A 37 25.88 -34.43 11.88
CA ASN A 37 25.73 -35.10 13.14
C ASN A 37 26.88 -35.84 13.78
N ARG A 38 28.10 -35.62 13.35
CA ARG A 38 29.30 -36.29 13.88
C ARG A 38 30.24 -35.23 14.44
N LEU A 39 30.10 -34.91 15.70
CA LEU A 39 30.87 -33.90 16.41
C LEU A 39 32.30 -34.34 16.70
N ALA A 40 32.48 -35.64 16.90
CA ALA A 40 33.79 -36.19 17.21
C ALA A 40 34.24 -37.23 16.17
N LYS A 41 35.54 -37.16 15.92
CA LYS A 41 36.22 -38.13 15.03
C LYS A 41 36.69 -39.22 16.02
N PRO A 42 36.80 -40.42 15.50
CA PRO A 42 37.21 -41.58 16.29
C PRO A 42 38.39 -41.30 17.20
N ASP A 43 39.28 -40.46 16.75
CA ASP A 43 40.50 -40.10 17.49
C ASP A 43 40.30 -38.94 18.43
N ALA A 44 39.08 -38.64 18.79
CA ALA A 44 38.87 -37.49 19.71
C ALA A 44 38.91 -38.02 21.14
N PRO A 45 39.62 -37.30 22.00
CA PRO A 45 39.73 -37.64 23.43
C PRO A 45 38.33 -37.46 24.04
N GLY A 46 38.03 -38.30 24.99
CA GLY A 46 36.74 -38.27 25.71
C GLY A 46 36.07 -39.64 25.52
N GLU A 47 34.91 -39.77 26.17
CA GLU A 47 34.17 -41.02 26.06
C GLU A 47 33.19 -40.87 24.88
N HIS A 48 33.46 -41.67 23.87
CA HIS A 48 32.61 -41.68 22.66
C HIS A 48 31.27 -42.33 22.99
N ILE A 49 30.21 -41.59 22.71
CA ILE A 49 28.84 -42.03 22.92
C ILE A 49 28.02 -41.78 21.64
N LEU A 50 26.84 -42.33 21.64
CA LEU A 50 25.84 -42.20 20.62
C LEU A 50 24.57 -41.67 21.33
N LEU A 51 24.07 -40.59 20.76
CA LEU A 51 22.81 -39.96 21.26
C LEU A 51 21.73 -40.33 20.22
N LEU A 52 20.56 -40.58 20.73
CA LEU A 52 19.41 -40.91 19.87
C LEU A 52 18.11 -40.60 20.60
N GLY A 53 17.08 -40.37 19.82
CA GLY A 53 15.77 -40.09 20.34
C GLY A 53 14.75 -39.72 19.25
N GLN A 54 13.51 -39.65 19.73
CA GLN A 54 12.34 -39.26 18.96
C GLN A 54 11.73 -38.00 19.58
N VAL A 55 10.91 -37.36 18.73
CA VAL A 55 10.21 -36.12 19.14
C VAL A 55 8.71 -36.38 19.03
N TYR A 56 7.95 -36.07 20.03
CA TYR A 56 6.50 -36.27 20.06
C TYR A 56 5.71 -34.97 20.18
N ASP A 57 4.56 -34.96 19.54
CA ASP A 57 3.67 -33.77 19.58
C ASP A 57 2.72 -33.99 20.75
N GLY A 58 1.81 -33.09 20.98
CA GLY A 58 0.83 -33.10 22.02
C GLY A 58 -0.15 -34.28 21.96
N ASN A 59 -0.24 -34.97 20.86
CA ASN A 59 -1.14 -36.10 20.70
C ASN A 59 -0.36 -37.41 20.87
N GLY A 60 0.94 -37.29 21.07
CA GLY A 60 1.81 -38.46 21.24
C GLY A 60 2.27 -38.98 19.88
N HIS A 61 2.04 -38.18 18.85
CA HIS A 61 2.45 -38.54 17.49
C HIS A 61 3.86 -38.04 17.17
N LEU A 62 4.58 -38.86 16.45
CA LEU A 62 5.97 -38.59 16.05
C LEU A 62 5.97 -37.31 15.17
N VAL A 63 6.98 -36.52 15.41
CA VAL A 63 7.25 -35.27 14.67
C VAL A 63 8.44 -35.68 13.80
N ARG A 64 8.11 -36.06 12.54
CA ARG A 64 9.12 -36.54 11.61
C ARG A 64 9.87 -35.51 10.82
N ASP A 65 9.56 -34.26 11.00
CA ASP A 65 10.23 -33.16 10.25
C ASP A 65 10.97 -32.22 11.17
N SER A 66 11.29 -32.74 12.36
CA SER A 66 12.01 -31.82 13.34
C SER A 66 13.46 -31.67 12.91
N PHE A 67 14.06 -30.56 13.28
CA PHE A 67 15.46 -30.21 12.96
C PHE A 67 16.06 -29.77 14.32
N LEU A 68 17.20 -30.33 14.63
CA LEU A 68 17.87 -30.05 15.91
C LEU A 68 19.31 -29.59 15.72
N GLU A 69 19.70 -28.69 16.57
CA GLU A 69 21.07 -28.16 16.65
C GLU A 69 21.55 -28.36 18.09
N VAL A 70 22.76 -28.86 18.21
CA VAL A 70 23.43 -29.13 19.47
C VAL A 70 24.67 -28.29 19.68
N TRP A 71 24.95 -27.99 20.93
CA TRP A 71 26.12 -27.24 21.38
C TRP A 71 26.57 -27.84 22.73
N GLN A 72 27.82 -28.31 22.72
CA GLN A 72 28.41 -28.91 23.91
C GLN A 72 29.91 -28.65 24.09
N ALA A 73 30.33 -28.81 25.35
CA ALA A 73 31.77 -28.68 25.68
C ALA A 73 32.46 -29.99 25.24
N ASP A 74 33.76 -29.90 25.11
CA ASP A 74 34.62 -31.07 24.77
C ASP A 74 34.74 -31.82 26.14
N ALA A 75 35.41 -32.91 26.11
CA ALA A 75 35.68 -33.81 27.25
C ALA A 75 36.34 -33.07 28.40
N ASN A 76 37.06 -32.01 28.13
CA ASN A 76 37.74 -31.19 29.11
C ASN A 76 36.78 -30.13 29.68
N GLY A 77 35.58 -30.09 29.14
CA GLY A 77 34.57 -29.12 29.59
C GLY A 77 34.92 -27.76 28.95
N GLU A 78 35.40 -27.85 27.74
CA GLU A 78 35.77 -26.66 26.95
C GLU A 78 34.98 -26.51 25.64
N TYR A 79 34.47 -25.30 25.45
CA TYR A 79 33.69 -24.97 24.25
C TYR A 79 34.62 -24.63 23.10
N GLN A 80 34.54 -25.47 22.08
CA GLN A 80 35.38 -25.30 20.85
C GLN A 80 34.52 -24.65 19.78
N ASP A 81 34.62 -23.36 19.63
CA ASP A 81 33.86 -22.57 18.69
C ASP A 81 34.39 -22.46 17.26
N ALA A 82 35.69 -22.72 17.11
CA ALA A 82 36.33 -22.63 15.80
C ALA A 82 35.98 -23.86 14.96
N TYR A 83 34.81 -23.79 14.35
CA TYR A 83 34.27 -24.84 13.52
C TYR A 83 35.13 -25.13 12.28
N ASN A 84 35.52 -26.39 12.21
CA ASN A 84 36.35 -26.93 11.13
C ASN A 84 36.18 -28.45 11.05
N LEU A 85 35.95 -28.92 9.85
CA LEU A 85 35.77 -30.33 9.54
C LEU A 85 37.04 -31.14 9.79
N GLU A 86 38.13 -30.40 9.92
CA GLU A 86 39.45 -30.96 10.17
C GLU A 86 39.63 -31.29 11.65
N ASN A 87 38.91 -30.58 12.50
CA ASN A 87 38.97 -30.82 13.93
C ASN A 87 38.56 -32.29 14.21
N ALA A 88 39.13 -32.80 15.28
CA ALA A 88 38.83 -34.18 15.74
C ALA A 88 37.52 -34.13 16.56
N PHE A 89 37.22 -32.90 17.00
CA PHE A 89 36.06 -32.57 17.80
C PHE A 89 35.57 -31.13 17.50
N ASN A 90 34.27 -31.03 17.31
CA ASN A 90 33.56 -29.77 17.08
C ASN A 90 32.42 -29.76 18.13
N SER A 91 32.28 -28.63 18.77
CA SER A 91 31.26 -28.39 19.77
C SER A 91 29.86 -28.24 19.15
N PHE A 92 29.84 -27.99 17.83
CA PHE A 92 28.54 -27.78 17.14
C PHE A 92 28.19 -28.91 16.21
N GLY A 93 26.89 -29.21 16.21
CA GLY A 93 26.38 -30.26 15.30
C GLY A 93 24.90 -30.02 14.96
N ARG A 94 24.44 -30.72 13.95
CA ARG A 94 23.10 -30.73 13.43
C ARG A 94 22.62 -32.14 13.17
N THR A 95 21.32 -32.32 13.37
CA THR A 95 20.67 -33.63 13.15
C THR A 95 19.21 -33.36 12.82
N ALA A 96 18.55 -34.40 12.38
CA ALA A 96 17.14 -34.38 12.03
C ALA A 96 16.54 -35.78 12.15
N THR A 97 15.21 -35.80 12.37
CA THR A 97 14.49 -37.07 12.48
C THR A 97 14.18 -37.65 11.10
N THR A 98 14.35 -38.98 11.02
CA THR A 98 14.04 -39.72 9.78
C THR A 98 12.53 -39.55 9.49
N PHE A 99 12.21 -39.48 8.21
CA PHE A 99 10.81 -39.32 7.79
C PHE A 99 10.06 -40.62 8.10
N ASP A 100 10.79 -41.70 8.23
CA ASP A 100 10.24 -43.03 8.50
C ASP A 100 10.04 -43.27 10.00
N ALA A 101 11.11 -43.77 10.57
CA ALA A 101 11.24 -44.11 11.99
C ALA A 101 11.00 -42.91 12.89
N GLY A 102 11.43 -41.73 12.47
CA GLY A 102 11.27 -40.48 13.19
C GLY A 102 12.29 -40.31 14.34
N GLU A 103 13.45 -40.88 14.11
CA GLU A 103 14.56 -40.87 15.06
C GLU A 103 15.77 -40.11 14.57
N TRP A 104 16.38 -39.37 15.49
CA TRP A 104 17.61 -38.59 15.16
C TRP A 104 18.77 -39.32 15.85
N THR A 105 19.97 -39.06 15.40
CA THR A 105 21.19 -39.63 16.01
C THR A 105 22.32 -38.62 15.92
N LEU A 106 23.17 -38.71 16.91
CA LEU A 106 24.35 -37.76 16.98
C LEU A 106 25.52 -38.63 17.45
N HIS A 107 26.68 -38.36 16.94
CA HIS A 107 27.94 -39.06 17.28
C HIS A 107 28.86 -38.04 17.95
N THR A 108 29.13 -38.25 19.23
CA THR A 108 29.97 -37.27 19.96
C THR A 108 30.71 -37.92 21.14
N VAL A 109 31.17 -37.07 22.02
CA VAL A 109 31.86 -37.40 23.26
C VAL A 109 31.04 -36.74 24.39
N LYS A 110 31.13 -37.41 25.53
CA LYS A 110 30.46 -36.91 26.75
C LYS A 110 31.27 -35.63 27.12
N PRO A 111 30.53 -34.55 27.30
CA PRO A 111 31.15 -33.27 27.62
C PRO A 111 31.65 -33.25 29.06
N GLY A 112 32.66 -32.43 29.31
CA GLY A 112 33.27 -32.23 30.63
C GLY A 112 32.38 -31.18 31.32
N VAL A 113 32.58 -30.97 32.59
CA VAL A 113 31.86 -30.02 33.42
C VAL A 113 32.28 -28.58 33.12
N VAL A 114 31.31 -27.70 33.23
CA VAL A 114 31.45 -26.26 33.05
C VAL A 114 30.74 -25.55 34.20
N ASN A 115 31.21 -24.41 34.60
CA ASN A 115 30.66 -23.62 35.68
C ASN A 115 29.75 -22.50 35.14
N ASN A 116 28.76 -22.19 35.97
CA ASN A 116 27.81 -21.11 35.64
C ASN A 116 28.56 -19.78 35.82
N ALA A 117 27.84 -18.70 35.57
CA ALA A 117 28.47 -17.36 35.68
C ALA A 117 28.99 -17.20 37.11
N ALA A 118 28.33 -17.85 38.07
CA ALA A 118 28.68 -17.72 39.47
C ALA A 118 29.74 -18.64 40.01
N GLY A 119 30.41 -19.42 39.19
CA GLY A 119 31.43 -20.33 39.67
C GLY A 119 31.00 -21.67 40.13
N VAL A 120 29.73 -22.03 40.06
CA VAL A 120 29.21 -23.36 40.44
C VAL A 120 29.16 -24.26 39.19
N PRO A 121 29.62 -25.49 39.34
CA PRO A 121 29.67 -26.45 38.23
C PRO A 121 28.29 -26.98 37.86
N MET A 122 28.07 -27.09 36.56
CA MET A 122 26.82 -27.61 35.99
C MET A 122 27.10 -29.07 35.66
N ALA A 123 26.09 -29.89 35.71
CA ALA A 123 26.30 -31.32 35.38
C ALA A 123 26.59 -31.34 33.85
N PRO A 124 27.33 -32.35 33.46
CA PRO A 124 27.62 -32.50 31.99
C PRO A 124 26.27 -32.38 31.28
N HIS A 125 26.21 -31.58 30.23
CA HIS A 125 24.96 -31.38 29.46
C HIS A 125 25.26 -30.94 28.02
N ILE A 126 24.27 -31.17 27.21
CA ILE A 126 24.24 -30.86 25.77
C ILE A 126 23.09 -29.85 25.56
N ASN A 127 23.46 -28.73 24.97
CA ASN A 127 22.48 -27.65 24.70
C ASN A 127 21.83 -28.04 23.36
N ILE A 128 20.51 -28.02 23.34
CA ILE A 128 19.72 -28.36 22.18
C ILE A 128 18.63 -27.29 21.88
N SER A 129 18.59 -27.03 20.56
CA SER A 129 17.59 -26.12 19.99
C SER A 129 16.75 -26.94 18.98
N LEU A 130 15.46 -26.91 19.18
CA LEU A 130 14.51 -27.62 18.32
C LEU A 130 13.73 -26.70 17.36
N PHE A 131 13.67 -27.18 16.13
CA PHE A 131 13.01 -26.45 15.02
C PHE A 131 12.14 -27.43 14.20
N ALA A 132 11.05 -26.90 13.70
CA ALA A 132 10.12 -27.68 12.87
C ALA A 132 8.88 -26.81 12.52
N ARG A 133 8.25 -27.38 11.50
CA ARG A 133 6.94 -26.80 11.03
C ARG A 133 6.05 -26.81 12.30
N GLY A 134 5.26 -25.79 12.53
CA GLY A 134 4.34 -25.70 13.64
C GLY A 134 5.01 -25.01 14.83
N ILE A 135 6.31 -24.91 14.76
CA ILE A 135 7.12 -24.27 15.81
C ILE A 135 7.50 -22.86 15.30
N ASN A 136 6.85 -21.88 15.89
CA ASN A 136 7.02 -20.47 15.47
C ASN A 136 8.41 -19.96 15.78
N ILE A 137 8.81 -20.27 17.05
CA ILE A 137 10.11 -19.96 17.58
C ILE A 137 10.67 -21.23 18.20
N HIS A 138 11.94 -21.47 17.90
CA HIS A 138 12.63 -22.67 18.33
C HIS A 138 12.60 -22.84 19.84
N LEU A 139 12.65 -24.10 20.24
CA LEU A 139 12.60 -24.48 21.66
C LEU A 139 14.00 -24.87 22.11
N HIS A 140 14.37 -24.33 23.26
CA HIS A 140 15.66 -24.60 23.88
C HIS A 140 15.47 -25.61 25.03
N THR A 141 16.34 -26.59 25.04
CA THR A 141 16.37 -27.60 26.09
C THR A 141 17.80 -28.05 26.37
N ARG A 142 17.94 -28.97 27.29
CA ARG A 142 19.25 -29.52 27.69
C ARG A 142 19.15 -31.03 27.93
N LEU A 143 20.20 -31.72 27.51
CA LEU A 143 20.25 -33.18 27.71
C LEU A 143 21.30 -33.43 28.83
N TYR A 144 20.80 -34.02 29.90
CA TYR A 144 21.65 -34.41 31.04
C TYR A 144 21.72 -35.95 30.97
N PHE A 145 22.67 -36.57 31.66
CA PHE A 145 22.85 -38.01 31.63
C PHE A 145 22.47 -38.66 32.97
N ASP A 146 21.89 -39.84 32.86
CA ASP A 146 21.44 -40.61 34.02
C ASP A 146 22.60 -41.18 34.85
N ASP A 147 23.72 -41.40 34.25
CA ASP A 147 24.92 -41.90 34.93
C ASP A 147 25.73 -40.80 35.64
N GLU A 148 25.19 -39.61 35.76
CA GLU A 148 25.81 -38.45 36.37
C GLU A 148 24.92 -37.87 37.47
N ALA A 149 24.22 -38.83 38.06
CA ALA A 149 23.28 -38.67 39.15
C ALA A 149 23.79 -37.74 40.24
N GLN A 150 25.00 -38.04 40.70
CA GLN A 150 25.62 -37.23 41.78
C GLN A 150 25.76 -35.78 41.34
N ALA A 151 26.23 -35.58 40.14
CA ALA A 151 26.41 -34.24 39.53
C ALA A 151 25.06 -33.53 39.31
N ASN A 152 24.13 -34.26 38.74
CA ASN A 152 22.79 -33.75 38.42
C ASN A 152 22.07 -33.18 39.64
N ALA A 153 22.26 -33.79 40.78
CA ALA A 153 21.60 -33.37 42.02
C ALA A 153 21.98 -31.97 42.43
N LYS A 154 23.23 -31.60 42.14
CA LYS A 154 23.79 -30.30 42.46
C LYS A 154 23.81 -29.26 41.36
N CYS A 155 23.45 -29.59 40.16
CA CYS A 155 23.41 -28.62 39.03
C CYS A 155 22.50 -27.44 39.31
N PRO A 156 23.06 -26.23 39.29
CA PRO A 156 22.30 -25.02 39.57
C PRO A 156 21.20 -24.78 38.57
N VAL A 157 21.37 -25.27 37.38
CA VAL A 157 20.34 -25.08 36.31
C VAL A 157 19.17 -25.99 36.56
N LEU A 158 19.48 -27.27 36.72
CA LEU A 158 18.46 -28.30 37.01
C LEU A 158 17.66 -27.92 38.26
N ASN A 159 18.35 -27.34 39.23
CA ASN A 159 17.79 -26.90 40.49
C ASN A 159 16.87 -25.72 40.33
N LEU A 160 16.89 -25.04 39.20
CA LEU A 160 16.02 -23.90 38.89
C LEU A 160 14.60 -24.37 38.55
N ILE A 161 14.49 -25.60 38.10
CA ILE A 161 13.20 -26.21 37.75
C ILE A 161 12.45 -26.52 39.05
N GLU A 162 11.46 -25.69 39.34
CA GLU A 162 10.65 -25.77 40.52
C GLU A 162 10.21 -27.15 40.95
N GLN A 163 9.68 -27.92 40.02
CA GLN A 163 9.16 -29.27 40.31
C GLN A 163 10.11 -30.37 39.95
N PRO A 164 10.54 -31.08 40.98
CA PRO A 164 11.48 -32.18 40.85
C PRO A 164 11.11 -33.17 39.79
N GLN A 165 9.84 -33.46 39.61
CA GLN A 165 9.37 -34.42 38.60
C GLN A 165 9.69 -33.96 37.16
N ARG A 166 9.77 -32.66 36.95
CA ARG A 166 10.03 -32.05 35.66
C ARG A 166 11.48 -32.18 35.24
N ARG A 167 12.33 -32.23 36.25
CA ARG A 167 13.76 -32.37 36.10
C ARG A 167 14.13 -33.63 35.34
N GLU A 168 13.35 -34.67 35.59
CA GLU A 168 13.58 -35.99 34.97
C GLU A 168 13.34 -36.00 33.49
N THR A 169 12.59 -35.03 33.00
CA THR A 169 12.30 -34.94 31.55
C THR A 169 13.62 -34.61 30.82
N LEU A 170 14.56 -34.04 31.57
CA LEU A 170 15.85 -33.66 31.01
C LEU A 170 16.91 -34.72 31.03
N ILE A 171 16.68 -35.85 31.63
CA ILE A 171 17.70 -36.90 31.76
C ILE A 171 17.60 -38.01 30.74
N ALA A 172 18.64 -38.11 29.95
CA ALA A 172 18.81 -39.14 28.93
C ALA A 172 19.14 -40.46 29.65
N LYS A 173 18.59 -41.52 29.11
CA LYS A 173 18.74 -42.88 29.62
C LYS A 173 19.78 -43.67 28.83
N ARG A 174 20.81 -44.05 29.58
CA ARG A 174 21.94 -44.82 29.10
C ARG A 174 21.55 -46.25 28.73
N CYS A 175 22.18 -46.73 27.68
CA CYS A 175 22.04 -48.07 27.14
C CYS A 175 23.25 -48.27 26.19
N GLU A 176 23.16 -49.35 25.46
CA GLU A 176 24.20 -49.72 24.47
C GLU A 176 23.55 -49.98 23.12
N VAL A 177 24.25 -49.59 22.09
CA VAL A 177 23.82 -49.75 20.70
C VAL A 177 24.99 -50.36 19.93
N ASP A 178 24.75 -51.60 19.53
CA ASP A 178 25.83 -52.30 18.76
C ASP A 178 27.08 -52.29 19.67
N GLY A 179 26.83 -52.57 20.94
CA GLY A 179 27.86 -52.63 21.96
C GLY A 179 28.53 -51.31 22.29
N LYS A 180 27.93 -50.20 21.86
CA LYS A 180 28.44 -48.85 22.10
C LYS A 180 27.54 -48.12 23.13
N THR A 181 28.21 -47.28 23.90
CA THR A 181 27.53 -46.48 24.91
C THR A 181 26.61 -45.47 24.21
N ALA A 182 25.34 -45.58 24.49
CA ALA A 182 24.32 -44.72 23.91
C ALA A 182 23.39 -44.19 24.99
N TYR A 183 22.81 -43.06 24.71
CA TYR A 183 21.82 -42.41 25.57
C TYR A 183 20.63 -42.05 24.65
N ARG A 184 19.48 -42.39 25.19
CA ARG A 184 18.21 -42.09 24.50
C ARG A 184 17.57 -40.87 25.20
N PHE A 185 17.26 -39.91 24.34
CA PHE A 185 16.65 -38.65 24.76
C PHE A 185 15.46 -38.27 23.85
N ASP A 186 14.28 -38.52 24.38
CA ASP A 186 13.00 -38.24 23.71
C ASP A 186 12.47 -36.87 24.20
N ILE A 187 12.05 -36.09 23.26
CA ILE A 187 11.47 -34.76 23.57
C ILE A 187 9.96 -34.89 23.37
N ARG A 188 9.22 -34.44 24.33
CA ARG A 188 7.73 -34.46 24.31
C ARG A 188 7.42 -32.96 24.35
N ILE A 189 6.95 -32.46 23.22
CA ILE A 189 6.70 -31.03 23.06
C ILE A 189 5.56 -30.48 23.90
N GLN A 190 4.58 -31.34 24.09
CA GLN A 190 3.34 -30.96 24.79
C GLN A 190 2.64 -32.14 25.47
N GLY A 191 2.01 -31.82 26.59
CA GLY A 191 1.22 -32.79 27.33
C GLY A 191 1.98 -33.51 28.40
N GLU A 192 1.53 -34.72 28.62
CA GLU A 192 2.03 -35.67 29.61
C GLU A 192 3.53 -35.85 29.46
N GLY A 193 4.25 -35.54 30.52
CA GLY A 193 5.72 -35.68 30.53
C GLY A 193 6.39 -34.64 29.61
N GLU A 194 5.74 -33.51 29.42
CA GLU A 194 6.24 -32.41 28.58
C GLU A 194 7.65 -31.99 29.03
N THR A 195 8.54 -31.99 28.07
CA THR A 195 9.94 -31.65 28.27
C THR A 195 10.09 -30.19 28.70
N VAL A 196 10.97 -30.00 29.68
CA VAL A 196 11.21 -28.60 30.12
C VAL A 196 11.91 -27.86 28.94
N PHE A 197 11.47 -26.63 28.76
CA PHE A 197 12.09 -25.79 27.68
C PHE A 197 12.47 -24.55 28.48
N PHE A 198 13.58 -23.95 28.07
CA PHE A 198 14.14 -22.78 28.68
C PHE A 198 14.07 -21.51 27.81
N ASP A 199 14.21 -20.43 28.53
CA ASP A 199 14.30 -19.07 27.93
C ASP A 199 15.53 -18.41 28.61
N PHE A 200 16.40 -17.90 27.78
CA PHE A 200 17.62 -17.17 28.23
C PHE A 200 17.96 -16.10 27.11
N PRO B 1 39.65 -21.38 23.84
CA PRO B 1 38.29 -21.75 23.37
C PRO B 1 37.38 -20.58 23.70
N ALA B 2 36.09 -20.82 23.52
CA ALA B 2 35.06 -19.78 23.77
C ALA B 2 35.05 -19.40 25.25
N GLN B 3 34.75 -18.13 25.48
CA GLN B 3 34.69 -17.57 26.83
C GLN B 3 33.44 -16.72 27.10
N ASP B 4 33.03 -16.85 28.37
CA ASP B 4 31.88 -16.14 28.89
C ASP B 4 32.22 -14.68 29.21
N ASN B 5 32.26 -13.87 28.20
CA ASN B 5 32.54 -12.43 28.38
C ASN B 5 31.32 -11.59 28.04
N SER B 6 30.33 -12.19 27.36
CA SER B 6 29.12 -11.46 26.94
C SER B 6 27.82 -11.87 27.60
N ARG B 7 26.88 -10.97 27.42
CA ARG B 7 25.51 -11.11 27.88
C ARG B 7 24.66 -10.66 26.67
N PHE B 8 23.47 -11.22 26.60
CA PHE B 8 22.56 -10.87 25.51
C PHE B 8 21.24 -10.31 26.01
N VAL B 9 20.84 -9.28 25.29
CA VAL B 9 19.56 -8.62 25.60
C VAL B 9 18.51 -9.75 25.63
N ILE B 10 17.64 -9.71 26.57
CA ILE B 10 16.59 -10.72 26.77
C ILE B 10 15.56 -10.58 25.60
N ARG B 11 15.17 -11.73 25.09
CA ARG B 11 14.21 -11.74 23.97
C ARG B 11 12.87 -11.19 24.42
N ASP B 12 12.26 -10.53 23.45
CA ASP B 12 10.89 -10.01 23.69
C ASP B 12 9.94 -11.08 23.05
N ARG B 13 9.37 -11.84 23.97
CA ARG B 13 8.47 -12.94 23.54
C ARG B 13 7.10 -12.51 23.08
N ASN B 14 6.86 -11.22 23.15
CA ASN B 14 5.59 -10.66 22.66
C ASN B 14 5.85 -10.04 21.27
N TRP B 15 7.12 -9.86 20.99
CA TRP B 15 7.55 -9.30 19.72
C TRP B 15 7.48 -10.50 18.71
N HIS B 16 8.17 -11.55 19.16
CA HIS B 16 8.22 -12.80 18.39
C HIS B 16 6.79 -13.40 18.50
N PRO B 17 6.47 -14.19 17.50
CA PRO B 17 5.18 -14.91 17.45
C PRO B 17 5.18 -15.86 18.67
N LYS B 18 4.03 -16.04 19.21
CA LYS B 18 3.93 -16.94 20.42
C LYS B 18 3.89 -18.34 19.83
N ALA B 19 4.02 -19.31 20.68
CA ALA B 19 3.98 -20.72 20.35
C ALA B 19 2.62 -21.18 19.84
N LEU B 20 1.52 -20.86 20.54
CA LEU B 20 0.19 -21.34 20.14
C LEU B 20 -0.56 -20.22 19.35
N THR B 21 -0.66 -20.48 18.06
CA THR B 21 -1.32 -19.54 17.12
C THR B 21 -2.27 -20.40 16.29
N PRO B 22 -3.45 -20.68 16.86
CA PRO B 22 -4.43 -21.57 16.30
C PRO B 22 -4.77 -21.53 14.83
N ASP B 23 -4.65 -20.43 14.10
CA ASP B 23 -4.99 -20.42 12.67
C ASP B 23 -3.93 -21.13 11.82
N TYR B 24 -2.78 -21.27 12.42
CA TYR B 24 -1.61 -21.99 11.88
C TYR B 24 -1.74 -23.38 12.60
N LYS B 25 -2.62 -24.19 11.99
CA LYS B 25 -3.04 -25.44 12.49
C LYS B 25 -2.02 -26.31 13.22
N THR B 26 -0.87 -26.47 12.65
CA THR B 26 0.20 -27.27 13.17
C THR B 26 0.72 -26.85 14.54
N SER B 27 0.68 -25.60 14.83
CA SER B 27 1.13 -25.00 16.05
C SER B 27 0.36 -25.53 17.29
N ILE B 28 -0.88 -25.91 17.05
CA ILE B 28 -1.74 -26.40 18.15
C ILE B 28 -1.12 -27.55 18.94
N ALA B 29 -0.74 -28.58 18.17
CA ALA B 29 -0.13 -29.81 18.72
C ALA B 29 1.37 -29.72 18.92
N ARG B 30 1.94 -28.59 18.49
CA ARG B 30 3.42 -28.46 18.64
C ARG B 30 3.90 -27.33 19.50
N SER B 31 3.04 -26.86 20.36
CA SER B 31 3.34 -25.75 21.27
C SER B 31 3.30 -26.38 22.70
N PRO B 32 4.32 -26.01 23.46
CA PRO B 32 4.38 -26.51 24.88
C PRO B 32 3.22 -25.93 25.65
N ARG B 33 2.70 -26.65 26.61
CA ARG B 33 1.56 -26.12 27.43
C ARG B 33 2.08 -25.58 28.75
N GLN B 34 3.29 -25.92 29.13
CA GLN B 34 3.96 -25.45 30.34
C GLN B 34 4.75 -24.18 29.95
N ALA B 35 4.93 -23.29 30.88
CA ALA B 35 5.70 -22.06 30.67
C ALA B 35 7.20 -22.41 30.55
N LEU B 36 7.92 -21.64 29.74
CA LEU B 36 9.35 -21.81 29.56
C LEU B 36 9.99 -21.48 30.97
N VAL B 37 11.04 -22.16 31.26
CA VAL B 37 11.80 -21.92 32.52
C VAL B 37 12.93 -20.94 32.21
N SER B 38 12.88 -19.73 32.81
CA SER B 38 13.97 -18.77 32.56
C SER B 38 15.22 -19.23 33.30
N ILE B 39 16.38 -19.05 32.71
CA ILE B 39 17.67 -19.41 33.27
C ILE B 39 18.71 -18.32 32.91
N PRO B 40 19.56 -18.04 33.89
CA PRO B 40 20.62 -17.05 33.72
C PRO B 40 21.51 -17.52 32.55
N GLN B 41 22.10 -16.54 31.88
CA GLN B 41 23.03 -16.85 30.74
C GLN B 41 24.34 -17.31 31.42
N SER B 42 24.92 -18.31 30.83
CA SER B 42 26.15 -18.95 31.25
C SER B 42 26.95 -19.15 29.94
N ILE B 43 28.17 -19.65 30.12
CA ILE B 43 29.05 -19.87 28.98
C ILE B 43 28.35 -20.72 27.91
N SER B 44 27.56 -21.67 28.39
CA SER B 44 26.78 -22.60 27.61
C SER B 44 25.89 -21.87 26.58
N GLU B 45 25.24 -20.84 27.06
CA GLU B 45 24.34 -20.02 26.26
C GLU B 45 24.90 -18.80 25.59
N THR B 46 26.07 -18.33 26.01
CA THR B 46 26.61 -17.08 25.47
C THR B 46 27.73 -17.28 24.47
N THR B 47 27.97 -18.52 24.11
CA THR B 47 28.98 -18.85 23.11
C THR B 47 28.25 -19.60 22.00
N GLY B 48 28.96 -19.97 20.96
CA GLY B 48 28.33 -20.65 19.79
C GLY B 48 29.46 -20.75 18.73
N PRO B 49 29.15 -21.47 17.68
CA PRO B 49 30.13 -21.70 16.61
C PRO B 49 30.44 -20.45 15.80
N ASN B 50 31.66 -20.49 15.29
CA ASN B 50 32.25 -19.52 14.40
C ASN B 50 32.57 -20.37 13.13
N PHE B 51 32.01 -19.91 12.04
CA PHE B 51 32.13 -20.55 10.75
C PHE B 51 33.18 -19.97 9.84
N SER B 52 34.14 -19.26 10.37
CA SER B 52 35.23 -18.65 9.63
C SER B 52 35.96 -19.61 8.72
N HIS B 53 36.26 -20.79 9.19
CA HIS B 53 36.97 -21.80 8.44
C HIS B 53 36.12 -22.80 7.71
N LEU B 54 34.83 -22.59 7.59
CA LEU B 54 34.02 -23.57 6.82
C LEU B 54 34.48 -23.39 5.37
N GLY B 55 34.61 -24.48 4.66
CA GLY B 55 35.09 -24.44 3.26
C GLY B 55 33.92 -24.23 2.31
N PHE B 56 33.65 -22.98 2.01
CA PHE B 56 32.53 -22.62 1.10
C PHE B 56 32.95 -22.80 -0.36
N GLY B 57 31.98 -23.29 -1.12
CA GLY B 57 32.13 -23.47 -2.57
C GLY B 57 32.00 -22.06 -3.19
N ALA B 58 32.55 -21.94 -4.37
CA ALA B 58 32.58 -20.73 -5.17
C ALA B 58 31.21 -20.14 -5.46
N HIS B 59 30.20 -20.99 -5.63
CA HIS B 59 28.84 -20.50 -5.93
C HIS B 59 27.84 -20.80 -4.84
N ASP B 60 28.33 -20.90 -3.62
CA ASP B 60 27.52 -21.23 -2.44
C ASP B 60 26.33 -20.27 -2.31
N HIS B 61 26.61 -19.01 -2.53
CA HIS B 61 25.61 -17.94 -2.45
C HIS B 61 24.97 -17.56 -3.80
N ASP B 62 25.24 -18.34 -4.82
CA ASP B 62 24.65 -17.96 -6.17
C ASP B 62 23.79 -19.11 -6.66
N LEU B 63 22.49 -18.98 -6.44
CA LEU B 63 21.46 -19.89 -6.78
C LEU B 63 21.21 -20.07 -8.28
N LEU B 64 21.71 -19.15 -9.04
CA LEU B 64 21.62 -19.14 -10.51
C LEU B 64 22.64 -20.17 -11.05
N LEU B 65 23.76 -20.31 -10.36
CA LEU B 65 24.81 -21.22 -10.72
C LEU B 65 25.05 -22.44 -9.85
N ASN B 66 24.69 -22.44 -8.57
CA ASN B 66 25.05 -23.59 -7.72
C ASN B 66 24.34 -24.90 -7.87
N PHE B 67 23.52 -25.15 -8.85
CA PHE B 67 22.82 -26.42 -8.95
C PHE B 67 23.36 -27.27 -10.13
N GLY B 71 22.71 -24.89 -17.64
CA GLY B 71 21.45 -24.15 -17.82
C GLY B 71 21.21 -23.11 -16.75
N LEU B 72 20.34 -22.20 -17.09
CA LEU B 72 19.95 -21.05 -16.22
C LEU B 72 18.48 -21.27 -15.83
N PRO B 73 18.21 -21.06 -14.54
CA PRO B 73 16.83 -21.23 -14.05
C PRO B 73 15.94 -20.19 -14.74
N ILE B 74 14.67 -20.55 -14.82
CA ILE B 74 13.61 -19.69 -15.33
C ILE B 74 13.01 -18.93 -14.11
N GLY B 75 12.92 -17.65 -14.26
CA GLY B 75 12.35 -16.84 -13.12
C GLY B 75 12.98 -15.48 -13.10
N GLU B 76 12.35 -14.64 -12.25
CA GLU B 76 12.80 -13.26 -12.06
C GLU B 76 14.16 -13.28 -11.38
N ARG B 77 15.17 -12.98 -12.10
CA ARG B 77 16.57 -12.93 -11.61
C ARG B 77 16.69 -11.80 -10.59
N ILE B 78 17.02 -12.06 -9.35
CA ILE B 78 17.21 -11.07 -8.34
C ILE B 78 18.46 -11.35 -7.46
N ILE B 79 18.86 -10.27 -6.83
CA ILE B 79 19.92 -10.21 -5.84
C ILE B 79 19.19 -9.92 -4.49
N VAL B 80 19.52 -10.71 -3.50
CA VAL B 80 18.92 -10.46 -2.13
C VAL B 80 20.19 -10.18 -1.27
N ALA B 81 20.33 -8.95 -0.84
CA ALA B 81 21.47 -8.50 -0.02
C ALA B 81 20.95 -7.70 1.18
N GLY B 82 21.83 -7.44 2.12
CA GLY B 82 21.58 -6.70 3.32
C GLY B 82 22.74 -6.81 4.33
N ARG B 83 22.37 -6.33 5.51
CA ARG B 83 23.25 -6.29 6.68
C ARG B 83 22.59 -6.93 7.93
N VAL B 84 23.53 -7.53 8.69
CA VAL B 84 23.27 -8.21 9.93
C VAL B 84 23.99 -7.38 11.04
N VAL B 85 23.13 -6.81 11.82
CA VAL B 85 23.54 -5.99 12.98
C VAL B 85 22.78 -6.57 14.22
N ASP B 86 23.28 -6.14 15.34
CA ASP B 86 22.69 -6.49 16.66
C ASP B 86 21.77 -5.32 17.00
N GLN B 87 21.08 -5.41 18.12
CA GLN B 87 20.14 -4.41 18.58
C GLN B 87 20.80 -3.07 18.90
N TYR B 88 22.12 -3.07 19.16
CA TYR B 88 22.82 -1.83 19.43
C TYR B 88 23.22 -1.15 18.12
N GLY B 89 22.92 -1.83 17.00
CA GLY B 89 23.28 -1.25 15.68
C GLY B 89 24.66 -1.72 15.25
N LYS B 90 25.31 -2.51 16.06
CA LYS B 90 26.65 -3.06 15.80
C LYS B 90 26.58 -4.17 14.75
N PRO B 91 27.43 -4.12 13.77
CA PRO B 91 27.49 -5.12 12.69
C PRO B 91 27.94 -6.48 13.19
N VAL B 92 27.42 -7.55 12.65
CA VAL B 92 27.78 -8.93 12.98
C VAL B 92 28.56 -9.50 11.81
N PRO B 93 29.89 -9.41 11.93
CA PRO B 93 30.79 -9.86 10.87
C PRO B 93 31.06 -11.35 10.93
N ASN B 94 31.41 -11.89 9.77
CA ASN B 94 31.75 -13.28 9.59
C ASN B 94 30.76 -14.27 10.19
N THR B 95 29.48 -13.93 10.16
CA THR B 95 28.41 -14.81 10.67
C THR B 95 27.81 -15.63 9.55
N LEU B 96 27.26 -16.78 9.90
CA LEU B 96 26.67 -17.71 8.95
C LEU B 96 25.23 -17.37 8.62
N VAL B 97 25.01 -17.20 7.31
CA VAL B 97 23.72 -16.90 6.71
C VAL B 97 23.39 -18.02 5.68
N GLU B 98 22.27 -18.65 5.97
CA GLU B 98 21.77 -19.76 5.13
C GLU B 98 20.34 -19.44 4.73
N MET B 99 20.06 -19.74 3.47
CA MET B 99 18.71 -19.46 2.90
C MET B 99 18.28 -20.60 2.05
N TRP B 100 16.99 -20.81 1.90
CA TRP B 100 16.40 -21.85 1.09
C TRP B 100 15.04 -21.37 0.57
N GLN B 101 14.68 -22.00 -0.55
CA GLN B 101 13.34 -21.51 -1.14
C GLN B 101 12.88 -22.44 -2.24
N ALA B 102 11.65 -22.16 -2.69
CA ALA B 102 11.01 -22.90 -3.78
C ALA B 102 11.45 -22.19 -5.11
N ASN B 103 11.00 -22.84 -6.20
CA ASN B 103 11.38 -22.21 -7.51
C ASN B 103 10.33 -21.15 -7.88
N ALA B 104 10.51 -20.67 -9.13
CA ALA B 104 9.61 -19.61 -9.64
C ALA B 104 8.14 -19.96 -9.60
N GLY B 105 7.83 -21.26 -9.71
CA GLY B 105 6.47 -21.76 -9.70
C GLY B 105 6.01 -22.08 -8.28
N GLY B 106 6.90 -21.91 -7.32
CA GLY B 106 6.54 -22.22 -5.89
C GLY B 106 6.70 -23.72 -5.60
N ARG B 107 7.53 -24.36 -6.35
CA ARG B 107 7.82 -25.81 -6.17
C ARG B 107 9.19 -25.94 -5.42
N TYR B 108 9.21 -26.80 -4.43
CA TYR B 108 10.36 -27.11 -3.61
C TYR B 108 10.99 -28.43 -4.11
N ARG B 109 12.32 -28.41 -4.10
CA ARG B 109 13.14 -29.56 -4.48
C ARG B 109 13.41 -30.36 -3.17
N HIS B 110 12.34 -30.98 -2.74
CA HIS B 110 12.18 -31.77 -1.55
C HIS B 110 11.19 -32.92 -1.78
N LYS B 111 11.58 -34.10 -1.41
CA LYS B 111 10.86 -35.36 -1.48
C LYS B 111 9.35 -35.23 -1.22
N ASN B 112 9.06 -34.57 -0.10
CA ASN B 112 7.70 -34.40 0.37
C ASN B 112 6.91 -33.33 -0.34
N ASP B 113 7.44 -32.72 -1.39
CA ASP B 113 6.68 -31.64 -2.08
C ASP B 113 5.90 -32.22 -3.25
N ARG B 114 4.60 -32.35 -3.02
CA ARG B 114 3.66 -32.92 -4.00
C ARG B 114 2.95 -31.89 -4.85
N TYR B 115 3.35 -30.64 -4.73
CA TYR B 115 2.74 -29.56 -5.52
C TYR B 115 2.95 -29.85 -7.01
N LEU B 116 1.90 -29.63 -7.77
CA LEU B 116 1.82 -29.86 -9.20
C LEU B 116 2.67 -28.93 -10.05
N ALA B 117 3.24 -27.91 -9.48
CA ALA B 117 4.10 -26.98 -10.30
C ALA B 117 5.39 -27.80 -10.50
N PRO B 118 5.94 -27.74 -11.70
CA PRO B 118 7.14 -28.50 -12.03
C PRO B 118 8.43 -28.06 -11.38
N LEU B 119 9.39 -28.98 -11.35
CA LEU B 119 10.73 -28.64 -10.83
C LEU B 119 11.44 -27.87 -11.98
N ASP B 120 12.48 -27.20 -11.60
CA ASP B 120 13.33 -26.41 -12.49
C ASP B 120 14.69 -27.13 -12.51
N PRO B 121 14.94 -27.73 -13.67
CA PRO B 121 16.15 -28.51 -13.95
C PRO B 121 17.43 -27.83 -13.49
N ASN B 122 17.48 -26.51 -13.66
CA ASN B 122 18.65 -25.70 -13.27
C ASN B 122 18.50 -25.01 -11.94
N PHE B 123 17.58 -25.44 -11.12
CA PHE B 123 17.43 -24.76 -9.79
C PHE B 123 17.40 -25.74 -8.63
N GLY B 124 18.20 -25.45 -7.63
CA GLY B 124 18.30 -26.27 -6.39
C GLY B 124 17.53 -25.61 -5.26
N GLY B 125 17.82 -24.37 -4.95
CA GLY B 125 17.19 -23.58 -3.95
C GLY B 125 17.86 -23.46 -2.60
N VAL B 126 19.13 -23.61 -2.53
CA VAL B 126 19.92 -23.50 -1.29
C VAL B 126 21.11 -22.56 -1.54
N GLY B 127 21.38 -21.71 -0.59
CA GLY B 127 22.47 -20.75 -0.61
C GLY B 127 22.99 -20.54 0.83
N ARG B 128 24.25 -20.19 0.92
CA ARG B 128 24.92 -19.90 2.18
C ARG B 128 26.11 -18.98 1.87
N CYS B 129 26.39 -18.16 2.84
CA CYS B 129 27.54 -17.26 2.77
C CYS B 129 27.81 -16.70 4.17
N LEU B 130 28.96 -16.12 4.33
CA LEU B 130 29.42 -15.51 5.60
C LEU B 130 29.28 -14.01 5.43
N THR B 131 28.83 -13.34 6.49
CA THR B 131 28.71 -11.88 6.41
C THR B 131 30.21 -11.44 6.37
N ASP B 132 30.38 -10.29 5.79
CA ASP B 132 31.72 -9.71 5.65
C ASP B 132 32.03 -8.92 6.93
N SER B 133 33.14 -8.22 6.82
CA SER B 133 33.69 -7.38 7.89
C SER B 133 32.71 -6.32 8.30
N ASP B 134 31.84 -5.92 7.40
CA ASP B 134 30.82 -4.91 7.69
C ASP B 134 29.48 -5.49 8.09
N GLY B 135 29.36 -6.80 8.09
CA GLY B 135 28.09 -7.47 8.42
C GLY B 135 27.16 -7.59 7.22
N TYR B 136 27.65 -7.34 6.02
CA TYR B 136 26.93 -7.44 4.77
C TYR B 136 27.04 -8.87 4.20
N TYR B 137 25.96 -9.25 3.55
CA TYR B 137 25.81 -10.52 2.86
C TYR B 137 25.00 -10.22 1.57
N SER B 138 25.09 -11.18 0.65
CA SER B 138 24.33 -11.07 -0.59
C SER B 138 24.25 -12.42 -1.27
N PHE B 139 23.10 -12.63 -1.83
CA PHE B 139 22.77 -13.85 -2.56
C PHE B 139 22.24 -13.43 -3.95
N ARG B 140 22.30 -14.42 -4.82
CA ARG B 140 21.73 -14.23 -6.17
C ARG B 140 20.83 -15.45 -6.40
N THR B 141 19.58 -15.11 -6.75
CA THR B 141 18.63 -16.22 -7.00
C THR B 141 17.50 -15.73 -7.94
N ILE B 142 16.43 -16.50 -7.96
CA ILE B 142 15.21 -16.15 -8.68
C ILE B 142 14.11 -15.94 -7.60
N LYS B 143 13.13 -15.11 -7.91
CA LYS B 143 12.01 -14.83 -6.97
C LYS B 143 11.08 -16.07 -6.98
N PRO B 144 10.91 -16.62 -5.77
CA PRO B 144 10.11 -17.82 -5.58
C PRO B 144 8.64 -17.49 -5.80
N GLY B 145 7.90 -18.53 -6.10
CA GLY B 145 6.44 -18.34 -6.28
C GLY B 145 5.70 -18.70 -4.98
N PRO B 146 4.47 -18.21 -4.91
CA PRO B 146 3.57 -18.49 -3.74
C PRO B 146 3.33 -20.01 -3.84
N TYR B 147 2.90 -20.56 -2.76
CA TYR B 147 2.69 -22.01 -2.59
C TYR B 147 1.44 -22.33 -1.79
N PRO B 148 0.60 -23.18 -2.34
CA PRO B 148 -0.64 -23.61 -1.67
C PRO B 148 -0.24 -24.65 -0.61
N TRP B 149 -0.96 -24.65 0.48
CA TRP B 149 -0.65 -25.61 1.57
C TRP B 149 -1.94 -25.92 2.33
N ARG B 150 -1.94 -27.14 2.84
CA ARG B 150 -3.07 -27.68 3.59
C ARG B 150 -3.09 -27.15 5.03
N ASN B 151 -3.76 -26.06 5.18
CA ASN B 151 -4.00 -25.34 6.44
C ASN B 151 -5.54 -25.10 6.33
N GLY B 152 -5.91 -23.95 5.87
CA GLY B 152 -7.37 -23.70 5.64
C GLY B 152 -7.52 -24.38 4.22
N PRO B 153 -8.75 -24.37 3.74
CA PRO B 153 -9.03 -24.98 2.40
C PRO B 153 -8.50 -24.17 1.25
N ASN B 154 -8.13 -22.92 1.42
CA ASN B 154 -7.57 -22.14 0.29
C ASN B 154 -6.44 -21.24 0.77
N ASP B 155 -5.46 -21.77 1.45
CA ASP B 155 -4.35 -20.98 1.97
C ASP B 155 -3.16 -21.10 1.00
N TRP B 156 -2.49 -19.95 0.93
CA TRP B 156 -1.29 -19.81 0.10
C TRP B 156 -0.20 -19.00 0.84
N ARG B 157 0.96 -19.56 0.94
CA ARG B 157 2.11 -18.81 1.55
C ARG B 157 2.47 -17.69 0.52
N PRO B 158 2.75 -16.53 1.06
CA PRO B 158 3.27 -15.43 0.20
C PRO B 158 4.60 -15.96 -0.40
N ALA B 159 5.10 -15.31 -1.45
CA ALA B 159 6.44 -15.74 -1.99
C ALA B 159 7.36 -15.44 -0.75
N HIS B 160 8.22 -16.36 -0.49
CA HIS B 160 9.13 -16.18 0.72
C HIS B 160 10.40 -17.02 0.57
N ILE B 161 11.42 -16.52 1.24
CA ILE B 161 12.76 -17.16 1.26
C ILE B 161 13.05 -17.53 2.75
N HIS B 162 13.37 -18.78 2.96
CA HIS B 162 13.64 -19.19 4.39
C HIS B 162 15.07 -18.78 4.72
N PHE B 163 15.22 -18.14 5.88
CA PHE B 163 16.65 -17.74 6.25
C PHE B 163 16.99 -18.30 7.64
N GLY B 164 18.26 -18.49 7.86
CA GLY B 164 18.82 -18.97 9.15
C GLY B 164 20.11 -18.16 9.39
N ILE B 165 20.27 -17.59 10.56
CA ILE B 165 21.39 -16.77 10.97
C ILE B 165 21.95 -17.20 12.33
N SER B 166 23.23 -17.47 12.36
CA SER B 166 23.96 -17.92 13.54
C SER B 166 24.22 -16.84 14.57
N GLY B 167 24.88 -15.78 14.20
CA GLY B 167 25.16 -14.73 15.24
C GLY B 167 26.34 -15.23 16.07
N PRO B 168 26.73 -14.42 17.05
CA PRO B 168 27.85 -14.73 17.95
C PRO B 168 27.67 -15.91 18.88
N SER B 169 26.45 -16.33 19.14
CA SER B 169 26.17 -17.44 20.05
C SER B 169 24.85 -18.12 19.78
N ILE B 170 24.63 -19.22 20.50
CA ILE B 170 23.39 -19.97 20.31
C ILE B 170 22.22 -19.16 20.85
N ALA B 171 22.57 -18.19 21.73
CA ALA B 171 21.46 -17.32 22.23
C ALA B 171 20.92 -16.44 21.06
N THR B 172 21.78 -16.15 20.09
CA THR B 172 21.43 -15.29 18.94
C THR B 172 20.85 -16.04 17.73
N LYS B 173 21.18 -17.29 17.57
CA LYS B 173 20.73 -18.12 16.43
C LYS B 173 19.23 -17.91 16.16
N LEU B 174 18.92 -17.62 14.90
CA LEU B 174 17.55 -17.34 14.48
C LEU B 174 17.27 -17.97 13.10
N ILE B 175 16.03 -18.36 12.99
CA ILE B 175 15.46 -18.89 11.74
C ILE B 175 14.20 -18.02 11.47
N THR B 176 14.13 -17.51 10.24
CA THR B 176 12.97 -16.63 9.93
C THR B 176 12.60 -16.77 8.43
N GLN B 177 11.78 -15.84 7.99
CA GLN B 177 11.35 -15.83 6.54
C GLN B 177 11.32 -14.41 6.01
N LEU B 178 11.79 -14.24 4.82
CA LEU B 178 11.81 -12.95 4.10
C LEU B 178 10.53 -12.93 3.23
N TYR B 179 9.85 -11.86 3.19
CA TYR B 179 8.67 -11.65 2.34
C TYR B 179 9.02 -10.45 1.43
N PHE B 180 8.35 -10.32 0.33
CA PHE B 180 8.54 -9.28 -0.66
C PHE B 180 7.54 -8.13 -0.61
N GLU B 181 8.11 -6.94 -0.72
CA GLU B 181 7.38 -5.71 -0.72
C GLU B 181 6.18 -5.76 -1.69
N GLY B 182 5.02 -5.44 -1.20
CA GLY B 182 3.77 -5.35 -1.82
C GLY B 182 2.94 -6.58 -2.03
N ASP B 183 3.50 -7.76 -1.69
CA ASP B 183 2.79 -9.04 -1.79
C ASP B 183 1.46 -9.06 -1.05
N PRO B 184 0.40 -9.12 -1.85
CA PRO B 184 -0.99 -9.12 -1.35
C PRO B 184 -1.33 -10.30 -0.48
N LEU B 185 -0.60 -11.42 -0.65
CA LEU B 185 -0.86 -12.58 0.18
C LEU B 185 -0.36 -12.37 1.64
N ILE B 186 0.57 -11.48 1.81
CA ILE B 186 1.22 -11.32 3.13
C ILE B 186 0.24 -11.28 4.30
N PRO B 187 -0.74 -10.39 4.15
CA PRO B 187 -1.75 -10.15 5.16
C PRO B 187 -2.73 -11.27 5.35
N MET B 188 -2.73 -12.26 4.49
CA MET B 188 -3.73 -13.36 4.68
C MET B 188 -3.07 -14.56 5.33
N CYS B 189 -1.75 -14.57 5.37
CA CYS B 189 -1.04 -15.73 5.86
C CYS B 189 -1.10 -15.87 7.39
N PRO B 190 -1.61 -17.04 7.78
CA PRO B 190 -1.70 -17.43 9.21
C PRO B 190 -0.29 -17.59 9.76
N ILE B 191 0.71 -17.99 8.98
CA ILE B 191 2.08 -18.08 9.43
C ILE B 191 2.62 -16.67 9.72
N VAL B 192 2.28 -15.73 8.81
CA VAL B 192 2.74 -14.36 8.99
C VAL B 192 2.08 -13.78 10.27
N LYS B 193 0.80 -13.99 10.33
CA LYS B 193 -0.10 -13.57 11.37
C LYS B 193 0.17 -14.17 12.74
N SER B 194 1.10 -15.10 12.81
CA SER B 194 1.47 -15.72 14.11
C SER B 194 2.17 -14.55 14.88
N ILE B 195 2.62 -13.56 14.14
CA ILE B 195 3.27 -12.36 14.69
C ILE B 195 2.12 -11.37 14.93
N ALA B 196 1.90 -11.02 16.18
CA ALA B 196 0.81 -10.13 16.56
C ALA B 196 1.01 -8.65 16.23
N ASN B 197 2.20 -8.16 16.35
CA ASN B 197 2.51 -6.75 16.09
C ASN B 197 2.80 -6.49 14.61
N PRO B 198 1.98 -5.66 14.01
CA PRO B 198 2.11 -5.31 12.57
C PRO B 198 3.48 -4.72 12.28
N GLU B 199 4.00 -4.06 13.31
CA GLU B 199 5.36 -3.48 13.19
C GLU B 199 6.39 -4.56 13.06
N ALA B 200 6.15 -5.71 13.68
CA ALA B 200 7.12 -6.83 13.60
C ALA B 200 7.02 -7.43 12.19
N VAL B 201 5.80 -7.47 11.70
CA VAL B 201 5.55 -7.98 10.35
C VAL B 201 6.38 -7.19 9.32
N GLN B 202 6.41 -5.87 9.47
CA GLN B 202 7.17 -5.01 8.57
C GLN B 202 8.64 -5.41 8.50
N GLN B 203 9.24 -5.89 9.61
CA GLN B 203 10.66 -6.27 9.57
C GLN B 203 10.93 -7.45 8.63
N LEU B 204 9.89 -8.23 8.33
CA LEU B 204 10.13 -9.40 7.46
C LEU B 204 9.97 -9.06 5.98
N ILE B 205 9.72 -7.79 5.69
CA ILE B 205 9.48 -7.36 4.31
C ILE B 205 10.70 -6.79 3.60
N ALA B 206 11.26 -7.53 2.70
CA ALA B 206 12.43 -7.09 1.90
C ALA B 206 11.91 -5.94 0.99
N LYS B 207 12.70 -4.91 0.85
CA LYS B 207 12.32 -3.75 0.02
C LYS B 207 13.03 -3.74 -1.36
N LEU B 208 12.25 -3.34 -2.33
CA LEU B 208 12.79 -3.24 -3.72
C LEU B 208 13.97 -2.26 -3.60
N ASP B 209 15.07 -2.70 -4.16
CA ASP B 209 16.31 -1.86 -4.06
C ASP B 209 16.91 -1.62 -5.44
N MET B 210 16.35 -0.61 -6.13
CA MET B 210 16.77 -0.23 -7.47
C MET B 210 18.25 0.07 -7.55
N ASN B 211 18.80 0.74 -6.53
CA ASN B 211 20.21 1.10 -6.43
C ASN B 211 21.18 -0.06 -6.50
N ASN B 212 20.81 -1.25 -6.12
CA ASN B 212 21.69 -2.42 -6.11
C ASN B 212 21.48 -3.32 -7.34
N ALA B 213 20.45 -2.99 -8.10
CA ALA B 213 20.11 -3.79 -9.29
C ALA B 213 21.17 -3.66 -10.37
N ASN B 214 21.28 -4.67 -11.18
CA ASN B 214 22.19 -4.70 -12.38
C ASN B 214 21.22 -4.40 -13.56
N PRO B 215 21.38 -3.17 -14.05
CA PRO B 215 20.50 -2.68 -15.17
C PRO B 215 20.59 -3.70 -16.30
N MET B 216 19.50 -3.99 -16.96
CA MET B 216 19.44 -4.97 -18.06
C MET B 216 19.80 -6.37 -17.56
N ASP B 217 19.80 -6.61 -16.26
CA ASP B 217 20.21 -7.94 -15.77
C ASP B 217 19.34 -8.58 -14.71
N CYS B 218 19.31 -7.94 -13.54
CA CYS B 218 18.58 -8.46 -12.38
C CYS B 218 18.28 -7.33 -11.41
N LEU B 219 17.11 -7.49 -10.79
CA LEU B 219 16.70 -6.50 -9.76
C LEU B 219 17.41 -6.91 -8.45
N ALA B 220 17.04 -6.20 -7.39
CA ALA B 220 17.64 -6.49 -6.07
C ALA B 220 16.64 -6.06 -4.97
N TYR B 221 16.74 -6.85 -3.90
CA TYR B 221 15.90 -6.66 -2.72
C TYR B 221 16.87 -6.51 -1.53
N ARG B 222 16.41 -5.72 -0.61
CA ARG B 222 17.22 -5.41 0.58
C ARG B 222 16.53 -6.02 1.81
N PHE B 223 17.31 -6.76 2.55
CA PHE B 223 16.74 -7.38 3.78
C PHE B 223 17.79 -7.34 4.92
N ASP B 224 17.62 -6.45 5.85
CA ASP B 224 18.53 -6.29 7.01
C ASP B 224 18.02 -7.14 8.16
N ILE B 225 18.95 -7.72 8.94
CA ILE B 225 18.62 -8.59 10.06
C ILE B 225 19.27 -8.08 11.35
N VAL B 226 18.45 -7.99 12.37
CA VAL B 226 18.80 -7.53 13.71
C VAL B 226 18.76 -8.78 14.66
N LEU B 227 19.96 -9.03 15.18
CA LEU B 227 20.14 -10.12 16.19
C LEU B 227 20.10 -9.44 17.59
N ARG B 228 19.86 -10.26 18.59
CA ARG B 228 19.84 -9.77 20.00
C ARG B 228 21.14 -9.00 20.26
N GLY B 229 20.96 -7.90 20.95
CA GLY B 229 22.05 -6.98 21.33
C GLY B 229 23.00 -7.75 22.26
N GLN B 230 24.27 -7.46 22.03
CA GLN B 230 25.37 -8.04 22.80
C GLN B 230 26.01 -6.96 23.68
N ARG B 231 26.17 -7.28 24.93
CA ARG B 231 26.81 -6.27 25.83
C ARG B 231 27.83 -6.97 26.72
N LYS B 232 28.74 -6.17 27.24
CA LYS B 232 29.76 -6.75 28.17
C LYS B 232 29.03 -6.86 29.54
N THR B 233 29.43 -7.88 30.24
CA THR B 233 28.91 -8.14 31.59
C THR B 233 29.48 -6.96 32.44
N HIS B 234 28.73 -6.59 33.44
CA HIS B 234 29.11 -5.51 34.35
C HIS B 234 28.58 -5.81 35.77
N PHE B 235 29.39 -5.39 36.73
CA PHE B 235 29.12 -5.54 38.16
C PHE B 235 28.56 -6.91 38.48
N GLU B 236 28.95 -7.92 37.70
CA GLU B 236 28.39 -9.26 37.96
C GLU B 236 28.87 -9.93 39.22
N PRO C 1 -7.17 -6.87 -3.03
CA PRO C 1 -7.80 -8.15 -3.39
C PRO C 1 -9.32 -7.88 -3.47
N ILE C 2 -10.05 -8.82 -3.97
CA ILE C 2 -11.50 -8.71 -4.10
C ILE C 2 -12.25 -9.27 -2.89
N GLU C 3 -13.32 -8.60 -2.54
CA GLU C 3 -14.20 -9.04 -1.42
C GLU C 3 -15.65 -9.13 -1.91
N LEU C 4 -16.31 -10.19 -1.47
CA LEU C 4 -17.77 -10.37 -1.81
C LEU C 4 -18.56 -9.81 -0.63
N LEU C 5 -19.87 -10.07 -0.62
CA LEU C 5 -20.69 -9.69 0.57
C LEU C 5 -20.26 -10.77 1.62
N PRO C 6 -20.26 -10.39 2.87
CA PRO C 6 -19.87 -11.33 3.95
C PRO C 6 -21.05 -12.21 4.35
N GLU C 7 -20.70 -13.49 4.52
CA GLU C 7 -21.68 -14.50 4.96
C GLU C 7 -22.23 -14.14 6.32
N THR C 8 -23.54 -14.36 6.49
CA THR C 8 -24.20 -14.13 7.78
C THR C 8 -23.48 -15.01 8.83
N PRO C 9 -23.08 -14.37 9.91
CA PRO C 9 -22.40 -15.13 11.01
C PRO C 9 -23.33 -16.18 11.63
N SER C 10 -22.75 -17.30 12.02
CA SER C 10 -23.51 -18.40 12.68
C SER C 10 -23.73 -18.06 14.17
N GLN C 11 -24.61 -18.75 14.80
CA GLN C 11 -24.83 -18.59 16.31
C GLN C 11 -25.24 -20.00 16.78
N THR C 12 -25.04 -20.33 18.03
CA THR C 12 -25.38 -21.66 18.56
C THR C 12 -26.90 -21.90 18.29
N ALA C 13 -27.25 -23.19 18.20
CA ALA C 13 -28.66 -23.53 18.00
C ALA C 13 -29.46 -23.24 19.28
N GLY C 14 -28.78 -23.24 20.43
CA GLY C 14 -29.47 -23.01 21.73
C GLY C 14 -30.01 -24.37 22.26
N PRO C 15 -30.28 -24.40 23.57
CA PRO C 15 -30.85 -25.61 24.20
C PRO C 15 -32.24 -25.98 23.70
N TYR C 16 -33.00 -25.00 23.19
CA TYR C 16 -34.36 -25.26 22.73
C TYR C 16 -34.51 -25.53 21.25
N VAL C 17 -33.42 -25.87 20.58
CA VAL C 17 -33.45 -26.16 19.15
C VAL C 17 -34.68 -26.94 18.73
N HIS C 18 -35.01 -27.94 19.51
CA HIS C 18 -36.10 -28.88 19.34
C HIS C 18 -37.46 -28.30 19.02
N ILE C 19 -37.76 -27.15 19.62
CA ILE C 19 -39.07 -26.53 19.36
C ILE C 19 -39.21 -26.21 17.87
N GLY C 20 -38.11 -25.87 17.22
CA GLY C 20 -38.10 -25.51 15.83
C GLY C 20 -37.77 -26.61 14.87
N LEU C 21 -36.90 -27.53 15.26
CA LEU C 21 -36.44 -28.61 14.41
C LEU C 21 -36.70 -30.04 14.80
N ALA C 22 -37.26 -30.25 15.97
CA ALA C 22 -37.55 -31.62 16.48
C ALA C 22 -38.72 -31.50 17.47
N LEU C 23 -39.86 -31.12 16.86
CA LEU C 23 -41.12 -30.87 17.54
C LEU C 23 -41.49 -31.93 18.58
N GLU C 24 -41.41 -33.15 18.12
CA GLU C 24 -41.68 -34.36 18.91
C GLU C 24 -40.90 -34.26 20.23
N ALA C 25 -39.59 -34.23 20.11
CA ALA C 25 -38.64 -34.11 21.23
C ALA C 25 -38.94 -32.94 22.14
N ALA C 26 -39.25 -31.79 21.54
CA ALA C 26 -39.57 -30.59 22.31
C ALA C 26 -40.74 -30.94 23.24
N GLY C 27 -41.49 -31.93 22.73
CA GLY C 27 -42.70 -32.43 23.38
C GLY C 27 -43.89 -31.60 22.89
N ASN C 28 -43.80 -31.17 21.64
CA ASN C 28 -44.87 -30.38 21.03
C ASN C 28 -45.51 -31.18 19.90
N PRO C 29 -46.73 -30.79 19.60
CA PRO C 29 -47.51 -31.41 18.50
C PRO C 29 -46.76 -31.13 17.19
N THR C 30 -46.65 -32.17 16.39
CA THR C 30 -45.96 -32.05 15.09
C THR C 30 -46.96 -31.57 14.04
N ARG C 31 -46.42 -31.26 12.87
CA ARG C 31 -47.21 -30.81 11.70
C ARG C 31 -47.43 -32.04 10.81
N ASP C 32 -48.21 -31.89 9.75
CA ASP C 32 -48.49 -32.98 8.82
C ASP C 32 -47.15 -33.59 8.32
N GLN C 33 -46.25 -32.70 7.94
CA GLN C 33 -44.96 -33.13 7.41
C GLN C 33 -43.82 -32.61 8.28
N GLU C 34 -42.95 -33.55 8.65
CA GLU C 34 -41.77 -33.31 9.47
C GLU C 34 -40.56 -34.07 8.95
N ILE C 35 -39.44 -33.38 8.89
CA ILE C 35 -38.17 -33.95 8.43
C ILE C 35 -37.59 -34.68 9.66
N TRP C 36 -37.52 -36.00 9.57
CA TRP C 36 -37.05 -36.78 10.72
C TRP C 36 -36.02 -37.83 10.46
N ASN C 37 -35.89 -38.81 11.34
CA ASN C 37 -34.85 -39.83 11.28
C ASN C 37 -35.01 -41.08 10.48
N ARG C 38 -35.99 -41.16 9.63
CA ARG C 38 -36.24 -42.38 8.78
C ARG C 38 -35.96 -42.03 7.34
N LEU C 39 -34.75 -42.24 6.87
CA LEU C 39 -34.33 -41.92 5.51
C LEU C 39 -34.90 -42.92 4.49
N ALA C 40 -35.08 -44.14 4.96
CA ALA C 40 -35.58 -45.20 4.08
C ALA C 40 -36.85 -45.89 4.55
N LYS C 41 -37.70 -46.10 3.52
CA LYS C 41 -38.97 -46.85 3.76
C LYS C 41 -38.55 -48.32 3.64
N PRO C 42 -39.24 -49.19 4.35
CA PRO C 42 -38.97 -50.63 4.33
C PRO C 42 -38.73 -51.18 2.94
N ASP C 43 -39.39 -50.59 1.95
CA ASP C 43 -39.23 -51.10 0.57
C ASP C 43 -38.15 -50.41 -0.22
N ALA C 44 -37.15 -49.86 0.46
CA ALA C 44 -36.05 -49.18 -0.26
C ALA C 44 -34.90 -50.13 -0.56
N PRO C 45 -34.41 -50.04 -1.79
CA PRO C 45 -33.29 -50.88 -2.24
C PRO C 45 -32.07 -50.54 -1.38
N GLY C 46 -31.27 -51.55 -1.10
CA GLY C 46 -30.04 -51.40 -0.32
C GLY C 46 -30.17 -52.17 0.98
N GLU C 47 -29.04 -52.24 1.68
CA GLU C 47 -28.94 -52.94 2.96
C GLU C 47 -29.40 -52.00 4.07
N HIS C 48 -30.57 -52.28 4.59
CA HIS C 48 -31.20 -51.53 5.67
C HIS C 48 -30.38 -51.67 6.97
N ILE C 49 -30.02 -50.53 7.52
CA ILE C 49 -29.23 -50.48 8.75
C ILE C 49 -29.82 -49.41 9.67
N LEU C 50 -29.39 -49.51 10.91
CA LEU C 50 -29.76 -48.59 11.97
C LEU C 50 -28.40 -48.01 12.48
N LEU C 51 -28.45 -46.71 12.64
CA LEU C 51 -27.29 -45.95 13.11
C LEU C 51 -27.71 -45.43 14.48
N LEU C 52 -26.72 -45.48 15.35
CA LEU C 52 -26.94 -44.98 16.73
C LEU C 52 -25.61 -44.54 17.32
N GLY C 53 -25.74 -43.62 18.26
CA GLY C 53 -24.62 -43.08 18.96
C GLY C 53 -24.99 -42.05 20.01
N GLN C 54 -23.93 -41.77 20.73
CA GLN C 54 -23.88 -40.81 21.82
C GLN C 54 -22.87 -39.70 21.48
N VAL C 55 -23.12 -38.58 22.11
CA VAL C 55 -22.27 -37.39 21.95
C VAL C 55 -21.64 -37.06 23.32
N TYR C 56 -20.34 -36.89 23.29
CA TYR C 56 -19.61 -36.54 24.52
C TYR C 56 -18.89 -35.18 24.43
N ASP C 57 -18.92 -34.50 25.56
CA ASP C 57 -18.26 -33.19 25.72
C ASP C 57 -16.83 -33.48 26.23
N GLY C 58 -16.08 -32.44 26.44
CA GLY C 58 -14.72 -32.41 26.86
C GLY C 58 -14.42 -33.08 28.20
N ASN C 59 -15.40 -33.18 29.04
CA ASN C 59 -15.31 -33.78 30.37
C ASN C 59 -15.80 -35.23 30.36
N GLY C 60 -16.15 -35.70 29.19
CA GLY C 60 -16.62 -37.11 29.08
C GLY C 60 -18.11 -37.20 29.40
N HIS C 61 -18.75 -36.06 29.63
CA HIS C 61 -20.21 -36.08 29.91
C HIS C 61 -21.01 -36.10 28.61
N LEU C 62 -22.18 -36.71 28.66
CA LEU C 62 -23.08 -36.82 27.49
C LEU C 62 -23.62 -35.42 27.14
N VAL C 63 -23.80 -35.20 25.86
CA VAL C 63 -24.39 -33.94 25.34
C VAL C 63 -25.82 -34.39 24.96
N ARG C 64 -26.75 -34.04 25.82
CA ARG C 64 -28.14 -34.45 25.65
C ARG C 64 -29.05 -33.53 24.91
N ASP C 65 -28.57 -32.43 24.42
CA ASP C 65 -29.39 -31.44 23.67
C ASP C 65 -28.80 -31.28 22.26
N SER C 66 -28.07 -32.28 21.84
CA SER C 66 -27.44 -32.20 20.48
C SER C 66 -28.48 -32.45 19.40
N PHE C 67 -28.31 -31.82 18.28
CA PHE C 67 -29.16 -31.89 17.08
C PHE C 67 -28.24 -32.26 15.89
N LEU C 68 -28.55 -33.28 15.16
CA LEU C 68 -27.76 -33.74 14.03
C LEU C 68 -28.59 -33.76 12.74
N GLU C 69 -27.90 -33.49 11.68
CA GLU C 69 -28.41 -33.48 10.30
C GLU C 69 -27.52 -34.39 9.48
N VAL C 70 -28.12 -35.24 8.68
CA VAL C 70 -27.30 -36.20 7.88
C VAL C 70 -27.57 -36.02 6.42
N TRP C 71 -26.62 -36.34 5.61
CA TRP C 71 -26.72 -36.27 4.12
C TRP C 71 -25.88 -37.43 3.58
N GLN C 72 -26.51 -38.28 2.78
CA GLN C 72 -25.83 -39.47 2.21
C GLN C 72 -26.47 -39.92 0.88
N ALA C 73 -25.65 -40.60 0.09
CA ALA C 73 -26.09 -41.17 -1.19
C ALA C 73 -26.98 -42.38 -0.90
N ASP C 74 -27.71 -42.81 -1.94
CA ASP C 74 -28.56 -44.02 -1.78
C ASP C 74 -27.63 -45.22 -1.96
N ALA C 75 -28.27 -46.37 -1.91
CA ALA C 75 -27.60 -47.67 -2.08
C ALA C 75 -26.84 -47.66 -3.40
N ASN C 76 -27.38 -46.98 -4.40
CA ASN C 76 -26.73 -46.88 -5.72
C ASN C 76 -25.62 -45.85 -5.78
N GLY C 77 -25.32 -45.17 -4.70
CA GLY C 77 -24.29 -44.14 -4.68
C GLY C 77 -24.84 -42.84 -5.30
N GLU C 78 -26.15 -42.62 -5.23
CA GLU C 78 -26.76 -41.42 -5.75
C GLU C 78 -27.46 -40.54 -4.74
N TYR C 79 -27.18 -39.25 -4.86
CA TYR C 79 -27.79 -38.25 -3.97
C TYR C 79 -29.19 -37.88 -4.47
N GLN C 80 -30.13 -38.20 -3.60
CA GLN C 80 -31.57 -37.92 -3.87
C GLN C 80 -31.96 -36.63 -3.17
N ASP C 81 -31.78 -35.52 -3.89
CA ASP C 81 -32.02 -34.19 -3.37
C ASP C 81 -33.45 -33.74 -3.30
N ALA C 82 -34.28 -34.34 -4.16
CA ALA C 82 -35.71 -33.93 -4.11
C ALA C 82 -36.31 -34.59 -2.86
N TYR C 83 -36.37 -33.86 -1.78
CA TYR C 83 -36.91 -34.35 -0.53
C TYR C 83 -38.44 -34.48 -0.61
N ASN C 84 -38.88 -35.67 -0.28
CA ASN C 84 -40.34 -35.96 -0.31
C ASN C 84 -40.65 -37.17 0.56
N LEU C 85 -41.61 -36.99 1.45
CA LEU C 85 -42.09 -37.99 2.38
C LEU C 85 -42.66 -39.21 1.66
N GLU C 86 -43.00 -39.02 0.38
CA GLU C 86 -43.52 -40.11 -0.44
C GLU C 86 -42.40 -41.01 -0.91
N ASN C 87 -41.22 -40.47 -1.10
CA ASN C 87 -40.03 -41.19 -1.55
C ASN C 87 -39.81 -42.45 -0.67
N ALA C 88 -39.24 -43.45 -1.31
CA ALA C 88 -38.94 -44.70 -0.57
C ALA C 88 -37.62 -44.48 0.22
N PHE C 89 -36.83 -43.56 -0.29
CA PHE C 89 -35.54 -43.12 0.20
C PHE C 89 -35.34 -41.60 -0.02
N ASN C 90 -34.80 -41.01 1.03
CA ASN C 90 -34.46 -39.59 1.14
C ASN C 90 -32.98 -39.53 1.60
N SER C 91 -32.21 -38.76 0.86
CA SER C 91 -30.79 -38.61 1.17
C SER C 91 -30.53 -37.79 2.43
N PHE C 92 -31.54 -37.03 2.84
CA PHE C 92 -31.48 -36.13 3.95
C PHE C 92 -32.36 -36.56 5.12
N GLY C 93 -31.85 -36.37 6.31
CA GLY C 93 -32.54 -36.71 7.55
C GLY C 93 -32.06 -35.78 8.68
N ARG C 94 -32.76 -35.92 9.79
CA ARG C 94 -32.59 -35.23 11.03
C ARG C 94 -32.89 -36.18 12.20
N THR C 95 -32.18 -35.93 13.29
CA THR C 95 -32.21 -36.66 14.54
C THR C 95 -31.68 -35.80 15.68
N ALA C 96 -31.87 -36.28 16.87
CA ALA C 96 -31.43 -35.58 18.11
C ALA C 96 -31.24 -36.61 19.23
N THR C 97 -30.43 -36.25 20.22
CA THR C 97 -30.18 -37.12 21.36
C THR C 97 -31.31 -36.97 22.39
N THR C 98 -31.63 -38.15 22.97
CA THR C 98 -32.65 -38.23 24.04
C THR C 98 -32.13 -37.49 25.30
N PHE C 99 -33.04 -36.78 25.95
CA PHE C 99 -32.69 -36.05 27.16
C PHE C 99 -32.34 -37.06 28.26
N ASP C 100 -32.77 -38.30 28.05
CA ASP C 100 -32.50 -39.37 29.03
C ASP C 100 -31.17 -40.02 28.67
N ALA C 101 -31.23 -41.17 28.03
CA ALA C 101 -30.08 -41.93 27.57
C ALA C 101 -29.07 -41.06 26.82
N GLY C 102 -29.55 -40.07 26.09
CA GLY C 102 -28.72 -39.17 25.29
C GLY C 102 -28.21 -39.84 24.02
N GLU C 103 -29.02 -40.71 23.45
CA GLU C 103 -28.67 -41.47 22.25
C GLU C 103 -29.52 -41.06 21.06
N TRP C 104 -28.90 -41.01 19.89
CA TRP C 104 -29.64 -40.62 18.65
C TRP C 104 -29.71 -41.90 17.81
N THR C 105 -30.73 -42.01 17.02
CA THR C 105 -30.91 -43.14 16.13
C THR C 105 -31.31 -42.59 14.75
N LEU C 106 -30.94 -43.39 13.77
CA LEU C 106 -31.31 -43.05 12.36
C LEU C 106 -31.60 -44.38 11.66
N HIS C 107 -32.64 -44.39 10.88
CA HIS C 107 -33.07 -45.56 10.10
C HIS C 107 -32.79 -45.26 8.63
N THR C 108 -31.88 -46.03 8.07
CA THR C 108 -31.47 -45.82 6.68
C THR C 108 -30.92 -47.06 6.01
N VAL C 109 -30.19 -46.85 4.93
CA VAL C 109 -29.53 -47.84 4.11
C VAL C 109 -28.06 -47.45 3.90
N LYS C 110 -27.23 -48.47 3.88
CA LYS C 110 -25.78 -48.26 3.63
C LYS C 110 -25.63 -47.60 2.27
N PRO C 111 -24.88 -46.48 2.29
CA PRO C 111 -24.69 -45.69 1.05
C PRO C 111 -23.75 -46.36 0.09
N GLY C 112 -24.00 -46.18 -1.21
CA GLY C 112 -23.11 -46.73 -2.26
C GLY C 112 -21.97 -45.73 -2.43
N VAL C 113 -20.97 -46.09 -3.17
CA VAL C 113 -19.78 -45.30 -3.44
C VAL C 113 -20.01 -44.11 -4.36
N VAL C 114 -19.25 -43.06 -4.12
CA VAL C 114 -19.26 -41.82 -4.89
C VAL C 114 -17.79 -41.39 -5.11
N ASN C 115 -17.58 -40.73 -6.21
CA ASN C 115 -16.23 -40.25 -6.60
C ASN C 115 -16.07 -38.77 -6.20
N ASN C 116 -14.83 -38.46 -5.99
CA ASN C 116 -14.42 -37.08 -5.62
C ASN C 116 -14.32 -36.28 -6.93
N ALA C 117 -14.10 -34.99 -6.76
CA ALA C 117 -14.02 -34.06 -7.91
C ALA C 117 -13.06 -34.60 -8.94
N ALA C 118 -11.97 -35.21 -8.52
CA ALA C 118 -10.97 -35.79 -9.38
C ALA C 118 -11.22 -37.19 -9.91
N GLY C 119 -12.41 -37.74 -9.82
CA GLY C 119 -12.75 -39.06 -10.29
C GLY C 119 -12.45 -40.22 -9.40
N VAL C 120 -11.87 -39.99 -8.23
CA VAL C 120 -11.54 -41.06 -7.25
C VAL C 120 -12.74 -41.36 -6.34
N PRO C 121 -13.05 -42.64 -6.20
CA PRO C 121 -14.14 -43.08 -5.33
C PRO C 121 -13.77 -42.92 -3.85
N MET C 122 -14.76 -42.53 -3.10
CA MET C 122 -14.63 -42.33 -1.62
C MET C 122 -15.34 -43.54 -0.99
N ALA C 123 -14.85 -43.97 0.16
CA ALA C 123 -15.50 -45.14 0.84
C ALA C 123 -16.90 -44.70 1.22
N PRO C 124 -17.81 -45.63 1.30
CA PRO C 124 -19.22 -45.32 1.69
C PRO C 124 -19.13 -44.43 2.95
N HIS C 125 -19.90 -43.36 2.91
CA HIS C 125 -19.87 -42.42 4.07
C HIS C 125 -21.16 -41.66 4.17
N ILE C 126 -21.38 -41.20 5.38
CA ILE C 126 -22.56 -40.39 5.74
C ILE C 126 -21.97 -39.03 6.15
N ASN C 127 -22.56 -37.94 5.69
CA ASN C 127 -22.04 -36.60 6.04
C ASN C 127 -22.92 -36.14 7.24
N ILE C 128 -22.24 -35.69 8.28
CA ILE C 128 -22.95 -35.27 9.49
C ILE C 128 -22.62 -33.84 9.90
N SER C 129 -23.65 -33.13 10.29
CA SER C 129 -23.58 -31.78 10.82
C SER C 129 -24.18 -31.85 12.25
N LEU C 130 -23.36 -31.45 13.20
CA LEU C 130 -23.75 -31.42 14.63
C LEU C 130 -23.97 -30.00 15.16
N PHE C 131 -25.11 -29.84 15.78
CA PHE C 131 -25.52 -28.52 16.32
C PHE C 131 -25.94 -28.74 17.81
N ALA C 132 -25.76 -27.70 18.58
CA ALA C 132 -26.10 -27.76 20.02
C ALA C 132 -25.61 -26.46 20.68
N ARG C 133 -26.15 -26.35 21.89
CA ARG C 133 -25.80 -25.21 22.77
C ARG C 133 -24.29 -25.42 23.11
N GLY C 134 -23.62 -24.28 23.13
CA GLY C 134 -22.18 -24.32 23.43
C GLY C 134 -21.47 -24.51 22.10
N ILE C 135 -22.19 -24.78 21.02
CA ILE C 135 -21.50 -24.88 19.68
C ILE C 135 -21.86 -23.62 18.90
N ASN C 136 -20.93 -22.72 18.67
CA ASN C 136 -21.15 -21.44 17.94
C ASN C 136 -21.37 -21.68 16.43
N ILE C 137 -20.57 -22.58 15.90
CA ILE C 137 -20.69 -22.94 14.45
C ILE C 137 -20.75 -24.47 14.40
N HIS C 138 -21.72 -24.99 13.70
CA HIS C 138 -21.94 -26.46 13.58
C HIS C 138 -20.67 -27.14 13.16
N LEU C 139 -20.53 -28.40 13.55
CA LEU C 139 -19.35 -29.20 13.27
C LEU C 139 -19.69 -30.26 12.19
N HIS C 140 -18.81 -30.32 11.22
CA HIS C 140 -18.89 -31.20 10.10
C HIS C 140 -18.04 -32.47 10.36
N THR C 141 -18.61 -33.60 10.05
CA THR C 141 -17.94 -34.86 10.14
C THR C 141 -18.47 -35.86 9.11
N ARG C 142 -17.86 -36.99 8.99
CA ARG C 142 -18.20 -38.09 8.15
C ARG C 142 -18.23 -39.38 8.96
N LEU C 143 -19.22 -40.20 8.69
CA LEU C 143 -19.32 -41.53 9.33
C LEU C 143 -18.93 -42.56 8.25
N TYR C 144 -17.93 -43.35 8.49
CA TYR C 144 -17.44 -44.45 7.63
C TYR C 144 -17.82 -45.74 8.40
N PHE C 145 -17.78 -46.86 7.74
CA PHE C 145 -18.18 -48.16 8.32
C PHE C 145 -16.96 -49.08 8.46
N ASP C 146 -16.84 -49.71 9.63
CA ASP C 146 -15.72 -50.60 9.90
C ASP C 146 -15.64 -51.83 9.01
N ASP C 147 -16.71 -52.22 8.36
CA ASP C 147 -16.69 -53.40 7.50
C ASP C 147 -16.36 -53.07 6.05
N GLU C 148 -15.88 -51.89 5.81
CA GLU C 148 -15.49 -51.38 4.50
C GLU C 148 -14.01 -51.01 4.59
N ALA C 149 -13.31 -51.82 5.36
CA ALA C 149 -11.89 -51.63 5.60
C ALA C 149 -11.15 -51.37 4.30
N GLN C 150 -11.37 -52.21 3.30
CA GLN C 150 -10.69 -52.05 2.03
C GLN C 150 -10.91 -50.69 1.40
N ALA C 151 -12.16 -50.30 1.24
CA ALA C 151 -12.48 -48.98 0.64
C ALA C 151 -11.84 -47.86 1.49
N ASN C 152 -12.05 -48.00 2.79
CA ASN C 152 -11.57 -47.00 3.75
C ASN C 152 -10.10 -46.69 3.55
N ALA C 153 -9.30 -47.71 3.36
CA ALA C 153 -7.86 -47.61 3.20
C ALA C 153 -7.47 -46.65 2.08
N LYS C 154 -8.22 -46.73 1.00
CA LYS C 154 -8.03 -45.95 -0.20
C LYS C 154 -8.82 -44.66 -0.29
N CYS C 155 -9.62 -44.32 0.69
CA CYS C 155 -10.43 -43.10 0.63
C CYS C 155 -9.59 -41.84 0.60
N PRO C 156 -9.74 -41.07 -0.46
CA PRO C 156 -9.01 -39.82 -0.66
C PRO C 156 -9.30 -38.84 0.48
N VAL C 157 -10.48 -38.92 1.03
CA VAL C 157 -10.88 -37.95 2.12
C VAL C 157 -10.21 -38.37 3.43
N LEU C 158 -10.40 -39.62 3.80
CA LEU C 158 -9.82 -40.23 5.02
C LEU C 158 -8.30 -40.08 5.03
N ASN C 159 -7.70 -40.21 3.85
CA ASN C 159 -6.28 -40.11 3.62
C ASN C 159 -5.76 -38.69 3.81
N LEU C 160 -6.58 -37.68 3.88
CA LEU C 160 -6.08 -36.30 4.13
C LEU C 160 -5.79 -36.09 5.62
N ILE C 161 -6.27 -36.95 6.46
CA ILE C 161 -6.06 -36.89 7.91
C ILE C 161 -4.63 -37.46 8.11
N GLU C 162 -3.76 -36.53 8.41
CA GLU C 162 -2.36 -36.78 8.63
C GLU C 162 -2.08 -37.98 9.51
N GLN C 163 -2.65 -38.01 10.71
CA GLN C 163 -2.42 -39.11 11.65
C GLN C 163 -3.45 -40.23 11.52
N PRO C 164 -2.94 -41.40 11.12
CA PRO C 164 -3.76 -42.60 10.97
C PRO C 164 -4.67 -42.84 12.18
N GLN C 165 -4.17 -42.58 13.37
CA GLN C 165 -4.96 -42.82 14.58
C GLN C 165 -6.22 -41.97 14.66
N ARG C 166 -6.14 -40.80 14.03
CA ARG C 166 -7.30 -39.87 14.03
C ARG C 166 -8.35 -40.34 13.03
N ARG C 167 -7.93 -41.14 12.06
CA ARG C 167 -8.86 -41.69 11.04
C ARG C 167 -9.87 -42.63 11.68
N GLU C 168 -9.31 -43.42 12.61
CA GLU C 168 -10.09 -44.39 13.38
C GLU C 168 -11.31 -43.81 14.04
N THR C 169 -11.26 -42.50 14.34
CA THR C 169 -12.33 -41.78 15.00
C THR C 169 -13.58 -41.65 14.17
N LEU C 170 -13.45 -41.81 12.86
CA LEU C 170 -14.55 -41.68 11.91
C LEU C 170 -15.19 -43.01 11.53
N ILE C 171 -14.77 -44.10 12.14
CA ILE C 171 -15.26 -45.43 11.83
C ILE C 171 -16.28 -45.97 12.79
N ALA C 172 -17.50 -46.13 12.27
CA ALA C 172 -18.62 -46.67 13.03
C ALA C 172 -18.41 -48.19 13.22
N LYS C 173 -18.79 -48.64 14.39
CA LYS C 173 -18.67 -50.04 14.79
C LYS C 173 -19.94 -50.81 14.52
N ARG C 174 -19.79 -51.82 13.67
CA ARG C 174 -20.88 -52.72 13.30
C ARG C 174 -21.31 -53.50 14.57
N CYS C 175 -22.60 -53.60 14.73
CA CYS C 175 -23.24 -54.29 15.85
C CYS C 175 -24.65 -54.71 15.46
N GLU C 176 -25.34 -55.30 16.41
CA GLU C 176 -26.72 -55.75 16.19
C GLU C 176 -27.56 -55.19 17.30
N VAL C 177 -28.69 -54.64 16.95
CA VAL C 177 -29.69 -54.04 17.85
C VAL C 177 -30.99 -54.78 17.47
N ASP C 178 -31.55 -55.48 18.42
CA ASP C 178 -32.74 -56.29 18.22
C ASP C 178 -32.58 -57.21 17.03
N GLY C 179 -31.38 -57.73 16.86
CA GLY C 179 -31.08 -58.62 15.75
C GLY C 179 -31.00 -57.93 14.41
N LYS C 180 -30.95 -56.61 14.42
CA LYS C 180 -30.86 -55.82 13.19
C LYS C 180 -29.43 -55.29 13.09
N THR C 181 -28.93 -55.23 11.88
CA THR C 181 -27.57 -54.70 11.63
C THR C 181 -27.65 -53.19 11.99
N ALA C 182 -26.66 -52.80 12.75
CA ALA C 182 -26.49 -51.44 13.24
C ALA C 182 -24.99 -51.09 13.27
N TYR C 183 -24.76 -49.78 13.30
CA TYR C 183 -23.40 -49.22 13.40
C TYR C 183 -23.49 -48.15 14.50
N ARG C 184 -22.53 -48.23 15.37
CA ARG C 184 -22.47 -47.29 16.50
C ARG C 184 -21.40 -46.25 16.15
N PHE C 185 -21.80 -45.03 16.29
CA PHE C 185 -20.91 -43.89 15.98
C PHE C 185 -21.04 -42.82 17.07
N ASP C 186 -20.12 -42.88 17.99
CA ASP C 186 -20.06 -41.91 19.10
C ASP C 186 -19.17 -40.75 18.62
N ILE C 187 -19.52 -39.58 19.00
CA ILE C 187 -18.79 -38.36 18.69
C ILE C 187 -18.15 -37.82 20.01
N ARG C 188 -16.85 -37.62 19.94
CA ARG C 188 -16.10 -37.06 21.09
C ARG C 188 -15.70 -35.65 20.65
N ILE C 189 -16.47 -34.69 21.15
CA ILE C 189 -16.29 -33.28 20.78
C ILE C 189 -14.93 -32.73 21.14
N GLN C 190 -14.45 -33.11 22.32
CA GLN C 190 -13.16 -32.56 22.79
C GLN C 190 -12.42 -33.59 23.63
N GLY C 191 -11.10 -33.48 23.59
CA GLY C 191 -10.24 -34.34 24.35
C GLY C 191 -9.82 -35.63 23.69
N GLU C 192 -9.62 -36.57 24.60
CA GLU C 192 -9.15 -37.94 24.27
C GLU C 192 -10.10 -38.64 23.32
N GLY C 193 -9.56 -39.09 22.20
CA GLY C 193 -10.28 -39.74 21.13
C GLY C 193 -11.19 -38.74 20.41
N GLU C 194 -10.82 -37.47 20.44
CA GLU C 194 -11.63 -36.42 19.82
C GLU C 194 -11.80 -36.77 18.32
N THR C 195 -13.05 -36.76 17.91
CA THR C 195 -13.42 -37.03 16.51
C THR C 195 -12.93 -35.97 15.54
N VAL C 196 -12.46 -36.35 14.39
CA VAL C 196 -12.04 -35.44 13.33
C VAL C 196 -13.24 -34.62 12.83
N PHE C 197 -13.06 -33.32 12.69
CA PHE C 197 -14.13 -32.41 12.23
C PHE C 197 -13.51 -31.75 10.98
N PHE C 198 -14.33 -31.53 9.99
CA PHE C 198 -13.88 -31.02 8.71
C PHE C 198 -14.33 -29.59 8.44
N ASP C 199 -13.59 -28.97 7.61
CA ASP C 199 -13.78 -27.60 7.06
C ASP C 199 -13.80 -27.81 5.54
N PHE C 200 -14.75 -27.23 4.91
CA PHE C 200 -14.91 -27.34 3.42
C PHE C 200 -15.84 -26.17 2.99
N PRO D 1 -30.28 -37.40 -10.14
CA PRO D 1 -29.90 -36.93 -8.78
C PRO D 1 -29.10 -35.63 -8.89
N ALA D 2 -28.67 -35.18 -7.73
CA ALA D 2 -27.84 -33.95 -7.64
C ALA D 2 -26.53 -34.24 -8.37
N GLN D 3 -25.85 -33.14 -8.71
CA GLN D 3 -24.58 -33.18 -9.43
C GLN D 3 -23.59 -32.12 -8.93
N ASP D 4 -22.33 -32.51 -9.06
CA ASP D 4 -21.18 -31.68 -8.66
C ASP D 4 -20.92 -30.69 -9.81
N ASN D 5 -21.60 -29.57 -9.71
CA ASN D 5 -21.45 -28.49 -10.72
C ASN D 5 -20.88 -27.24 -10.09
N SER D 6 -21.23 -26.99 -8.83
CA SER D 6 -20.78 -25.81 -8.09
C SER D 6 -19.61 -26.09 -7.12
N ARG D 7 -19.04 -25.01 -6.68
CA ARG D 7 -17.96 -24.80 -5.77
C ARG D 7 -18.56 -23.66 -4.85
N PHE D 8 -18.22 -23.72 -3.58
CA PHE D 8 -18.76 -22.66 -2.67
C PHE D 8 -17.57 -21.90 -2.15
N VAL D 9 -17.71 -20.59 -2.04
CA VAL D 9 -16.63 -19.72 -1.52
C VAL D 9 -16.24 -20.25 -0.11
N ILE D 10 -14.97 -20.43 0.16
CA ILE D 10 -14.49 -20.91 1.46
C ILE D 10 -15.02 -20.04 2.60
N ARG D 11 -15.40 -20.70 3.70
CA ARG D 11 -15.86 -19.93 4.86
C ARG D 11 -14.72 -19.11 5.47
N ASP D 12 -15.15 -17.99 6.02
CA ASP D 12 -14.26 -17.08 6.76
C ASP D 12 -14.47 -17.33 8.25
N ARG D 13 -13.64 -18.22 8.77
CA ARG D 13 -13.69 -18.64 10.16
C ARG D 13 -13.24 -17.63 11.17
N ASN D 14 -12.86 -16.45 10.66
CA ASN D 14 -12.48 -15.32 11.51
C ASN D 14 -13.64 -14.33 11.63
N TRP D 15 -14.60 -14.46 10.74
CA TRP D 15 -15.84 -13.67 10.65
C TRP D 15 -16.91 -14.34 11.55
N HIS D 16 -17.02 -15.67 11.34
CA HIS D 16 -17.97 -16.45 12.15
C HIS D 16 -17.33 -16.48 13.57
N PRO D 17 -18.19 -16.75 14.51
CA PRO D 17 -17.74 -16.90 15.93
C PRO D 17 -16.76 -18.08 16.00
N LYS D 18 -15.74 -17.96 16.79
CA LYS D 18 -14.80 -19.12 16.96
C LYS D 18 -15.54 -20.15 17.83
N ALA D 19 -14.96 -21.31 17.95
CA ALA D 19 -15.41 -22.44 18.72
C ALA D 19 -15.35 -22.15 20.25
N LEU D 20 -14.17 -21.84 20.76
CA LEU D 20 -13.95 -21.55 22.19
C LEU D 20 -14.10 -20.07 22.53
N THR D 21 -15.16 -19.72 23.21
CA THR D 21 -15.45 -18.31 23.59
C THR D 21 -15.86 -18.38 25.09
N PRO D 22 -14.81 -18.40 25.90
CA PRO D 22 -14.89 -18.56 27.33
C PRO D 22 -16.02 -17.90 28.02
N ASP D 23 -16.36 -16.67 27.76
CA ASP D 23 -17.51 -15.99 28.42
C ASP D 23 -18.81 -16.75 28.29
N TYR D 24 -18.95 -17.51 27.23
CA TYR D 24 -20.10 -18.37 26.94
C TYR D 24 -19.63 -19.73 27.46
N LYS D 25 -19.81 -19.93 28.75
CA LYS D 25 -19.33 -21.11 29.49
C LYS D 25 -19.46 -22.45 28.82
N THR D 26 -20.66 -22.74 28.34
CA THR D 26 -20.95 -24.01 27.65
C THR D 26 -19.95 -24.27 26.53
N SER D 27 -19.43 -23.24 25.86
CA SER D 27 -18.49 -23.47 24.75
C SER D 27 -17.17 -24.14 25.21
N ILE D 28 -16.86 -24.00 26.48
CA ILE D 28 -15.63 -24.51 27.07
C ILE D 28 -15.38 -25.97 26.79
N ALA D 29 -16.33 -26.76 27.23
CA ALA D 29 -16.34 -28.21 27.11
C ALA D 29 -16.95 -28.66 25.77
N ARG D 30 -17.52 -27.74 25.03
CA ARG D 30 -18.13 -28.17 23.73
C ARG D 30 -17.44 -27.72 22.49
N SER D 31 -16.11 -27.57 22.56
CA SER D 31 -15.29 -27.11 21.43
C SER D 31 -14.08 -28.04 21.26
N PRO D 32 -13.80 -28.39 20.01
CA PRO D 32 -12.69 -29.29 19.67
C PRO D 32 -11.37 -28.58 20.06
N ARG D 33 -10.40 -29.34 20.36
CA ARG D 33 -9.05 -28.74 20.72
C ARG D 33 -8.17 -28.99 19.48
N GLN D 34 -8.54 -29.98 18.71
CA GLN D 34 -7.79 -30.31 17.48
C GLN D 34 -8.27 -29.39 16.35
N ALA D 35 -7.41 -29.07 15.43
CA ALA D 35 -7.72 -28.18 14.27
C ALA D 35 -8.70 -28.86 13.32
N LEU D 36 -9.56 -28.08 12.72
CA LEU D 36 -10.56 -28.62 11.70
C LEU D 36 -9.66 -29.17 10.57
N VAL D 37 -9.97 -30.24 9.94
CA VAL D 37 -9.22 -30.83 8.83
C VAL D 37 -9.91 -30.33 7.53
N SER D 38 -9.12 -29.59 6.77
CA SER D 38 -9.61 -29.02 5.49
C SER D 38 -9.68 -30.09 4.41
N ILE D 39 -10.83 -30.14 3.70
CA ILE D 39 -10.98 -31.06 2.60
C ILE D 39 -11.56 -30.34 1.35
N PRO D 40 -11.22 -30.89 0.20
CA PRO D 40 -11.72 -30.33 -1.09
C PRO D 40 -13.23 -30.61 -1.18
N GLN D 41 -13.93 -29.73 -1.85
CA GLN D 41 -15.38 -29.87 -2.06
C GLN D 41 -15.60 -30.99 -3.10
N SER D 42 -16.52 -31.86 -2.81
CA SER D 42 -16.93 -32.98 -3.67
C SER D 42 -18.47 -32.95 -3.71
N ILE D 43 -19.00 -33.89 -4.47
CA ILE D 43 -20.46 -34.02 -4.60
C ILE D 43 -21.17 -34.09 -3.24
N SER D 44 -20.53 -34.73 -2.28
CA SER D 44 -21.06 -34.90 -0.92
C SER D 44 -21.33 -33.54 -0.28
N GLU D 45 -20.36 -32.63 -0.45
CA GLU D 45 -20.44 -31.29 0.12
C GLU D 45 -21.13 -30.24 -0.70
N THR D 46 -21.12 -30.41 -2.02
CA THR D 46 -21.69 -29.41 -2.93
C THR D 46 -23.15 -29.58 -3.28
N THR D 47 -23.82 -30.55 -2.78
CA THR D 47 -25.23 -30.85 -2.99
C THR D 47 -25.92 -30.80 -1.60
N GLY D 48 -27.24 -30.82 -1.65
CA GLY D 48 -28.09 -30.76 -0.45
C GLY D 48 -29.53 -30.98 -0.91
N PRO D 49 -30.41 -31.10 0.08
CA PRO D 49 -31.82 -31.31 -0.15
C PRO D 49 -32.55 -30.07 -0.65
N ASN D 50 -33.54 -30.39 -1.49
CA ASN D 50 -34.44 -29.38 -2.05
C ASN D 50 -35.80 -29.64 -1.42
N PHE D 51 -36.41 -28.68 -0.78
CA PHE D 51 -37.66 -28.79 -0.09
C PHE D 51 -38.90 -28.33 -0.84
N SER D 52 -38.75 -28.11 -2.13
CA SER D 52 -39.80 -27.70 -3.04
C SER D 52 -41.07 -28.52 -2.84
N HIS D 53 -40.90 -29.84 -2.81
CA HIS D 53 -42.02 -30.75 -2.63
C HIS D 53 -42.50 -31.01 -1.23
N LEU D 54 -41.94 -30.38 -0.22
CA LEU D 54 -42.43 -30.65 1.16
C LEU D 54 -43.82 -30.04 1.29
N GLY D 55 -44.69 -30.75 1.98
CA GLY D 55 -46.07 -30.28 2.16
C GLY D 55 -46.16 -29.30 3.31
N PHE D 56 -46.21 -28.01 2.99
CA PHE D 56 -46.30 -26.94 3.99
C PHE D 56 -47.77 -26.64 4.34
N GLY D 57 -48.03 -26.53 5.63
CA GLY D 57 -49.39 -26.17 6.10
C GLY D 57 -49.57 -24.67 5.74
N ALA D 58 -50.83 -24.31 5.61
CA ALA D 58 -51.31 -22.99 5.27
C ALA D 58 -50.83 -21.87 6.18
N HIS D 59 -50.60 -22.22 7.42
CA HIS D 59 -50.13 -21.27 8.44
C HIS D 59 -48.74 -21.58 8.95
N ASP D 60 -47.95 -22.29 8.19
CA ASP D 60 -46.59 -22.69 8.57
C ASP D 60 -45.73 -21.50 8.95
N HIS D 61 -45.89 -20.40 8.22
CA HIS D 61 -45.18 -19.16 8.39
C HIS D 61 -45.93 -18.12 9.18
N ASP D 62 -47.09 -18.46 9.73
CA ASP D 62 -47.89 -17.51 10.52
C ASP D 62 -48.05 -17.96 11.97
N LEU D 63 -47.12 -17.51 12.81
CA LEU D 63 -47.13 -17.87 14.25
C LEU D 63 -48.27 -17.26 15.01
N LEU D 64 -48.97 -16.37 14.32
CA LEU D 64 -50.14 -15.70 14.89
C LEU D 64 -51.34 -16.66 14.86
N LEU D 65 -51.31 -17.63 13.99
CA LEU D 65 -52.38 -18.58 13.78
C LEU D 65 -52.01 -20.05 13.86
N ASN D 66 -50.78 -20.39 13.68
CA ASN D 66 -50.34 -21.79 13.63
C ASN D 66 -50.36 -22.53 14.91
N PHE D 67 -50.80 -22.02 16.05
CA PHE D 67 -50.76 -22.88 17.27
C PHE D 67 -52.22 -23.10 17.70
N GLY D 71 -57.93 -18.03 19.53
CA GLY D 71 -57.09 -17.14 20.28
C GLY D 71 -55.89 -16.56 19.54
N LEU D 72 -55.67 -15.32 19.85
CA LEU D 72 -54.56 -14.50 19.31
C LEU D 72 -53.54 -14.39 20.47
N PRO D 73 -52.29 -14.50 20.12
CA PRO D 73 -51.21 -14.38 21.12
C PRO D 73 -51.13 -12.93 21.58
N ILE D 74 -50.68 -12.78 22.82
CA ILE D 74 -50.48 -11.44 23.40
C ILE D 74 -49.05 -11.00 23.05
N GLY D 75 -48.82 -9.76 22.73
CA GLY D 75 -47.44 -9.32 22.38
C GLY D 75 -47.47 -8.47 21.11
N GLU D 76 -46.31 -7.98 20.78
CA GLU D 76 -46.02 -7.10 19.64
C GLU D 76 -46.10 -7.77 18.29
N ARG D 77 -47.21 -7.46 17.61
CA ARG D 77 -47.44 -8.04 16.29
C ARG D 77 -46.37 -7.51 15.34
N ILE D 78 -45.66 -8.40 14.72
CA ILE D 78 -44.65 -8.05 13.74
C ILE D 78 -44.61 -9.09 12.59
N ILE D 79 -44.13 -8.51 11.53
CA ILE D 79 -43.82 -9.29 10.31
C ILE D 79 -42.27 -9.27 10.28
N VAL D 80 -41.66 -10.39 9.99
CA VAL D 80 -40.23 -10.51 9.84
C VAL D 80 -40.04 -11.01 8.36
N ALA D 81 -39.47 -10.15 7.56
CA ALA D 81 -39.25 -10.50 6.14
C ALA D 81 -37.85 -10.10 5.72
N GLY D 82 -37.49 -10.58 4.55
CA GLY D 82 -36.12 -10.30 4.03
C GLY D 82 -35.86 -11.23 2.88
N ARG D 83 -34.63 -11.16 2.43
CA ARG D 83 -34.24 -11.94 1.23
C ARG D 83 -33.00 -12.74 1.51
N VAL D 84 -32.92 -13.89 0.84
CA VAL D 84 -31.73 -14.75 1.00
C VAL D 84 -30.99 -14.63 -0.34
N VAL D 85 -29.77 -14.17 -0.19
CA VAL D 85 -28.86 -14.05 -1.34
C VAL D 85 -27.54 -14.71 -0.95
N ASP D 86 -26.75 -15.02 -1.93
CA ASP D 86 -25.41 -15.58 -1.74
C ASP D 86 -24.44 -14.41 -1.72
N GLN D 87 -23.18 -14.71 -1.52
CA GLN D 87 -22.14 -13.68 -1.45
C GLN D 87 -22.01 -12.85 -2.70
N TYR D 88 -22.44 -13.38 -3.86
CA TYR D 88 -22.35 -12.66 -5.14
C TYR D 88 -23.54 -11.75 -5.33
N GLY D 89 -24.52 -11.88 -4.48
CA GLY D 89 -25.74 -11.04 -4.53
C GLY D 89 -26.87 -11.77 -5.24
N LYS D 90 -26.62 -13.01 -5.59
CA LYS D 90 -27.59 -13.87 -6.29
C LYS D 90 -28.59 -14.44 -5.31
N PRO D 91 -29.86 -14.27 -5.68
CA PRO D 91 -30.98 -14.71 -4.86
C PRO D 91 -30.97 -16.24 -4.74
N VAL D 92 -31.50 -16.74 -3.63
CA VAL D 92 -31.60 -18.19 -3.37
C VAL D 92 -33.08 -18.55 -3.31
N PRO D 93 -33.63 -18.93 -4.47
CA PRO D 93 -35.04 -19.27 -4.60
C PRO D 93 -35.35 -20.65 -4.03
N ASN D 94 -36.59 -20.80 -3.58
CA ASN D 94 -37.10 -22.04 -3.05
C ASN D 94 -36.17 -22.71 -2.01
N THR D 95 -35.74 -21.93 -1.05
CA THR D 95 -34.85 -22.52 0.02
C THR D 95 -35.64 -22.56 1.33
N LEU D 96 -35.31 -23.51 2.20
CA LEU D 96 -36.01 -23.64 3.45
C LEU D 96 -35.49 -22.73 4.57
N VAL D 97 -36.42 -21.90 5.04
CA VAL D 97 -36.14 -21.02 6.17
C VAL D 97 -37.04 -21.57 7.31
N GLU D 98 -36.43 -21.76 8.46
CA GLU D 98 -37.13 -22.24 9.66
C GLU D 98 -36.71 -21.33 10.82
N MET D 99 -37.67 -21.05 11.65
CA MET D 99 -37.44 -20.16 12.80
C MET D 99 -38.24 -20.61 14.02
N TRP D 100 -37.78 -20.19 15.16
CA TRP D 100 -38.36 -20.50 16.46
C TRP D 100 -37.93 -19.43 17.47
N GLN D 101 -38.82 -19.24 18.42
CA GLN D 101 -38.54 -18.21 19.46
C GLN D 101 -39.38 -18.47 20.71
N ALA D 102 -39.14 -17.57 21.68
CA ALA D 102 -39.91 -17.58 22.94
C ALA D 102 -41.15 -16.71 22.75
N ASN D 103 -41.99 -16.67 23.76
CA ASN D 103 -43.20 -15.79 23.67
C ASN D 103 -42.72 -14.37 24.05
N ALA D 104 -43.71 -13.51 24.16
CA ALA D 104 -43.55 -12.11 24.52
C ALA D 104 -42.89 -11.88 25.88
N GLY D 105 -43.03 -12.85 26.79
CA GLY D 105 -42.46 -12.68 28.15
C GLY D 105 -41.08 -13.31 28.25
N GLY D 106 -40.68 -14.01 27.20
CA GLY D 106 -39.36 -14.66 27.19
C GLY D 106 -39.45 -16.14 27.57
N ARG D 107 -40.63 -16.71 27.48
CA ARG D 107 -40.83 -18.14 27.78
C ARG D 107 -40.94 -19.00 26.49
N TYR D 108 -40.24 -20.09 26.48
CA TYR D 108 -40.20 -21.07 25.42
C TYR D 108 -41.15 -22.24 25.75
N ARG D 109 -41.82 -22.68 24.67
CA ARG D 109 -42.76 -23.81 24.78
C ARG D 109 -41.91 -25.10 24.57
N HIS D 110 -41.10 -25.33 25.60
CA HIS D 110 -40.14 -26.43 25.66
C HIS D 110 -40.02 -26.94 27.10
N LYS D 111 -40.07 -28.25 27.21
CA LYS D 111 -39.99 -29.05 28.41
C LYS D 111 -39.00 -28.46 29.44
N ASN D 112 -37.78 -28.33 28.96
CA ASN D 112 -36.64 -27.87 29.69
C ASN D 112 -36.67 -26.42 30.11
N ASP D 113 -37.64 -25.62 29.67
CA ASP D 113 -37.60 -24.20 30.08
C ASP D 113 -38.37 -24.02 31.36
N ARG D 114 -37.63 -23.67 32.41
CA ARG D 114 -38.15 -23.46 33.76
C ARG D 114 -38.40 -22.02 34.13
N TYR D 115 -38.16 -21.11 33.18
CA TYR D 115 -38.36 -19.68 33.43
C TYR D 115 -39.80 -19.46 33.88
N LEU D 116 -39.94 -18.63 34.88
CA LEU D 116 -41.16 -18.24 35.53
C LEU D 116 -42.15 -17.45 34.69
N ALA D 117 -41.73 -16.89 33.56
CA ALA D 117 -42.74 -16.13 32.73
C ALA D 117 -43.71 -17.23 32.23
N PRO D 118 -44.98 -16.88 32.17
CA PRO D 118 -46.01 -17.84 31.74
C PRO D 118 -46.01 -18.10 30.24
N LEU D 119 -46.49 -19.28 29.89
CA LEU D 119 -46.68 -19.67 28.49
C LEU D 119 -47.93 -18.89 27.98
N ASP D 120 -48.00 -18.76 26.68
CA ASP D 120 -49.18 -18.08 26.06
C ASP D 120 -49.97 -19.23 25.40
N PRO D 121 -51.18 -19.39 25.87
CA PRO D 121 -52.08 -20.43 25.34
C PRO D 121 -52.26 -20.39 23.84
N ASN D 122 -52.10 -19.22 23.22
CA ASN D 122 -52.26 -19.09 21.76
C ASN D 122 -50.96 -18.99 21.01
N PHE D 123 -49.84 -19.39 21.62
CA PHE D 123 -48.53 -19.28 21.01
C PHE D 123 -47.65 -20.51 21.12
N GLY D 124 -47.21 -20.98 19.95
CA GLY D 124 -46.33 -22.11 19.82
C GLY D 124 -44.86 -21.74 19.63
N GLY D 125 -44.55 -20.79 18.77
CA GLY D 125 -43.19 -20.35 18.53
C GLY D 125 -42.44 -20.97 17.41
N VAL D 126 -43.03 -21.76 16.54
CA VAL D 126 -42.29 -22.35 15.41
C VAL D 126 -42.91 -21.83 14.08
N GLY D 127 -42.00 -21.62 13.13
CA GLY D 127 -42.45 -21.16 11.79
C GLY D 127 -41.48 -21.73 10.78
N ARG D 128 -41.95 -21.83 9.55
CA ARG D 128 -41.17 -22.33 8.42
C ARG D 128 -41.82 -21.88 7.10
N CYS D 129 -40.93 -21.72 6.14
CA CYS D 129 -41.42 -21.28 4.81
C CYS D 129 -40.30 -21.45 3.81
N LEU D 130 -40.69 -21.41 2.55
CA LEU D 130 -39.75 -21.55 1.42
C LEU D 130 -39.57 -20.19 0.79
N THR D 131 -38.38 -19.82 0.41
CA THR D 131 -38.19 -18.48 -0.23
C THR D 131 -38.82 -18.58 -1.63
N ASP D 132 -39.21 -17.45 -2.14
CA ASP D 132 -39.84 -17.37 -3.49
C ASP D 132 -38.71 -17.25 -4.49
N SER D 133 -39.14 -17.09 -5.75
CA SER D 133 -38.26 -16.95 -6.90
C SER D 133 -37.24 -15.84 -6.75
N ASP D 134 -37.56 -14.82 -5.98
CA ASP D 134 -36.62 -13.71 -5.80
C ASP D 134 -35.82 -13.84 -4.51
N GLY D 135 -35.98 -14.99 -3.88
CA GLY D 135 -35.29 -15.26 -2.62
C GLY D 135 -35.88 -14.62 -1.40
N TYR D 136 -37.10 -14.14 -1.48
CA TYR D 136 -37.85 -13.49 -0.42
C TYR D 136 -38.65 -14.48 0.43
N TYR D 137 -38.67 -14.16 1.73
CA TYR D 137 -39.38 -14.93 2.73
C TYR D 137 -40.08 -13.88 3.65
N SER D 138 -40.99 -14.44 4.42
CA SER D 138 -41.72 -13.62 5.37
C SER D 138 -42.49 -14.50 6.32
N PHE D 139 -42.51 -14.08 7.54
CA PHE D 139 -43.12 -14.73 8.69
C PHE D 139 -43.92 -13.63 9.43
N ARG D 140 -44.89 -14.11 10.16
CA ARG D 140 -45.71 -13.19 10.98
C ARG D 140 -45.72 -13.82 12.40
N THR D 141 -45.36 -12.96 13.37
CA THR D 141 -45.26 -13.41 14.75
C THR D 141 -45.38 -12.23 15.71
N ILE D 142 -44.95 -12.50 16.92
CA ILE D 142 -44.90 -11.52 18.01
C ILE D 142 -43.41 -11.40 18.39
N LYS D 143 -43.02 -10.22 18.79
CA LYS D 143 -41.63 -9.95 19.21
C LYS D 143 -41.44 -10.70 20.57
N PRO D 144 -40.44 -11.56 20.57
CA PRO D 144 -40.10 -12.35 21.78
C PRO D 144 -39.47 -11.40 22.84
N GLY D 145 -39.51 -11.87 24.08
CA GLY D 145 -38.87 -11.05 25.17
C GLY D 145 -37.49 -11.64 25.51
N PRO D 146 -36.69 -10.85 26.19
CA PRO D 146 -35.35 -11.26 26.65
C PRO D 146 -35.58 -12.51 27.61
N TYR D 147 -34.52 -13.27 27.70
CA TYR D 147 -34.49 -14.54 28.46
C TYR D 147 -33.29 -14.62 29.41
N PRO D 148 -33.60 -14.80 30.68
CA PRO D 148 -32.56 -14.95 31.73
C PRO D 148 -31.99 -16.37 31.56
N TRP D 149 -30.67 -16.49 31.66
CA TRP D 149 -30.06 -17.84 31.53
C TRP D 149 -28.88 -17.96 32.51
N ARG D 150 -28.51 -19.18 32.80
CA ARG D 150 -27.44 -19.46 33.76
C ARG D 150 -26.07 -19.53 33.05
N ASN D 151 -25.47 -18.38 32.98
CA ASN D 151 -24.13 -18.23 32.35
C ASN D 151 -23.38 -17.51 33.50
N GLY D 152 -23.35 -16.21 33.39
CA GLY D 152 -22.76 -15.43 34.57
C GLY D 152 -24.03 -15.40 35.49
N PRO D 153 -23.94 -14.74 36.65
CA PRO D 153 -25.03 -14.63 37.58
C PRO D 153 -26.18 -13.76 37.14
N ASN D 154 -25.98 -12.82 36.23
CA ASN D 154 -27.05 -11.92 35.79
C ASN D 154 -27.01 -11.82 34.26
N ASP D 155 -26.96 -12.93 33.58
CA ASP D 155 -26.94 -12.90 32.05
C ASP D 155 -28.37 -12.92 31.53
N TRP D 156 -28.64 -12.12 30.49
CA TRP D 156 -29.97 -12.04 29.84
C TRP D 156 -29.82 -12.04 28.32
N ARG D 157 -30.39 -12.98 27.61
CA ARG D 157 -30.32 -12.98 26.13
C ARG D 157 -31.19 -11.80 25.61
N PRO D 158 -30.64 -11.16 24.60
CA PRO D 158 -31.44 -10.09 23.93
C PRO D 158 -32.63 -10.80 23.32
N ALA D 159 -33.68 -10.07 23.05
CA ALA D 159 -34.89 -10.64 22.38
C ALA D 159 -34.28 -11.18 21.04
N HIS D 160 -34.57 -12.42 20.73
CA HIS D 160 -33.97 -13.02 19.51
C HIS D 160 -34.89 -14.14 18.98
N ILE D 161 -34.71 -14.36 17.69
CA ILE D 161 -35.44 -15.39 16.96
C ILE D 161 -34.35 -16.30 16.32
N HIS D 162 -34.52 -17.57 16.56
CA HIS D 162 -33.57 -18.56 16.00
C HIS D 162 -33.92 -18.84 14.53
N PHE D 163 -32.93 -18.93 13.70
CA PHE D 163 -33.18 -19.19 12.26
C PHE D 163 -32.27 -20.32 11.77
N GLY D 164 -32.80 -21.05 10.82
CA GLY D 164 -32.11 -22.17 10.14
C GLY D 164 -32.39 -21.96 8.64
N ILE D 165 -31.37 -22.03 7.82
CA ILE D 165 -31.49 -21.83 6.38
C ILE D 165 -30.64 -22.88 5.67
N SER D 166 -31.34 -23.58 4.79
CA SER D 166 -30.76 -24.68 4.02
C SER D 166 -29.76 -24.27 2.96
N GLY D 167 -30.27 -23.49 2.01
CA GLY D 167 -29.41 -23.07 0.88
C GLY D 167 -29.32 -24.28 -0.06
N PRO D 168 -28.51 -24.13 -1.11
CA PRO D 168 -28.37 -25.14 -2.12
C PRO D 168 -27.58 -26.35 -1.78
N SER D 169 -26.78 -26.26 -0.72
CA SER D 169 -25.95 -27.44 -0.32
C SER D 169 -25.83 -27.49 1.20
N ILE D 170 -25.29 -28.63 1.65
CA ILE D 170 -25.08 -28.80 3.09
C ILE D 170 -23.91 -27.84 3.42
N ALA D 171 -23.24 -27.43 2.31
CA ALA D 171 -22.06 -26.53 2.51
C ALA D 171 -22.52 -25.15 2.91
N THR D 172 -23.74 -24.79 2.59
CA THR D 172 -24.34 -23.50 2.80
C THR D 172 -25.26 -23.44 4.02
N LYS D 173 -25.69 -24.60 4.47
CA LYS D 173 -26.61 -24.74 5.60
C LYS D 173 -26.09 -23.89 6.77
N LEU D 174 -27.00 -23.10 7.35
CA LEU D 174 -26.68 -22.22 8.42
C LEU D 174 -27.79 -22.12 9.47
N ILE D 175 -27.23 -22.01 10.70
CA ILE D 175 -28.08 -21.77 11.86
C ILE D 175 -27.46 -20.47 12.53
N THR D 176 -28.38 -19.58 12.82
CA THR D 176 -28.00 -18.28 13.39
C THR D 176 -29.17 -17.70 14.21
N GLN D 177 -28.97 -16.44 14.59
CA GLN D 177 -30.04 -15.79 15.43
C GLN D 177 -30.17 -14.34 14.96
N LEU D 178 -31.37 -13.85 15.01
CA LEU D 178 -31.72 -12.46 14.65
C LEU D 178 -31.98 -11.68 16.01
N TYR D 179 -31.53 -10.46 16.01
CA TYR D 179 -31.65 -9.54 17.09
C TYR D 179 -32.37 -8.29 16.56
N PHE D 180 -32.92 -7.55 17.49
CA PHE D 180 -33.70 -6.35 17.14
C PHE D 180 -32.96 -5.06 17.31
N GLU D 181 -33.02 -4.26 16.27
CA GLU D 181 -32.40 -2.94 16.18
C GLU D 181 -32.58 -2.15 17.48
N GLY D 182 -31.47 -1.69 18.05
CA GLY D 182 -31.40 -0.92 19.22
C GLY D 182 -31.55 -1.58 20.59
N ASP D 183 -31.69 -2.88 20.61
CA ASP D 183 -31.82 -3.60 21.93
C ASP D 183 -30.53 -3.43 22.75
N PRO D 184 -30.69 -2.78 23.93
CA PRO D 184 -29.55 -2.52 24.83
C PRO D 184 -28.87 -3.79 25.28
N LEU D 185 -29.54 -4.93 25.32
CA LEU D 185 -28.86 -6.18 25.78
C LEU D 185 -27.80 -6.73 24.87
N ILE D 186 -27.87 -6.45 23.58
CA ILE D 186 -26.99 -7.00 22.56
C ILE D 186 -25.51 -6.92 22.82
N PRO D 187 -25.03 -5.74 23.11
CA PRO D 187 -23.59 -5.52 23.33
C PRO D 187 -23.12 -6.25 24.61
N MET D 188 -24.06 -6.63 25.44
CA MET D 188 -23.76 -7.33 26.68
C MET D 188 -23.74 -8.85 26.53
N CYS D 189 -24.42 -9.38 25.56
CA CYS D 189 -24.55 -10.82 25.37
C CYS D 189 -23.27 -11.56 25.02
N PRO D 190 -22.91 -12.52 25.87
CA PRO D 190 -21.70 -13.36 25.68
C PRO D 190 -21.85 -14.20 24.41
N ILE D 191 -23.07 -14.59 24.10
CA ILE D 191 -23.32 -15.36 22.89
C ILE D 191 -23.08 -14.46 21.65
N VAL D 192 -23.56 -13.24 21.74
CA VAL D 192 -23.40 -12.25 20.64
C VAL D 192 -21.89 -12.02 20.46
N LYS D 193 -21.24 -11.80 21.62
CA LYS D 193 -19.83 -11.57 21.71
C LYS D 193 -18.91 -12.68 21.24
N SER D 194 -19.46 -13.84 20.99
CA SER D 194 -18.66 -14.99 20.45
C SER D 194 -18.09 -14.54 19.10
N ILE D 195 -18.80 -13.55 18.52
CA ILE D 195 -18.41 -12.95 17.24
C ILE D 195 -17.47 -11.76 17.59
N ALA D 196 -16.28 -11.83 17.15
CA ALA D 196 -15.23 -10.86 17.35
C ALA D 196 -15.36 -9.58 16.53
N ASN D 197 -15.85 -9.64 15.31
CA ASN D 197 -15.99 -8.47 14.44
C ASN D 197 -17.32 -7.75 14.61
N PRO D 198 -17.28 -6.59 15.21
CA PRO D 198 -18.46 -5.74 15.44
C PRO D 198 -19.26 -5.59 14.16
N GLU D 199 -18.57 -5.58 13.04
CA GLU D 199 -19.18 -5.48 11.71
C GLU D 199 -20.05 -6.70 11.43
N ALA D 200 -19.64 -7.86 11.89
CA ALA D 200 -20.37 -9.13 11.70
C ALA D 200 -21.63 -9.13 12.57
N VAL D 201 -21.43 -8.47 13.76
CA VAL D 201 -22.50 -8.37 14.73
C VAL D 201 -23.68 -7.63 14.08
N GLN D 202 -23.36 -6.51 13.42
CA GLN D 202 -24.33 -5.69 12.72
C GLN D 202 -25.13 -6.55 11.71
N GLN D 203 -24.53 -7.59 11.14
CA GLN D 203 -25.29 -8.40 10.19
C GLN D 203 -26.47 -9.16 10.84
N LEU D 204 -26.48 -9.34 12.15
CA LEU D 204 -27.52 -10.13 12.83
C LEU D 204 -28.66 -9.32 13.41
N ILE D 205 -28.58 -8.03 13.19
CA ILE D 205 -29.61 -7.12 13.69
C ILE D 205 -30.68 -6.78 12.65
N ALA D 206 -31.87 -7.24 12.87
CA ALA D 206 -33.05 -6.95 12.04
C ALA D 206 -33.32 -5.46 12.15
N LYS D 207 -33.60 -4.76 11.04
CA LYS D 207 -33.87 -3.32 11.09
C LYS D 207 -35.36 -3.01 10.98
N LEU D 208 -35.85 -2.08 11.80
CA LEU D 208 -37.29 -1.69 11.74
C LEU D 208 -37.58 -1.29 10.27
N ASP D 209 -38.71 -1.79 9.80
CA ASP D 209 -39.07 -1.51 8.35
C ASP D 209 -40.51 -0.97 8.28
N MET D 210 -40.64 0.32 8.48
CA MET D 210 -41.92 1.03 8.46
C MET D 210 -42.64 0.86 7.09
N ASN D 211 -41.91 0.71 6.03
CA ASN D 211 -42.48 0.53 4.67
C ASN D 211 -43.24 -0.78 4.50
N ASN D 212 -42.93 -1.80 5.28
CA ASN D 212 -43.51 -3.09 5.27
C ASN D 212 -44.54 -3.29 6.39
N ALA D 213 -44.68 -2.26 7.23
CA ALA D 213 -45.64 -2.41 8.32
C ALA D 213 -47.06 -2.28 7.77
N ASN D 214 -47.99 -2.81 8.49
CA ASN D 214 -49.42 -2.77 8.21
C ASN D 214 -50.03 -1.73 9.21
N PRO D 215 -50.32 -0.56 8.66
CA PRO D 215 -50.89 0.51 9.49
C PRO D 215 -52.02 -0.02 10.34
N MET D 216 -52.04 0.46 11.58
CA MET D 216 -53.04 0.10 12.60
C MET D 216 -53.04 -1.40 12.78
N ASP D 217 -52.01 -2.10 12.44
CA ASP D 217 -52.04 -3.60 12.54
C ASP D 217 -50.79 -4.19 13.15
N CYS D 218 -49.72 -4.25 12.35
CA CYS D 218 -48.43 -4.80 12.82
C CYS D 218 -47.25 -4.07 12.20
N LEU D 219 -46.19 -4.00 12.98
CA LEU D 219 -44.92 -3.40 12.54
C LEU D 219 -44.16 -4.48 11.74
N ALA D 220 -43.02 -4.09 11.22
CA ALA D 220 -42.18 -5.04 10.46
C ALA D 220 -40.70 -4.80 10.64
N TYR D 221 -39.94 -5.90 10.53
CA TYR D 221 -38.51 -5.96 10.62
C TYR D 221 -37.94 -6.62 9.38
N ARG D 222 -36.83 -6.07 8.93
CA ARG D 222 -36.12 -6.57 7.73
C ARG D 222 -34.90 -7.35 8.18
N PHE D 223 -34.71 -8.53 7.63
CA PHE D 223 -33.59 -9.39 7.94
C PHE D 223 -33.19 -10.18 6.67
N ASP D 224 -32.15 -9.75 6.05
CA ASP D 224 -31.63 -10.39 4.82
C ASP D 224 -30.53 -11.33 5.30
N ILE D 225 -30.41 -12.42 4.63
CA ILE D 225 -29.39 -13.42 5.05
C ILE D 225 -28.57 -13.66 3.77
N VAL D 226 -27.28 -13.83 3.96
CA VAL D 226 -26.36 -14.06 2.89
C VAL D 226 -25.68 -15.43 3.14
N LEU D 227 -25.76 -16.27 2.12
CA LEU D 227 -25.17 -17.61 2.16
C LEU D 227 -23.91 -17.60 1.28
N ARG D 228 -23.05 -18.54 1.53
CA ARG D 228 -21.81 -18.69 0.79
C ARG D 228 -22.10 -18.53 -0.73
N GLY D 229 -21.21 -17.79 -1.34
CA GLY D 229 -21.25 -17.52 -2.78
C GLY D 229 -21.09 -18.88 -3.49
N GLN D 230 -21.83 -19.03 -4.56
CA GLN D 230 -21.85 -20.17 -5.44
C GLN D 230 -21.25 -19.80 -6.80
N ARG D 231 -20.18 -20.42 -7.17
CA ARG D 231 -19.54 -20.20 -8.49
C ARG D 231 -19.43 -21.55 -9.19
N LYS D 232 -19.21 -21.47 -10.50
CA LYS D 232 -19.02 -22.71 -11.32
C LYS D 232 -17.54 -23.11 -11.22
N THR D 233 -17.27 -24.39 -11.39
CA THR D 233 -15.86 -24.82 -11.31
C THR D 233 -15.22 -24.32 -12.62
N HIS D 234 -13.92 -24.13 -12.57
CA HIS D 234 -13.18 -23.70 -13.77
C HIS D 234 -11.76 -24.33 -13.68
N PHE D 235 -11.28 -24.58 -14.86
CA PHE D 235 -9.98 -25.16 -15.11
C PHE D 235 -9.64 -26.23 -14.10
N GLU D 236 -10.64 -26.95 -13.56
CA GLU D 236 -10.31 -28.01 -12.58
C GLU D 236 -9.68 -29.26 -13.09
N PRO E 1 -27.07 1.94 29.03
CA PRO E 1 -27.47 1.47 30.34
C PRO E 1 -26.80 2.32 31.47
N ILE E 2 -27.19 1.96 32.70
CA ILE E 2 -26.62 2.70 33.87
C ILE E 2 -25.26 2.08 34.26
N GLU E 3 -24.28 2.90 34.54
CA GLU E 3 -22.95 2.41 34.96
C GLU E 3 -22.62 2.93 36.36
N LEU E 4 -22.09 2.05 37.20
CA LEU E 4 -21.70 2.53 38.59
C LEU E 4 -20.17 2.76 38.57
N LEU E 5 -19.62 3.03 39.75
CA LEU E 5 -18.14 3.11 39.81
C LEU E 5 -17.69 1.64 39.59
N PRO E 6 -16.56 1.48 38.96
CA PRO E 6 -16.03 0.12 38.75
C PRO E 6 -15.34 -0.31 40.06
N GLU E 7 -15.53 -1.58 40.41
CA GLU E 7 -14.85 -2.11 41.64
C GLU E 7 -13.36 -2.08 41.34
N THR E 8 -12.56 -1.89 42.36
CA THR E 8 -11.09 -1.95 42.22
C THR E 8 -10.77 -3.40 41.80
N PRO E 9 -9.89 -3.57 40.82
CA PRO E 9 -9.49 -4.88 40.36
C PRO E 9 -8.59 -5.62 41.35
N SER E 10 -8.73 -6.95 41.33
CA SER E 10 -7.95 -7.84 42.13
C SER E 10 -6.56 -8.06 41.55
N GLN E 11 -5.66 -8.60 42.34
CA GLN E 11 -4.29 -8.97 41.95
C GLN E 11 -3.99 -10.23 42.85
N THR E 12 -3.04 -11.01 42.46
CA THR E 12 -2.64 -12.22 43.15
C THR E 12 -2.13 -11.76 44.58
N ALA E 13 -2.35 -12.72 45.47
CA ALA E 13 -1.93 -12.42 46.90
C ALA E 13 -0.41 -12.41 46.89
N GLY E 14 0.20 -13.17 45.98
CA GLY E 14 1.69 -13.19 45.92
C GLY E 14 2.20 -14.29 46.87
N PRO E 15 3.46 -14.68 46.67
CA PRO E 15 4.09 -15.71 47.48
C PRO E 15 4.28 -15.35 48.95
N TYR E 16 4.42 -14.08 49.26
CA TYR E 16 4.64 -13.64 50.64
C TYR E 16 3.42 -13.17 51.36
N VAL E 17 2.26 -13.66 50.97
CA VAL E 17 1.00 -13.26 51.64
C VAL E 17 1.05 -13.49 53.16
N HIS E 18 1.83 -14.50 53.57
CA HIS E 18 1.90 -14.86 55.00
C HIS E 18 2.40 -13.73 55.87
N ILE E 19 3.34 -12.96 55.33
CA ILE E 19 3.90 -11.84 56.06
C ILE E 19 2.73 -10.99 56.56
N GLY E 20 1.70 -10.87 55.73
CA GLY E 20 0.57 -10.05 56.07
C GLY E 20 -0.63 -10.66 56.70
N LEU E 21 -0.90 -11.91 56.32
CA LEU E 21 -2.11 -12.59 56.79
C LEU E 21 -1.89 -13.88 57.55
N ALA E 22 -0.67 -14.32 57.63
CA ALA E 22 -0.35 -15.60 58.33
C ALA E 22 1.06 -15.45 58.95
N LEU E 23 1.13 -14.48 59.88
CA LEU E 23 2.37 -14.10 60.54
C LEU E 23 3.30 -15.22 60.94
N GLU E 24 2.80 -16.16 61.69
CA GLU E 24 3.56 -17.34 62.16
C GLU E 24 4.26 -18.03 61.00
N ALA E 25 3.46 -18.34 60.00
CA ALA E 25 3.87 -19.02 58.77
C ALA E 25 5.03 -18.31 58.08
N ALA E 26 5.00 -16.99 58.13
CA ALA E 26 6.07 -16.17 57.53
C ALA E 26 7.38 -16.35 58.35
N GLY E 27 7.14 -16.79 59.58
CA GLY E 27 8.22 -17.04 60.55
C GLY E 27 8.54 -15.70 61.25
N ASN E 28 7.49 -14.90 61.42
CA ASN E 28 7.62 -13.59 62.07
C ASN E 28 6.74 -13.61 63.33
N PRO E 29 7.11 -12.73 64.24
CA PRO E 29 6.38 -12.60 65.51
C PRO E 29 4.94 -12.21 65.20
N THR E 30 4.03 -12.78 65.97
CA THR E 30 2.59 -12.46 65.76
C THR E 30 2.29 -11.24 66.60
N ARG E 31 1.08 -10.74 66.47
CA ARG E 31 0.64 -9.56 67.28
C ARG E 31 -0.22 -10.15 68.42
N ASP E 32 -0.75 -9.26 69.24
CA ASP E 32 -1.58 -9.69 70.37
C ASP E 32 -2.75 -10.52 69.90
N GLN E 33 -3.52 -9.98 68.95
CA GLN E 33 -4.68 -10.68 68.39
C GLN E 33 -4.47 -10.98 66.90
N GLU E 34 -4.57 -12.24 66.54
CA GLU E 34 -4.44 -12.71 65.17
C GLU E 34 -5.68 -13.53 64.73
N ILE E 35 -6.02 -13.38 63.46
CA ILE E 35 -7.15 -14.15 62.88
C ILE E 35 -6.52 -15.45 62.37
N TRP E 36 -6.91 -16.56 62.99
CA TRP E 36 -6.32 -17.85 62.63
C TRP E 36 -7.29 -18.98 62.46
N ASN E 37 -6.81 -20.20 62.46
CA ASN E 37 -7.51 -21.43 62.24
C ASN E 37 -8.26 -22.13 63.33
N ARG E 38 -8.63 -21.44 64.40
CA ARG E 38 -9.40 -22.03 65.51
C ARG E 38 -10.69 -21.25 65.68
N LEU E 39 -11.71 -21.73 64.99
CA LEU E 39 -13.03 -21.10 65.00
C LEU E 39 -13.79 -21.37 66.29
N ALA E 40 -13.54 -22.58 66.82
CA ALA E 40 -14.24 -22.97 68.06
C ALA E 40 -13.33 -23.28 69.24
N LYS E 41 -13.74 -22.70 70.35
CA LYS E 41 -13.04 -22.97 71.66
C LYS E 41 -13.59 -24.36 72.07
N PRO E 42 -12.75 -25.18 72.66
CA PRO E 42 -13.09 -26.53 73.07
C PRO E 42 -14.45 -26.68 73.70
N ASP E 43 -14.93 -25.64 74.35
CA ASP E 43 -16.25 -25.71 75.02
C ASP E 43 -17.38 -25.17 74.18
N ALA E 44 -17.22 -25.06 72.87
CA ALA E 44 -18.34 -24.52 72.06
C ALA E 44 -19.30 -25.66 71.71
N PRO E 45 -20.57 -25.31 71.71
CA PRO E 45 -21.65 -26.24 71.36
C PRO E 45 -21.43 -26.74 69.92
N GLY E 46 -21.89 -27.95 69.70
CA GLY E 46 -21.83 -28.63 68.42
C GLY E 46 -20.82 -29.75 68.38
N GLU E 47 -20.78 -30.38 67.22
CA GLU E 47 -19.85 -31.50 66.98
C GLU E 47 -18.51 -30.97 66.50
N HIS E 48 -17.52 -31.02 67.35
CA HIS E 48 -16.17 -30.56 67.04
C HIS E 48 -15.53 -31.40 65.95
N ILE E 49 -15.00 -30.71 64.95
CA ILE E 49 -14.32 -31.42 63.85
C ILE E 49 -12.98 -30.76 63.53
N LEU E 50 -12.14 -31.55 62.93
CA LEU E 50 -10.83 -31.18 62.44
C LEU E 50 -10.96 -31.29 60.90
N LEU E 51 -10.56 -30.24 60.23
CA LEU E 51 -10.61 -30.23 58.74
C LEU E 51 -9.13 -30.05 58.31
N LEU E 52 -8.84 -30.69 57.21
CA LEU E 52 -7.50 -30.65 56.63
C LEU E 52 -7.61 -31.03 55.14
N GLY E 53 -6.60 -30.60 54.41
CA GLY E 53 -6.52 -30.89 53.00
C GLY E 53 -5.25 -30.28 52.40
N GLN E 54 -5.12 -30.63 51.16
CA GLN E 54 -4.06 -30.25 50.24
C GLN E 54 -4.72 -29.56 49.04
N VAL E 55 -3.90 -28.83 48.35
CA VAL E 55 -4.25 -28.02 47.19
C VAL E 55 -3.25 -28.41 46.09
N TYR E 56 -3.79 -28.80 44.97
CA TYR E 56 -3.03 -29.23 43.80
C TYR E 56 -3.24 -28.28 42.61
N ASP E 57 -2.24 -28.21 41.78
CA ASP E 57 -2.23 -27.38 40.55
C ASP E 57 -2.57 -28.28 39.38
N GLY E 58 -2.63 -27.75 38.19
CA GLY E 58 -2.96 -28.52 36.99
C GLY E 58 -2.00 -29.65 36.67
N ASN E 59 -0.83 -29.68 37.27
CA ASN E 59 0.19 -30.70 37.02
C ASN E 59 0.12 -31.79 38.10
N GLY E 60 -0.78 -31.58 39.04
CA GLY E 60 -0.97 -32.49 40.15
C GLY E 60 0.04 -32.15 41.27
N HIS E 61 0.72 -31.03 41.16
CA HIS E 61 1.72 -30.65 42.18
C HIS E 61 1.07 -29.89 43.32
N LEU E 62 1.59 -30.10 44.52
CA LEU E 62 1.02 -29.45 45.72
C LEU E 62 1.33 -27.94 45.59
N VAL E 63 0.38 -27.19 46.05
CA VAL E 63 0.49 -25.69 46.07
C VAL E 63 0.81 -25.38 47.54
N ARG E 64 2.09 -25.15 47.79
CA ARG E 64 2.53 -24.89 49.18
C ARG E 64 2.44 -23.51 49.70
N ASP E 65 2.06 -22.52 48.90
CA ASP E 65 1.96 -21.10 49.34
C ASP E 65 0.51 -20.65 49.32
N SER E 66 -0.39 -21.66 49.36
CA SER E 66 -1.83 -21.27 49.32
C SER E 66 -2.27 -20.64 50.63
N PHE E 67 -3.28 -19.82 50.57
CA PHE E 67 -3.88 -19.12 51.71
C PHE E 67 -5.42 -19.22 51.53
N LEU E 68 -6.10 -19.73 52.55
CA LEU E 68 -7.56 -19.89 52.53
C LEU E 68 -8.23 -19.17 53.69
N GLU E 69 -9.44 -18.74 53.45
CA GLU E 69 -10.34 -18.08 54.38
C GLU E 69 -11.66 -18.87 54.34
N VAL E 70 -12.26 -19.03 55.49
CA VAL E 70 -13.50 -19.74 55.70
C VAL E 70 -14.52 -18.91 56.42
N TRP E 71 -15.76 -19.27 56.11
CA TRP E 71 -16.97 -18.66 56.64
C TRP E 71 -18.09 -19.71 56.69
N GLN E 72 -18.57 -19.93 57.89
CA GLN E 72 -19.63 -20.93 58.17
C GLN E 72 -20.52 -20.48 59.34
N ALA E 73 -21.68 -21.09 59.38
CA ALA E 73 -22.65 -20.86 60.48
C ALA E 73 -22.20 -21.77 61.67
N ASP E 74 -22.80 -21.43 62.81
CA ASP E 74 -22.50 -22.24 64.05
C ASP E 74 -23.32 -23.53 63.93
N ALA E 75 -23.21 -24.33 64.99
CA ALA E 75 -23.92 -25.61 65.10
C ALA E 75 -25.43 -25.39 65.01
N ASN E 76 -25.90 -24.18 65.27
CA ASN E 76 -27.34 -23.88 65.18
C ASN E 76 -27.70 -23.25 63.81
N GLY E 77 -26.77 -23.28 62.89
CA GLY E 77 -27.01 -22.69 61.57
C GLY E 77 -27.15 -21.17 61.63
N GLU E 78 -26.33 -20.52 62.43
CA GLU E 78 -26.26 -19.09 62.62
C GLU E 78 -24.82 -18.59 62.34
N TYR E 79 -24.83 -17.44 61.65
CA TYR E 79 -23.55 -16.77 61.30
C TYR E 79 -23.24 -15.73 62.40
N GLN E 80 -22.12 -15.99 63.05
CA GLN E 80 -21.64 -15.08 64.14
C GLN E 80 -20.65 -14.14 63.46
N ASP E 81 -21.12 -12.97 63.12
CA ASP E 81 -20.34 -11.95 62.41
C ASP E 81 -19.45 -11.14 63.33
N ALA E 82 -19.91 -10.93 64.57
CA ALA E 82 -19.09 -10.17 65.53
C ALA E 82 -17.89 -11.04 65.88
N TYR E 83 -16.77 -10.73 65.25
CA TYR E 83 -15.52 -11.46 65.47
C TYR E 83 -14.86 -10.97 66.76
N ASN E 84 -14.48 -11.96 67.54
CA ASN E 84 -13.86 -11.70 68.88
C ASN E 84 -13.13 -12.96 69.33
N LEU E 85 -11.88 -12.77 69.73
CA LEU E 85 -11.05 -13.91 70.19
C LEU E 85 -11.62 -14.52 71.45
N GLU E 86 -12.50 -13.80 72.10
CA GLU E 86 -13.18 -14.21 73.31
C GLU E 86 -14.27 -15.23 73.06
N ASN E 87 -15.11 -14.97 72.08
CA ASN E 87 -16.21 -15.88 71.71
C ASN E 87 -15.66 -17.32 71.68
N ALA E 88 -16.59 -18.21 72.00
CA ALA E 88 -16.29 -19.67 72.01
C ALA E 88 -16.28 -20.20 70.56
N PHE E 89 -16.98 -19.43 69.73
CA PHE E 89 -17.15 -19.65 68.32
C PHE E 89 -17.12 -18.41 67.42
N ASN E 90 -16.31 -18.53 66.37
CA ASN E 90 -16.20 -17.48 65.33
C ASN E 90 -16.52 -18.19 63.99
N SER E 91 -17.38 -17.54 63.25
CA SER E 91 -17.82 -18.03 61.91
C SER E 91 -16.74 -17.90 60.85
N PHE E 92 -15.85 -16.92 61.09
CA PHE E 92 -14.72 -16.59 60.22
C PHE E 92 -13.39 -17.13 60.71
N GLY E 93 -12.62 -17.64 59.76
CA GLY E 93 -11.27 -18.18 60.04
C GLY E 93 -10.33 -18.05 58.83
N ARG E 94 -9.05 -18.27 59.14
CA ARG E 94 -7.97 -18.22 58.14
C ARG E 94 -7.02 -19.40 58.41
N THR E 95 -6.44 -19.89 57.36
CA THR E 95 -5.51 -20.99 57.35
C THR E 95 -4.59 -20.91 56.13
N ALA E 96 -3.65 -21.82 56.07
CA ALA E 96 -2.66 -21.80 54.98
C ALA E 96 -1.91 -23.09 54.92
N THR E 97 -1.43 -23.49 53.76
CA THR E 97 -0.70 -24.74 53.59
C THR E 97 0.76 -24.61 53.97
N THR E 98 1.28 -25.72 54.50
CA THR E 98 2.65 -25.84 54.96
C THR E 98 3.69 -25.82 53.87
N PHE E 99 4.76 -25.07 54.16
CA PHE E 99 5.85 -24.99 53.13
C PHE E 99 6.41 -26.40 52.94
N ASP E 100 6.24 -27.25 53.94
CA ASP E 100 6.76 -28.65 53.81
C ASP E 100 5.62 -29.52 53.31
N ALA E 101 5.07 -30.32 54.20
CA ALA E 101 3.93 -31.19 53.88
C ALA E 101 2.94 -30.57 52.90
N GLY E 102 2.67 -29.28 52.98
CA GLY E 102 1.73 -28.58 52.11
C GLY E 102 0.25 -28.87 52.42
N GLU E 103 -0.01 -29.10 53.69
CA GLU E 103 -1.36 -29.40 54.19
C GLU E 103 -1.84 -28.29 55.08
N TRP E 104 -3.12 -27.99 55.00
CA TRP E 104 -3.80 -26.98 55.78
C TRP E 104 -4.72 -27.69 56.79
N THR E 105 -4.97 -27.06 57.91
CA THR E 105 -5.84 -27.61 58.95
C THR E 105 -6.69 -26.49 59.50
N LEU E 106 -7.83 -26.91 60.01
CA LEU E 106 -8.81 -25.96 60.60
C LEU E 106 -9.53 -26.71 61.73
N HIS E 107 -9.71 -26.08 62.84
CA HIS E 107 -10.37 -26.55 64.05
C HIS E 107 -11.69 -25.79 64.23
N THR E 108 -12.77 -26.52 64.03
CA THR E 108 -14.12 -25.91 64.16
C THR E 108 -15.14 -26.96 64.57
N VAL E 109 -16.38 -26.59 64.37
CA VAL E 109 -17.60 -27.30 64.57
C VAL E 109 -18.39 -27.30 63.22
N LYS E 110 -19.02 -28.45 63.08
CA LYS E 110 -19.88 -28.76 61.92
C LYS E 110 -21.04 -27.77 61.94
N PRO E 111 -21.22 -27.07 60.80
CA PRO E 111 -22.27 -26.07 60.67
C PRO E 111 -23.69 -26.64 60.59
N GLY E 112 -24.61 -25.83 61.07
CA GLY E 112 -26.05 -26.10 61.06
C GLY E 112 -26.53 -25.67 59.65
N VAL E 113 -27.77 -26.00 59.36
CA VAL E 113 -28.45 -25.74 58.09
C VAL E 113 -28.95 -24.29 58.04
N VAL E 114 -28.71 -23.72 56.88
CA VAL E 114 -29.17 -22.33 56.61
C VAL E 114 -30.09 -22.43 55.38
N ASN E 115 -31.05 -21.54 55.28
CA ASN E 115 -31.97 -21.57 54.10
C ASN E 115 -31.42 -20.57 53.07
N ASN E 116 -31.78 -20.82 51.83
CA ASN E 116 -31.37 -19.93 50.72
C ASN E 116 -32.40 -18.80 50.67
N ALA E 117 -32.21 -17.89 49.75
CA ALA E 117 -33.11 -16.75 49.58
C ALA E 117 -34.56 -17.23 49.40
N ALA E 118 -34.79 -18.34 48.74
CA ALA E 118 -36.11 -18.90 48.52
C ALA E 118 -36.75 -19.57 49.73
N GLY E 119 -35.97 -19.86 50.76
CA GLY E 119 -36.46 -20.48 51.99
C GLY E 119 -36.16 -21.97 52.07
N VAL E 120 -35.52 -22.47 51.06
CA VAL E 120 -35.11 -23.89 50.99
C VAL E 120 -33.76 -24.04 51.71
N PRO E 121 -33.65 -25.06 52.55
CA PRO E 121 -32.43 -25.33 53.30
C PRO E 121 -31.26 -25.85 52.47
N MET E 122 -30.05 -25.46 52.84
CA MET E 122 -28.85 -25.94 52.09
C MET E 122 -28.20 -27.02 52.96
N ALA E 123 -27.54 -27.97 52.33
CA ALA E 123 -26.85 -29.00 53.20
C ALA E 123 -25.80 -28.17 53.99
N PRO E 124 -25.42 -28.70 55.14
CA PRO E 124 -24.39 -28.04 55.97
C PRO E 124 -23.18 -27.79 55.08
N HIS E 125 -22.62 -26.59 55.18
CA HIS E 125 -21.43 -26.27 54.35
C HIS E 125 -20.59 -25.14 54.95
N ILE E 126 -19.34 -25.16 54.54
CA ILE E 126 -18.30 -24.21 54.83
C ILE E 126 -17.95 -23.47 53.49
N ASN E 127 -18.03 -22.17 53.56
CA ASN E 127 -17.71 -21.27 52.43
C ASN E 127 -16.18 -21.04 52.47
N ILE E 128 -15.55 -21.40 51.38
CA ILE E 128 -14.13 -21.23 51.23
C ILE E 128 -13.72 -20.27 50.09
N SER E 129 -12.68 -19.53 50.39
CA SER E 129 -12.01 -18.59 49.46
C SER E 129 -10.51 -18.96 49.44
N LEU E 130 -10.02 -19.16 48.24
CA LEU E 130 -8.61 -19.54 48.03
C LEU E 130 -7.84 -18.43 47.27
N PHE E 131 -6.70 -18.11 47.82
CA PHE E 131 -5.72 -17.12 47.37
C PHE E 131 -4.36 -17.80 47.28
N ALA E 132 -3.49 -17.29 46.41
CA ALA E 132 -2.18 -17.71 46.13
C ALA E 132 -1.61 -17.05 44.83
N ARG E 133 -0.32 -17.22 44.83
CA ARG E 133 0.58 -16.77 43.74
C ARG E 133 0.01 -17.52 42.48
N GLY E 134 -0.07 -16.74 41.38
CA GLY E 134 -0.58 -17.47 40.17
C GLY E 134 -2.10 -17.41 40.17
N ILE E 135 -2.69 -16.88 41.17
CA ILE E 135 -4.16 -16.77 41.28
C ILE E 135 -4.50 -15.29 41.25
N ASN E 136 -4.90 -14.81 40.04
CA ASN E 136 -5.19 -13.40 39.83
C ASN E 136 -6.39 -12.92 40.65
N ILE E 137 -7.39 -13.78 40.69
CA ILE E 137 -8.61 -13.45 41.48
C ILE E 137 -8.96 -14.69 42.29
N HIS E 138 -9.18 -14.52 43.59
CA HIS E 138 -9.48 -15.62 44.49
C HIS E 138 -10.63 -16.50 44.00
N LEU E 139 -10.44 -17.78 44.28
CA LEU E 139 -11.49 -18.78 43.89
C LEU E 139 -12.38 -19.06 45.11
N HIS E 140 -13.64 -19.17 44.85
CA HIS E 140 -14.69 -19.50 45.81
C HIS E 140 -15.18 -20.95 45.59
N THR E 141 -15.35 -21.66 46.67
CA THR E 141 -15.82 -23.02 46.75
C THR E 141 -16.63 -23.25 48.04
N ARG E 142 -17.14 -24.41 48.19
CA ARG E 142 -17.95 -24.85 49.32
C ARG E 142 -17.49 -26.27 49.70
N LEU E 143 -17.42 -26.46 51.02
CA LEU E 143 -17.03 -27.81 51.52
C LEU E 143 -18.34 -28.41 52.09
N TYR E 144 -18.67 -29.58 51.60
CA TYR E 144 -19.83 -30.35 52.07
C TYR E 144 -19.24 -31.63 52.73
N PHE E 145 -20.05 -32.25 53.55
CA PHE E 145 -19.69 -33.45 54.32
C PHE E 145 -20.33 -34.71 53.77
N ASP E 146 -19.51 -35.72 53.54
CA ASP E 146 -19.90 -37.00 53.01
C ASP E 146 -20.98 -37.72 53.85
N ASP E 147 -21.08 -37.38 55.10
CA ASP E 147 -22.03 -37.99 56.01
C ASP E 147 -23.37 -37.30 56.05
N GLU E 148 -23.59 -36.27 55.26
CA GLU E 148 -24.84 -35.52 55.17
C GLU E 148 -25.51 -35.76 53.79
N ALA E 149 -25.20 -36.94 53.31
CA ALA E 149 -25.67 -37.46 52.03
C ALA E 149 -27.09 -37.05 51.74
N GLN E 150 -27.98 -37.26 52.68
CA GLN E 150 -29.39 -36.95 52.56
C GLN E 150 -29.57 -35.46 52.23
N ALA E 151 -28.97 -34.62 53.02
CA ALA E 151 -29.04 -33.16 52.87
C ALA E 151 -28.51 -32.74 51.49
N ASN E 152 -27.34 -33.25 51.20
CA ASN E 152 -26.60 -32.99 49.99
C ASN E 152 -27.42 -33.18 48.71
N ALA E 153 -28.12 -34.29 48.64
CA ALA E 153 -28.94 -34.63 47.49
C ALA E 153 -30.03 -33.59 47.27
N LYS E 154 -30.38 -32.88 48.34
CA LYS E 154 -31.44 -31.86 48.17
C LYS E 154 -30.98 -30.43 48.19
N CYS E 155 -29.68 -30.19 48.35
CA CYS E 155 -29.16 -28.81 48.39
C CYS E 155 -29.44 -28.10 47.07
N PRO E 156 -30.05 -26.92 47.20
CA PRO E 156 -30.37 -26.10 46.02
C PRO E 156 -29.09 -25.68 45.33
N VAL E 157 -28.01 -25.52 46.11
CA VAL E 157 -26.73 -25.08 45.51
C VAL E 157 -26.06 -26.17 44.70
N LEU E 158 -25.92 -27.30 45.36
CA LEU E 158 -25.30 -28.50 44.79
C LEU E 158 -26.03 -28.89 43.49
N ASN E 159 -27.34 -28.71 43.49
CA ASN E 159 -28.23 -29.01 42.41
C ASN E 159 -28.01 -28.10 41.19
N LEU E 160 -27.48 -26.92 41.41
CA LEU E 160 -27.17 -26.00 40.32
C LEU E 160 -26.02 -26.55 39.48
N ILE E 161 -25.20 -27.42 40.05
CA ILE E 161 -24.07 -27.97 39.27
C ILE E 161 -24.70 -28.98 38.28
N GLU E 162 -24.58 -28.66 37.01
CA GLU E 162 -25.12 -29.49 35.94
C GLU E 162 -24.77 -30.96 35.97
N GLN E 163 -23.50 -31.31 36.02
CA GLN E 163 -23.01 -32.68 36.02
C GLN E 163 -22.81 -33.21 37.44
N PRO E 164 -23.52 -34.30 37.71
CA PRO E 164 -23.49 -34.98 39.00
C PRO E 164 -22.09 -35.36 39.47
N GLN E 165 -21.23 -35.71 38.53
CA GLN E 165 -19.85 -36.09 38.85
C GLN E 165 -19.06 -34.94 39.46
N ARG E 166 -19.35 -33.73 39.05
CA ARG E 166 -18.70 -32.51 39.50
C ARG E 166 -19.09 -32.14 40.93
N ARG E 167 -20.28 -32.55 41.33
CA ARG E 167 -20.81 -32.27 42.67
C ARG E 167 -19.93 -32.99 43.72
N GLU E 168 -19.48 -34.17 43.34
CA GLU E 168 -18.65 -34.99 44.21
C GLU E 168 -17.38 -34.28 44.64
N THR E 169 -16.90 -33.35 43.85
CA THR E 169 -15.68 -32.61 44.13
C THR E 169 -15.80 -31.72 45.38
N LEU E 170 -17.00 -31.46 45.79
CA LEU E 170 -17.33 -30.63 46.92
C LEU E 170 -17.55 -31.43 48.20
N ILE E 171 -17.44 -32.73 48.14
CA ILE E 171 -17.69 -33.55 49.36
C ILE E 171 -16.49 -33.94 50.17
N ALA E 172 -16.43 -33.49 51.41
CA ALA E 172 -15.30 -33.84 52.33
C ALA E 172 -15.48 -35.28 52.81
N LYS E 173 -14.42 -36.05 52.81
CA LYS E 173 -14.41 -37.45 53.21
C LYS E 173 -14.00 -37.58 54.69
N ARG E 174 -15.01 -37.97 55.45
CA ARG E 174 -14.88 -38.15 56.90
C ARG E 174 -13.82 -39.21 57.25
N CYS E 175 -13.24 -39.01 58.42
CA CYS E 175 -12.21 -39.87 59.01
C CYS E 175 -12.01 -39.45 60.48
N GLU E 176 -10.90 -39.90 61.02
CA GLU E 176 -10.52 -39.65 62.41
C GLU E 176 -9.02 -39.48 62.56
N VAL E 177 -8.71 -38.42 63.30
CA VAL E 177 -7.30 -38.03 63.57
C VAL E 177 -7.20 -37.91 65.09
N ASP E 178 -6.28 -38.69 65.64
CA ASP E 178 -6.07 -38.69 67.11
C ASP E 178 -7.39 -39.01 67.82
N GLY E 179 -8.19 -39.90 67.26
CA GLY E 179 -9.48 -40.22 67.91
C GLY E 179 -10.49 -39.10 67.76
N LYS E 180 -10.15 -38.11 66.94
CA LYS E 180 -11.04 -36.96 66.67
C LYS E 180 -11.63 -37.06 65.25
N THR E 181 -12.86 -36.57 65.14
CA THR E 181 -13.59 -36.56 63.87
C THR E 181 -12.86 -35.58 62.91
N ALA E 182 -12.41 -36.10 61.82
CA ALA E 182 -11.70 -35.31 60.79
C ALA E 182 -12.35 -35.47 59.41
N TYR E 183 -12.27 -34.40 58.61
CA TYR E 183 -12.76 -34.41 57.24
C TYR E 183 -11.64 -33.84 56.33
N ARG E 184 -11.27 -34.65 55.37
CA ARG E 184 -10.27 -34.30 54.39
C ARG E 184 -10.96 -33.69 53.14
N PHE E 185 -10.44 -32.53 52.79
CA PHE E 185 -10.95 -31.76 51.64
C PHE E 185 -9.82 -31.24 50.75
N ASP E 186 -9.55 -32.00 49.70
CA ASP E 186 -8.52 -31.66 48.72
C ASP E 186 -9.14 -30.75 47.63
N ILE E 187 -8.33 -29.80 47.18
CA ILE E 187 -8.75 -28.86 46.17
C ILE E 187 -7.89 -29.07 44.92
N ARG E 188 -8.57 -29.40 43.84
CA ARG E 188 -7.80 -29.57 42.55
C ARG E 188 -8.20 -28.34 41.74
N ILE E 189 -7.30 -27.40 41.66
CA ILE E 189 -7.49 -26.14 40.95
C ILE E 189 -7.76 -26.36 39.46
N GLN E 190 -7.04 -27.31 38.89
CA GLN E 190 -7.12 -27.55 37.44
C GLN E 190 -6.95 -29.00 37.05
N GLY E 191 -7.65 -29.36 35.97
CA GLY E 191 -7.52 -30.71 35.41
C GLY E 191 -8.48 -31.76 35.92
N GLU E 192 -7.96 -33.00 35.92
CA GLU E 192 -8.72 -34.17 36.33
C GLU E 192 -9.24 -34.04 37.75
N GLY E 193 -10.56 -34.07 37.83
CA GLY E 193 -11.24 -33.96 39.15
C GLY E 193 -11.18 -32.55 39.65
N GLU E 194 -11.07 -31.56 38.75
CA GLU E 194 -11.02 -30.14 39.12
C GLU E 194 -12.19 -29.80 40.02
N THR E 195 -11.95 -29.13 41.13
CA THR E 195 -13.00 -28.77 42.08
C THR E 195 -13.91 -27.68 41.49
N VAL E 196 -15.18 -27.73 41.72
CA VAL E 196 -16.13 -26.75 41.29
C VAL E 196 -15.82 -25.40 42.01
N PHE E 197 -15.80 -24.37 41.20
CA PHE E 197 -15.53 -23.01 41.77
C PHE E 197 -16.81 -22.26 41.40
N PHE E 198 -17.21 -21.36 42.25
CA PHE E 198 -18.43 -20.58 42.07
C PHE E 198 -18.20 -19.09 41.82
N ASP E 199 -19.26 -18.48 41.27
CA ASP E 199 -19.30 -17.01 41.07
C ASP E 199 -20.62 -16.54 41.73
N PHE E 200 -20.55 -15.42 42.41
CA PHE E 200 -21.77 -14.87 43.07
C PHE E 200 -21.55 -13.36 43.25
N PRO F 1 -27.70 -12.87 64.88
CA PRO F 1 -26.51 -13.00 64.02
C PRO F 1 -26.74 -12.20 62.73
N ALA F 2 -25.89 -12.49 61.75
CA ALA F 2 -25.98 -11.79 60.45
C ALA F 2 -27.34 -12.07 59.83
N GLN F 3 -27.78 -11.17 58.98
CA GLN F 3 -29.08 -11.31 58.26
C GLN F 3 -28.90 -11.03 56.76
N ASP F 4 -29.64 -11.77 55.95
CA ASP F 4 -29.63 -11.65 54.48
C ASP F 4 -30.58 -10.50 54.08
N ASN F 5 -30.01 -9.31 54.11
CA ASN F 5 -30.79 -8.11 53.79
C ASN F 5 -30.26 -7.40 52.55
N SER F 6 -29.04 -7.81 52.17
CA SER F 6 -28.37 -7.22 51.02
C SER F 6 -28.12 -8.10 49.83
N ARG F 7 -27.99 -7.43 48.69
CA ARG F 7 -27.60 -8.10 47.43
C ARG F 7 -26.32 -7.28 47.03
N PHE F 8 -25.41 -7.96 46.37
CA PHE F 8 -24.19 -7.28 45.91
C PHE F 8 -24.16 -7.27 44.36
N VAL F 9 -23.85 -6.09 43.82
CA VAL F 9 -23.77 -5.97 42.35
C VAL F 9 -22.82 -7.08 41.87
N ILE F 10 -23.22 -7.69 40.76
CA ILE F 10 -22.45 -8.79 40.18
C ILE F 10 -21.07 -8.36 39.78
N ARG F 11 -20.07 -9.23 40.00
CA ARG F 11 -18.70 -8.83 39.59
C ARG F 11 -18.56 -8.81 38.06
N ASP F 12 -17.72 -7.86 37.66
CA ASP F 12 -17.41 -7.76 36.21
C ASP F 12 -16.04 -8.46 36.06
N ARG F 13 -16.18 -9.71 35.61
CA ARG F 13 -15.04 -10.57 35.35
C ARG F 13 -14.23 -10.24 34.13
N ASN F 14 -14.62 -9.21 33.38
CA ASN F 14 -13.82 -8.71 32.24
C ASN F 14 -13.07 -7.44 32.70
N TRP F 15 -13.44 -7.01 33.89
CA TRP F 15 -12.79 -5.81 34.53
C TRP F 15 -11.56 -6.35 35.31
N HIS F 16 -11.83 -7.34 36.17
CA HIS F 16 -10.81 -8.03 36.95
C HIS F 16 -9.96 -8.84 35.91
N PRO F 17 -8.77 -9.18 36.36
CA PRO F 17 -7.88 -9.98 35.50
C PRO F 17 -8.54 -11.36 35.41
N LYS F 18 -8.25 -12.00 34.31
CA LYS F 18 -8.77 -13.38 34.09
C LYS F 18 -7.83 -14.31 34.83
N ALA F 19 -8.19 -15.59 34.90
CA ALA F 19 -7.36 -16.59 35.58
C ALA F 19 -6.15 -16.97 34.73
N LEU F 20 -6.38 -17.24 33.42
CA LEU F 20 -5.25 -17.64 32.56
C LEU F 20 -4.62 -16.42 31.87
N THR F 21 -3.45 -16.03 32.31
CA THR F 21 -2.71 -14.87 31.73
C THR F 21 -1.27 -15.41 31.63
N PRO F 22 -1.06 -16.21 30.62
CA PRO F 22 0.19 -16.91 30.40
C PRO F 22 1.46 -16.17 30.59
N ASP F 23 1.51 -14.88 30.38
CA ASP F 23 2.74 -14.08 30.60
C ASP F 23 3.13 -14.17 32.09
N TYR F 24 2.10 -14.27 32.91
CA TYR F 24 2.37 -14.44 34.40
C TYR F 24 2.42 -16.00 34.46
N LYS F 25 3.59 -16.55 34.32
CA LYS F 25 3.81 -17.98 34.19
C LYS F 25 3.04 -18.92 35.07
N THR F 26 3.01 -18.56 36.36
CA THR F 26 2.35 -19.35 37.39
C THR F 26 0.85 -19.48 37.25
N SER F 27 0.22 -18.51 36.57
CA SER F 27 -1.23 -18.58 36.42
C SER F 27 -1.58 -19.79 35.51
N ILE F 28 -0.58 -20.24 34.80
CA ILE F 28 -0.85 -21.33 33.84
C ILE F 28 -1.41 -22.57 34.56
N ALA F 29 -0.67 -23.08 35.52
CA ALA F 29 -1.07 -24.26 36.27
C ALA F 29 -2.01 -23.95 37.42
N ARG F 30 -2.25 -22.67 37.72
CA ARG F 30 -3.16 -22.36 38.86
C ARG F 30 -4.45 -21.73 38.47
N SER F 31 -4.91 -22.05 37.26
CA SER F 31 -6.20 -21.51 36.74
C SER F 31 -7.08 -22.68 36.36
N PRO F 32 -8.32 -22.59 36.78
CA PRO F 32 -9.31 -23.65 36.51
C PRO F 32 -9.54 -23.75 35.00
N ARG F 33 -9.89 -24.89 34.53
CA ARG F 33 -10.17 -25.04 33.08
C ARG F 33 -11.68 -25.06 32.89
N GLN F 34 -12.39 -25.49 33.90
CA GLN F 34 -13.89 -25.56 33.82
C GLN F 34 -14.39 -24.15 34.12
N ALA F 35 -15.56 -23.77 33.69
CA ALA F 35 -16.11 -22.44 33.93
C ALA F 35 -16.65 -22.36 35.38
N LEU F 36 -16.69 -21.13 35.89
CA LEU F 36 -17.22 -20.89 37.23
C LEU F 36 -18.74 -21.20 37.19
N VAL F 37 -19.23 -21.72 38.30
CA VAL F 37 -20.68 -22.02 38.40
C VAL F 37 -21.34 -20.86 39.11
N SER F 38 -22.24 -20.18 38.41
CA SER F 38 -22.91 -19.02 39.02
C SER F 38 -24.01 -19.49 39.95
N ILE F 39 -24.05 -18.90 41.14
CA ILE F 39 -25.09 -19.22 42.12
C ILE F 39 -25.69 -17.91 42.60
N PRO F 40 -26.94 -18.01 43.00
CA PRO F 40 -27.66 -16.83 43.52
C PRO F 40 -27.06 -16.55 44.90
N GLN F 41 -27.15 -15.30 45.30
CA GLN F 41 -26.62 -14.83 46.61
C GLN F 41 -27.60 -15.31 47.70
N SER F 42 -27.07 -15.94 48.71
CA SER F 42 -27.81 -16.46 49.88
C SER F 42 -27.13 -15.80 51.11
N ILE F 43 -27.66 -16.07 52.27
CA ILE F 43 -27.10 -15.49 53.52
C ILE F 43 -25.64 -15.87 53.65
N SER F 44 -25.31 -17.01 53.06
CA SER F 44 -23.92 -17.52 53.11
C SER F 44 -22.97 -16.53 52.45
N GLU F 45 -23.40 -16.00 51.32
CA GLU F 45 -22.63 -15.07 50.51
C GLU F 45 -22.74 -13.64 50.90
N THR F 46 -23.88 -13.19 51.37
CA THR F 46 -24.14 -11.81 51.73
C THR F 46 -23.75 -11.38 53.13
N THR F 47 -23.12 -12.26 53.87
CA THR F 47 -22.70 -11.88 55.26
C THR F 47 -21.18 -12.07 55.25
N GLY F 48 -20.55 -11.63 56.31
CA GLY F 48 -19.09 -11.76 56.47
C GLY F 48 -18.79 -11.19 57.89
N PRO F 49 -17.55 -11.34 58.25
CA PRO F 49 -17.07 -10.89 59.60
C PRO F 49 -17.03 -9.39 59.78
N ASN F 50 -17.25 -8.97 61.02
CA ASN F 50 -17.19 -7.59 61.47
C ASN F 50 -15.99 -7.57 62.47
N PHE F 51 -15.01 -6.77 62.16
CA PHE F 51 -13.79 -6.67 62.95
C PHE F 51 -13.71 -5.54 63.95
N SER F 52 -14.84 -4.96 64.25
CA SER F 52 -14.97 -3.87 65.20
C SER F 52 -14.34 -4.20 66.55
N HIS F 53 -14.54 -5.39 67.07
CA HIS F 53 -13.99 -5.79 68.35
C HIS F 53 -12.63 -6.40 68.29
N LEU F 54 -11.99 -6.38 67.11
CA LEU F 54 -10.60 -6.98 67.08
C LEU F 54 -9.71 -6.04 67.92
N GLY F 55 -8.84 -6.64 68.70
CA GLY F 55 -7.94 -5.87 69.59
C GLY F 55 -6.71 -5.38 68.86
N PHE F 56 -6.81 -4.22 68.20
CA PHE F 56 -5.64 -3.70 67.46
C PHE F 56 -4.61 -3.07 68.42
N GLY F 57 -3.34 -3.34 68.11
CA GLY F 57 -2.22 -2.74 68.86
C GLY F 57 -2.27 -1.23 68.47
N ALA F 58 -1.55 -0.45 69.24
CA ALA F 58 -1.45 1.00 69.07
C ALA F 58 -0.76 1.46 67.78
N HIS F 59 0.22 0.71 67.37
CA HIS F 59 1.01 0.99 66.16
C HIS F 59 0.77 -0.01 65.04
N ASP F 60 -0.44 -0.55 65.00
CA ASP F 60 -0.84 -1.55 64.03
C ASP F 60 -0.74 -1.03 62.59
N HIS F 61 -1.07 0.21 62.40
CA HIS F 61 -1.05 0.90 61.11
C HIS F 61 0.19 1.74 60.86
N ASP F 62 1.15 1.67 61.80
CA ASP F 62 2.37 2.48 61.67
C ASP F 62 3.59 1.58 61.49
N LEU F 63 3.95 1.30 60.24
CA LEU F 63 5.06 0.46 59.91
C LEU F 63 6.42 1.02 60.34
N LEU F 64 6.48 2.27 60.67
CA LEU F 64 7.73 2.93 61.11
C LEU F 64 8.00 2.56 62.61
N LEU F 65 6.92 2.43 63.37
CA LEU F 65 7.01 2.11 64.80
C LEU F 65 6.72 0.69 65.20
N ASN F 66 5.95 -0.06 64.42
CA ASN F 66 5.53 -1.40 64.75
C ASN F 66 6.45 -2.55 64.67
N PHE F 67 7.69 -2.45 64.20
CA PHE F 67 8.56 -3.63 64.14
C PHE F 67 9.59 -3.48 65.31
N GLY F 71 15.30 1.93 66.49
CA GLY F 71 15.60 2.53 65.20
C GLY F 71 14.39 2.77 64.31
N LEU F 72 14.62 3.66 63.37
CA LEU F 72 13.72 4.10 62.31
C LEU F 72 14.20 3.33 61.05
N PRO F 73 13.21 2.83 60.31
CA PRO F 73 13.52 2.13 59.04
C PRO F 73 14.21 3.13 58.08
N ILE F 74 15.07 2.62 57.25
CA ILE F 74 15.69 3.52 56.23
C ILE F 74 14.73 3.48 55.05
N GLY F 75 14.56 4.56 54.35
CA GLY F 75 13.63 4.57 53.18
C GLY F 75 12.81 5.87 53.22
N GLU F 76 12.08 6.04 52.11
CA GLU F 76 11.22 7.22 51.92
C GLU F 76 9.98 7.11 52.79
N ARG F 77 9.87 8.04 53.74
CA ARG F 77 8.77 8.03 54.69
C ARG F 77 7.50 8.55 53.96
N ILE F 78 6.48 7.67 54.08
CA ILE F 78 5.21 8.11 53.46
C ILE F 78 3.99 7.65 54.25
N ILE F 79 2.97 8.38 53.93
CA ILE F 79 1.61 8.07 54.49
C ILE F 79 0.79 7.53 53.29
N VAL F 80 0.20 6.40 53.49
CA VAL F 80 -0.69 5.85 52.43
C VAL F 80 -2.10 5.94 53.06
N ALA F 81 -2.97 6.70 52.44
CA ALA F 81 -4.31 6.95 52.96
C ALA F 81 -5.31 7.02 51.79
N GLY F 82 -6.55 6.91 52.13
CA GLY F 82 -7.62 6.97 51.11
C GLY F 82 -8.92 6.54 51.74
N ARG F 83 -9.88 6.35 50.87
CA ARG F 83 -11.24 5.95 51.37
C ARG F 83 -11.72 4.67 50.73
N VAL F 84 -12.52 3.91 51.49
CA VAL F 84 -13.12 2.67 50.97
C VAL F 84 -14.64 2.99 50.81
N VAL F 85 -15.10 2.92 49.58
CA VAL F 85 -16.54 3.15 49.27
C VAL F 85 -17.02 1.96 48.41
N ASP F 86 -18.32 1.90 48.25
CA ASP F 86 -18.92 0.83 47.39
C ASP F 86 -19.14 1.48 46.03
N GLN F 87 -19.63 0.70 45.08
CA GLN F 87 -19.85 1.17 43.70
C GLN F 87 -20.92 2.26 43.66
N TYR F 88 -21.76 2.34 44.69
CA TYR F 88 -22.76 3.37 44.73
C TYR F 88 -22.11 4.65 45.27
N GLY F 89 -20.84 4.57 45.65
CA GLY F 89 -20.15 5.76 46.20
C GLY F 89 -20.34 5.86 47.71
N LYS F 90 -21.01 4.89 48.30
CA LYS F 90 -21.27 4.86 49.76
C LYS F 90 -20.02 4.41 50.49
N PRO F 91 -19.70 5.07 51.57
CA PRO F 91 -18.49 4.75 52.38
C PRO F 91 -18.68 3.38 53.06
N VAL F 92 -17.62 2.70 53.38
CA VAL F 92 -17.64 1.40 54.06
C VAL F 92 -16.92 1.58 55.40
N PRO F 93 -17.70 1.90 56.41
CA PRO F 93 -17.16 2.16 57.76
C PRO F 93 -16.76 0.89 58.49
N ASN F 94 -15.77 1.03 59.36
CA ASN F 94 -15.26 -0.02 60.21
C ASN F 94 -14.97 -1.31 59.46
N THR F 95 -14.27 -1.22 58.36
CA THR F 95 -13.94 -2.46 57.61
C THR F 95 -12.45 -2.70 57.84
N LEU F 96 -12.01 -3.91 57.60
CA LEU F 96 -10.62 -4.24 57.86
C LEU F 96 -9.75 -4.12 56.60
N VAL F 97 -8.68 -3.36 56.74
CA VAL F 97 -7.71 -3.17 55.70
C VAL F 97 -6.34 -3.64 56.25
N GLU F 98 -5.74 -4.53 55.53
CA GLU F 98 -4.42 -5.07 55.93
C GLU F 98 -3.51 -4.81 54.75
N MET F 99 -2.29 -4.53 54.98
CA MET F 99 -1.27 -4.27 53.94
C MET F 99 0.03 -4.94 54.34
N TRP F 100 0.82 -5.34 53.33
CA TRP F 100 2.11 -5.97 53.53
C TRP F 100 2.98 -5.47 52.34
N GLN F 101 4.28 -5.50 52.59
CA GLN F 101 5.19 -5.01 51.49
C GLN F 101 6.64 -5.35 51.85
N ALA F 102 7.53 -5.07 50.91
CA ALA F 102 8.97 -5.29 51.11
C ALA F 102 9.49 -3.93 51.66
N ASN F 103 10.75 -3.95 51.99
CA ASN F 103 11.48 -2.80 52.54
C ASN F 103 11.94 -1.92 51.37
N ALA F 104 12.70 -0.92 51.76
CA ALA F 104 13.20 0.11 50.82
C ALA F 104 13.96 -0.46 49.64
N GLY F 105 14.63 -1.57 49.86
CA GLY F 105 15.41 -2.26 48.86
C GLY F 105 14.70 -3.34 48.12
N GLY F 106 13.39 -3.51 48.38
CA GLY F 106 12.62 -4.56 47.70
C GLY F 106 12.83 -5.94 48.34
N ARG F 107 13.14 -5.97 49.60
CA ARG F 107 13.36 -7.22 50.36
C ARG F 107 12.22 -7.44 51.35
N TYR F 108 11.62 -8.63 51.24
CA TYR F 108 10.50 -9.00 52.13
C TYR F 108 11.04 -9.73 53.36
N ARG F 109 10.35 -9.51 54.46
CA ARG F 109 10.79 -10.23 55.73
C ARG F 109 9.97 -11.52 55.76
N HIS F 110 10.42 -12.46 54.96
CA HIS F 110 9.79 -13.77 54.76
C HIS F 110 10.88 -14.80 54.41
N LYS F 111 10.73 -15.96 55.01
CA LYS F 111 11.59 -17.11 54.92
C LYS F 111 12.05 -17.42 53.49
N ASN F 112 11.06 -17.39 52.59
CA ASN F 112 11.26 -17.74 51.20
C ASN F 112 11.88 -16.68 50.33
N ASP F 113 12.12 -15.49 50.83
CA ASP F 113 12.72 -14.41 50.03
C ASP F 113 14.25 -14.46 50.09
N ARG F 114 14.82 -14.85 48.95
CA ARG F 114 16.31 -14.93 48.90
C ARG F 114 16.92 -13.82 48.08
N TYR F 115 16.18 -12.73 47.90
CA TYR F 115 16.73 -11.59 47.13
C TYR F 115 17.92 -11.05 47.93
N LEU F 116 19.00 -10.75 47.20
CA LEU F 116 20.23 -10.26 47.79
C LEU F 116 20.16 -8.94 48.50
N ALA F 117 19.08 -8.19 48.43
CA ALA F 117 19.00 -6.90 49.14
C ALA F 117 18.73 -7.25 50.62
N PRO F 118 19.43 -6.55 51.51
CA PRO F 118 19.34 -6.78 52.94
C PRO F 118 18.00 -6.39 53.54
N LEU F 119 17.76 -7.04 54.66
CA LEU F 119 16.61 -6.78 55.53
C LEU F 119 16.96 -5.46 56.27
N ASP F 120 15.94 -4.79 56.68
CA ASP F 120 16.02 -3.54 57.45
C ASP F 120 15.59 -3.89 58.90
N PRO F 121 16.59 -3.85 59.78
CA PRO F 121 16.45 -4.17 61.18
C PRO F 121 15.27 -3.55 61.87
N ASN F 122 14.83 -2.36 61.49
CA ASN F 122 13.71 -1.68 62.11
C ASN F 122 12.44 -1.80 61.28
N PHE F 123 12.43 -2.78 60.36
CA PHE F 123 11.22 -2.88 59.49
C PHE F 123 10.67 -4.29 59.35
N GLY F 124 9.35 -4.37 59.61
CA GLY F 124 8.65 -5.69 59.50
C GLY F 124 7.96 -5.79 58.09
N GLY F 125 7.12 -4.84 57.79
CA GLY F 125 6.41 -4.73 56.54
C GLY F 125 4.95 -5.10 56.58
N VAL F 126 4.34 -5.07 57.78
CA VAL F 126 2.93 -5.42 57.93
C VAL F 126 2.14 -4.37 58.68
N GLY F 127 0.94 -4.09 58.22
CA GLY F 127 0.09 -3.07 58.92
C GLY F 127 -1.37 -3.50 58.79
N ARG F 128 -2.17 -2.89 59.67
CA ARG F 128 -3.62 -3.18 59.65
C ARG F 128 -4.36 -2.07 60.35
N CYS F 129 -5.63 -1.93 59.97
CA CYS F 129 -6.40 -0.82 60.65
C CYS F 129 -7.84 -1.01 60.18
N LEU F 130 -8.69 -0.26 60.79
CA LEU F 130 -10.15 -0.34 60.50
C LEU F 130 -10.53 1.02 59.93
N THR F 131 -11.34 1.01 58.88
CA THR F 131 -11.77 2.28 58.25
C THR F 131 -12.65 2.98 59.31
N ASP F 132 -12.74 4.29 59.19
CA ASP F 132 -13.53 5.10 60.14
C ASP F 132 -14.96 5.23 59.68
N SER F 133 -15.69 6.06 60.40
CA SER F 133 -17.11 6.36 60.11
C SER F 133 -17.32 6.76 58.65
N ASP F 134 -16.33 7.42 58.12
CA ASP F 134 -16.28 7.92 56.78
C ASP F 134 -15.68 7.04 55.70
N GLY F 135 -15.21 5.91 56.14
CA GLY F 135 -14.59 4.91 55.26
C GLY F 135 -13.13 5.23 54.96
N TYR F 136 -12.53 6.08 55.82
CA TYR F 136 -11.16 6.48 55.71
C TYR F 136 -10.20 5.54 56.45
N TYR F 137 -9.06 5.35 55.81
CA TYR F 137 -7.98 4.54 56.37
C TYR F 137 -6.65 5.28 56.14
N SER F 138 -5.68 4.81 56.93
CA SER F 138 -4.35 5.40 56.81
C SER F 138 -3.29 4.62 57.56
N PHE F 139 -2.20 4.49 56.85
CA PHE F 139 -0.97 3.83 57.28
C PHE F 139 0.21 4.82 57.04
N ARG F 140 1.24 4.52 57.80
CA ARG F 140 2.50 5.31 57.69
C ARG F 140 3.55 4.20 57.46
N THR F 141 4.36 4.38 56.43
CA THR F 141 5.36 3.31 56.13
C THR F 141 6.48 3.98 55.33
N ILE F 142 7.25 3.15 54.63
CA ILE F 142 8.29 3.58 53.72
C ILE F 142 7.93 3.05 52.28
N LYS F 143 8.38 3.81 51.28
CA LYS F 143 8.08 3.40 49.89
C LYS F 143 8.94 2.14 49.59
N PRO F 144 8.25 1.08 49.25
CA PRO F 144 8.92 -0.19 48.93
C PRO F 144 9.77 -0.09 47.67
N GLY F 145 10.72 -0.98 47.54
CA GLY F 145 11.56 -0.99 46.31
C GLY F 145 11.06 -2.11 45.37
N PRO F 146 11.42 -1.96 44.09
CA PRO F 146 11.06 -2.93 43.05
C PRO F 146 11.78 -4.24 43.45
N TYR F 147 11.24 -5.31 42.91
CA TYR F 147 11.74 -6.68 43.20
C TYR F 147 11.85 -7.52 41.94
N PRO F 148 13.01 -8.16 41.76
CA PRO F 148 13.25 -9.05 40.62
C PRO F 148 12.56 -10.39 41.00
N TRP F 149 11.97 -11.02 40.01
CA TRP F 149 11.28 -12.32 40.31
C TRP F 149 11.47 -13.26 39.15
N ARG F 150 11.36 -14.56 39.41
CA ARG F 150 11.58 -15.56 38.38
C ARG F 150 10.40 -15.79 37.46
N ASN F 151 10.18 -14.87 36.53
CA ASN F 151 9.06 -15.00 35.55
C ASN F 151 9.85 -15.16 34.21
N GLY F 152 9.93 -14.08 33.49
CA GLY F 152 10.79 -14.10 32.27
C GLY F 152 12.22 -13.89 32.90
N PRO F 153 13.21 -13.88 32.06
CA PRO F 153 14.60 -13.74 32.53
C PRO F 153 14.89 -12.37 33.14
N ASN F 154 14.10 -11.34 32.95
CA ASN F 154 14.49 -10.04 33.54
C ASN F 154 13.27 -9.28 33.99
N ASP F 155 12.43 -9.96 34.78
CA ASP F 155 11.21 -9.40 35.27
C ASP F 155 11.43 -8.73 36.61
N TRP F 156 10.84 -7.58 36.75
CA TRP F 156 10.92 -6.78 38.01
C TRP F 156 9.52 -6.28 38.37
N ARG F 157 9.11 -6.55 39.59
CA ARG F 157 7.79 -6.06 40.04
C ARG F 157 7.99 -4.55 40.31
N PRO F 158 7.01 -3.77 39.86
CA PRO F 158 7.08 -2.31 40.13
C PRO F 158 7.01 -2.25 41.69
N ALA F 159 7.45 -1.15 42.22
CA ALA F 159 7.31 -0.99 43.73
C ALA F 159 5.77 -1.11 43.95
N HIS F 160 5.40 -1.95 44.88
CA HIS F 160 3.91 -2.07 45.17
C HIS F 160 3.70 -2.41 46.65
N ILE F 161 2.50 -2.28 47.09
CA ILE F 161 2.05 -2.60 48.44
C ILE F 161 0.81 -3.53 48.29
N HIS F 162 0.84 -4.63 48.93
CA HIS F 162 -0.24 -5.64 48.92
C HIS F 162 -1.34 -5.18 49.85
N PHE F 163 -2.58 -5.25 49.37
CA PHE F 163 -3.73 -4.84 50.20
C PHE F 163 -4.80 -5.95 50.22
N GLY F 164 -5.42 -6.07 51.38
CA GLY F 164 -6.53 -6.99 51.66
C GLY F 164 -7.66 -6.15 52.28
N ILE F 165 -8.86 -6.27 51.75
CA ILE F 165 -9.99 -5.51 52.25
C ILE F 165 -11.19 -6.47 52.49
N SER F 166 -11.77 -6.42 53.63
CA SER F 166 -12.91 -7.28 54.00
C SER F 166 -14.24 -6.83 53.39
N GLY F 167 -14.61 -5.58 53.62
CA GLY F 167 -15.89 -5.04 53.15
C GLY F 167 -16.97 -5.74 54.02
N PRO F 168 -18.22 -5.44 53.71
CA PRO F 168 -19.36 -6.00 54.47
C PRO F 168 -19.63 -7.47 54.35
N SER F 169 -19.04 -8.20 53.44
CA SER F 169 -19.35 -9.65 53.32
C SER F 169 -18.28 -10.39 52.57
N ILE F 170 -18.40 -11.72 52.57
CA ILE F 170 -17.37 -12.49 51.83
C ILE F 170 -17.48 -12.17 50.34
N ALA F 171 -18.65 -11.70 49.92
CA ALA F 171 -18.91 -11.34 48.51
C ALA F 171 -18.05 -10.14 48.05
N THR F 172 -17.75 -9.24 48.96
CA THR F 172 -16.95 -8.04 48.68
C THR F 172 -15.46 -8.19 49.02
N LYS F 173 -15.10 -9.20 49.77
CA LYS F 173 -13.69 -9.37 50.19
C LYS F 173 -12.79 -9.33 48.97
N LEU F 174 -11.71 -8.57 49.08
CA LEU F 174 -10.77 -8.41 47.94
C LEU F 174 -9.33 -8.26 48.39
N ILE F 175 -8.43 -8.76 47.61
CA ILE F 175 -7.01 -8.70 47.69
C ILE F 175 -6.53 -8.07 46.35
N THR F 176 -5.69 -7.09 46.50
CA THR F 176 -5.13 -6.35 45.38
C THR F 176 -3.73 -5.80 45.71
N GLN F 177 -3.28 -4.97 44.71
CA GLN F 177 -1.95 -4.32 44.93
C GLN F 177 -2.06 -2.83 44.60
N LEU F 178 -1.37 -2.00 45.32
CA LEU F 178 -1.33 -0.54 45.07
C LEU F 178 0.00 -0.31 44.33
N TYR F 179 0.07 0.52 43.33
CA TYR F 179 1.26 0.88 42.61
C TYR F 179 1.41 2.39 42.75
N PHE F 180 2.61 2.85 42.54
CA PHE F 180 2.94 4.29 42.72
C PHE F 180 2.89 5.08 41.41
N GLU F 181 2.32 6.27 41.53
CA GLU F 181 2.18 7.13 40.31
C GLU F 181 3.49 7.31 39.58
N GLY F 182 3.45 7.25 38.24
CA GLY F 182 4.62 7.43 37.40
C GLY F 182 5.68 6.40 37.38
N ASP F 183 5.56 5.29 38.11
CA ASP F 183 6.69 4.25 38.07
C ASP F 183 6.72 3.61 36.68
N PRO F 184 7.85 3.65 35.97
CA PRO F 184 7.97 3.09 34.63
C PRO F 184 7.89 1.60 34.49
N LEU F 185 8.05 0.85 35.59
CA LEU F 185 7.95 -0.60 35.56
C LEU F 185 6.50 -1.03 35.37
N ILE F 186 5.56 -0.18 35.74
CA ILE F 186 4.16 -0.50 35.70
C ILE F 186 3.67 -1.17 34.43
N PRO F 187 3.86 -0.52 33.28
CA PRO F 187 3.40 -1.06 31.99
C PRO F 187 4.15 -2.29 31.50
N MET F 188 5.23 -2.64 32.14
CA MET F 188 6.09 -3.79 31.79
C MET F 188 5.77 -5.06 32.57
N CYS F 189 5.03 -4.91 33.64
CA CYS F 189 4.73 -6.04 34.53
C CYS F 189 3.62 -6.94 34.08
N PRO F 190 3.93 -8.20 34.02
CA PRO F 190 2.99 -9.27 33.57
C PRO F 190 1.84 -9.47 34.57
N ILE F 191 2.08 -9.24 35.84
CA ILE F 191 1.06 -9.30 36.87
C ILE F 191 0.04 -8.18 36.64
N VAL F 192 0.56 -6.98 36.34
CA VAL F 192 -0.25 -5.78 36.08
C VAL F 192 -1.04 -6.01 34.77
N LYS F 193 -0.31 -6.48 33.77
CA LYS F 193 -0.86 -6.76 32.46
C LYS F 193 -1.86 -7.91 32.50
N SER F 194 -2.03 -8.49 33.68
CA SER F 194 -3.03 -9.59 33.83
C SER F 194 -4.40 -8.89 33.65
N ILE F 195 -4.40 -7.58 33.88
CA ILE F 195 -5.62 -6.74 33.77
C ILE F 195 -5.70 -6.20 32.30
N ALA F 196 -6.65 -6.67 31.54
CA ALA F 196 -6.84 -6.31 30.16
C ALA F 196 -7.21 -4.88 29.84
N ASN F 197 -7.94 -4.21 30.66
CA ASN F 197 -8.39 -2.83 30.52
C ASN F 197 -7.46 -1.84 31.22
N PRO F 198 -6.83 -1.00 30.42
CA PRO F 198 -5.88 0.02 30.87
C PRO F 198 -6.51 0.95 31.90
N GLU F 199 -7.82 1.06 31.78
CA GLU F 199 -8.63 1.91 32.65
C GLU F 199 -8.66 1.32 34.05
N ALA F 200 -8.70 0.00 34.12
CA ALA F 200 -8.72 -0.74 35.38
C ALA F 200 -7.35 -0.59 36.05
N VAL F 201 -6.32 -0.69 35.23
CA VAL F 201 -4.92 -0.57 35.65
C VAL F 201 -4.78 0.73 36.48
N GLN F 202 -5.33 1.80 35.96
CA GLN F 202 -5.32 3.12 36.50
C GLN F 202 -5.87 3.15 37.94
N GLN F 203 -6.86 2.33 38.23
CA GLN F 203 -7.47 2.32 39.60
C GLN F 203 -6.46 1.81 40.62
N LEU F 204 -5.40 1.16 40.07
CA LEU F 204 -4.38 0.61 40.98
C LEU F 204 -3.24 1.55 41.32
N ILE F 205 -3.15 2.71 40.73
CA ILE F 205 -2.14 3.69 40.95
C ILE F 205 -2.52 4.74 42.02
N ALA F 206 -1.70 4.74 43.05
CA ALA F 206 -1.79 5.67 44.19
C ALA F 206 -1.21 7.00 43.64
N LYS F 207 -1.89 8.07 43.82
CA LYS F 207 -1.44 9.40 43.37
C LYS F 207 -0.75 10.16 44.52
N LEU F 208 0.29 10.88 44.14
CA LEU F 208 1.08 11.74 45.01
C LEU F 208 0.07 12.72 45.66
N ASP F 209 0.12 12.80 46.96
CA ASP F 209 -0.87 13.74 47.64
C ASP F 209 -0.16 14.70 48.57
N MET F 210 0.32 15.79 47.99
CA MET F 210 1.05 16.86 48.68
C MET F 210 0.23 17.51 49.77
N ASN F 211 -1.08 17.53 49.57
CA ASN F 211 -1.99 18.13 50.58
C ASN F 211 -1.96 17.30 51.88
N ASN F 212 -1.70 16.03 51.83
CA ASN F 212 -1.69 15.17 53.02
C ASN F 212 -0.26 14.96 53.55
N ALA F 213 0.71 15.50 52.83
CA ALA F 213 2.12 15.33 53.26
C ALA F 213 2.37 16.11 54.57
N ASN F 214 3.36 15.70 55.29
CA ASN F 214 3.79 16.40 56.55
C ASN F 214 5.13 17.08 56.16
N PRO F 215 5.06 18.37 55.98
CA PRO F 215 6.24 19.18 55.59
C PRO F 215 7.46 18.86 56.43
N MET F 216 8.61 18.87 55.82
CA MET F 216 9.89 18.52 56.45
C MET F 216 9.80 17.13 57.08
N ASP F 217 8.82 16.30 56.68
CA ASP F 217 8.74 14.96 57.32
C ASP F 217 8.49 13.77 56.43
N CYS F 218 7.31 13.70 55.81
CA CYS F 218 6.92 12.59 54.92
C CYS F 218 5.96 13.03 53.81
N LEU F 219 6.00 12.27 52.73
CA LEU F 219 5.10 12.53 51.57
C LEU F 219 3.84 11.69 51.86
N ALA F 220 2.87 11.82 50.98
CA ALA F 220 1.63 11.04 51.17
C ALA F 220 1.12 10.69 49.75
N TYR F 221 0.53 9.50 49.78
CA TYR F 221 -0.10 8.90 48.58
C TYR F 221 -1.55 8.63 48.91
N ARG F 222 -2.40 8.80 47.95
CA ARG F 222 -3.84 8.61 48.07
C ARG F 222 -4.24 7.40 47.23
N PHE F 223 -4.92 6.46 47.85
CA PHE F 223 -5.41 5.23 47.26
C PHE F 223 -6.85 4.90 47.70
N ASP F 224 -7.82 5.29 46.96
CA ASP F 224 -9.25 4.98 47.27
C ASP F 224 -9.51 3.56 46.82
N ILE F 225 -10.41 2.89 47.48
CA ILE F 225 -10.76 1.49 47.15
C ILE F 225 -12.27 1.41 46.97
N VAL F 226 -12.68 0.68 45.91
CA VAL F 226 -14.08 0.52 45.58
C VAL F 226 -14.49 -0.95 45.64
N LEU F 227 -15.46 -1.17 46.56
CA LEU F 227 -16.01 -2.53 46.73
C LEU F 227 -17.35 -2.64 45.98
N ARG F 228 -17.76 -3.89 45.78
CA ARG F 228 -19.00 -4.22 45.10
C ARG F 228 -20.11 -3.39 45.76
N GLY F 229 -20.98 -2.87 44.92
CA GLY F 229 -22.12 -2.02 45.32
C GLY F 229 -23.08 -2.89 46.14
N GLN F 230 -23.62 -2.23 47.18
CA GLN F 230 -24.59 -2.96 48.06
C GLN F 230 -25.93 -2.28 47.93
N ARG F 231 -26.95 -3.12 47.74
CA ARG F 231 -28.33 -2.51 47.60
C ARG F 231 -29.32 -3.38 48.33
N LYS F 232 -30.50 -2.84 48.64
CA LYS F 232 -31.51 -3.73 49.32
C LYS F 232 -32.16 -4.63 48.25
N THR F 233 -32.68 -5.74 48.73
CA THR F 233 -33.40 -6.72 47.91
C THR F 233 -34.74 -6.03 47.54
N HIS F 234 -35.26 -6.48 46.41
CA HIS F 234 -36.56 -5.88 45.95
C HIS F 234 -37.32 -6.95 45.18
N PHE F 235 -38.61 -6.88 45.38
CA PHE F 235 -39.57 -7.80 44.73
C PHE F 235 -39.08 -9.22 44.68
N GLU F 236 -38.35 -9.70 45.66
CA GLU F 236 -37.83 -11.07 45.66
C GLU F 236 -38.83 -12.15 46.01
N PRO G 1 -22.75 17.89 -13.47
CA PRO G 1 -23.03 17.05 -14.64
C PRO G 1 -22.90 15.57 -14.18
N ILE G 2 -23.41 14.71 -15.02
CA ILE G 2 -23.39 13.26 -14.82
C ILE G 2 -22.05 12.69 -15.31
N GLU G 3 -21.57 11.66 -14.67
CA GLU G 3 -20.35 10.95 -15.07
C GLU G 3 -20.67 9.45 -15.23
N LEU G 4 -20.02 8.78 -16.17
CA LEU G 4 -20.28 7.31 -16.35
C LEU G 4 -19.08 6.57 -15.74
N LEU G 5 -19.01 5.26 -16.01
CA LEU G 5 -17.79 4.53 -15.57
C LEU G 5 -16.72 5.06 -16.61
N PRO G 6 -15.57 5.38 -16.12
CA PRO G 6 -14.45 5.83 -16.96
C PRO G 6 -13.94 4.65 -17.81
N GLU G 7 -13.61 4.98 -19.05
CA GLU G 7 -13.10 3.89 -19.94
C GLU G 7 -11.68 3.50 -19.44
N THR G 8 -11.39 2.22 -19.63
CA THR G 8 -10.03 1.71 -19.27
C THR G 8 -9.03 2.46 -20.13
N PRO G 9 -8.01 3.00 -19.50
CA PRO G 9 -6.96 3.75 -20.20
C PRO G 9 -6.16 2.87 -21.13
N SER G 10 -5.78 3.48 -22.26
CA SER G 10 -4.97 2.79 -23.27
C SER G 10 -3.52 2.74 -22.77
N GLN G 11 -2.73 1.93 -23.39
CA GLN G 11 -1.28 1.76 -23.18
C GLN G 11 -0.69 1.30 -24.53
N THR G 12 0.56 1.63 -24.74
CA THR G 12 1.23 1.28 -26.05
C THR G 12 1.06 -0.22 -26.24
N ALA G 13 1.05 -0.61 -27.54
CA ALA G 13 0.98 -2.06 -27.85
C ALA G 13 2.33 -2.67 -27.48
N GLY G 14 3.38 -1.86 -27.42
CA GLY G 14 4.75 -2.31 -27.09
C GLY G 14 5.45 -2.88 -28.32
N PRO G 15 6.77 -3.10 -28.23
CA PRO G 15 7.58 -3.65 -29.31
C PRO G 15 7.25 -5.07 -29.75
N TYR G 16 6.80 -5.90 -28.83
CA TYR G 16 6.49 -7.31 -29.10
C TYR G 16 5.08 -7.65 -29.45
N VAL G 17 4.32 -6.71 -29.97
CA VAL G 17 2.94 -6.83 -30.34
C VAL G 17 2.62 -8.00 -31.24
N HIS G 18 3.59 -8.36 -32.05
CA HIS G 18 3.43 -9.45 -33.02
C HIS G 18 3.12 -10.80 -32.41
N ILE G 19 3.69 -11.04 -31.23
CA ILE G 19 3.50 -12.33 -30.55
C ILE G 19 2.03 -12.58 -30.35
N GLY G 20 1.33 -11.49 -29.99
CA GLY G 20 -0.11 -11.59 -29.77
C GLY G 20 -0.99 -11.35 -30.97
N LEU G 21 -0.57 -10.43 -31.86
CA LEU G 21 -1.44 -10.05 -32.98
C LEU G 21 -0.96 -10.30 -34.39
N ALA G 22 0.24 -10.76 -34.56
CA ALA G 22 0.87 -11.03 -35.88
C ALA G 22 1.92 -12.13 -35.74
N LEU G 23 1.45 -13.29 -35.32
CA LEU G 23 2.20 -14.49 -35.03
C LEU G 23 3.35 -14.79 -35.95
N GLU G 24 3.03 -14.87 -37.23
CA GLU G 24 4.04 -15.14 -38.31
C GLU G 24 5.21 -14.20 -38.09
N ALA G 25 4.90 -12.89 -38.05
CA ALA G 25 5.84 -11.82 -37.85
C ALA G 25 6.73 -11.99 -36.62
N ALA G 26 6.17 -12.45 -35.52
CA ALA G 26 6.97 -12.66 -34.29
C ALA G 26 7.94 -13.83 -34.56
N GLY G 27 7.55 -14.60 -35.56
CA GLY G 27 8.33 -15.79 -35.98
C GLY G 27 7.86 -17.01 -35.17
N ASN G 28 6.61 -17.01 -34.79
CA ASN G 28 6.01 -18.10 -34.02
C ASN G 28 4.96 -18.81 -34.91
N PRO G 29 4.72 -20.05 -34.53
CA PRO G 29 3.74 -20.89 -35.24
C PRO G 29 2.41 -20.15 -35.20
N THR G 30 1.60 -20.36 -36.21
CA THR G 30 0.27 -19.66 -36.19
C THR G 30 -0.75 -20.68 -35.75
N ARG G 31 -1.93 -20.18 -35.56
CA ARG G 31 -3.10 -21.02 -35.13
C ARG G 31 -3.88 -21.37 -36.39
N ASP G 32 -4.86 -22.22 -36.26
CA ASP G 32 -5.68 -22.68 -37.37
C ASP G 32 -6.19 -21.45 -38.14
N GLN G 33 -6.78 -20.54 -37.36
CA GLN G 33 -7.32 -19.32 -37.99
C GLN G 33 -6.66 -18.07 -37.39
N GLU G 34 -6.25 -17.21 -38.30
CA GLU G 34 -5.65 -15.93 -37.95
C GLU G 34 -6.31 -14.81 -38.77
N ILE G 35 -6.38 -13.66 -38.13
CA ILE G 35 -6.89 -12.41 -38.75
C ILE G 35 -5.65 -11.74 -39.39
N TRP G 36 -5.64 -11.74 -40.74
CA TRP G 36 -4.46 -11.14 -41.40
C TRP G 36 -4.72 -10.15 -42.49
N ASN G 37 -3.77 -9.99 -43.42
CA ASN G 37 -3.83 -9.01 -44.48
C ASN G 37 -4.52 -9.30 -45.79
N ARG G 38 -5.37 -10.28 -45.86
CA ARG G 38 -6.09 -10.66 -47.10
C ARG G 38 -7.59 -10.52 -46.89
N LEU G 39 -8.20 -9.40 -47.20
CA LEU G 39 -9.61 -9.17 -46.98
C LEU G 39 -10.55 -9.74 -48.04
N ALA G 40 -10.01 -9.94 -49.23
CA ALA G 40 -10.86 -10.47 -50.32
C ALA G 40 -10.22 -11.68 -50.99
N LYS G 41 -11.06 -12.68 -51.22
CA LYS G 41 -10.57 -13.88 -51.95
C LYS G 41 -10.68 -13.47 -53.43
N PRO G 42 -9.89 -14.12 -54.26
CA PRO G 42 -9.82 -13.88 -55.70
C PRO G 42 -11.20 -13.72 -56.32
N ASP G 43 -12.11 -14.53 -55.80
CA ASP G 43 -13.49 -14.56 -56.29
C ASP G 43 -14.42 -13.58 -55.62
N ALA G 44 -13.88 -12.52 -55.05
CA ALA G 44 -14.71 -11.48 -54.38
C ALA G 44 -14.99 -10.43 -55.45
N PRO G 45 -16.23 -9.98 -55.48
CA PRO G 45 -16.67 -8.95 -56.44
C PRO G 45 -15.93 -7.67 -56.14
N GLY G 46 -15.64 -6.90 -57.17
CA GLY G 46 -14.94 -5.64 -57.05
C GLY G 46 -13.61 -5.63 -57.76
N GLU G 47 -13.02 -4.46 -57.69
CA GLU G 47 -11.70 -4.17 -58.31
C GLU G 47 -10.63 -4.51 -57.27
N HIS G 48 -9.93 -5.59 -57.52
CA HIS G 48 -8.87 -6.09 -56.65
C HIS G 48 -7.65 -5.19 -56.71
N ILE G 49 -7.25 -4.71 -55.55
CA ILE G 49 -6.08 -3.83 -55.44
C ILE G 49 -5.12 -4.32 -54.35
N LEU G 50 -3.94 -3.78 -54.44
CA LEU G 50 -2.86 -4.03 -53.50
C LEU G 50 -2.58 -2.64 -52.81
N LEU G 51 -2.45 -2.74 -51.51
CA LEU G 51 -2.14 -1.60 -50.64
C LEU G 51 -0.79 -1.90 -49.96
N LEU G 52 0.04 -0.89 -50.02
CA LEU G 52 1.39 -0.90 -49.41
C LEU G 52 1.72 0.51 -48.95
N GLY G 53 2.58 0.55 -47.94
CA GLY G 53 3.06 1.79 -47.36
C GLY G 53 4.15 1.57 -46.31
N GLN G 54 4.65 2.71 -45.90
CA GLN G 54 5.68 2.85 -44.87
C GLN G 54 5.17 3.86 -43.82
N VAL G 55 5.77 3.75 -42.65
CA VAL G 55 5.47 4.59 -41.49
C VAL G 55 6.77 5.26 -41.05
N TYR G 56 6.69 6.60 -40.99
CA TYR G 56 7.86 7.39 -40.61
C TYR G 56 7.57 8.11 -39.29
N ASP G 57 8.67 8.28 -38.59
CA ASP G 57 8.66 8.96 -37.27
C ASP G 57 8.97 10.42 -37.50
N GLY G 58 9.07 11.21 -36.47
CA GLY G 58 9.35 12.67 -36.63
C GLY G 58 10.74 12.94 -37.14
N ASN G 59 11.60 11.93 -37.18
CA ASN G 59 12.99 12.12 -37.66
C ASN G 59 13.07 11.65 -39.12
N GLY G 60 11.97 11.24 -39.68
CA GLY G 60 11.95 10.71 -41.04
C GLY G 60 12.50 9.31 -41.07
N HIS G 61 12.56 8.67 -39.91
CA HIS G 61 13.07 7.29 -39.78
C HIS G 61 11.86 6.35 -39.84
N LEU G 62 12.11 5.18 -40.40
CA LEU G 62 11.13 4.14 -40.56
C LEU G 62 10.71 3.56 -39.21
N VAL G 63 9.42 3.37 -39.08
CA VAL G 63 8.81 2.75 -37.88
C VAL G 63 8.62 1.28 -38.28
N ARG G 64 9.55 0.46 -37.88
CA ARG G 64 9.52 -0.98 -38.25
C ARG G 64 8.77 -1.91 -37.36
N ASP G 65 8.07 -1.42 -36.35
CA ASP G 65 7.34 -2.28 -35.40
C ASP G 65 5.88 -1.88 -35.26
N SER G 66 5.44 -1.11 -36.28
CA SER G 66 4.04 -0.67 -36.32
C SER G 66 3.16 -1.89 -36.65
N PHE G 67 1.94 -1.80 -36.21
CA PHE G 67 0.86 -2.76 -36.35
C PHE G 67 -0.38 -1.91 -36.73
N LEU G 68 -1.05 -2.32 -37.78
CA LEU G 68 -2.17 -1.64 -38.38
C LEU G 68 -3.43 -2.52 -38.51
N GLU G 69 -4.52 -1.84 -38.22
CA GLU G 69 -5.84 -2.52 -38.36
C GLU G 69 -6.65 -1.67 -39.34
N VAL G 70 -7.37 -2.32 -40.24
CA VAL G 70 -8.20 -1.69 -41.27
C VAL G 70 -9.65 -2.16 -41.20
N TRP G 71 -10.49 -1.25 -41.61
CA TRP G 71 -11.98 -1.48 -41.62
C TRP G 71 -12.48 -0.75 -42.89
N GLN G 72 -13.16 -1.52 -43.72
CA GLN G 72 -13.64 -0.97 -45.00
C GLN G 72 -14.93 -1.61 -45.47
N ALA G 73 -15.64 -0.84 -46.26
CA ALA G 73 -16.90 -1.34 -46.87
C ALA G 73 -16.49 -2.21 -48.08
N ASP G 74 -17.39 -3.06 -48.51
CA ASP G 74 -17.08 -3.92 -49.70
C ASP G 74 -17.32 -3.05 -50.96
N ALA G 75 -17.07 -3.70 -52.09
CA ALA G 75 -17.26 -3.04 -53.40
C ALA G 75 -18.63 -2.40 -53.46
N ASN G 76 -19.65 -2.95 -52.84
CA ASN G 76 -20.99 -2.38 -52.82
C ASN G 76 -21.23 -1.29 -51.79
N GLY G 77 -20.18 -0.87 -51.11
CA GLY G 77 -20.26 0.16 -50.08
C GLY G 77 -20.96 -0.41 -48.84
N GLU G 78 -20.78 -1.72 -48.68
CA GLU G 78 -21.34 -2.45 -47.57
C GLU G 78 -20.29 -3.02 -46.60
N TYR G 79 -20.58 -2.76 -45.34
CA TYR G 79 -19.72 -3.24 -44.24
C TYR G 79 -20.13 -4.66 -43.81
N GLN G 80 -19.21 -5.54 -44.04
CA GLN G 80 -19.37 -6.98 -43.72
C GLN G 80 -18.74 -7.24 -42.35
N ASP G 81 -19.55 -7.23 -41.31
CA ASP G 81 -19.15 -7.41 -39.92
C ASP G 81 -18.96 -8.84 -39.44
N ALA G 82 -19.73 -9.77 -40.02
CA ALA G 82 -19.63 -11.18 -39.62
C ALA G 82 -18.30 -11.72 -40.18
N TYR G 83 -17.23 -11.55 -39.42
CA TYR G 83 -15.91 -11.99 -39.84
C TYR G 83 -15.84 -13.50 -40.01
N ASN G 84 -15.34 -13.92 -41.15
CA ASN G 84 -15.23 -15.39 -41.41
C ASN G 84 -14.23 -15.64 -42.53
N LEU G 85 -13.32 -16.59 -42.28
CA LEU G 85 -12.29 -16.97 -43.25
C LEU G 85 -12.88 -17.67 -44.47
N GLU G 86 -14.15 -18.03 -44.35
CA GLU G 86 -14.90 -18.67 -45.42
C GLU G 86 -15.38 -17.63 -46.39
N ASN G 87 -15.64 -16.44 -45.88
CA ASN G 87 -16.13 -15.32 -46.69
C ASN G 87 -15.19 -15.03 -47.88
N ALA G 88 -15.84 -14.59 -48.94
CA ALA G 88 -15.09 -14.19 -50.16
C ALA G 88 -14.42 -12.82 -49.83
N PHE G 89 -15.13 -12.09 -48.95
CA PHE G 89 -14.67 -10.79 -48.50
C PHE G 89 -15.00 -10.56 -47.00
N ASN G 90 -14.03 -9.94 -46.38
CA ASN G 90 -14.08 -9.52 -44.97
C ASN G 90 -13.73 -8.01 -44.97
N SER G 91 -14.51 -7.27 -44.24
CA SER G 91 -14.33 -5.84 -44.07
C SER G 91 -13.16 -5.52 -43.11
N PHE G 92 -12.75 -6.55 -42.34
CA PHE G 92 -11.67 -6.29 -41.35
C PHE G 92 -10.38 -6.97 -41.69
N GLY G 93 -9.31 -6.23 -41.45
CA GLY G 93 -7.97 -6.73 -41.68
C GLY G 93 -6.90 -6.27 -40.69
N ARG G 94 -5.77 -6.98 -40.79
CA ARG G 94 -4.60 -6.69 -39.94
C ARG G 94 -3.33 -6.84 -40.74
N THR G 95 -2.42 -5.94 -40.50
CA THR G 95 -1.13 -5.90 -41.18
C THR G 95 -0.10 -5.26 -40.27
N ALA G 96 1.15 -5.45 -40.64
CA ALA G 96 2.30 -4.91 -39.90
C ALA G 96 3.48 -4.70 -40.84
N THR G 97 4.38 -3.83 -40.41
CA THR G 97 5.58 -3.52 -41.17
C THR G 97 6.71 -4.50 -40.88
N THR G 98 7.42 -4.84 -41.98
CA THR G 98 8.58 -5.75 -41.92
C THR G 98 9.69 -5.14 -41.06
N PHE G 99 10.43 -6.05 -40.43
CA PHE G 99 11.56 -5.66 -39.56
C PHE G 99 12.70 -5.13 -40.42
N ASP G 100 12.78 -5.60 -41.63
CA ASP G 100 13.79 -5.21 -42.64
C ASP G 100 13.30 -3.95 -43.37
N ALA G 101 12.81 -4.20 -44.57
CA ALA G 101 12.27 -3.14 -45.44
C ALA G 101 11.37 -2.17 -44.65
N GLY G 102 10.51 -2.71 -43.82
CA GLY G 102 9.60 -1.91 -43.00
C GLY G 102 8.37 -1.47 -43.77
N GLU G 103 7.89 -2.33 -44.66
CA GLU G 103 6.69 -2.03 -45.47
C GLU G 103 5.53 -2.95 -45.10
N TRP G 104 4.32 -2.42 -45.23
CA TRP G 104 3.10 -3.18 -44.98
C TRP G 104 2.37 -3.37 -46.32
N THR G 105 1.63 -4.46 -46.38
CA THR G 105 0.82 -4.80 -47.56
C THR G 105 -0.53 -5.33 -47.14
N LEU G 106 -1.45 -5.02 -48.05
CA LEU G 106 -2.87 -5.45 -47.81
C LEU G 106 -3.45 -5.83 -49.19
N HIS G 107 -4.12 -6.92 -49.18
CA HIS G 107 -4.80 -7.49 -50.36
C HIS G 107 -6.32 -7.35 -50.14
N THR G 108 -6.91 -6.42 -50.86
CA THR G 108 -8.35 -6.12 -50.74
C THR G 108 -8.91 -5.68 -52.09
N VAL G 109 -10.06 -5.02 -52.03
CA VAL G 109 -10.81 -4.43 -53.08
C VAL G 109 -11.17 -2.98 -52.71
N LYS G 110 -11.32 -2.20 -53.76
CA LYS G 110 -11.68 -0.79 -53.65
C LYS G 110 -13.12 -0.77 -53.10
N PRO G 111 -13.24 -0.10 -51.94
CA PRO G 111 -14.52 -0.02 -51.24
C PRO G 111 -15.53 0.87 -51.95
N GLY G 112 -16.79 0.49 -51.84
CA GLY G 112 -17.88 1.29 -52.45
C GLY G 112 -18.11 2.47 -51.48
N VAL G 113 -18.96 3.37 -51.87
CA VAL G 113 -19.36 4.57 -51.20
C VAL G 113 -20.37 4.32 -50.09
N VAL G 114 -20.27 5.12 -49.05
CA VAL G 114 -21.17 5.06 -47.90
C VAL G 114 -21.48 6.48 -47.47
N ASN G 115 -22.71 6.67 -47.04
CA ASN G 115 -23.19 7.97 -46.61
C ASN G 115 -22.84 8.13 -45.11
N ASN G 116 -22.78 9.39 -44.75
CA ASN G 116 -22.51 9.82 -43.38
C ASN G 116 -23.91 9.86 -42.72
N ALA G 117 -23.92 10.19 -41.47
CA ALA G 117 -25.14 10.25 -40.68
C ALA G 117 -26.13 11.17 -41.37
N ALA G 118 -25.67 12.25 -41.98
CA ALA G 118 -26.51 13.21 -42.67
C ALA G 118 -27.05 12.75 -44.01
N GLY G 119 -26.68 11.58 -44.48
CA GLY G 119 -27.14 11.07 -45.78
C GLY G 119 -26.25 11.46 -46.94
N VAL G 120 -25.20 12.19 -46.70
CA VAL G 120 -24.21 12.63 -47.68
C VAL G 120 -23.17 11.54 -47.93
N PRO G 121 -22.86 11.31 -49.18
CA PRO G 121 -21.89 10.27 -49.55
C PRO G 121 -20.46 10.69 -49.19
N MET G 122 -19.69 9.72 -48.81
CA MET G 122 -18.26 9.90 -48.43
C MET G 122 -17.45 9.32 -49.59
N ALA G 123 -16.32 9.93 -49.88
CA ALA G 123 -15.48 9.34 -51.00
C ALA G 123 -15.03 7.96 -50.49
N PRO G 124 -14.70 7.07 -51.39
CA PRO G 124 -14.21 5.73 -51.04
C PRO G 124 -13.06 5.92 -50.04
N HIS G 125 -13.08 5.14 -48.97
CA HIS G 125 -12.01 5.22 -47.96
C HIS G 125 -11.91 3.91 -47.18
N ILE G 126 -10.74 3.75 -46.60
CA ILE G 126 -10.40 2.65 -45.71
C ILE G 126 -10.00 3.28 -44.33
N ASN G 127 -10.72 2.86 -43.33
CA ASN G 127 -10.43 3.35 -41.92
C ASN G 127 -9.22 2.59 -41.43
N ILE G 128 -8.23 3.30 -40.94
CA ILE G 128 -7.01 2.71 -40.38
C ILE G 128 -6.77 3.15 -38.91
N SER G 129 -6.24 2.20 -38.15
CA SER G 129 -5.81 2.35 -36.77
C SER G 129 -4.31 1.98 -36.67
N LEU G 130 -3.53 2.95 -36.20
CA LEU G 130 -2.08 2.73 -36.05
C LEU G 130 -1.67 2.45 -34.60
N PHE G 131 -0.95 1.39 -34.44
CA PHE G 131 -0.46 0.92 -33.09
C PHE G 131 1.05 0.63 -33.17
N ALA G 132 1.72 0.87 -32.03
CA ALA G 132 3.13 0.64 -31.87
C ALA G 132 3.77 1.21 -30.58
N ARG G 133 4.95 0.64 -30.42
CA ARG G 133 5.93 1.07 -29.32
C ARG G 133 6.04 2.58 -29.49
N GLY G 134 5.89 3.38 -28.36
CA GLY G 134 5.97 4.81 -28.48
C GLY G 134 4.64 5.49 -28.79
N ILE G 135 3.55 4.76 -28.97
CA ILE G 135 2.24 5.39 -29.25
C ILE G 135 1.39 4.93 -28.05
N ASN G 136 1.12 5.82 -27.14
CA ASN G 136 0.35 5.55 -25.92
C ASN G 136 -1.10 5.19 -26.23
N ILE G 137 -1.71 5.94 -27.14
CA ILE G 137 -3.09 5.70 -27.58
C ILE G 137 -3.06 5.68 -29.14
N HIS G 138 -3.57 4.66 -29.71
CA HIS G 138 -3.59 4.39 -31.15
C HIS G 138 -4.08 5.55 -32.02
N LEU G 139 -3.43 5.62 -33.20
CA LEU G 139 -3.79 6.77 -34.12
C LEU G 139 -4.79 6.32 -35.18
N HIS G 140 -5.82 7.11 -35.41
CA HIS G 140 -6.87 6.94 -36.37
C HIS G 140 -6.63 7.79 -37.65
N THR G 141 -6.77 7.18 -38.79
CA THR G 141 -6.68 7.93 -40.09
C THR G 141 -7.60 7.24 -41.10
N ARG G 142 -7.66 7.81 -42.29
CA ARG G 142 -8.41 7.31 -43.42
C ARG G 142 -7.51 7.34 -44.70
N LEU G 143 -7.64 6.33 -45.51
CA LEU G 143 -6.88 6.25 -46.78
C LEU G 143 -7.96 6.48 -47.90
N TYR G 144 -7.72 7.54 -48.64
CA TYR G 144 -8.58 7.92 -49.81
C TYR G 144 -7.69 7.62 -51.03
N PHE G 145 -8.27 7.57 -52.21
CA PHE G 145 -7.50 7.22 -53.44
C PHE G 145 -7.43 8.42 -54.36
N ASP G 146 -6.28 8.57 -54.98
CA ASP G 146 -6.03 9.69 -55.89
C ASP G 146 -6.92 9.69 -57.13
N ASP G 147 -7.37 8.53 -57.54
CA ASP G 147 -8.21 8.33 -58.71
C ASP G 147 -9.69 8.58 -58.47
N GLU G 148 -10.01 9.09 -57.31
CA GLU G 148 -11.38 9.42 -56.89
C GLU G 148 -11.46 10.90 -56.53
N ALA G 149 -10.63 11.65 -57.26
CA ALA G 149 -10.55 13.10 -57.09
C ALA G 149 -11.88 13.80 -57.04
N GLN G 150 -12.85 13.41 -57.85
CA GLN G 150 -14.17 14.06 -57.89
C GLN G 150 -14.89 13.84 -56.56
N ALA G 151 -14.96 12.58 -56.21
CA ALA G 151 -15.60 12.16 -54.95
C ALA G 151 -14.94 12.87 -53.75
N ASN G 152 -13.63 12.79 -53.71
CA ASN G 152 -12.82 13.39 -52.66
C ASN G 152 -13.16 14.87 -52.39
N ALA G 153 -13.28 15.62 -53.47
CA ALA G 153 -13.57 17.06 -53.39
C ALA G 153 -14.89 17.32 -52.68
N LYS G 154 -15.72 16.30 -52.67
CA LYS G 154 -17.06 16.45 -52.07
C LYS G 154 -17.21 15.68 -50.76
N CYS G 155 -16.17 15.04 -50.29
CA CYS G 155 -16.24 14.27 -49.02
C CYS G 155 -16.43 15.20 -47.83
N PRO G 156 -17.52 14.95 -47.11
CA PRO G 156 -17.85 15.73 -45.91
C PRO G 156 -16.78 15.53 -44.84
N VAL G 157 -16.12 14.40 -44.82
CA VAL G 157 -15.08 14.15 -43.81
C VAL G 157 -13.79 14.90 -44.18
N LEU G 158 -13.44 14.72 -45.42
CA LEU G 158 -12.22 15.34 -45.98
C LEU G 158 -12.37 16.86 -45.92
N ASN G 159 -13.59 17.34 -46.05
CA ASN G 159 -13.91 18.76 -46.00
C ASN G 159 -13.86 19.34 -44.60
N LEU G 160 -13.76 18.50 -43.58
CA LEU G 160 -13.67 19.02 -42.18
C LEU G 160 -12.24 19.49 -41.93
N ILE G 161 -11.30 18.97 -42.69
CA ILE G 161 -9.87 19.34 -42.56
C ILE G 161 -9.71 20.75 -43.15
N GLU G 162 -9.64 21.71 -42.25
CA GLU G 162 -9.55 23.11 -42.53
C GLU G 162 -8.56 23.48 -43.63
N GLN G 163 -7.35 22.96 -43.59
CA GLN G 163 -6.33 23.29 -44.58
C GLN G 163 -6.26 22.22 -45.67
N PRO G 164 -6.48 22.68 -46.90
CA PRO G 164 -6.47 21.83 -48.09
C PRO G 164 -5.22 21.00 -48.22
N GLN G 165 -4.09 21.62 -47.93
CA GLN G 165 -2.79 20.92 -48.00
C GLN G 165 -2.73 19.68 -47.12
N ARG G 166 -3.42 19.71 -45.99
CA ARG G 166 -3.43 18.57 -45.05
C ARG G 166 -4.22 17.38 -45.58
N ARG G 167 -5.22 17.71 -46.40
CA ARG G 167 -6.12 16.76 -47.06
C ARG G 167 -5.31 15.82 -47.93
N GLU G 168 -4.35 16.38 -48.64
CA GLU G 168 -3.48 15.58 -49.51
C GLU G 168 -2.75 14.47 -48.79
N THR G 169 -2.45 14.62 -47.49
CA THR G 169 -1.75 13.63 -46.68
C THR G 169 -2.53 12.32 -46.60
N LEU G 170 -3.82 12.44 -46.83
CA LEU G 170 -4.76 11.33 -46.79
C LEU G 170 -4.95 10.65 -48.14
N ILE G 171 -4.30 11.08 -49.19
CA ILE G 171 -4.50 10.47 -50.54
C ILE G 171 -3.49 9.51 -51.03
N ALA G 172 -3.88 8.28 -51.28
CA ALA G 172 -3.02 7.20 -51.75
C ALA G 172 -2.77 7.36 -53.28
N LYS G 173 -1.51 7.23 -53.62
CA LYS G 173 -1.01 7.34 -54.99
C LYS G 173 -1.07 5.97 -55.69
N ARG G 174 -1.92 5.95 -56.70
CA ARG G 174 -2.15 4.78 -57.55
C ARG G 174 -0.87 4.46 -58.33
N CYS G 175 -0.67 3.20 -58.56
CA CYS G 175 0.47 2.63 -59.30
C CYS G 175 0.14 1.16 -59.59
N GLU G 176 1.16 0.45 -59.97
CA GLU G 176 1.01 -0.99 -60.31
C GLU G 176 2.17 -1.80 -59.78
N VAL G 177 1.86 -2.98 -59.27
CA VAL G 177 2.88 -3.90 -58.74
C VAL G 177 2.60 -5.26 -59.40
N ASP G 178 3.62 -5.76 -60.07
CA ASP G 178 3.49 -7.04 -60.80
C ASP G 178 2.25 -6.95 -61.70
N GLY G 179 2.11 -5.81 -62.33
CA GLY G 179 0.95 -5.61 -63.22
C GLY G 179 -0.37 -5.64 -62.47
N LYS G 180 -0.31 -5.36 -61.17
CA LYS G 180 -1.56 -5.29 -60.38
C LYS G 180 -1.72 -3.83 -59.93
N THR G 181 -2.96 -3.39 -59.90
CA THR G 181 -3.27 -2.02 -59.46
C THR G 181 -2.90 -2.01 -57.94
N ALA G 182 -2.05 -1.08 -57.62
CA ALA G 182 -1.57 -0.90 -56.23
C ALA G 182 -1.69 0.59 -55.89
N TYR G 183 -1.88 0.88 -54.63
CA TYR G 183 -1.93 2.27 -54.13
C TYR G 183 -0.90 2.29 -52.97
N ARG G 184 -0.11 3.34 -52.96
CA ARG G 184 0.90 3.45 -51.89
C ARG G 184 0.41 4.51 -50.89
N PHE G 185 0.42 4.14 -49.62
CA PHE G 185 -0.03 5.05 -48.55
C PHE G 185 0.96 5.06 -47.41
N ASP G 186 1.75 6.12 -47.42
CA ASP G 186 2.79 6.33 -46.39
C ASP G 186 2.18 7.17 -45.27
N ILE G 187 2.54 6.78 -44.06
CA ILE G 187 2.02 7.54 -42.88
C ILE G 187 3.23 8.30 -42.30
N ARG G 188 3.08 9.54 -42.01
CA ARG G 188 4.15 10.37 -41.39
C ARG G 188 3.54 10.83 -40.05
N ILE G 189 3.96 10.08 -39.02
CA ILE G 189 3.48 10.25 -37.66
C ILE G 189 3.65 11.68 -37.19
N GLN G 190 4.82 12.23 -37.51
CA GLN G 190 5.16 13.60 -37.05
C GLN G 190 6.03 14.37 -38.01
N GLY G 191 5.94 15.71 -37.92
CA GLY G 191 6.74 16.61 -38.73
C GLY G 191 6.13 16.99 -40.07
N GLU G 192 6.98 17.48 -40.95
CA GLU G 192 6.64 17.90 -42.31
C GLU G 192 5.84 16.79 -43.04
N GLY G 193 4.66 17.17 -43.53
CA GLY G 193 3.80 16.21 -44.24
C GLY G 193 3.07 15.29 -43.28
N GLU G 194 3.04 15.71 -42.03
CA GLU G 194 2.38 14.99 -40.95
C GLU G 194 0.98 14.61 -41.39
N THR G 195 0.72 13.33 -41.32
CA THR G 195 -0.57 12.74 -41.70
C THR G 195 -1.67 13.26 -40.79
N VAL G 196 -2.84 13.45 -41.35
CA VAL G 196 -3.97 13.93 -40.52
C VAL G 196 -4.46 12.71 -39.68
N PHE G 197 -4.66 12.95 -38.41
CA PHE G 197 -5.15 11.84 -37.51
C PHE G 197 -6.49 12.34 -36.99
N PHE G 198 -7.39 11.44 -36.76
CA PHE G 198 -8.76 11.81 -36.36
C PHE G 198 -9.12 11.41 -34.92
N ASP G 199 -10.18 12.07 -34.46
CA ASP G 199 -10.77 11.75 -33.14
C ASP G 199 -12.29 11.62 -33.42
N PHE G 200 -12.92 10.67 -32.81
CA PHE G 200 -14.36 10.39 -32.93
C PHE G 200 -14.77 9.36 -31.81
N PRO H 1 -25.81 -6.32 -43.57
CA PRO H 1 -24.48 -5.85 -43.14
C PRO H 1 -24.69 -4.98 -41.91
N ALA H 2 -23.59 -4.46 -41.38
CA ALA H 2 -23.70 -3.60 -40.16
C ALA H 2 -24.47 -2.33 -40.53
N GLN H 3 -24.97 -1.66 -39.49
CA GLN H 3 -25.71 -0.40 -39.67
C GLN H 3 -25.43 0.59 -38.53
N ASP H 4 -25.56 1.86 -38.90
CA ASP H 4 -25.35 3.00 -38.03
C ASP H 4 -26.53 3.15 -37.06
N ASN H 5 -26.52 2.35 -36.00
CA ASN H 5 -27.63 2.45 -35.01
C ASN H 5 -27.16 3.03 -33.67
N SER H 6 -25.85 3.07 -33.44
CA SER H 6 -25.34 3.59 -32.15
C SER H 6 -24.39 4.76 -32.33
N ARG H 7 -24.23 5.45 -31.22
CA ARG H 7 -23.33 6.57 -30.99
C ARG H 7 -22.48 6.13 -29.76
N PHE H 8 -21.20 6.43 -29.80
CA PHE H 8 -20.29 6.08 -28.70
C PHE H 8 -19.92 7.32 -27.93
N VAL H 9 -19.98 7.25 -26.60
CA VAL H 9 -19.63 8.44 -25.79
C VAL H 9 -18.20 8.86 -26.20
N ILE H 10 -17.92 10.11 -26.35
CA ILE H 10 -16.64 10.67 -26.73
C ILE H 10 -15.55 10.28 -25.74
N ARG H 11 -14.41 9.87 -26.24
CA ARG H 11 -13.26 9.49 -25.39
C ARG H 11 -12.73 10.71 -24.62
N ASP H 12 -12.30 10.44 -23.40
CA ASP H 12 -11.69 11.48 -22.55
C ASP H 12 -10.15 11.32 -22.69
N ARG H 13 -9.64 12.21 -23.52
CA ARG H 13 -8.23 12.28 -23.88
C ARG H 13 -7.36 12.88 -22.78
N ASN H 14 -8.00 13.27 -21.70
CA ASN H 14 -7.33 13.73 -20.48
C ASN H 14 -7.20 12.50 -19.56
N TRP H 15 -8.09 11.55 -19.67
CA TRP H 15 -8.09 10.29 -18.93
C TRP H 15 -6.99 9.34 -19.45
N HIS H 16 -7.04 9.17 -20.78
CA HIS H 16 -6.05 8.34 -21.48
C HIS H 16 -4.71 9.09 -21.42
N PRO H 17 -3.68 8.32 -21.65
CA PRO H 17 -2.31 8.91 -21.68
C PRO H 17 -2.26 9.89 -22.88
N LYS H 18 -1.46 10.92 -22.69
CA LYS H 18 -1.25 11.92 -23.76
C LYS H 18 -0.27 11.26 -24.75
N ALA H 19 -0.17 11.90 -25.88
CA ALA H 19 0.70 11.42 -26.97
C ALA H 19 2.20 11.59 -26.63
N LEU H 20 2.56 12.81 -26.28
CA LEU H 20 3.91 13.20 -25.94
C LEU H 20 4.13 13.08 -24.41
N THR H 21 4.82 12.04 -24.06
CA THR H 21 5.13 11.77 -22.60
C THR H 21 6.63 11.45 -22.61
N PRO H 22 7.39 12.57 -22.54
CA PRO H 22 8.81 12.53 -22.64
C PRO H 22 9.63 11.56 -21.85
N ASP H 23 9.25 11.09 -20.68
CA ASP H 23 10.10 10.12 -19.92
C ASP H 23 10.08 8.77 -20.61
N TYR H 24 9.05 8.61 -21.42
CA TYR H 24 8.84 7.38 -22.23
C TYR H 24 9.44 7.87 -23.62
N LYS H 25 10.77 7.66 -23.64
CA LYS H 25 11.60 8.13 -24.68
C LYS H 25 11.08 7.97 -26.11
N THR H 26 10.57 6.85 -26.45
CA THR H 26 10.07 6.57 -27.81
C THR H 26 8.90 7.39 -28.30
N SER H 27 8.11 7.87 -27.34
CA SER H 27 6.93 8.67 -27.67
C SER H 27 7.31 10.01 -28.26
N ILE H 28 8.55 10.44 -27.92
CA ILE H 28 9.00 11.79 -28.40
C ILE H 28 8.88 11.93 -29.91
N ALA H 29 9.43 10.98 -30.64
CA ALA H 29 9.40 10.99 -32.11
C ALA H 29 8.18 10.31 -32.71
N ARG H 30 7.44 9.60 -31.87
CA ARG H 30 6.26 8.88 -32.39
C ARG H 30 4.95 9.47 -31.97
N SER H 31 4.95 10.77 -31.86
CA SER H 31 3.69 11.48 -31.43
C SER H 31 3.43 12.64 -32.39
N PRO H 32 2.22 12.76 -32.85
CA PRO H 32 1.85 13.87 -33.77
C PRO H 32 2.06 15.23 -33.11
N ARG H 33 2.40 16.21 -33.93
CA ARG H 33 2.56 17.60 -33.43
C ARG H 33 1.36 18.41 -33.78
N GLN H 34 0.54 17.94 -34.74
CA GLN H 34 -0.71 18.69 -35.10
C GLN H 34 -1.86 18.14 -34.24
N ALA H 35 -2.90 18.94 -34.05
CA ALA H 35 -4.08 18.53 -33.31
C ALA H 35 -4.81 17.39 -34.08
N LEU H 36 -5.41 16.51 -33.28
CA LEU H 36 -6.24 15.45 -33.92
C LEU H 36 -7.43 16.21 -34.59
N VAL H 37 -7.91 15.71 -35.68
CA VAL H 37 -9.10 16.41 -36.34
C VAL H 37 -10.35 15.68 -35.90
N SER H 38 -11.24 16.36 -35.19
CA SER H 38 -12.45 15.70 -34.69
C SER H 38 -13.47 15.50 -35.84
N ILE H 39 -14.08 14.32 -35.89
CA ILE H 39 -15.14 14.09 -36.92
C ILE H 39 -16.34 13.41 -36.28
N PRO H 40 -17.53 13.71 -36.84
CA PRO H 40 -18.77 13.10 -36.34
C PRO H 40 -18.71 11.61 -36.67
N GLN H 41 -19.38 10.83 -35.84
CA GLN H 41 -19.46 9.36 -36.05
C GLN H 41 -20.44 9.09 -37.23
N SER H 42 -20.03 8.16 -38.04
CA SER H 42 -20.72 7.64 -39.20
C SER H 42 -20.65 6.08 -39.10
N ILE H 43 -21.28 5.46 -40.06
CA ILE H 43 -21.27 3.98 -40.11
C ILE H 43 -19.85 3.46 -40.15
N SER H 44 -18.92 4.27 -40.64
CA SER H 44 -17.50 3.84 -40.73
C SER H 44 -16.93 3.61 -39.32
N GLU H 45 -17.25 4.51 -38.44
CA GLU H 45 -16.78 4.54 -37.06
C GLU H 45 -17.59 3.73 -36.06
N THR H 46 -18.91 3.74 -36.23
CA THR H 46 -19.83 3.05 -35.36
C THR H 46 -20.02 1.56 -35.61
N THR H 47 -19.25 0.96 -36.52
CA THR H 47 -19.37 -0.47 -36.79
C THR H 47 -17.97 -1.10 -36.61
N GLY H 48 -17.95 -2.41 -36.62
CA GLY H 48 -16.69 -3.18 -36.47
C GLY H 48 -17.06 -4.65 -36.61
N PRO H 49 -16.02 -5.46 -36.70
CA PRO H 49 -16.12 -6.88 -36.89
C PRO H 49 -16.65 -7.61 -35.66
N ASN H 50 -17.36 -8.66 -35.96
CA ASN H 50 -17.95 -9.56 -34.96
C ASN H 50 -17.18 -10.87 -35.17
N PHE H 51 -16.57 -11.38 -34.13
CA PHE H 51 -15.73 -12.61 -34.25
C PHE H 51 -16.35 -13.90 -33.81
N SER H 52 -17.67 -13.95 -33.74
CA SER H 52 -18.44 -15.09 -33.33
C SER H 52 -18.12 -16.35 -34.13
N HIS H 53 -17.80 -16.19 -35.40
CA HIS H 53 -17.50 -17.32 -36.26
C HIS H 53 -16.03 -17.60 -36.41
N LEU H 54 -15.22 -16.90 -35.61
CA LEU H 54 -13.76 -17.21 -35.73
C LEU H 54 -13.59 -18.61 -35.12
N GLY H 55 -12.74 -19.40 -35.72
CA GLY H 55 -12.48 -20.77 -35.28
C GLY H 55 -11.41 -20.84 -34.18
N PHE H 56 -11.85 -20.78 -32.95
CA PHE H 56 -10.96 -20.85 -31.78
C PHE H 56 -10.57 -22.30 -31.44
N GLY H 57 -9.31 -22.51 -31.24
CA GLY H 57 -8.77 -23.81 -30.83
C GLY H 57 -9.24 -24.07 -29.39
N ALA H 58 -9.20 -25.33 -29.03
CA ALA H 58 -9.64 -25.80 -27.72
C ALA H 58 -8.94 -25.06 -26.58
N HIS H 59 -7.66 -24.78 -26.78
CA HIS H 59 -6.85 -24.10 -25.77
C HIS H 59 -6.41 -22.70 -26.08
N ASP H 60 -7.15 -22.00 -26.91
CA ASP H 60 -6.77 -20.64 -27.32
C ASP H 60 -6.53 -19.77 -26.09
N HIS H 61 -7.32 -20.00 -25.05
CA HIS H 61 -7.25 -19.23 -23.81
C HIS H 61 -6.46 -19.85 -22.68
N ASP H 62 -5.80 -20.98 -22.91
CA ASP H 62 -5.02 -21.67 -21.88
C ASP H 62 -3.54 -21.69 -22.20
N LEU H 63 -2.82 -20.69 -21.66
CA LEU H 63 -1.41 -20.49 -21.90
C LEU H 63 -0.54 -21.56 -21.28
N LEU H 64 -1.15 -22.43 -20.52
CA LEU H 64 -0.58 -23.58 -19.85
C LEU H 64 -0.47 -24.79 -20.78
N LEU H 65 -1.45 -24.97 -21.63
CA LEU H 65 -1.58 -26.03 -22.58
C LEU H 65 -1.37 -25.67 -24.04
N ASN H 66 -1.61 -24.42 -24.43
CA ASN H 66 -1.55 -24.00 -25.80
C ASN H 66 -0.24 -23.87 -26.51
N PHE H 67 0.91 -24.04 -25.85
CA PHE H 67 2.17 -23.86 -26.60
C PHE H 67 2.65 -25.18 -27.19
N GLY H 71 4.86 -30.68 -21.85
CA GLY H 71 5.43 -30.13 -20.61
C GLY H 71 4.63 -28.93 -20.12
N LEU H 72 4.85 -28.69 -18.85
CA LEU H 72 4.15 -27.53 -18.18
C LEU H 72 5.15 -26.41 -18.01
N PRO H 73 4.67 -25.19 -18.29
CA PRO H 73 5.51 -23.99 -18.12
C PRO H 73 5.86 -23.85 -16.62
N ILE H 74 7.04 -23.28 -16.39
CA ILE H 74 7.48 -22.99 -15.00
C ILE H 74 6.99 -21.58 -14.66
N GLY H 75 6.51 -21.39 -13.44
CA GLY H 75 6.01 -20.09 -12.99
C GLY H 75 4.72 -20.25 -12.15
N GLU H 76 4.29 -19.12 -11.64
CA GLU H 76 3.09 -19.00 -10.83
C GLU H 76 1.83 -19.12 -11.73
N ARG H 77 1.12 -20.17 -11.47
CA ARG H 77 -0.11 -20.57 -12.12
C ARG H 77 -1.20 -19.64 -11.61
N ILE H 78 -1.77 -18.91 -12.58
CA ILE H 78 -2.87 -17.99 -12.28
C ILE H 78 -3.94 -18.08 -13.36
N ILE H 79 -5.11 -17.67 -13.01
CA ILE H 79 -6.27 -17.50 -13.93
C ILE H 79 -6.44 -15.95 -13.99
N VAL H 80 -6.67 -15.39 -15.12
CA VAL H 80 -6.94 -13.94 -15.32
C VAL H 80 -8.38 -13.95 -15.90
N ALA H 81 -9.29 -13.41 -15.16
CA ALA H 81 -10.69 -13.37 -15.51
C ALA H 81 -11.23 -11.97 -15.14
N GLY H 82 -12.39 -11.68 -15.64
CA GLY H 82 -13.08 -10.42 -15.42
C GLY H 82 -14.25 -10.32 -16.39
N ARG H 83 -14.72 -9.11 -16.51
CA ARG H 83 -15.90 -8.86 -17.39
C ARG H 83 -15.61 -7.58 -18.17
N VAL H 84 -16.17 -7.58 -19.38
CA VAL H 84 -16.01 -6.41 -20.26
C VAL H 84 -17.39 -5.76 -20.31
N VAL H 85 -17.46 -4.51 -19.92
CA VAL H 85 -18.71 -3.76 -19.89
C VAL H 85 -18.37 -2.39 -20.55
N ASP H 86 -19.42 -1.72 -20.85
CA ASP H 86 -19.38 -0.37 -21.47
C ASP H 86 -19.52 0.62 -20.33
N GLN H 87 -19.38 1.87 -20.64
CA GLN H 87 -19.47 2.95 -19.64
C GLN H 87 -20.82 3.00 -18.93
N TYR H 88 -21.85 2.46 -19.56
CA TYR H 88 -23.18 2.46 -18.95
C TYR H 88 -23.29 1.29 -17.97
N GLY H 89 -22.32 0.39 -18.04
CA GLY H 89 -22.30 -0.77 -17.13
C GLY H 89 -22.87 -2.00 -17.82
N LYS H 90 -23.17 -1.81 -19.09
CA LYS H 90 -23.71 -2.87 -19.94
C LYS H 90 -22.62 -3.82 -20.36
N PRO H 91 -22.90 -5.10 -20.17
CA PRO H 91 -21.98 -6.18 -20.52
C PRO H 91 -21.82 -6.23 -22.05
N VAL H 92 -20.61 -6.63 -22.45
CA VAL H 92 -20.22 -6.72 -23.86
C VAL H 92 -19.99 -8.17 -24.28
N PRO H 93 -21.06 -8.78 -24.75
CA PRO H 93 -21.02 -10.20 -25.11
C PRO H 93 -20.33 -10.45 -26.41
N ASN H 94 -19.80 -11.62 -26.61
CA ASN H 94 -19.12 -12.15 -27.73
C ASN H 94 -18.13 -11.18 -28.40
N THR H 95 -17.35 -10.54 -27.60
CA THR H 95 -16.31 -9.61 -28.08
C THR H 95 -14.95 -10.30 -27.99
N LEU H 96 -14.03 -9.87 -28.85
CA LEU H 96 -12.70 -10.46 -28.95
C LEU H 96 -11.72 -9.88 -27.93
N VAL H 97 -11.13 -10.82 -27.19
CA VAL H 97 -10.16 -10.44 -26.12
C VAL H 97 -8.87 -11.22 -26.37
N GLU H 98 -7.85 -10.48 -26.76
CA GLU H 98 -6.53 -11.11 -27.02
C GLU H 98 -5.52 -10.62 -26.00
N MET H 99 -4.55 -11.42 -25.68
CA MET H 99 -3.53 -11.04 -24.67
C MET H 99 -2.21 -11.77 -24.96
N TRP H 100 -1.11 -11.14 -24.56
CA TRP H 100 0.22 -11.72 -24.79
C TRP H 100 1.10 -11.24 -23.64
N GLN H 101 2.16 -11.96 -23.38
CA GLN H 101 3.07 -11.55 -22.27
C GLN H 101 4.40 -12.32 -22.41
N ALA H 102 5.28 -11.96 -21.46
CA ALA H 102 6.58 -12.61 -21.33
C ALA H 102 6.39 -13.85 -20.43
N ASN H 103 7.51 -14.54 -20.20
CA ASN H 103 7.42 -15.76 -19.32
C ASN H 103 7.72 -15.33 -17.87
N ALA H 104 7.85 -16.39 -17.06
CA ALA H 104 8.14 -16.19 -15.61
C ALA H 104 9.38 -15.35 -15.39
N GLY H 105 10.40 -15.47 -16.24
CA GLY H 105 11.63 -14.73 -16.12
C GLY H 105 11.59 -13.34 -16.74
N GLY H 106 10.48 -13.03 -17.41
CA GLY H 106 10.36 -11.71 -18.09
C GLY H 106 10.92 -11.78 -19.50
N ARG H 107 10.95 -13.00 -20.05
CA ARG H 107 11.47 -13.17 -21.44
C ARG H 107 10.32 -13.36 -22.42
N TYR H 108 10.36 -12.62 -23.52
CA TYR H 108 9.31 -12.75 -24.59
C TYR H 108 9.82 -13.70 -25.70
N ARG H 109 8.91 -14.47 -26.23
CA ARG H 109 9.14 -15.42 -27.32
C ARG H 109 8.89 -14.66 -28.67
N HIS H 110 9.83 -13.72 -28.85
CA HIS H 110 9.85 -12.81 -29.99
C HIS H 110 11.32 -12.58 -30.41
N LYS H 111 11.51 -12.58 -31.69
CA LYS H 111 12.76 -12.46 -32.41
C LYS H 111 13.66 -11.33 -31.86
N ASN H 112 13.04 -10.19 -31.63
CA ASN H 112 13.75 -9.02 -31.14
C ASN H 112 14.07 -8.99 -29.67
N ASP H 113 13.67 -10.01 -28.87
CA ASP H 113 13.94 -9.98 -27.43
C ASP H 113 15.29 -10.63 -27.12
N ARG H 114 16.23 -9.78 -26.77
CA ARG H 114 17.57 -10.32 -26.43
C ARG H 114 17.82 -10.38 -24.95
N TYR H 115 16.77 -10.26 -24.14
CA TYR H 115 16.99 -10.31 -22.66
C TYR H 115 17.63 -11.68 -22.39
N LEU H 116 18.61 -11.66 -21.53
CA LEU H 116 19.38 -12.83 -21.12
C LEU H 116 18.57 -13.87 -20.39
N ALA H 117 17.46 -13.53 -19.78
CA ALA H 117 16.62 -14.54 -19.07
C ALA H 117 16.18 -15.52 -20.20
N PRO H 118 16.12 -16.81 -19.83
CA PRO H 118 15.77 -17.85 -20.76
C PRO H 118 14.34 -17.96 -21.18
N LEU H 119 14.21 -18.63 -22.34
CA LEU H 119 12.89 -18.94 -22.88
C LEU H 119 12.42 -20.21 -22.13
N ASP H 120 11.12 -20.37 -22.10
CA ASP H 120 10.54 -21.59 -21.44
C ASP H 120 9.96 -22.39 -22.62
N PRO H 121 10.48 -23.59 -22.76
CA PRO H 121 10.11 -24.50 -23.86
C PRO H 121 8.66 -24.95 -23.87
N ASN H 122 7.92 -24.67 -22.83
CA ASN H 122 6.51 -25.06 -22.72
C ASN H 122 5.55 -23.87 -22.73
N PHE H 123 6.13 -22.72 -23.03
CA PHE H 123 5.32 -21.47 -22.99
C PHE H 123 5.53 -20.57 -24.21
N GLY H 124 4.39 -20.24 -24.78
CA GLY H 124 4.30 -19.39 -25.97
C GLY H 124 4.08 -17.93 -25.58
N GLY H 125 3.05 -17.68 -24.76
CA GLY H 125 2.76 -16.34 -24.31
C GLY H 125 1.61 -15.64 -25.01
N VAL H 126 0.72 -16.38 -25.67
CA VAL H 126 -0.43 -15.77 -26.34
C VAL H 126 -1.72 -16.53 -26.06
N GLY H 127 -2.76 -15.75 -25.89
CA GLY H 127 -4.10 -16.38 -25.67
C GLY H 127 -5.11 -15.46 -26.36
N ARG H 128 -6.30 -15.96 -26.52
CA ARG H 128 -7.42 -15.23 -27.12
C ARG H 128 -8.67 -16.01 -26.69
N CYS H 129 -9.74 -15.22 -26.65
CA CYS H 129 -11.02 -15.82 -26.27
C CYS H 129 -12.13 -14.78 -26.49
N LEU H 130 -13.32 -15.31 -26.43
CA LEU H 130 -14.53 -14.52 -26.70
C LEU H 130 -15.34 -14.38 -25.42
N THR H 131 -15.75 -13.15 -25.16
CA THR H 131 -16.55 -12.96 -23.92
C THR H 131 -17.89 -13.69 -24.19
N ASP H 132 -18.44 -14.08 -23.05
CA ASP H 132 -19.72 -14.81 -23.03
C ASP H 132 -20.90 -13.86 -23.08
N SER H 133 -22.07 -14.46 -22.90
CA SER H 133 -23.33 -13.66 -22.90
C SER H 133 -23.33 -12.63 -21.79
N ASP H 134 -22.59 -12.84 -20.73
CA ASP H 134 -22.54 -11.90 -19.62
C ASP H 134 -21.38 -10.91 -19.66
N GLY H 135 -20.51 -11.09 -20.64
CA GLY H 135 -19.35 -10.29 -20.84
C GLY H 135 -18.11 -10.75 -20.14
N TYR H 136 -18.11 -12.00 -19.65
CA TYR H 136 -17.03 -12.62 -18.96
C TYR H 136 -16.06 -13.34 -19.91
N TYR H 137 -14.83 -13.28 -19.52
CA TYR H 137 -13.69 -13.89 -20.18
C TYR H 137 -12.79 -14.45 -19.04
N SER H 138 -11.99 -15.40 -19.49
CA SER H 138 -11.00 -15.93 -18.53
C SER H 138 -9.92 -16.60 -19.31
N PHE H 139 -8.72 -16.53 -18.76
CA PHE H 139 -7.49 -17.08 -19.30
C PHE H 139 -6.77 -17.83 -18.15
N ARG H 140 -5.96 -18.73 -18.57
CA ARG H 140 -5.12 -19.54 -17.70
C ARG H 140 -3.67 -19.33 -18.18
N THR H 141 -2.83 -18.92 -17.23
CA THR H 141 -1.42 -18.63 -17.60
C THR H 141 -0.55 -18.64 -16.35
N ILE H 142 0.67 -18.13 -16.54
CA ILE H 142 1.61 -17.96 -15.42
C ILE H 142 1.90 -16.43 -15.36
N LYS H 143 2.20 -16.00 -14.13
CA LYS H 143 2.48 -14.62 -13.82
C LYS H 143 3.83 -14.25 -14.45
N PRO H 144 3.77 -13.25 -15.33
CA PRO H 144 4.96 -12.78 -16.04
C PRO H 144 5.96 -12.11 -15.14
N GLY H 145 7.21 -12.10 -15.52
CA GLY H 145 8.24 -11.38 -14.71
C GLY H 145 8.53 -9.97 -15.27
N PRO H 146 9.06 -9.12 -14.42
CA PRO H 146 9.46 -7.74 -14.77
C PRO H 146 10.50 -7.86 -15.92
N TYR H 147 10.58 -6.79 -16.66
CA TYR H 147 11.46 -6.72 -17.87
C TYR H 147 12.28 -5.46 -17.98
N PRO H 148 13.61 -5.60 -17.98
CA PRO H 148 14.54 -4.47 -18.14
C PRO H 148 14.41 -4.00 -19.61
N TRP H 149 14.57 -2.71 -19.84
CA TRP H 149 14.42 -2.19 -21.23
C TRP H 149 15.17 -0.87 -21.38
N ARG H 150 15.57 -0.62 -22.63
CA ARG H 150 16.35 0.57 -22.91
C ARG H 150 15.61 1.86 -22.92
N ASN H 151 15.35 2.43 -21.72
CA ASN H 151 14.66 3.75 -21.65
C ASN H 151 15.68 4.63 -20.90
N GLY H 152 15.52 4.67 -19.60
CA GLY H 152 16.56 5.35 -18.76
C GLY H 152 17.56 4.14 -18.57
N PRO H 153 18.68 4.41 -17.89
CA PRO H 153 19.71 3.42 -17.66
C PRO H 153 19.33 2.23 -16.76
N ASN H 154 18.25 2.36 -16.04
CA ASN H 154 17.81 1.29 -15.13
C ASN H 154 16.30 1.22 -15.00
N ASP H 155 15.62 1.19 -16.14
CA ASP H 155 14.15 1.11 -16.17
C ASP H 155 13.77 -0.37 -16.29
N TRP H 156 12.67 -0.69 -15.62
CA TRP H 156 12.16 -2.09 -15.61
C TRP H 156 10.63 -2.03 -15.70
N ARG H 157 10.04 -2.70 -16.67
CA ARG H 157 8.54 -2.66 -16.71
C ARG H 157 8.09 -3.59 -15.52
N PRO H 158 7.00 -3.21 -14.92
CA PRO H 158 6.39 -4.05 -13.89
C PRO H 158 5.90 -5.32 -14.66
N ALA H 159 5.59 -6.36 -13.92
CA ALA H 159 5.02 -7.58 -14.47
C ALA H 159 3.71 -7.01 -15.15
N HIS H 160 3.55 -7.32 -16.39
CA HIS H 160 2.32 -6.83 -17.10
C HIS H 160 1.88 -7.84 -18.16
N ILE H 161 0.60 -7.77 -18.50
CA ILE H 161 -0.01 -8.59 -19.54
C ILE H 161 -0.67 -7.60 -20.58
N HIS H 162 -0.24 -7.77 -21.80
CA HIS H 162 -0.79 -6.89 -22.89
C HIS H 162 -2.18 -7.40 -23.25
N PHE H 163 -3.12 -6.46 -23.36
CA PHE H 163 -4.49 -6.81 -23.74
C PHE H 163 -4.96 -5.95 -24.96
N GLY H 164 -5.83 -6.56 -25.74
CA GLY H 164 -6.46 -6.00 -26.93
C GLY H 164 -7.94 -6.49 -26.92
N ILE H 165 -8.81 -5.50 -26.98
CA ILE H 165 -10.26 -5.70 -26.94
C ILE H 165 -10.98 -4.98 -28.09
N SER H 166 -11.78 -5.77 -28.79
CA SER H 166 -12.54 -5.25 -29.97
C SER H 166 -13.71 -4.35 -29.64
N GLY H 167 -14.67 -4.88 -28.89
CA GLY H 167 -15.88 -4.08 -28.56
C GLY H 167 -16.75 -4.21 -29.87
N PRO H 168 -17.91 -3.60 -29.82
CA PRO H 168 -18.85 -3.60 -30.91
C PRO H 168 -18.46 -2.76 -32.10
N SER H 169 -17.32 -2.07 -32.08
CA SER H 169 -16.93 -1.21 -33.22
C SER H 169 -15.48 -0.79 -33.19
N ILE H 170 -15.08 -0.17 -34.31
CA ILE H 170 -13.71 0.35 -34.46
C ILE H 170 -13.49 1.46 -33.40
N ALA H 171 -14.60 2.15 -33.08
CA ALA H 171 -14.57 3.22 -32.10
C ALA H 171 -14.25 2.75 -30.67
N THR H 172 -14.59 1.51 -30.34
CA THR H 172 -14.39 0.96 -29.00
C THR H 172 -13.11 0.21 -28.84
N LYS H 173 -12.50 -0.17 -29.98
CA LYS H 173 -11.27 -0.96 -29.95
C LYS H 173 -10.21 -0.38 -29.05
N LEU H 174 -9.58 -1.24 -28.26
CA LEU H 174 -8.57 -0.83 -27.31
C LEU H 174 -7.46 -1.87 -27.08
N ILE H 175 -6.29 -1.28 -26.89
CA ILE H 175 -5.08 -1.98 -26.53
C ILE H 175 -4.59 -1.28 -25.19
N THR H 176 -4.39 -2.18 -24.26
CA THR H 176 -3.99 -1.76 -22.90
C THR H 176 -3.08 -2.83 -22.26
N GLN H 177 -2.76 -2.58 -20.98
CA GLN H 177 -1.89 -3.51 -20.24
C GLN H 177 -2.42 -3.71 -18.82
N LEU H 178 -2.40 -4.91 -18.37
CA LEU H 178 -2.82 -5.27 -17.00
C LEU H 178 -1.55 -5.25 -16.12
N TYR H 179 -1.66 -4.68 -14.98
CA TYR H 179 -0.61 -4.68 -13.94
C TYR H 179 -1.13 -5.48 -12.72
N PHE H 180 -0.20 -5.95 -11.89
CA PHE H 180 -0.54 -6.76 -10.71
C PHE H 180 -0.48 -5.99 -9.38
N GLU H 181 -1.56 -6.20 -8.61
CA GLU H 181 -1.72 -5.45 -7.35
C GLU H 181 -0.49 -5.58 -6.46
N GLY H 182 -0.07 -4.47 -5.90
CA GLY H 182 1.04 -4.31 -5.02
C GLY H 182 2.41 -4.25 -5.63
N ASP H 183 2.52 -4.54 -6.97
CA ASP H 183 3.84 -4.45 -7.63
C ASP H 183 4.49 -3.09 -7.42
N PRO H 184 5.61 -3.10 -6.66
CA PRO H 184 6.39 -1.89 -6.34
C PRO H 184 6.96 -1.18 -7.56
N LEU H 185 7.14 -1.88 -8.66
CA LEU H 185 7.65 -1.31 -9.93
C LEU H 185 6.68 -0.35 -10.58
N ILE H 186 5.40 -0.54 -10.36
CA ILE H 186 4.34 0.24 -11.01
C ILE H 186 4.48 1.75 -10.99
N PRO H 187 4.66 2.30 -9.78
CA PRO H 187 4.77 3.74 -9.61
C PRO H 187 6.02 4.31 -10.25
N MET H 188 6.98 3.49 -10.65
CA MET H 188 8.21 4.00 -11.22
C MET H 188 8.26 3.88 -12.76
N CYS H 189 7.30 3.23 -13.33
CA CYS H 189 7.35 3.01 -14.81
C CYS H 189 6.88 4.19 -15.65
N PRO H 190 7.77 4.63 -16.53
CA PRO H 190 7.50 5.78 -17.42
C PRO H 190 6.30 5.55 -18.30
N ILE H 191 6.05 4.33 -18.68
CA ILE H 191 4.87 3.98 -19.49
C ILE H 191 3.62 4.11 -18.64
N VAL H 192 3.65 3.45 -17.47
CA VAL H 192 2.48 3.59 -16.56
C VAL H 192 2.20 5.10 -16.40
N LYS H 193 3.28 5.83 -16.19
CA LYS H 193 3.23 7.27 -15.95
C LYS H 193 2.83 8.13 -17.13
N SER H 194 2.56 7.52 -18.27
CA SER H 194 2.10 8.33 -19.46
C SER H 194 0.66 8.72 -19.07
N ILE H 195 0.11 7.98 -18.08
CA ILE H 195 -1.28 8.31 -17.61
C ILE H 195 -1.13 9.34 -16.49
N ALA H 196 -1.73 10.49 -16.61
CA ALA H 196 -1.62 11.55 -15.65
C ALA H 196 -2.44 11.42 -14.38
N ASN H 197 -3.57 10.78 -14.42
CA ASN H 197 -4.47 10.60 -13.30
C ASN H 197 -4.24 9.28 -12.57
N PRO H 198 -3.78 9.38 -11.34
CA PRO H 198 -3.54 8.24 -10.47
C PRO H 198 -4.77 7.34 -10.43
N GLU H 199 -5.94 7.95 -10.50
CA GLU H 199 -7.20 7.22 -10.54
C GLU H 199 -7.28 6.33 -11.78
N ALA H 200 -6.73 6.74 -12.90
CA ALA H 200 -6.77 5.97 -14.15
C ALA H 200 -5.80 4.82 -14.05
N VAL H 201 -4.64 5.09 -13.43
CA VAL H 201 -3.64 4.00 -13.24
C VAL H 201 -4.29 2.79 -12.52
N GLN H 202 -5.10 3.08 -11.53
CA GLN H 202 -5.79 2.09 -10.71
C GLN H 202 -6.64 1.14 -11.54
N GLN H 203 -7.25 1.69 -12.62
CA GLN H 203 -8.10 0.86 -13.48
C GLN H 203 -7.27 -0.26 -14.11
N LEU H 204 -5.98 -0.08 -14.26
CA LEU H 204 -5.09 -1.07 -14.86
C LEU H 204 -4.51 -2.12 -13.89
N ILE H 205 -4.89 -1.93 -12.61
CA ILE H 205 -4.32 -2.95 -11.64
C ILE H 205 -5.28 -4.09 -11.40
N ALA H 206 -4.85 -5.27 -11.80
CA ALA H 206 -5.67 -6.49 -11.62
C ALA H 206 -5.56 -6.83 -10.12
N LYS H 207 -6.64 -7.25 -9.52
CA LYS H 207 -6.68 -7.59 -8.07
C LYS H 207 -6.66 -9.09 -7.75
N LEU H 208 -5.95 -9.41 -6.67
CA LEU H 208 -5.89 -10.83 -6.21
C LEU H 208 -7.34 -11.23 -5.94
N ASP H 209 -7.69 -12.36 -6.52
CA ASP H 209 -9.08 -12.90 -6.39
C ASP H 209 -9.04 -14.34 -5.88
N MET H 210 -8.88 -14.48 -4.56
CA MET H 210 -8.83 -15.74 -3.85
C MET H 210 -10.14 -16.54 -4.06
N ASN H 211 -11.22 -15.83 -4.18
CA ASN H 211 -12.55 -16.47 -4.31
C ASN H 211 -12.61 -17.25 -5.65
N ASN H 212 -11.74 -16.93 -6.56
CA ASN H 212 -11.69 -17.57 -7.88
C ASN H 212 -10.56 -18.54 -8.04
N ALA H 213 -9.63 -18.54 -7.07
CA ALA H 213 -8.47 -19.44 -7.12
C ALA H 213 -8.96 -20.90 -7.03
N ASN H 214 -8.15 -21.79 -7.47
CA ASN H 214 -8.36 -23.25 -7.40
C ASN H 214 -7.36 -23.74 -6.30
N PRO H 215 -7.94 -24.03 -5.16
CA PRO H 215 -7.15 -24.52 -3.98
C PRO H 215 -6.11 -25.53 -4.40
N MET H 216 -4.89 -25.44 -3.91
CA MET H 216 -3.77 -26.31 -4.23
C MET H 216 -3.51 -26.34 -5.74
N ASP H 217 -3.89 -25.34 -6.50
CA ASP H 217 -3.66 -25.39 -7.97
C ASP H 217 -3.08 -24.10 -8.51
N CYS H 218 -3.96 -23.09 -8.40
CA CYS H 218 -3.55 -21.75 -8.89
C CYS H 218 -4.40 -20.63 -8.36
N LEU H 219 -3.71 -19.51 -8.24
CA LEU H 219 -4.26 -18.24 -7.81
C LEU H 219 -5.06 -17.63 -8.99
N ALA H 220 -5.68 -16.48 -8.68
CA ALA H 220 -6.51 -15.79 -9.69
C ALA H 220 -6.55 -14.29 -9.39
N TYR H 221 -6.57 -13.57 -10.53
CA TYR H 221 -6.62 -12.10 -10.55
C TYR H 221 -7.86 -11.73 -11.35
N ARG H 222 -8.45 -10.64 -10.89
CA ARG H 222 -9.64 -10.09 -11.51
C ARG H 222 -9.28 -8.85 -12.34
N PHE H 223 -9.69 -8.87 -13.61
CA PHE H 223 -9.42 -7.66 -14.46
C PHE H 223 -10.64 -7.32 -15.31
N ASP H 224 -11.40 -6.35 -14.89
CA ASP H 224 -12.61 -5.88 -15.59
C ASP H 224 -12.17 -4.72 -16.52
N ILE H 225 -12.73 -4.69 -17.69
CA ILE H 225 -12.42 -3.68 -18.72
C ILE H 225 -13.69 -2.93 -19.09
N VAL H 226 -13.61 -1.62 -19.19
CA VAL H 226 -14.73 -0.76 -19.53
C VAL H 226 -14.39 -0.14 -20.92
N LEU H 227 -15.31 -0.37 -21.82
CA LEU H 227 -15.18 0.18 -23.21
C LEU H 227 -16.12 1.40 -23.27
N ARG H 228 -16.04 2.18 -24.36
CA ARG H 228 -16.86 3.36 -24.56
C ARG H 228 -18.36 3.04 -24.44
N GLY H 229 -19.07 3.88 -23.73
CA GLY H 229 -20.53 3.71 -23.54
C GLY H 229 -21.20 3.80 -24.94
N GLN H 230 -22.17 2.92 -25.13
CA GLN H 230 -22.94 2.85 -26.40
C GLN H 230 -24.37 3.34 -26.13
N ARG H 231 -24.78 4.35 -26.88
CA ARG H 231 -26.15 4.89 -26.74
C ARG H 231 -26.85 4.86 -28.09
N LYS H 232 -28.19 4.95 -28.02
CA LYS H 232 -29.01 5.03 -29.25
C LYS H 232 -28.95 6.54 -29.63
N THR H 233 -29.01 6.76 -30.92
CA THR H 233 -28.96 8.14 -31.46
C THR H 233 -30.31 8.73 -31.11
N HIS H 234 -30.42 10.01 -30.95
CA HIS H 234 -31.70 10.64 -30.57
C HIS H 234 -31.79 11.97 -31.34
N PHE H 235 -32.99 12.37 -31.64
CA PHE H 235 -33.30 13.58 -32.38
C PHE H 235 -32.21 13.99 -33.36
N GLU H 236 -31.54 13.07 -34.02
CA GLU H 236 -30.47 13.38 -34.95
C GLU H 236 -30.76 13.99 -36.30
N PRO I 1 10.22 1.02 -1.69
CA PRO I 1 11.58 0.51 -2.04
C PRO I 1 12.58 1.34 -1.18
N ILE I 2 13.86 1.05 -1.38
CA ILE I 2 14.90 1.80 -0.65
C ILE I 2 15.21 3.13 -1.33
N GLU I 3 15.37 4.17 -0.56
CA GLU I 3 15.74 5.51 -1.10
C GLU I 3 17.07 5.94 -0.46
N LEU I 4 17.96 6.52 -1.25
CA LEU I 4 19.27 6.98 -0.67
C LEU I 4 19.16 8.49 -0.39
N LEU I 5 20.26 9.16 -0.03
CA LEU I 5 20.11 10.66 0.12
C LEU I 5 20.02 11.10 -1.40
N PRO I 6 19.25 12.13 -1.66
CA PRO I 6 19.11 12.65 -3.03
C PRO I 6 20.32 13.52 -3.40
N GLU I 7 20.80 13.27 -4.61
CA GLU I 7 21.89 14.01 -5.21
C GLU I 7 21.59 15.50 -5.29
N THR I 8 22.63 16.30 -5.09
CA THR I 8 22.42 17.78 -5.19
C THR I 8 21.98 18.07 -6.64
N PRO I 9 20.95 18.88 -6.80
CA PRO I 9 20.45 19.24 -8.14
C PRO I 9 21.38 20.18 -8.88
N SER I 10 21.44 19.93 -10.21
CA SER I 10 22.26 20.75 -11.11
C SER I 10 21.65 22.12 -11.34
N GLN I 11 22.47 23.04 -11.81
CA GLN I 11 22.08 24.41 -12.13
C GLN I 11 23.00 24.87 -13.30
N THR I 12 22.50 25.65 -14.18
CA THR I 12 23.22 26.16 -15.37
C THR I 12 24.51 26.81 -14.77
N ALA I 13 25.57 26.71 -15.53
CA ALA I 13 26.85 27.29 -15.17
C ALA I 13 26.79 28.79 -15.32
N GLY I 14 25.83 29.33 -16.05
CA GLY I 14 25.63 30.75 -16.29
C GLY I 14 26.58 31.29 -17.33
N PRO I 15 26.39 32.57 -17.70
CA PRO I 15 27.20 33.23 -18.71
C PRO I 15 28.64 33.54 -18.32
N TYR I 16 28.86 33.75 -17.03
CA TYR I 16 30.16 34.12 -16.50
C TYR I 16 30.95 32.97 -15.94
N VAL I 17 30.68 31.77 -16.42
CA VAL I 17 31.37 30.58 -15.93
C VAL I 17 32.90 30.70 -16.01
N HIS I 18 33.33 31.57 -16.92
CA HIS I 18 34.76 31.78 -17.21
C HIS I 18 35.54 32.29 -16.01
N ILE I 19 34.92 33.25 -15.32
CA ILE I 19 35.57 33.83 -14.15
C ILE I 19 36.07 32.72 -13.23
N GLY I 20 35.34 31.60 -13.17
CA GLY I 20 35.75 30.50 -12.31
C GLY I 20 36.45 29.33 -12.90
N LEU I 21 36.17 28.99 -14.16
CA LEU I 21 36.79 27.82 -14.80
C LEU I 21 37.63 28.10 -16.03
N ALA I 22 37.67 29.33 -16.43
CA ALA I 22 38.46 29.73 -17.62
C ALA I 22 38.86 31.19 -17.49
N LEU I 23 39.71 31.43 -16.45
CA LEU I 23 40.18 32.77 -16.09
C LEU I 23 40.58 33.68 -17.24
N GLU I 24 41.45 33.15 -18.08
CA GLU I 24 41.96 33.88 -19.26
C GLU I 24 40.79 34.47 -20.02
N ALA I 25 39.93 33.60 -20.51
CA ALA I 25 38.73 33.96 -21.29
C ALA I 25 37.95 35.07 -20.59
N ALA I 26 37.86 34.90 -19.28
CA ALA I 26 37.10 35.90 -18.46
C ALA I 26 37.80 37.25 -18.58
N GLY I 27 39.07 37.14 -18.94
CA GLY I 27 39.96 38.30 -19.14
C GLY I 27 40.53 38.74 -17.79
N ASN I 28 40.73 37.74 -16.94
CA ASN I 28 41.27 37.94 -15.59
C ASN I 28 42.59 37.19 -15.42
N PRO I 29 43.35 37.64 -14.43
CA PRO I 29 44.66 37.05 -14.13
C PRO I 29 44.52 35.60 -13.72
N THR I 30 45.36 34.74 -14.28
CA THR I 30 45.29 33.32 -13.96
C THR I 30 46.09 33.08 -12.68
N ARG I 31 46.15 31.83 -12.27
CA ARG I 31 46.86 31.38 -11.07
C ARG I 31 48.08 30.56 -11.49
N ASP I 32 48.96 30.24 -10.56
CA ASP I 32 50.18 29.48 -10.93
C ASP I 32 49.77 28.32 -11.85
N GLN I 33 48.85 27.53 -11.31
CA GLN I 33 48.37 26.34 -12.00
C GLN I 33 46.88 26.40 -12.33
N GLU I 34 46.64 26.15 -13.62
CA GLU I 34 45.31 26.12 -14.20
C GLU I 34 45.11 24.83 -14.99
N ILE I 35 43.85 24.46 -15.05
CA ILE I 35 43.40 23.27 -15.80
C ILE I 35 42.91 23.86 -17.13
N TRP I 36 43.62 23.49 -18.18
CA TRP I 36 43.24 24.03 -19.51
C TRP I 36 43.31 23.09 -20.67
N ASN I 37 43.36 23.65 -21.89
CA ASN I 37 43.31 22.87 -23.13
C ASN I 37 44.51 22.19 -23.68
N ARG I 38 45.54 21.93 -22.91
CA ARG I 38 46.72 21.20 -23.49
C ARG I 38 46.94 19.95 -22.69
N LEU I 39 46.36 18.81 -23.08
CA LEU I 39 46.48 17.55 -22.36
C LEU I 39 47.84 16.88 -22.47
N ALA I 40 48.47 17.13 -23.62
CA ALA I 40 49.76 16.51 -23.90
C ALA I 40 50.90 17.49 -24.17
N LYS I 41 52.01 17.12 -23.55
CA LYS I 41 53.28 17.88 -23.76
C LYS I 41 53.92 17.25 -25.01
N PRO I 42 54.64 18.07 -25.75
CA PRO I 42 55.32 17.70 -26.98
C PRO I 42 55.92 16.32 -26.97
N ASP I 43 56.55 16.00 -25.84
CA ASP I 43 57.21 14.66 -25.74
C ASP I 43 56.32 13.57 -25.20
N ALA I 44 55.02 13.73 -25.41
CA ALA I 44 54.05 12.70 -24.97
C ALA I 44 53.90 11.72 -26.14
N PRO I 45 53.97 10.45 -25.79
CA PRO I 45 53.86 9.36 -26.79
C PRO I 45 52.45 9.40 -27.37
N GLY I 46 52.36 9.01 -28.62
CA GLY I 46 51.12 8.94 -29.39
C GLY I 46 51.07 9.97 -30.49
N GLU I 47 50.04 9.84 -31.32
CA GLU I 47 49.85 10.78 -32.43
C GLU I 47 49.28 12.08 -31.84
N HIS I 48 50.05 13.14 -31.93
CA HIS I 48 49.57 14.45 -31.44
C HIS I 48 48.59 15.01 -32.45
N ILE I 49 47.47 15.51 -31.93
CA ILE I 49 46.39 16.08 -32.76
C ILE I 49 45.81 17.33 -32.14
N LEU I 50 45.16 18.12 -32.98
CA LEU I 50 44.48 19.34 -32.57
C LEU I 50 42.98 19.06 -32.77
N LEU I 51 42.19 19.51 -31.82
CA LEU I 51 40.72 19.32 -31.90
C LEU I 51 40.09 20.71 -31.91
N LEU I 52 39.11 20.89 -32.74
CA LEU I 52 38.41 22.20 -32.80
C LEU I 52 36.95 21.93 -33.14
N GLY I 53 36.12 22.93 -32.92
CA GLY I 53 34.71 22.84 -33.23
C GLY I 53 33.98 24.07 -32.69
N GLN I 54 32.74 24.07 -33.11
CA GLN I 54 31.74 25.07 -32.76
C GLN I 54 30.54 24.37 -32.12
N VAL I 55 29.79 25.17 -31.40
CA VAL I 55 28.56 24.71 -30.74
C VAL I 55 27.40 25.53 -31.32
N TYR I 56 26.33 24.91 -31.68
CA TYR I 56 25.16 25.58 -32.26
C TYR I 56 23.87 25.21 -31.51
N ASP I 57 23.08 26.21 -31.39
CA ASP I 57 21.77 26.19 -30.73
C ASP I 57 20.74 25.78 -31.78
N GLY I 58 19.55 25.51 -31.32
CA GLY I 58 18.39 25.10 -32.07
C GLY I 58 18.05 26.03 -33.22
N ASN I 59 18.46 27.27 -33.20
CA ASN I 59 18.20 28.22 -34.28
C ASN I 59 19.42 28.25 -35.24
N GLY I 60 20.40 27.41 -35.03
CA GLY I 60 21.61 27.36 -35.81
C GLY I 60 22.61 28.44 -35.40
N HIS I 61 22.29 29.14 -34.33
CA HIS I 61 23.19 30.25 -33.86
C HIS I 61 24.32 29.71 -33.04
N LEU I 62 25.52 30.24 -33.20
CA LEU I 62 26.71 29.77 -32.44
C LEU I 62 26.50 30.12 -30.92
N VAL I 63 26.91 29.17 -30.12
CA VAL I 63 26.84 29.34 -28.65
C VAL I 63 28.28 29.70 -28.23
N ARG I 64 28.42 31.00 -28.00
CA ARG I 64 29.75 31.55 -27.66
C ARG I 64 30.14 31.59 -26.22
N ASP I 65 29.33 31.01 -25.34
CA ASP I 65 29.64 31.05 -23.88
C ASP I 65 29.72 29.64 -23.33
N SER I 66 29.93 28.72 -24.27
CA SER I 66 30.00 27.29 -23.86
C SER I 66 31.33 27.00 -23.20
N PHE I 67 31.32 26.01 -22.34
CA PHE I 67 32.47 25.54 -21.58
C PHE I 67 32.43 24.02 -21.70
N LEU I 68 33.58 23.43 -22.00
CA LEU I 68 33.66 21.98 -22.18
C LEU I 68 34.75 21.38 -21.29
N GLU I 69 34.53 20.13 -20.97
CA GLU I 69 35.44 19.31 -20.18
C GLU I 69 35.51 17.96 -20.96
N VAL I 70 36.76 17.49 -21.04
CA VAL I 70 37.07 16.23 -21.73
C VAL I 70 37.86 15.31 -20.79
N TRP I 71 37.68 14.06 -21.05
CA TRP I 71 38.30 12.94 -20.34
C TRP I 71 38.56 11.91 -21.49
N GLN I 72 39.76 11.36 -21.45
CA GLN I 72 40.14 10.37 -22.48
C GLN I 72 41.38 9.58 -22.04
N ALA I 73 41.45 8.35 -22.56
CA ALA I 73 42.62 7.50 -22.30
C ALA I 73 43.83 8.09 -23.08
N ASP I 74 45.00 7.63 -22.66
CA ASP I 74 46.27 8.08 -23.34
C ASP I 74 46.41 7.16 -24.58
N ALA I 75 47.46 7.46 -25.35
CA ALA I 75 47.75 6.70 -26.58
C ALA I 75 47.75 5.20 -26.33
N ASN I 76 48.14 4.80 -25.12
CA ASN I 76 48.19 3.38 -24.77
C ASN I 76 46.82 2.88 -24.30
N GLY I 77 45.83 3.77 -24.42
CA GLY I 77 44.46 3.39 -24.01
C GLY I 77 44.40 3.25 -22.49
N GLU I 78 45.07 4.12 -21.77
CA GLU I 78 45.08 4.14 -20.32
C GLU I 78 44.57 5.51 -19.87
N TYR I 79 43.83 5.41 -18.78
CA TYR I 79 43.28 6.68 -18.18
C TYR I 79 44.28 7.11 -17.12
N GLN I 80 44.82 8.27 -17.31
CA GLN I 80 45.81 8.91 -16.44
C GLN I 80 45.09 9.91 -15.54
N ASP I 81 44.62 9.38 -14.40
CA ASP I 81 43.86 10.14 -13.43
C ASP I 81 44.57 11.08 -12.50
N ALA I 82 45.83 10.82 -12.18
CA ALA I 82 46.58 11.72 -11.25
C ALA I 82 47.01 12.95 -12.01
N TYR I 83 46.14 13.93 -12.11
CA TYR I 83 46.39 15.18 -12.84
C TYR I 83 47.59 15.93 -12.22
N ASN I 84 48.48 16.29 -13.09
CA ASN I 84 49.71 17.03 -12.72
C ASN I 84 50.17 17.83 -13.95
N LEU I 85 50.41 19.10 -13.75
CA LEU I 85 50.89 19.96 -14.84
C LEU I 85 52.25 19.48 -15.37
N GLU I 86 52.94 18.66 -14.59
CA GLU I 86 54.24 18.14 -14.98
C GLU I 86 54.12 16.87 -15.83
N ASN I 87 52.96 16.27 -15.79
CA ASN I 87 52.69 15.05 -16.56
C ASN I 87 53.00 15.34 -18.04
N ALA I 88 53.37 14.28 -18.71
CA ALA I 88 53.67 14.44 -20.18
C ALA I 88 52.27 14.51 -20.85
N PHE I 89 51.37 13.77 -20.19
CA PHE I 89 49.96 13.72 -20.65
C PHE I 89 49.04 13.68 -19.42
N ASN I 90 47.90 14.34 -19.62
CA ASN I 90 46.81 14.40 -18.61
C ASN I 90 45.55 13.93 -19.38
N SER I 91 44.87 12.96 -18.80
CA SER I 91 43.65 12.38 -19.36
C SER I 91 42.49 13.40 -19.34
N PHE I 92 42.59 14.37 -18.46
CA PHE I 92 41.55 15.41 -18.26
C PHE I 92 41.95 16.79 -18.77
N GLY I 93 40.95 17.54 -19.25
CA GLY I 93 41.16 18.89 -19.78
C GLY I 93 39.85 19.68 -19.84
N ARG I 94 40.01 20.97 -20.14
CA ARG I 94 38.98 21.94 -20.25
C ARG I 94 39.28 22.94 -21.38
N THR I 95 38.20 23.45 -21.94
CA THR I 95 38.28 24.43 -23.04
C THR I 95 36.96 25.17 -23.12
N ALA I 96 36.92 26.17 -23.98
CA ALA I 96 35.73 27.01 -24.14
C ALA I 96 35.63 27.65 -25.51
N THR I 97 34.47 28.23 -25.84
CA THR I 97 34.31 28.88 -27.15
C THR I 97 34.65 30.36 -27.05
N THR I 98 35.31 30.85 -28.12
CA THR I 98 35.71 32.28 -28.12
C THR I 98 34.43 33.11 -28.22
N PHE I 99 34.45 34.25 -27.58
CA PHE I 99 33.28 35.15 -27.60
C PHE I 99 33.15 35.79 -28.98
N ASP I 100 34.17 35.64 -29.79
CA ASP I 100 34.21 36.20 -31.17
C ASP I 100 33.73 35.13 -32.17
N ALA I 101 34.70 34.37 -32.65
CA ALA I 101 34.49 33.27 -33.59
C ALA I 101 33.57 32.22 -32.97
N GLY I 102 33.81 31.90 -31.70
CA GLY I 102 32.99 30.91 -30.99
C GLY I 102 33.47 29.50 -31.26
N GLU I 103 34.79 29.38 -31.39
CA GLU I 103 35.44 28.07 -31.60
C GLU I 103 36.25 27.69 -30.37
N TRP I 104 36.35 26.41 -30.12
CA TRP I 104 37.11 25.87 -28.98
C TRP I 104 38.19 25.02 -29.66
N THR I 105 39.29 24.86 -28.95
CA THR I 105 40.42 24.07 -29.44
C THR I 105 41.02 23.31 -28.26
N LEU I 106 41.53 22.14 -28.60
CA LEU I 106 42.16 21.27 -27.59
C LEU I 106 43.44 20.69 -28.19
N HIS I 107 44.43 20.46 -27.34
CA HIS I 107 45.72 19.90 -27.75
C HIS I 107 45.99 18.59 -27.03
N THR I 108 45.98 17.50 -27.81
CA THR I 108 46.17 16.17 -27.20
C THR I 108 46.80 15.17 -28.14
N VAL I 109 46.57 13.90 -27.85
CA VAL I 109 46.99 12.74 -28.59
C VAL I 109 45.78 11.80 -28.75
N LYS I 110 45.71 11.21 -29.95
CA LYS I 110 44.66 10.26 -30.27
C LYS I 110 44.68 9.15 -29.21
N PRO I 111 43.51 8.94 -28.60
CA PRO I 111 43.34 7.99 -27.52
C PRO I 111 43.49 6.54 -27.97
N GLY I 112 44.01 5.73 -27.04
CA GLY I 112 44.16 4.27 -27.32
C GLY I 112 42.76 3.68 -27.00
N VAL I 113 42.54 2.46 -27.38
CA VAL I 113 41.30 1.73 -27.16
C VAL I 113 41.17 1.19 -25.74
N VAL I 114 39.91 1.17 -25.34
CA VAL I 114 39.56 0.66 -23.96
C VAL I 114 38.31 -0.20 -24.16
N ASN I 115 38.20 -1.23 -23.37
CA ASN I 115 37.09 -2.19 -23.43
C ASN I 115 35.95 -1.76 -22.52
N ASN I 116 34.75 -2.24 -22.84
CA ASN I 116 33.60 -1.89 -21.96
C ASN I 116 33.67 -2.91 -20.81
N ALA I 117 32.71 -2.81 -19.93
CA ALA I 117 32.57 -3.68 -18.77
C ALA I 117 32.49 -5.15 -19.18
N ALA I 118 31.88 -5.44 -20.31
CA ALA I 118 31.75 -6.82 -20.81
C ALA I 118 33.02 -7.35 -21.45
N GLY I 119 34.06 -6.57 -21.59
CA GLY I 119 35.32 -6.94 -22.18
C GLY I 119 35.50 -6.63 -23.65
N VAL I 120 34.53 -6.02 -24.26
CA VAL I 120 34.49 -5.62 -25.67
C VAL I 120 35.12 -4.24 -25.84
N PRO I 121 36.04 -4.11 -26.76
CA PRO I 121 36.71 -2.86 -27.07
C PRO I 121 35.81 -1.79 -27.70
N MET I 122 36.00 -0.58 -27.20
CA MET I 122 35.28 0.61 -27.71
C MET I 122 36.22 1.32 -28.69
N ALA I 123 35.64 1.84 -29.76
CA ALA I 123 36.47 2.57 -30.77
C ALA I 123 37.08 3.69 -29.93
N PRO I 124 38.23 4.16 -30.33
CA PRO I 124 38.88 5.26 -29.60
C PRO I 124 37.85 6.37 -29.44
N HIS I 125 37.94 7.09 -28.29
CA HIS I 125 37.01 8.19 -28.06
C HIS I 125 37.40 9.11 -26.94
N ILE I 126 36.82 10.33 -27.08
CA ILE I 126 36.99 11.38 -26.10
C ILE I 126 35.60 11.61 -25.44
N ASN I 127 35.60 11.49 -24.11
CA ASN I 127 34.27 11.76 -23.44
C ASN I 127 34.25 13.29 -23.28
N ILE I 128 33.12 13.90 -23.56
CA ILE I 128 32.95 15.34 -23.43
C ILE I 128 31.71 15.67 -22.57
N SER I 129 31.83 16.74 -21.83
CA SER I 129 30.70 17.25 -21.03
C SER I 129 30.63 18.75 -21.43
N LEU I 130 29.44 19.20 -21.72
CA LEU I 130 29.28 20.62 -22.12
C LEU I 130 28.42 21.39 -21.13
N PHE I 131 28.82 22.58 -20.82
CA PHE I 131 28.06 23.44 -19.86
C PHE I 131 27.86 24.79 -20.53
N ALA I 132 26.83 25.48 -20.10
CA ALA I 132 26.56 26.82 -20.65
C ALA I 132 25.26 27.35 -20.06
N ARG I 133 25.15 28.63 -20.31
CA ARG I 133 23.95 29.43 -19.91
C ARG I 133 22.83 28.73 -20.78
N GLY I 134 21.65 28.58 -20.21
CA GLY I 134 20.53 27.94 -20.90
C GLY I 134 20.55 26.43 -20.79
N ILE I 135 21.61 25.87 -20.22
CA ILE I 135 21.69 24.39 -20.07
C ILE I 135 21.60 24.08 -18.57
N ASN I 136 20.44 23.61 -18.16
CA ASN I 136 20.17 23.35 -16.72
C ASN I 136 21.10 22.28 -16.13
N ILE I 137 21.23 21.24 -16.90
CA ILE I 137 22.14 20.12 -16.47
C ILE I 137 23.01 19.85 -17.68
N HIS I 138 24.28 19.57 -17.47
CA HIS I 138 25.24 19.39 -18.53
C HIS I 138 24.94 18.22 -19.45
N LEU I 139 25.38 18.41 -20.69
CA LEU I 139 25.13 17.35 -21.73
C LEU I 139 26.43 16.55 -21.90
N HIS I 140 26.27 15.23 -21.93
CA HIS I 140 27.40 14.31 -22.15
C HIS I 140 27.33 13.81 -23.63
N THR I 141 28.48 13.71 -24.23
CA THR I 141 28.64 13.17 -25.60
C THR I 141 30.00 12.51 -25.72
N ARG I 142 30.28 11.93 -26.88
CA ARG I 142 31.56 11.28 -27.15
C ARG I 142 32.07 11.73 -28.52
N LEU I 143 33.36 11.97 -28.61
CA LEU I 143 33.98 12.32 -29.92
C LEU I 143 34.61 11.06 -30.49
N TYR I 144 34.25 10.71 -31.69
CA TYR I 144 34.76 9.55 -32.45
C TYR I 144 35.42 10.16 -33.71
N PHE I 145 36.42 9.47 -34.22
CA PHE I 145 37.24 9.89 -35.38
C PHE I 145 36.90 9.09 -36.66
N ASP I 146 36.70 9.87 -37.73
CA ASP I 146 36.33 9.38 -39.04
C ASP I 146 37.32 8.40 -39.65
N ASP I 147 38.57 8.44 -39.24
CA ASP I 147 39.60 7.53 -39.74
C ASP I 147 39.73 6.24 -38.96
N GLU I 148 38.68 5.88 -38.24
CA GLU I 148 38.66 4.62 -37.45
C GLU I 148 37.31 3.92 -37.74
N ALA I 149 36.89 4.14 -38.99
CA ALA I 149 35.62 3.56 -39.46
C ALA I 149 35.51 2.11 -39.04
N GLN I 150 36.50 1.29 -39.21
CA GLN I 150 36.43 -0.13 -38.82
C GLN I 150 36.04 -0.25 -37.34
N ALA I 151 36.74 0.54 -36.52
CA ALA I 151 36.50 0.48 -35.06
C ALA I 151 35.09 0.93 -34.72
N ASN I 152 34.74 2.07 -35.25
CA ASN I 152 33.43 2.71 -35.02
C ASN I 152 32.26 1.76 -35.27
N ALA I 153 32.45 0.91 -36.26
CA ALA I 153 31.44 -0.01 -36.72
C ALA I 153 31.16 -1.08 -35.69
N LYS I 154 32.21 -1.42 -34.99
CA LYS I 154 32.22 -2.42 -33.93
C LYS I 154 31.89 -1.85 -32.55
N CYS I 155 32.11 -0.58 -32.30
CA CYS I 155 31.89 0.04 -30.98
C CYS I 155 30.53 -0.36 -30.39
N PRO I 156 30.60 -0.89 -29.17
CA PRO I 156 29.39 -1.34 -28.46
C PRO I 156 28.55 -0.15 -28.08
N VAL I 157 29.17 0.94 -27.68
CA VAL I 157 28.46 2.17 -27.30
C VAL I 157 27.75 2.79 -28.51
N LEU I 158 28.52 2.98 -29.56
CA LEU I 158 27.98 3.61 -30.81
C LEU I 158 26.84 2.76 -31.35
N ASN I 159 26.96 1.44 -31.21
CA ASN I 159 25.98 0.47 -31.66
C ASN I 159 24.66 0.55 -30.91
N LEU I 160 24.64 1.22 -29.77
CA LEU I 160 23.44 1.39 -28.98
C LEU I 160 22.49 2.44 -29.57
N ILE I 161 23.02 3.29 -30.45
CA ILE I 161 22.16 4.35 -31.04
C ILE I 161 21.27 3.68 -32.08
N GLU I 162 19.98 3.61 -31.74
CA GLU I 162 19.01 2.98 -32.60
C GLU I 162 19.19 3.28 -34.08
N GLN I 163 19.12 4.52 -34.47
CA GLN I 163 19.25 5.03 -35.82
C GLN I 163 20.68 5.33 -36.26
N PRO I 164 21.13 4.55 -37.23
CA PRO I 164 22.46 4.69 -37.79
C PRO I 164 22.84 6.12 -38.12
N GLN I 165 21.87 6.87 -38.64
CA GLN I 165 22.13 8.27 -39.05
C GLN I 165 22.63 9.14 -37.91
N ARG I 166 22.09 8.91 -36.72
CA ARG I 166 22.41 9.65 -35.50
C ARG I 166 23.82 9.40 -35.01
N ARG I 167 24.35 8.24 -35.39
CA ARG I 167 25.72 7.88 -35.02
C ARG I 167 26.72 8.81 -35.70
N GLU I 168 26.34 9.22 -36.91
CA GLU I 168 27.22 10.10 -37.70
C GLU I 168 27.57 11.38 -36.93
N THR I 169 26.60 11.88 -36.18
CA THR I 169 26.75 13.10 -35.40
C THR I 169 27.95 13.06 -34.46
N LEU I 170 28.40 11.89 -34.09
CA LEU I 170 29.50 11.71 -33.16
C LEU I 170 30.87 11.49 -33.77
N ILE I 171 30.96 11.62 -35.07
CA ILE I 171 32.25 11.40 -35.77
C ILE I 171 32.89 12.68 -36.19
N ALA I 172 34.11 12.85 -35.68
CA ALA I 172 34.92 14.07 -35.97
C ALA I 172 35.52 13.97 -37.38
N LYS I 173 35.52 15.06 -38.11
CA LYS I 173 36.09 15.05 -39.48
C LYS I 173 37.57 15.43 -39.45
N ARG I 174 38.40 14.52 -39.97
CA ARG I 174 39.84 14.71 -40.05
C ARG I 174 40.16 15.81 -41.09
N CYS I 175 41.18 16.55 -40.73
CA CYS I 175 41.73 17.63 -41.53
C CYS I 175 43.14 17.92 -40.99
N GLU I 176 43.60 19.08 -41.39
CA GLU I 176 44.93 19.56 -40.99
C GLU I 176 44.83 21.08 -40.82
N VAL I 177 45.56 21.52 -39.83
CA VAL I 177 45.59 22.98 -39.51
C VAL I 177 47.08 23.27 -39.32
N ASP I 178 47.54 24.22 -40.14
CA ASP I 178 48.98 24.57 -40.10
C ASP I 178 49.77 23.26 -40.25
N GLY I 179 49.38 22.44 -41.20
CA GLY I 179 50.04 21.17 -41.47
C GLY I 179 50.00 20.20 -40.30
N LYS I 180 49.07 20.46 -39.39
CA LYS I 180 48.94 19.56 -38.22
C LYS I 180 47.60 18.80 -38.33
N THR I 181 47.69 17.52 -37.93
CA THR I 181 46.51 16.66 -37.96
C THR I 181 45.47 17.26 -36.99
N ALA I 182 44.34 17.54 -37.58
CA ALA I 182 43.21 18.12 -36.88
C ALA I 182 41.91 17.38 -37.22
N TYR I 183 41.06 17.34 -36.20
CA TYR I 183 39.71 16.71 -36.33
C TYR I 183 38.75 17.83 -35.84
N ARG I 184 37.73 18.05 -36.63
CA ARG I 184 36.75 19.09 -36.30
C ARG I 184 35.49 18.38 -35.79
N PHE I 185 35.00 18.90 -34.67
CA PHE I 185 33.79 18.29 -34.06
C PHE I 185 32.86 19.38 -33.55
N ASP I 186 31.85 19.58 -34.38
CA ASP I 186 30.80 20.57 -34.12
C ASP I 186 29.63 19.88 -33.36
N ILE I 187 29.11 20.63 -32.40
CA ILE I 187 27.96 20.10 -31.61
C ILE I 187 26.71 20.88 -32.01
N ARG I 188 25.64 20.13 -32.16
CA ARG I 188 24.32 20.72 -32.50
C ARG I 188 23.41 20.28 -31.34
N ILE I 189 23.20 21.23 -30.43
CA ILE I 189 22.41 21.04 -29.25
C ILE I 189 20.97 20.68 -29.64
N GLN I 190 20.45 21.36 -30.64
CA GLN I 190 19.06 21.07 -31.04
C GLN I 190 18.72 21.16 -32.50
N GLY I 191 17.71 20.43 -32.90
CA GLY I 191 17.18 20.44 -34.24
C GLY I 191 17.85 19.52 -35.21
N GLU I 192 17.89 20.05 -36.45
CA GLU I 192 18.49 19.32 -37.61
C GLU I 192 19.92 18.93 -37.31
N GLY I 193 20.21 17.64 -37.41
CA GLY I 193 21.49 17.06 -37.15
C GLY I 193 21.86 17.09 -35.66
N GLU I 194 20.86 17.09 -34.80
CA GLU I 194 21.04 17.13 -33.35
C GLU I 194 22.05 16.11 -32.89
N THR I 195 23.06 16.57 -32.18
CA THR I 195 24.12 15.66 -31.69
C THR I 195 23.54 14.71 -30.63
N VAL I 196 23.97 13.46 -30.74
CA VAL I 196 23.57 12.46 -29.77
C VAL I 196 24.18 12.82 -28.36
N PHE I 197 23.26 12.76 -27.41
CA PHE I 197 23.60 13.05 -25.98
C PHE I 197 23.28 11.82 -25.14
N PHE I 198 24.17 11.51 -24.22
CA PHE I 198 24.11 10.32 -23.37
C PHE I 198 23.66 10.54 -21.91
N ASP I 199 23.20 9.40 -21.39
CA ASP I 199 22.79 9.35 -19.95
C ASP I 199 23.47 8.11 -19.40
N PHE I 200 24.14 8.28 -18.28
CA PHE I 200 24.88 7.20 -17.61
C PHE I 200 25.00 7.50 -16.08
N PRO J 1 47.16 3.25 -13.50
CA PRO J 1 46.10 4.18 -13.98
C PRO J 1 44.77 3.84 -13.34
N ALA J 2 43.73 4.60 -13.74
CA ALA J 2 42.37 4.39 -13.20
C ALA J 2 41.84 3.01 -13.60
N GLN J 3 40.96 2.48 -12.76
CA GLN J 3 40.30 1.21 -12.92
C GLN J 3 38.77 1.25 -12.72
N ASP J 4 38.12 0.38 -13.49
CA ASP J 4 36.66 0.21 -13.44
C ASP J 4 36.33 -0.76 -12.30
N ASN J 5 35.96 -0.27 -11.16
CA ASN J 5 35.64 -1.19 -10.03
C ASN J 5 34.38 -0.67 -9.33
N SER J 6 34.00 0.53 -9.72
CA SER J 6 32.86 1.23 -9.17
C SER J 6 31.72 1.39 -10.20
N ARG J 7 30.55 1.54 -9.66
CA ARG J 7 29.31 1.76 -10.39
C ARG J 7 28.65 2.96 -9.68
N PHE J 8 27.95 3.79 -10.44
CA PHE J 8 27.31 4.95 -9.79
C PHE J 8 25.80 4.86 -9.93
N VAL J 9 25.14 5.17 -8.85
CA VAL J 9 23.67 5.20 -8.77
C VAL J 9 23.20 6.12 -9.95
N ILE J 10 22.24 5.59 -10.67
CA ILE J 10 21.65 6.30 -11.81
C ILE J 10 21.08 7.63 -11.41
N ARG J 11 21.45 8.68 -12.11
CA ARG J 11 20.90 10.01 -11.76
C ARG J 11 19.35 9.98 -11.90
N ASP J 12 18.76 10.79 -11.04
CA ASP J 12 17.27 10.96 -11.10
C ASP J 12 16.96 12.23 -11.91
N ARG J 13 16.61 12.04 -13.19
CA ARG J 13 16.31 13.15 -14.07
C ARG J 13 15.06 13.92 -13.82
N ASN J 14 14.31 13.51 -12.79
CA ASN J 14 13.08 14.29 -12.46
C ASN J 14 13.40 15.11 -11.20
N TRP J 15 14.52 14.79 -10.60
CA TRP J 15 14.99 15.49 -9.37
C TRP J 15 15.74 16.74 -9.85
N HIS J 16 16.63 16.46 -10.82
CA HIS J 16 17.40 17.60 -11.42
C HIS J 16 16.37 18.33 -12.32
N PRO J 17 16.67 19.57 -12.62
CA PRO J 17 15.81 20.38 -13.51
C PRO J 17 15.83 19.70 -14.89
N LYS J 18 14.77 19.93 -15.66
CA LYS J 18 14.77 19.29 -17.04
C LYS J 18 15.44 20.29 -18.01
N ALA J 19 15.70 19.78 -19.20
CA ALA J 19 16.31 20.57 -20.27
C ALA J 19 15.52 21.82 -20.62
N LEU J 20 14.25 21.59 -21.00
CA LEU J 20 13.37 22.68 -21.43
C LEU J 20 12.56 23.24 -20.27
N THR J 21 12.83 24.46 -19.95
CA THR J 21 12.14 25.21 -18.84
C THR J 21 11.93 26.61 -19.43
N PRO J 22 10.85 26.69 -20.24
CA PRO J 22 10.52 27.87 -20.98
C PRO J 22 10.61 29.16 -20.26
N ASP J 23 10.26 29.28 -18.99
CA ASP J 23 10.37 30.56 -18.26
C ASP J 23 11.83 31.04 -18.29
N TYR J 24 12.71 30.08 -18.28
CA TYR J 24 14.19 30.34 -18.36
C TYR J 24 14.38 30.34 -19.91
N LYS J 25 14.17 31.53 -20.46
CA LYS J 25 14.19 31.74 -21.92
C LYS J 25 15.27 31.10 -22.71
N THR J 26 16.53 31.32 -22.35
CA THR J 26 17.66 30.73 -23.06
C THR J 26 17.57 29.24 -23.26
N SER J 27 16.98 28.48 -22.36
CA SER J 27 16.86 27.03 -22.43
C SER J 27 15.99 26.52 -23.64
N ILE J 28 15.16 27.38 -24.14
CA ILE J 28 14.29 27.02 -25.27
C ILE J 28 15.17 26.49 -26.40
N ALA J 29 16.14 27.29 -26.77
CA ALA J 29 17.09 27.05 -27.83
C ALA J 29 18.32 26.26 -27.49
N ARG J 30 18.58 26.00 -26.24
CA ARG J 30 19.73 25.22 -25.81
C ARG J 30 19.30 23.91 -25.16
N SER J 31 18.21 23.32 -25.64
CA SER J 31 17.76 22.01 -25.06
C SER J 31 17.55 21.02 -26.24
N PRO J 32 18.11 19.83 -26.07
CA PRO J 32 17.98 18.75 -27.04
C PRO J 32 16.46 18.42 -27.13
N ARG J 33 16.06 18.05 -28.31
CA ARG J 33 14.66 17.69 -28.60
C ARG J 33 14.56 16.17 -28.67
N GLN J 34 15.64 15.53 -29.01
CA GLN J 34 15.72 14.06 -29.06
C GLN J 34 15.95 13.62 -27.61
N ALA J 35 15.70 12.36 -27.32
CA ALA J 35 15.94 11.84 -25.96
C ALA J 35 17.39 11.45 -25.81
N LEU J 36 17.89 11.64 -24.58
CA LEU J 36 19.30 11.24 -24.28
C LEU J 36 19.37 9.72 -24.52
N VAL J 37 20.51 9.22 -24.95
CA VAL J 37 20.70 7.78 -25.13
C VAL J 37 21.39 7.21 -23.84
N SER J 38 20.74 6.23 -23.22
CA SER J 38 21.28 5.59 -22.02
C SER J 38 22.32 4.55 -22.48
N ILE J 39 23.43 4.59 -21.76
CA ILE J 39 24.51 3.60 -22.08
C ILE J 39 25.02 3.11 -20.71
N PRO J 40 25.44 1.83 -20.72
CA PRO J 40 25.97 1.24 -19.49
C PRO J 40 27.30 1.96 -19.18
N GLN J 41 27.57 1.97 -17.89
CA GLN J 41 28.80 2.58 -17.34
C GLN J 41 30.00 1.72 -17.68
N SER J 42 31.06 2.40 -18.06
CA SER J 42 32.33 1.73 -18.41
C SER J 42 33.45 2.51 -17.74
N ILE J 43 34.66 2.04 -17.86
CA ILE J 43 35.80 2.75 -17.21
C ILE J 43 35.81 4.18 -17.75
N SER J 44 35.35 4.32 -19.02
CA SER J 44 35.34 5.70 -19.56
C SER J 44 34.53 6.62 -18.63
N GLU J 45 33.39 6.16 -18.14
CA GLU J 45 32.48 6.89 -17.29
C GLU J 45 32.69 6.88 -15.79
N THR J 46 33.17 5.78 -15.26
CA THR J 46 33.34 5.55 -13.86
C THR J 46 34.66 6.02 -13.29
N THR J 47 35.45 6.73 -14.11
CA THR J 47 36.76 7.21 -13.60
C THR J 47 36.72 8.74 -13.88
N GLY J 48 37.72 9.40 -13.37
CA GLY J 48 37.88 10.84 -13.52
C GLY J 48 39.21 11.24 -12.83
N PRO J 49 39.53 12.51 -13.10
CA PRO J 49 40.75 13.12 -12.55
C PRO J 49 40.70 13.23 -11.01
N ASN J 50 41.86 13.16 -10.45
CA ASN J 50 42.17 13.29 -9.03
C ASN J 50 43.13 14.51 -9.03
N PHE J 51 42.72 15.54 -8.30
CA PHE J 51 43.47 16.78 -8.23
C PHE J 51 44.36 16.91 -7.01
N SER J 52 44.68 15.81 -6.37
CA SER J 52 45.51 15.70 -5.20
C SER J 52 46.85 16.43 -5.43
N HIS J 53 47.44 16.28 -6.60
CA HIS J 53 48.70 16.90 -6.90
C HIS J 53 48.66 18.29 -7.47
N LEU J 54 47.48 18.84 -7.65
CA LEU J 54 47.41 20.23 -8.19
C LEU J 54 48.09 21.18 -7.18
N GLY J 55 48.80 22.14 -7.73
CA GLY J 55 49.54 23.11 -6.87
C GLY J 55 48.60 24.25 -6.52
N PHE J 56 48.06 24.18 -5.32
CA PHE J 56 47.11 25.23 -4.87
C PHE J 56 47.84 26.36 -4.13
N GLY J 57 47.58 27.54 -4.55
CA GLY J 57 48.13 28.75 -3.91
C GLY J 57 47.49 28.84 -2.51
N ALA J 58 48.23 29.49 -1.64
CA ALA J 58 47.95 29.73 -0.25
C ALA J 58 46.56 30.26 0.04
N HIS J 59 46.10 31.18 -0.76
CA HIS J 59 44.76 31.79 -0.61
C HIS J 59 43.82 31.42 -1.76
N ASP J 60 43.95 30.19 -2.23
CA ASP J 60 43.06 29.78 -3.39
C ASP J 60 41.59 29.85 -2.96
N HIS J 61 41.34 29.44 -1.75
CA HIS J 61 40.04 29.41 -1.10
C HIS J 61 39.72 30.63 -0.27
N ASP J 62 40.51 31.70 -0.38
CA ASP J 62 40.18 32.91 0.44
C ASP J 62 40.04 34.13 -0.48
N LEU J 63 38.79 34.43 -0.79
CA LEU J 63 38.45 35.54 -1.70
C LEU J 63 38.62 36.89 -1.05
N LEU J 64 38.91 36.84 0.27
CA LEU J 64 39.13 38.08 1.02
C LEU J 64 40.54 38.58 0.68
N LEU J 65 41.45 37.67 0.43
CA LEU J 65 42.84 37.98 0.11
C LEU J 65 43.37 37.54 -1.24
N ASN J 66 42.76 36.61 -1.94
CA ASN J 66 43.28 36.10 -3.18
C ASN J 66 43.22 36.93 -4.43
N PHE J 67 42.73 38.12 -4.44
CA PHE J 67 42.65 38.91 -5.70
C PHE J 67 43.81 39.93 -5.63
N GLY J 71 44.14 46.14 -0.17
CA GLY J 71 42.83 46.44 0.43
C GLY J 71 42.01 45.18 0.66
N LEU J 72 40.91 45.38 1.38
CA LEU J 72 39.98 44.25 1.70
C LEU J 72 38.70 44.60 0.91
N PRO J 73 38.01 43.59 0.45
CA PRO J 73 36.75 43.81 -0.30
C PRO J 73 35.72 44.40 0.62
N ILE J 74 34.78 45.11 0.03
CA ILE J 74 33.65 45.70 0.78
C ILE J 74 32.47 44.70 0.69
N GLY J 75 31.85 44.44 1.82
CA GLY J 75 30.71 43.48 1.80
C GLY J 75 30.69 42.63 3.04
N GLU J 76 29.68 41.77 3.13
CA GLU J 76 29.52 40.90 4.31
C GLU J 76 30.47 39.75 4.31
N ARG J 77 31.34 39.81 5.34
CA ARG J 77 32.37 38.77 5.53
C ARG J 77 31.67 37.49 5.96
N ILE J 78 31.93 36.43 5.15
CA ILE J 78 31.35 35.15 5.49
C ILE J 78 32.27 34.00 5.10
N ILE J 79 32.00 32.96 5.89
CA ILE J 79 32.70 31.66 5.61
C ILE J 79 31.60 30.77 4.99
N VAL J 80 31.98 30.08 3.96
CA VAL J 80 31.07 29.12 3.28
C VAL J 80 31.80 27.77 3.42
N ALA J 81 31.22 26.91 4.22
CA ALA J 81 31.78 25.58 4.44
C ALA J 81 30.70 24.52 4.39
N GLY J 82 31.14 23.28 4.35
CA GLY J 82 30.25 22.12 4.32
C GLY J 82 31.04 20.86 4.03
N ARG J 83 30.28 19.79 3.88
CA ARG J 83 30.91 18.48 3.59
C ARG J 83 30.38 17.91 2.27
N VAL J 84 31.22 17.14 1.61
CA VAL J 84 30.85 16.47 0.33
C VAL J 84 30.76 14.97 0.64
N VAL J 85 29.57 14.46 0.48
CA VAL J 85 29.35 13.02 0.73
C VAL J 85 28.55 12.49 -0.51
N ASP J 86 28.50 11.19 -0.59
CA ASP J 86 27.74 10.55 -1.70
C ASP J 86 26.37 10.18 -1.18
N GLN J 87 25.54 9.64 -2.03
CA GLN J 87 24.17 9.26 -1.67
C GLN J 87 24.15 8.23 -0.54
N TYR J 88 25.30 7.55 -0.35
CA TYR J 88 25.36 6.54 0.71
C TYR J 88 25.75 7.17 2.04
N GLY J 89 25.96 8.46 2.01
CA GLY J 89 26.35 9.21 3.25
C GLY J 89 27.86 9.16 3.39
N LYS J 90 28.54 8.53 2.44
CA LYS J 90 30.03 8.43 2.50
C LYS J 90 30.71 9.69 2.07
N PRO J 91 31.70 10.10 2.88
CA PRO J 91 32.47 11.35 2.64
C PRO J 91 33.26 11.20 1.32
N VAL J 92 33.49 12.32 0.68
CA VAL J 92 34.29 12.35 -0.57
C VAL J 92 35.57 13.16 -0.32
N PRO J 93 36.64 12.42 -0.03
CA PRO J 93 37.92 13.04 0.27
C PRO J 93 38.73 13.46 -0.94
N ASN J 94 39.49 14.52 -0.70
CA ASN J 94 40.44 15.13 -1.64
C ASN J 94 39.73 15.39 -2.98
N THR J 95 38.55 15.99 -2.90
CA THR J 95 37.77 16.28 -4.11
C THR J 95 37.88 17.77 -4.43
N LEU J 96 37.79 18.10 -5.72
CA LEU J 96 37.92 19.50 -6.12
C LEU J 96 36.65 20.33 -6.05
N VAL J 97 36.69 21.41 -5.26
CA VAL J 97 35.58 22.34 -5.20
C VAL J 97 36.03 23.67 -5.79
N GLU J 98 35.25 24.19 -6.70
CA GLU J 98 35.52 25.53 -7.32
C GLU J 98 34.27 26.36 -7.14
N MET J 99 34.41 27.62 -6.84
CA MET J 99 33.23 28.54 -6.69
C MET J 99 33.61 29.87 -7.31
N TRP J 100 32.68 30.64 -7.82
CA TRP J 100 32.79 31.93 -8.45
C TRP J 100 31.45 32.64 -8.14
N GLN J 101 31.55 33.94 -8.10
CA GLN J 101 30.38 34.79 -7.78
C GLN J 101 30.62 36.27 -8.14
N ALA J 102 29.55 37.04 -8.03
CA ALA J 102 29.63 38.51 -8.25
C ALA J 102 30.10 39.08 -6.88
N ASN J 103 30.28 40.39 -6.85
CA ASN J 103 30.71 41.08 -5.61
C ASN J 103 29.47 41.46 -4.79
N ALA J 104 29.73 42.30 -3.78
CA ALA J 104 28.62 42.70 -2.86
C ALA J 104 27.47 43.40 -3.51
N GLY J 105 27.70 44.08 -4.63
CA GLY J 105 26.71 44.80 -5.40
C GLY J 105 26.07 44.06 -6.55
N GLY J 106 26.46 42.83 -6.76
CA GLY J 106 25.87 41.99 -7.84
C GLY J 106 26.57 42.23 -9.15
N ARG J 107 27.86 42.55 -9.07
CA ARG J 107 28.68 42.77 -10.25
C ARG J 107 29.76 41.71 -10.38
N TYR J 108 29.85 41.10 -11.54
CA TYR J 108 30.87 40.08 -11.82
C TYR J 108 32.09 40.76 -12.48
N ARG J 109 33.25 40.19 -12.18
CA ARG J 109 34.51 40.69 -12.78
C ARG J 109 34.66 39.89 -14.11
N HIS J 110 33.81 40.27 -15.05
CA HIS J 110 33.83 39.56 -16.37
C HIS J 110 33.52 40.59 -17.45
N LYS J 111 34.19 40.42 -18.57
CA LYS J 111 34.08 41.26 -19.76
C LYS J 111 32.62 41.63 -20.09
N ASN J 112 31.82 40.58 -20.19
CA ASN J 112 30.41 40.70 -20.56
C ASN J 112 29.46 41.22 -19.53
N ASP J 113 29.89 41.54 -18.31
CA ASP J 113 28.90 42.04 -17.30
C ASP J 113 28.82 43.55 -17.41
N ARG J 114 27.71 44.03 -17.91
CA ARG J 114 27.47 45.47 -18.10
C ARG J 114 26.62 46.07 -17.00
N TYR J 115 26.38 45.31 -15.93
CA TYR J 115 25.53 45.82 -14.82
C TYR J 115 26.20 47.10 -14.30
N LEU J 116 25.40 48.09 -14.04
CA LEU J 116 25.87 49.39 -13.57
C LEU J 116 26.48 49.37 -12.20
N ALA J 117 26.43 48.25 -11.48
CA ALA J 117 27.02 48.26 -10.10
C ALA J 117 28.53 48.19 -10.31
N PRO J 118 29.27 49.01 -9.58
CA PRO J 118 30.72 49.08 -9.72
C PRO J 118 31.45 47.84 -9.31
N LEU J 119 32.62 47.66 -9.91
CA LEU J 119 33.47 46.51 -9.52
C LEU J 119 34.10 46.92 -8.16
N ASP J 120 34.66 45.90 -7.50
CA ASP J 120 35.34 46.10 -6.20
C ASP J 120 36.84 45.88 -6.44
N PRO J 121 37.57 46.98 -6.29
CA PRO J 121 39.03 46.99 -6.44
C PRO J 121 39.72 45.83 -5.75
N ASN J 122 39.24 45.43 -4.58
CA ASN J 122 39.86 44.30 -3.86
C ASN J 122 39.15 42.98 -4.06
N PHE J 123 38.31 42.85 -5.09
CA PHE J 123 37.58 41.53 -5.22
C PHE J 123 37.62 40.97 -6.64
N GLY J 124 37.97 39.71 -6.71
CA GLY J 124 38.06 38.90 -7.93
C GLY J 124 36.81 38.03 -8.08
N GLY J 125 36.55 37.13 -7.15
CA GLY J 125 35.37 36.26 -7.17
C GLY J 125 35.57 34.81 -7.48
N VAL J 126 36.78 34.31 -7.44
CA VAL J 126 37.07 32.89 -7.69
C VAL J 126 37.83 32.24 -6.54
N GLY J 127 37.42 31.04 -6.23
CA GLY J 127 38.05 30.26 -5.17
C GLY J 127 38.01 28.78 -5.55
N ARG J 128 38.95 28.06 -4.93
CA ARG J 128 39.08 26.65 -5.16
C ARG J 128 39.69 26.04 -3.88
N CYS J 129 39.49 24.75 -3.79
CA CYS J 129 40.04 24.03 -2.63
C CYS J 129 39.72 22.55 -2.83
N LEU J 130 40.43 21.75 -2.09
CA LEU J 130 40.24 20.29 -2.13
C LEU J 130 39.52 19.95 -0.82
N THR J 131 38.65 18.97 -0.86
CA THR J 131 37.93 18.59 0.39
C THR J 131 38.98 17.83 1.23
N ASP J 132 38.76 17.77 2.52
CA ASP J 132 39.72 17.03 3.39
C ASP J 132 39.42 15.54 3.40
N SER J 133 40.19 14.90 4.27
CA SER J 133 40.05 13.42 4.41
C SER J 133 38.67 13.10 4.90
N ASP J 134 38.00 14.07 5.46
CA ASP J 134 36.64 13.89 5.98
C ASP J 134 35.53 14.40 5.08
N GLY J 135 35.90 14.90 3.93
CA GLY J 135 35.00 15.48 2.95
C GLY J 135 34.60 16.90 3.22
N TYR J 136 35.32 17.61 4.08
CA TYR J 136 34.97 19.01 4.38
C TYR J 136 35.76 19.97 3.49
N TYR J 137 35.16 21.09 3.23
CA TYR J 137 35.74 22.18 2.44
C TYR J 137 35.29 23.49 3.17
N SER J 138 35.94 24.56 2.78
CA SER J 138 35.60 25.88 3.24
C SER J 138 36.36 26.94 2.43
N PHE J 139 35.64 28.00 2.31
CA PHE J 139 36.03 29.21 1.61
C PHE J 139 35.60 30.37 2.57
N ARG J 140 36.17 31.50 2.25
CA ARG J 140 35.90 32.76 2.96
C ARG J 140 35.74 33.81 1.84
N THR J 141 34.64 34.51 1.93
CA THR J 141 34.39 35.52 0.83
C THR J 141 33.43 36.53 1.42
N ILE J 142 32.78 37.25 0.56
CA ILE J 142 31.73 38.22 0.88
C ILE J 142 30.47 37.70 0.15
N LYS J 143 29.33 37.97 0.75
CA LYS J 143 28.04 37.53 0.21
C LYS J 143 27.71 38.36 -1.03
N PRO J 144 27.48 37.67 -2.15
CA PRO J 144 27.16 38.37 -3.40
C PRO J 144 25.82 39.07 -3.34
N GLY J 145 25.63 40.08 -4.17
CA GLY J 145 24.37 40.82 -4.30
C GLY J 145 23.56 40.18 -5.46
N PRO J 146 22.29 40.48 -5.45
CA PRO J 146 21.34 39.99 -6.48
C PRO J 146 21.76 40.71 -7.77
N TYR J 147 21.43 40.06 -8.84
CA TYR J 147 21.78 40.48 -10.22
C TYR J 147 20.53 40.49 -11.13
N PRO J 148 20.32 41.61 -11.76
CA PRO J 148 19.18 41.78 -12.73
C PRO J 148 19.72 41.20 -14.07
N TRP J 149 18.87 40.44 -14.74
CA TRP J 149 19.37 39.82 -16.03
C TRP J 149 18.26 39.87 -17.04
N ARG J 150 18.62 39.85 -18.31
CA ARG J 150 17.56 39.98 -19.35
C ARG J 150 16.86 38.69 -19.64
N ASN J 151 15.79 38.47 -18.90
CA ASN J 151 14.97 37.22 -19.11
C ASN J 151 13.56 37.85 -19.30
N GLY J 152 12.87 37.88 -18.19
CA GLY J 152 11.51 38.57 -18.20
C GLY J 152 11.96 40.05 -18.11
N PRO J 153 11.00 40.98 -18.19
CA PRO J 153 11.29 42.40 -18.09
C PRO J 153 11.79 42.86 -16.73
N ASN J 154 11.76 42.01 -15.72
CA ASN J 154 12.22 42.54 -14.37
C ASN J 154 12.62 41.36 -13.49
N ASP J 155 13.55 40.57 -13.96
CA ASP J 155 14.06 39.41 -13.28
C ASP J 155 15.34 39.75 -12.52
N TRP J 156 15.49 39.04 -11.42
CA TRP J 156 16.72 39.22 -10.57
C TRP J 156 17.15 37.88 -10.00
N ARG J 157 18.38 37.55 -10.23
CA ARG J 157 18.90 36.25 -9.62
C ARG J 157 19.01 36.52 -8.13
N PRO J 158 18.61 35.57 -7.32
CA PRO J 158 18.81 35.77 -5.85
C PRO J 158 20.35 35.84 -5.70
N ALA J 159 20.78 36.29 -4.53
CA ALA J 159 22.24 36.31 -4.25
C ALA J 159 22.62 34.81 -4.39
N HIS J 160 23.69 34.52 -5.11
CA HIS J 160 24.09 33.11 -5.29
C HIS J 160 25.57 32.96 -5.59
N ILE J 161 26.11 31.81 -5.26
CA ILE J 161 27.51 31.45 -5.52
C ILE J 161 27.49 30.22 -6.47
N HIS J 162 28.37 30.30 -7.46
CA HIS J 162 28.40 29.13 -8.40
C HIS J 162 29.39 28.09 -7.85
N PHE J 163 28.98 26.83 -7.93
CA PHE J 163 29.87 25.75 -7.44
C PHE J 163 30.04 24.75 -8.61
N GLY J 164 31.20 24.15 -8.63
CA GLY J 164 31.68 23.12 -9.47
C GLY J 164 32.30 22.02 -8.57
N ILE J 165 31.81 20.81 -8.62
CA ILE J 165 32.46 19.79 -7.72
C ILE J 165 32.80 18.58 -8.57
N SER J 166 34.02 18.09 -8.55
CA SER J 166 34.46 16.98 -9.37
C SER J 166 33.99 15.60 -9.01
N GLY J 167 34.28 15.18 -7.80
CA GLY J 167 33.89 13.82 -7.33
C GLY J 167 34.88 12.81 -7.89
N PRO J 168 34.64 11.53 -7.58
CA PRO J 168 35.50 10.46 -8.00
C PRO J 168 35.53 10.08 -9.47
N SER J 169 34.58 10.58 -10.28
CA SER J 169 34.48 10.27 -11.68
C SER J 169 33.74 11.36 -12.46
N ILE J 170 33.80 11.19 -13.81
CA ILE J 170 33.12 12.18 -14.66
C ILE J 170 31.60 11.95 -14.49
N ALA J 171 31.28 10.76 -13.97
CA ALA J 171 29.86 10.41 -13.71
C ALA J 171 29.35 11.27 -12.54
N THR J 172 30.25 11.66 -11.60
CA THR J 172 29.84 12.45 -10.46
C THR J 172 29.90 13.96 -10.62
N LYS J 173 30.72 14.46 -11.51
CA LYS J 173 30.91 15.92 -11.70
C LYS J 173 29.61 16.65 -11.81
N LEU J 174 29.63 17.88 -11.18
CA LEU J 174 28.37 18.68 -11.17
C LEU J 174 28.64 20.17 -11.04
N ILE J 175 27.76 20.93 -11.66
CA ILE J 175 27.75 22.37 -11.59
C ILE J 175 26.35 22.70 -11.00
N THR J 176 26.42 23.58 -10.00
CA THR J 176 25.18 23.97 -9.29
C THR J 176 25.35 25.39 -8.75
N GLN J 177 24.29 25.85 -8.10
CA GLN J 177 24.35 27.22 -7.50
C GLN J 177 23.92 27.14 -6.05
N LEU J 178 24.56 27.87 -5.15
CA LEU J 178 24.20 27.97 -3.74
C LEU J 178 23.32 29.24 -3.57
N TYR J 179 22.33 29.11 -2.72
CA TYR J 179 21.43 30.20 -2.39
C TYR J 179 21.45 30.35 -0.83
N PHE J 180 21.03 31.53 -0.44
CA PHE J 180 21.04 31.95 0.97
C PHE J 180 19.70 31.87 1.67
N GLU J 181 19.73 31.13 2.77
CA GLU J 181 18.52 30.93 3.61
C GLU J 181 17.74 32.25 3.73
N GLY J 182 16.43 32.22 3.57
CA GLY J 182 15.58 33.39 3.68
C GLY J 182 15.46 34.32 2.51
N ASP J 183 16.27 34.16 1.47
CA ASP J 183 16.22 35.10 0.31
C ASP J 183 14.88 35.09 -0.39
N PRO J 184 14.16 36.22 -0.33
CA PRO J 184 12.81 36.32 -0.95
C PRO J 184 12.87 36.19 -2.47
N LEU J 185 14.00 36.36 -3.09
CA LEU J 185 14.06 36.31 -4.58
C LEU J 185 14.07 34.87 -5.10
N ILE J 186 14.41 33.94 -4.19
CA ILE J 186 14.52 32.54 -4.50
C ILE J 186 13.29 31.98 -5.21
N PRO J 187 12.13 32.10 -4.57
CA PRO J 187 10.89 31.58 -5.15
C PRO J 187 10.50 32.17 -6.48
N MET J 188 10.92 33.36 -6.82
CA MET J 188 10.57 34.03 -8.05
C MET J 188 11.47 33.74 -9.24
N CYS J 189 12.58 33.09 -9.02
CA CYS J 189 13.59 32.84 -10.00
C CYS J 189 13.34 31.69 -10.96
N PRO J 190 13.25 32.07 -12.23
CA PRO J 190 13.02 31.09 -13.30
C PRO J 190 14.08 30.03 -13.31
N ILE J 191 15.34 30.39 -13.04
CA ILE J 191 16.43 29.41 -12.97
C ILE J 191 16.20 28.40 -11.84
N VAL J 192 15.88 28.94 -10.63
CA VAL J 192 15.61 28.09 -9.49
C VAL J 192 14.41 27.17 -9.85
N LYS J 193 13.41 27.87 -10.40
CA LYS J 193 12.18 27.15 -10.81
C LYS J 193 12.34 26.15 -11.89
N SER J 194 13.59 25.97 -12.38
CA SER J 194 13.81 24.92 -13.42
C SER J 194 13.71 23.57 -12.70
N ILE J 195 13.82 23.65 -11.36
CA ILE J 195 13.75 22.47 -10.47
C ILE J 195 12.27 22.31 -10.04
N ALA J 196 11.66 21.28 -10.57
CA ALA J 196 10.24 21.02 -10.33
C ALA J 196 9.85 20.74 -8.88
N ASN J 197 10.64 19.94 -8.18
CA ASN J 197 10.36 19.52 -6.81
C ASN J 197 10.90 20.51 -5.79
N PRO J 198 10.03 21.11 -5.03
CA PRO J 198 10.37 22.09 -3.99
C PRO J 198 11.40 21.56 -3.00
N GLU J 199 11.39 20.27 -2.81
CA GLU J 199 12.28 19.55 -1.91
C GLU J 199 13.72 19.66 -2.41
N ALA J 200 13.87 19.58 -3.73
CA ALA J 200 15.19 19.66 -4.38
C ALA J 200 15.70 21.10 -4.20
N VAL J 201 14.77 22.03 -4.32
CA VAL J 201 15.16 23.44 -4.16
C VAL J 201 15.85 23.63 -2.80
N GLN J 202 15.23 23.09 -1.76
CA GLN J 202 15.76 23.19 -0.39
C GLN J 202 17.23 22.80 -0.32
N GLN J 203 17.63 21.80 -1.10
CA GLN J 203 19.02 21.32 -1.11
C GLN J 203 20.02 22.34 -1.58
N LEU J 204 19.59 23.43 -2.21
CA LEU J 204 20.49 24.45 -2.73
C LEU J 204 20.61 25.67 -1.81
N ILE J 205 19.88 25.61 -0.72
CA ILE J 205 19.88 26.68 0.28
C ILE J 205 20.90 26.46 1.39
N ALA J 206 21.82 27.39 1.49
CA ALA J 206 22.88 27.40 2.52
C ALA J 206 22.19 27.94 3.81
N LYS J 207 22.41 27.24 4.90
CA LYS J 207 21.85 27.58 6.21
C LYS J 207 22.83 28.45 7.04
N LEU J 208 22.27 29.51 7.59
CA LEU J 208 23.17 30.36 8.48
C LEU J 208 23.76 29.39 9.54
N ASP J 209 25.03 29.54 9.77
CA ASP J 209 25.76 28.65 10.73
C ASP J 209 26.52 29.48 11.78
N MET J 210 25.76 29.85 12.81
CA MET J 210 26.28 30.67 13.92
C MET J 210 27.44 29.97 14.62
N ASN J 211 27.32 28.67 14.84
CA ASN J 211 28.36 27.89 15.54
C ASN J 211 29.71 28.04 14.85
N ASN J 212 29.71 28.30 13.56
CA ASN J 212 30.98 28.39 12.80
C ASN J 212 31.40 29.81 12.49
N ALA J 213 30.62 30.78 12.94
CA ALA J 213 30.96 32.20 12.67
C ALA J 213 32.16 32.54 13.60
N ASN J 214 32.89 33.56 13.21
CA ASN J 214 34.05 34.07 14.00
C ASN J 214 33.52 35.38 14.61
N PRO J 215 33.27 35.34 15.91
CA PRO J 215 32.68 36.48 16.62
C PRO J 215 33.36 37.78 16.34
N MET J 216 32.63 38.83 16.12
CA MET J 216 33.19 40.16 15.84
C MET J 216 33.99 40.15 14.55
N ASP J 217 33.93 39.08 13.79
CA ASP J 217 34.71 39.02 12.52
C ASP J 217 33.79 38.74 11.32
N CYS J 218 33.26 37.52 11.26
CA CYS J 218 32.39 37.12 10.14
C CYS J 218 31.47 35.97 10.45
N LEU J 219 30.34 36.04 9.74
CA LEU J 219 29.28 35.02 9.80
C LEU J 219 29.69 33.80 9.01
N ALA J 220 28.81 32.80 9.04
CA ALA J 220 29.09 31.56 8.28
C ALA J 220 27.84 30.79 7.88
N TYR J 221 27.88 30.32 6.64
CA TYR J 221 26.87 29.50 5.99
C TYR J 221 27.41 28.09 5.80
N ARG J 222 26.51 27.17 5.95
CA ARG J 222 26.74 25.73 5.81
C ARG J 222 26.10 25.30 4.48
N PHE J 223 26.85 24.60 3.69
CA PHE J 223 26.37 24.11 2.37
C PHE J 223 26.91 22.73 2.12
N ASP J 224 26.18 21.68 2.46
CA ASP J 224 26.68 20.31 2.19
C ASP J 224 26.24 19.92 0.75
N ILE J 225 27.10 19.04 0.20
CA ILE J 225 26.78 18.59 -1.18
C ILE J 225 26.69 17.09 -1.24
N VAL J 226 25.76 16.59 -2.04
CA VAL J 226 25.61 15.13 -2.20
C VAL J 226 25.83 14.73 -3.68
N LEU J 227 26.76 13.84 -3.90
CA LEU J 227 27.03 13.34 -5.30
C LEU J 227 26.50 11.89 -5.42
N ARG J 228 26.45 11.40 -6.67
CA ARG J 228 25.97 10.06 -6.96
C ARG J 228 26.62 9.05 -6.01
N GLY J 229 25.75 8.19 -5.50
CA GLY J 229 26.26 7.13 -4.57
C GLY J 229 27.20 6.27 -5.39
N GLN J 230 28.28 5.82 -4.72
CA GLN J 230 29.27 4.92 -5.39
C GLN J 230 29.18 3.54 -4.75
N ARG J 231 29.16 2.48 -5.53
CA ARG J 231 29.11 1.13 -4.93
C ARG J 231 30.00 0.20 -5.75
N LYS J 232 30.28 -0.97 -5.18
CA LYS J 232 31.11 -1.95 -5.93
C LYS J 232 30.19 -2.68 -6.94
N THR J 233 30.81 -3.20 -7.96
CA THR J 233 30.07 -3.96 -9.00
C THR J 233 29.89 -5.35 -8.30
N HIS J 234 28.83 -6.02 -8.64
CA HIS J 234 28.53 -7.34 -8.10
C HIS J 234 27.83 -8.18 -9.20
N PHE J 235 28.12 -9.45 -9.13
CA PHE J 235 27.59 -10.46 -10.04
C PHE J 235 27.56 -9.94 -11.48
N GLU J 236 28.55 -9.14 -11.89
CA GLU J 236 28.52 -8.60 -13.27
C GLU J 236 29.03 -9.52 -14.36
N PRO K 1 6.81 39.23 0.12
CA PRO K 1 6.98 40.36 -0.82
C PRO K 1 5.58 40.97 -0.95
N ILE K 2 5.50 42.14 -1.59
CA ILE K 2 4.15 42.76 -1.78
C ILE K 2 3.47 42.29 -3.08
N GLU K 3 2.18 42.10 -3.00
CA GLU K 3 1.35 41.70 -4.16
C GLU K 3 0.18 42.69 -4.33
N LEU K 4 -0.02 43.15 -5.58
CA LEU K 4 -1.17 44.07 -5.85
C LEU K 4 -2.39 43.20 -6.25
N LEU K 5 -3.46 43.87 -6.75
CA LEU K 5 -4.63 43.06 -7.26
C LEU K 5 -4.08 42.46 -8.61
N PRO K 6 -4.36 41.21 -8.85
CA PRO K 6 -3.92 40.59 -10.12
C PRO K 6 -4.78 41.16 -11.27
N GLU K 7 -4.10 41.25 -12.41
CA GLU K 7 -4.78 41.75 -13.64
C GLU K 7 -5.75 40.70 -14.18
N THR K 8 -6.84 41.23 -14.78
CA THR K 8 -7.80 40.28 -15.45
C THR K 8 -7.04 39.50 -16.50
N PRO K 9 -7.15 38.17 -16.48
CA PRO K 9 -6.49 37.33 -17.46
C PRO K 9 -7.12 37.51 -18.85
N SER K 10 -6.23 37.47 -19.84
CA SER K 10 -6.63 37.63 -21.28
C SER K 10 -7.23 36.30 -21.73
N GLN K 11 -7.96 36.36 -22.82
CA GLN K 11 -8.56 35.17 -23.46
C GLN K 11 -8.49 35.55 -24.99
N THR K 12 -8.49 34.54 -25.78
CA THR K 12 -8.45 34.69 -27.24
C THR K 12 -9.59 35.60 -27.67
N ALA K 13 -9.34 36.28 -28.79
CA ALA K 13 -10.33 37.20 -29.37
C ALA K 13 -11.51 36.38 -29.95
N GLY K 14 -11.20 35.19 -30.37
CA GLY K 14 -12.15 34.24 -30.99
C GLY K 14 -12.26 34.52 -32.50
N PRO K 15 -12.90 33.59 -33.19
CA PRO K 15 -13.10 33.67 -34.64
C PRO K 15 -13.98 34.79 -35.10
N TYR K 16 -14.93 35.23 -34.30
CA TYR K 16 -15.88 36.27 -34.65
C TYR K 16 -15.57 37.63 -34.10
N VAL K 17 -14.31 37.97 -33.88
CA VAL K 17 -13.92 39.26 -33.33
C VAL K 17 -14.50 40.43 -34.09
N HIS K 18 -14.58 40.27 -35.40
CA HIS K 18 -15.05 41.31 -36.32
C HIS K 18 -16.39 41.91 -35.95
N ILE K 19 -17.29 41.08 -35.44
CA ILE K 19 -18.61 41.59 -35.07
C ILE K 19 -18.48 42.72 -34.07
N GLY K 20 -17.44 42.65 -33.23
CA GLY K 20 -17.21 43.68 -32.23
C GLY K 20 -16.25 44.76 -32.64
N LEU K 21 -15.19 44.38 -33.36
CA LEU K 21 -14.14 45.32 -33.74
C LEU K 21 -13.87 45.55 -35.20
N ALA K 22 -14.60 44.96 -36.09
CA ALA K 22 -14.39 45.10 -37.56
C ALA K 22 -15.72 44.71 -38.25
N LEU K 23 -16.72 45.50 -37.91
CA LEU K 23 -18.10 45.40 -38.32
C LEU K 23 -18.27 45.07 -39.80
N GLU K 24 -17.70 45.90 -40.63
CA GLU K 24 -17.74 45.70 -42.12
C GLU K 24 -17.40 44.26 -42.46
N ALA K 25 -16.19 43.85 -42.03
CA ALA K 25 -15.65 42.50 -42.25
C ALA K 25 -16.65 41.42 -41.83
N ALA K 26 -17.21 41.58 -40.64
CA ALA K 26 -18.18 40.55 -40.15
C ALA K 26 -19.29 40.47 -41.21
N GLY K 27 -19.47 41.60 -41.88
CA GLY K 27 -20.48 41.75 -42.92
C GLY K 27 -21.76 42.33 -42.27
N ASN K 28 -21.51 43.16 -41.28
CA ASN K 28 -22.62 43.81 -40.55
C ASN K 28 -22.55 45.31 -40.84
N PRO K 29 -23.65 46.00 -40.62
CA PRO K 29 -23.73 47.46 -40.80
C PRO K 29 -22.79 48.10 -39.77
N THR K 30 -22.24 49.23 -40.11
CA THR K 30 -21.32 49.95 -39.19
C THR K 30 -22.03 51.09 -38.49
N ARG K 31 -21.39 51.71 -37.50
CA ARG K 31 -22.03 52.85 -36.80
C ARG K 31 -21.52 54.13 -37.45
N ASP K 32 -21.95 55.27 -36.94
CA ASP K 32 -21.52 56.58 -37.45
C ASP K 32 -19.98 56.60 -37.48
N GLN K 33 -19.42 56.34 -36.30
CA GLN K 33 -17.98 56.34 -36.11
C GLN K 33 -17.44 54.95 -35.76
N GLU K 34 -16.36 54.61 -36.45
CA GLU K 34 -15.65 53.35 -36.30
C GLU K 34 -14.15 53.61 -36.39
N ILE K 35 -13.41 52.87 -35.60
CA ILE K 35 -11.93 52.95 -35.58
C ILE K 35 -11.48 51.96 -36.68
N TRP K 36 -10.89 52.55 -37.71
CA TRP K 36 -10.50 51.68 -38.84
C TRP K 36 -9.10 51.85 -39.28
N ASN K 37 -8.76 51.43 -40.48
CA ASN K 37 -7.41 51.44 -41.01
C ASN K 37 -6.88 52.66 -41.73
N ARG K 38 -7.56 53.77 -41.68
CA ARG K 38 -7.05 55.02 -42.39
C ARG K 38 -6.69 55.99 -41.30
N LEU K 39 -5.41 55.99 -40.92
CA LEU K 39 -4.88 56.83 -39.85
C LEU K 39 -4.67 58.30 -40.21
N ALA K 40 -4.35 58.49 -41.48
CA ALA K 40 -4.05 59.81 -42.02
C ALA K 40 -4.96 60.18 -43.19
N LYS K 41 -5.41 61.42 -43.09
CA LYS K 41 -6.23 62.09 -44.12
C LYS K 41 -5.22 62.71 -45.12
N PRO K 42 -5.57 62.57 -46.39
CA PRO K 42 -4.75 63.07 -47.50
C PRO K 42 -3.97 64.32 -47.17
N ASP K 43 -4.59 65.26 -46.47
CA ASP K 43 -3.87 66.51 -46.12
C ASP K 43 -3.06 66.37 -44.84
N ALA K 44 -2.56 65.16 -44.62
CA ALA K 44 -1.74 64.94 -43.40
C ALA K 44 -0.28 65.11 -43.75
N PRO K 45 0.38 65.99 -42.99
CA PRO K 45 1.82 66.23 -43.14
C PRO K 45 2.57 64.89 -42.99
N GLY K 46 3.62 64.76 -43.76
CA GLY K 46 4.48 63.55 -43.71
C GLY K 46 4.32 62.77 -44.98
N GLU K 47 5.19 61.78 -45.14
CA GLU K 47 5.14 60.91 -46.31
C GLU K 47 4.08 59.80 -46.13
N HIS K 48 2.98 59.97 -46.83
CA HIS K 48 1.88 59.00 -46.80
C HIS K 48 2.35 57.71 -47.44
N ILE K 49 1.93 56.60 -46.85
CA ILE K 49 2.33 55.26 -47.36
C ILE K 49 1.19 54.29 -47.09
N LEU K 50 1.34 53.16 -47.75
CA LEU K 50 0.44 52.04 -47.68
C LEU K 50 1.19 50.82 -47.10
N LEU K 51 0.67 50.35 -45.98
CA LEU K 51 1.24 49.16 -45.31
C LEU K 51 0.26 47.99 -45.63
N LEU K 52 0.86 46.87 -45.89
CA LEU K 52 0.14 45.63 -46.17
C LEU K 52 1.05 44.44 -45.80
N GLY K 53 0.40 43.29 -45.65
CA GLY K 53 1.05 42.03 -45.32
C GLY K 53 0.03 40.95 -44.95
N GLN K 54 0.56 39.76 -44.84
CA GLN K 54 -0.19 38.55 -44.44
C GLN K 54 0.39 38.02 -43.12
N VAL K 55 -0.33 37.04 -42.57
CA VAL K 55 0.09 36.42 -41.26
C VAL K 55 0.01 34.90 -41.45
N TYR K 56 1.07 34.19 -41.20
CA TYR K 56 1.21 32.78 -41.30
C TYR K 56 1.33 32.10 -39.91
N ASP K 57 0.80 30.89 -39.90
CA ASP K 57 0.84 30.05 -38.67
C ASP K 57 2.12 29.19 -38.77
N GLY K 58 2.32 28.34 -37.82
CA GLY K 58 3.44 27.44 -37.76
C GLY K 58 3.49 26.47 -38.95
N ASN K 59 2.39 26.25 -39.64
CA ASN K 59 2.38 25.33 -40.79
C ASN K 59 2.65 26.09 -42.10
N GLY K 60 2.72 27.38 -42.00
CA GLY K 60 2.95 28.26 -43.16
C GLY K 60 1.59 28.58 -43.80
N HIS K 61 0.51 28.32 -43.10
CA HIS K 61 -0.85 28.60 -43.63
C HIS K 61 -1.27 30.00 -43.21
N LEU K 62 -2.05 30.62 -44.06
CA LEU K 62 -2.53 32.01 -43.84
C LEU K 62 -3.52 32.03 -42.68
N VAL K 63 -3.36 33.04 -41.85
CA VAL K 63 -4.29 33.22 -40.70
C VAL K 63 -5.25 34.29 -41.20
N ARG K 64 -6.42 33.85 -41.60
CA ARG K 64 -7.44 34.71 -42.17
C ARG K 64 -8.35 35.43 -41.25
N ASP K 65 -8.33 35.11 -39.96
CA ASP K 65 -9.21 35.72 -38.97
C ASP K 65 -8.44 36.62 -38.03
N SER K 66 -7.25 37.05 -38.47
CA SER K 66 -6.47 37.91 -37.58
C SER K 66 -7.06 39.32 -37.58
N PHE K 67 -6.79 39.95 -36.49
CA PHE K 67 -7.20 41.33 -36.15
C PHE K 67 -5.89 41.93 -35.56
N LEU K 68 -5.64 43.13 -36.04
CA LEU K 68 -4.40 43.89 -35.69
C LEU K 68 -4.75 45.28 -35.26
N GLU K 69 -3.98 45.83 -34.35
CA GLU K 69 -4.09 47.19 -33.81
C GLU K 69 -2.71 47.79 -33.91
N VAL K 70 -2.65 49.04 -34.37
CA VAL K 70 -1.37 49.77 -34.56
C VAL K 70 -1.39 51.09 -33.79
N TRP K 71 -0.20 51.49 -33.41
CA TRP K 71 0.05 52.70 -32.61
C TRP K 71 1.42 53.24 -33.08
N GLN K 72 1.33 54.50 -33.50
CA GLN K 72 2.55 55.12 -34.06
C GLN K 72 2.57 56.64 -33.87
N ALA K 73 3.81 57.14 -33.96
CA ALA K 73 4.01 58.62 -33.90
C ALA K 73 3.71 59.14 -35.32
N ASP K 74 3.34 60.41 -35.36
CA ASP K 74 3.08 61.04 -36.69
C ASP K 74 4.47 61.28 -37.35
N ALA K 75 4.36 62.25 -38.28
CA ALA K 75 5.51 62.69 -39.08
C ALA K 75 6.54 63.39 -38.21
N ASN K 76 6.05 64.22 -37.29
CA ASN K 76 6.96 64.93 -36.38
C ASN K 76 7.38 64.09 -35.20
N GLY K 77 7.20 62.78 -35.28
CA GLY K 77 7.61 61.88 -34.18
C GLY K 77 6.78 62.16 -32.91
N GLU K 78 5.54 62.62 -33.08
CA GLU K 78 4.67 62.84 -31.92
C GLU K 78 3.46 61.88 -31.96
N TYR K 79 3.12 61.48 -30.74
CA TYR K 79 1.97 60.59 -30.51
C TYR K 79 0.71 61.44 -30.23
N GLN K 80 -0.18 61.24 -31.21
CA GLN K 80 -1.49 61.98 -31.13
C GLN K 80 -2.51 61.00 -30.54
N ASP K 81 -2.68 61.20 -29.21
CA ASP K 81 -3.58 60.30 -28.47
C ASP K 81 -5.03 60.68 -28.47
N ALA K 82 -5.33 61.95 -28.63
CA ALA K 82 -6.76 62.38 -28.65
C ALA K 82 -7.33 61.92 -30.00
N TYR K 83 -7.89 60.70 -30.01
CA TYR K 83 -8.51 60.09 -31.17
C TYR K 83 -9.79 60.79 -31.56
N ASN K 84 -9.83 61.21 -32.81
CA ASN K 84 -10.97 61.94 -33.43
C ASN K 84 -10.92 61.66 -34.94
N LEU K 85 -12.09 61.37 -35.51
CA LEU K 85 -12.18 61.10 -36.95
C LEU K 85 -11.93 62.38 -37.76
N GLU K 86 -12.08 63.51 -37.02
CA GLU K 86 -11.86 64.82 -37.62
C GLU K 86 -10.38 65.00 -37.92
N ASN K 87 -9.55 64.62 -36.96
CA ASN K 87 -8.09 64.76 -37.14
C ASN K 87 -7.70 64.35 -38.56
N ALA K 88 -6.61 64.99 -38.99
CA ALA K 88 -6.03 64.70 -40.33
C ALA K 88 -5.19 63.43 -40.15
N PHE K 89 -4.72 63.26 -38.90
CA PHE K 89 -3.93 62.07 -38.54
C PHE K 89 -4.27 61.60 -37.12
N ASN K 90 -4.35 60.26 -37.02
CA ASN K 90 -4.62 59.59 -35.72
C ASN K 90 -3.48 58.54 -35.62
N SER K 91 -2.93 58.46 -34.42
CA SER K 91 -1.82 57.51 -34.14
C SER K 91 -2.31 56.08 -33.91
N PHE K 92 -3.60 55.94 -33.73
CA PHE K 92 -4.22 54.61 -33.46
C PHE K 92 -5.03 54.15 -34.65
N GLY K 93 -4.90 52.86 -34.92
CA GLY K 93 -5.62 52.22 -36.04
C GLY K 93 -5.88 50.74 -35.74
N ARG K 94 -6.78 50.19 -36.55
CA ARG K 94 -7.19 48.80 -36.52
C ARG K 94 -7.35 48.28 -37.97
N THR K 95 -7.10 47.02 -38.14
CA THR K 95 -7.22 46.36 -39.47
C THR K 95 -7.43 44.87 -39.18
N ALA K 96 -7.79 44.13 -40.18
CA ALA K 96 -8.03 42.69 -40.14
C ALA K 96 -7.65 42.07 -41.50
N THR K 97 -7.39 40.79 -41.53
CA THR K 97 -7.06 40.07 -42.76
C THR K 97 -8.32 39.57 -43.47
N THR K 98 -8.32 39.77 -44.80
CA THR K 98 -9.48 39.34 -45.63
C THR K 98 -9.70 37.83 -45.43
N PHE K 99 -10.97 37.45 -45.37
CA PHE K 99 -11.29 36.02 -45.20
C PHE K 99 -10.91 35.28 -46.49
N ASP K 100 -10.69 36.02 -47.56
CA ASP K 100 -10.34 35.42 -48.87
C ASP K 100 -8.83 35.39 -49.07
N ALA K 101 -8.32 36.53 -49.49
CA ALA K 101 -6.91 36.78 -49.77
C ALA K 101 -6.02 36.68 -48.54
N GLY K 102 -6.63 36.98 -47.40
CA GLY K 102 -5.98 36.97 -46.10
C GLY K 102 -4.88 37.99 -45.99
N GLU K 103 -5.17 39.22 -46.39
CA GLU K 103 -4.18 40.33 -46.35
C GLU K 103 -4.83 41.53 -45.66
N TRP K 104 -4.03 42.21 -44.88
CA TRP K 104 -4.50 43.41 -44.16
C TRP K 104 -3.81 44.62 -44.84
N THR K 105 -4.44 45.75 -44.68
CA THR K 105 -3.88 46.99 -45.24
C THR K 105 -4.11 48.13 -44.30
N LEU K 106 -3.19 49.10 -44.47
CA LEU K 106 -3.32 50.33 -43.58
C LEU K 106 -2.84 51.52 -44.42
N HIS K 107 -3.55 52.61 -44.22
CA HIS K 107 -3.24 53.90 -44.91
C HIS K 107 -2.81 54.92 -43.85
N THR K 108 -1.52 55.22 -43.84
CA THR K 108 -0.95 56.17 -42.85
C THR K 108 0.22 56.96 -43.46
N VAL K 109 1.07 57.47 -42.56
CA VAL K 109 2.28 58.21 -42.89
C VAL K 109 3.45 57.66 -42.05
N LYS K 110 4.62 57.65 -42.67
CA LYS K 110 5.86 57.18 -42.02
C LYS K 110 6.11 58.01 -40.77
N PRO K 111 6.27 57.32 -39.63
CA PRO K 111 6.49 57.97 -38.34
C PRO K 111 7.84 58.64 -38.18
N GLY K 112 7.79 59.73 -37.39
CA GLY K 112 9.02 60.49 -37.04
C GLY K 112 9.69 59.65 -35.94
N VAL K 113 10.90 59.97 -35.58
CA VAL K 113 11.70 59.25 -34.56
C VAL K 113 11.33 59.76 -33.18
N VAL K 114 11.38 58.84 -32.20
CA VAL K 114 11.07 59.24 -30.79
C VAL K 114 12.21 58.58 -29.98
N ASN K 115 12.54 59.16 -28.87
CA ASN K 115 13.66 58.60 -28.05
C ASN K 115 13.05 57.67 -26.97
N ASN K 116 13.93 56.83 -26.50
CA ASN K 116 13.59 55.84 -25.46
C ASN K 116 13.68 56.59 -24.12
N ALA K 117 13.53 55.83 -23.07
CA ALA K 117 13.56 56.36 -21.70
C ALA K 117 14.90 57.08 -21.48
N ALA K 118 15.95 56.47 -21.98
CA ALA K 118 17.32 56.94 -21.87
C ALA K 118 17.66 58.18 -22.66
N GLY K 119 16.80 58.60 -23.56
CA GLY K 119 17.02 59.77 -24.40
C GLY K 119 17.56 59.44 -25.78
N VAL K 120 17.87 58.17 -26.02
CA VAL K 120 18.36 57.68 -27.31
C VAL K 120 17.17 57.48 -28.26
N PRO K 121 17.31 58.01 -29.46
CA PRO K 121 16.29 57.93 -30.50
C PRO K 121 16.17 56.46 -30.97
N MET K 122 14.95 56.13 -31.27
CA MET K 122 14.68 54.73 -31.80
C MET K 122 14.42 54.96 -33.29
N ALA K 123 14.66 53.95 -34.09
CA ALA K 123 14.38 54.15 -35.56
C ALA K 123 12.86 54.26 -35.67
N PRO K 124 12.43 54.87 -36.74
CA PRO K 124 10.96 55.01 -36.98
C PRO K 124 10.45 53.56 -36.89
N HIS K 125 9.27 53.43 -36.34
CA HIS K 125 8.61 52.12 -36.15
C HIS K 125 7.13 52.38 -35.78
N ILE K 126 6.40 51.31 -35.95
CA ILE K 126 4.99 51.15 -35.71
C ILE K 126 4.75 49.99 -34.72
N ASN K 127 4.06 50.33 -33.66
CA ASN K 127 3.72 49.27 -32.65
C ASN K 127 2.47 48.52 -33.13
N ILE K 128 2.60 47.21 -33.16
CA ILE K 128 1.51 46.32 -33.57
C ILE K 128 1.16 45.26 -32.52
N SER K 129 -0.15 45.12 -32.31
CA SER K 129 -0.71 44.11 -31.38
C SER K 129 -1.58 43.21 -32.28
N LEU K 130 -1.34 41.93 -32.22
CA LEU K 130 -2.04 40.93 -33.00
C LEU K 130 -2.92 40.01 -32.13
N PHE K 131 -4.15 39.93 -32.59
CA PHE K 131 -5.22 39.12 -32.01
C PHE K 131 -5.81 38.13 -33.03
N ALA K 132 -6.32 37.05 -32.43
CA ALA K 132 -7.02 36.00 -33.17
C ALA K 132 -7.25 34.71 -32.37
N ARG K 133 -8.17 33.98 -32.98
CA ARG K 133 -8.54 32.61 -32.56
C ARG K 133 -7.16 31.91 -32.48
N GLY K 134 -6.96 31.16 -31.38
CA GLY K 134 -5.76 30.41 -31.18
C GLY K 134 -4.67 31.19 -30.46
N ILE K 135 -4.83 32.47 -30.26
CA ILE K 135 -3.87 33.35 -29.56
C ILE K 135 -4.53 33.75 -28.23
N ASN K 136 -4.11 33.04 -27.15
CA ASN K 136 -4.64 33.23 -25.81
C ASN K 136 -4.43 34.64 -25.30
N ILE K 137 -3.24 35.18 -25.61
CA ILE K 137 -2.88 36.58 -25.22
C ILE K 137 -2.22 37.24 -26.44
N HIS K 138 -2.62 38.48 -26.67
CA HIS K 138 -2.10 39.19 -27.87
C HIS K 138 -0.61 39.26 -27.92
N LEU K 139 -0.11 39.27 -29.16
CA LEU K 139 1.32 39.34 -29.52
C LEU K 139 1.66 40.79 -29.89
N HIS K 140 2.79 41.22 -29.35
CA HIS K 140 3.31 42.57 -29.55
C HIS K 140 4.56 42.47 -30.48
N THR K 141 4.55 43.34 -31.46
CA THR K 141 5.67 43.44 -32.43
C THR K 141 5.83 44.89 -32.86
N ARG K 142 6.87 45.13 -33.62
CA ARG K 142 7.18 46.48 -34.15
C ARG K 142 7.51 46.33 -35.62
N LEU K 143 7.04 47.30 -36.37
CA LEU K 143 7.34 47.34 -37.84
C LEU K 143 8.36 48.50 -38.03
N TYR K 144 9.45 48.13 -38.62
CA TYR K 144 10.57 48.97 -39.00
C TYR K 144 10.61 48.96 -40.55
N PHE K 145 11.30 49.98 -41.05
CA PHE K 145 11.44 50.21 -42.49
C PHE K 145 12.81 49.87 -43.05
N ASP K 146 12.75 49.29 -44.26
CA ASP K 146 14.01 48.88 -44.91
C ASP K 146 14.82 50.08 -45.37
N ASP K 147 14.16 51.23 -45.50
CA ASP K 147 14.92 52.43 -45.93
C ASP K 147 15.43 53.27 -44.79
N GLU K 148 15.59 52.68 -43.62
CA GLU K 148 16.09 53.47 -42.46
C GLU K 148 17.20 52.66 -41.82
N ALA K 149 17.86 51.95 -42.73
CA ALA K 149 18.99 51.07 -42.39
C ALA K 149 19.92 51.72 -41.37
N GLN K 150 20.26 52.98 -41.60
CA GLN K 150 21.19 53.69 -40.70
C GLN K 150 20.58 53.75 -39.31
N ALA K 151 19.38 54.29 -39.26
CA ALA K 151 18.62 54.43 -38.01
C ALA K 151 18.45 53.08 -37.30
N ASN K 152 18.03 52.10 -38.07
CA ASN K 152 17.78 50.73 -37.63
C ASN K 152 18.99 50.14 -36.90
N ALA K 153 20.14 50.45 -37.45
CA ALA K 153 21.44 49.96 -36.99
C ALA K 153 21.73 50.42 -35.57
N LYS K 154 21.17 51.60 -35.30
CA LYS K 154 21.35 52.29 -34.04
C LYS K 154 20.32 52.06 -32.98
N CYS K 155 19.15 51.61 -33.40
CA CYS K 155 18.00 51.36 -32.55
C CYS K 155 18.28 50.57 -31.29
N PRO K 156 18.00 51.22 -30.16
CA PRO K 156 18.19 50.62 -28.85
C PRO K 156 17.33 49.38 -28.65
N VAL K 157 16.15 49.43 -29.27
CA VAL K 157 15.18 48.29 -29.17
C VAL K 157 15.62 47.14 -30.03
N LEU K 158 15.92 47.47 -31.28
CA LEU K 158 16.36 46.51 -32.31
C LEU K 158 17.63 45.80 -31.84
N ASN K 159 18.48 46.53 -31.12
CA ASN K 159 19.73 46.04 -30.59
C ASN K 159 19.56 45.10 -29.38
N LEU K 160 18.38 45.07 -28.83
CA LEU K 160 18.11 44.20 -27.67
C LEU K 160 17.95 42.79 -28.19
N ILE K 161 17.54 42.73 -29.46
CA ILE K 161 17.36 41.36 -30.05
C ILE K 161 18.77 40.78 -30.15
N GLU K 162 18.98 39.71 -29.40
CA GLU K 162 20.26 39.05 -29.30
C GLU K 162 20.85 38.50 -30.56
N GLN K 163 20.04 37.92 -31.42
CA GLN K 163 20.53 37.33 -32.70
C GLN K 163 20.13 38.27 -33.84
N PRO K 164 21.13 38.85 -34.46
CA PRO K 164 20.93 39.81 -35.55
C PRO K 164 20.02 39.30 -36.64
N GLN K 165 20.08 38.01 -36.90
CA GLN K 165 19.22 37.39 -37.92
C GLN K 165 17.73 37.69 -37.65
N ARG K 166 17.35 37.72 -36.38
CA ARG K 166 15.95 37.91 -35.96
C ARG K 166 15.47 39.34 -36.08
N ARG K 167 16.45 40.25 -36.20
CA ARG K 167 16.09 41.68 -36.33
C ARG K 167 15.42 41.88 -37.68
N GLU K 168 15.90 41.16 -38.67
CA GLU K 168 15.38 41.27 -40.04
C GLU K 168 13.93 40.90 -40.17
N THR K 169 13.39 40.15 -39.22
CA THR K 169 11.98 39.74 -39.21
C THR K 169 11.11 40.97 -38.94
N LEU K 170 11.70 42.01 -38.33
CA LEU K 170 10.92 43.22 -38.05
C LEU K 170 10.97 44.27 -39.13
N ILE K 171 11.73 44.08 -40.20
CA ILE K 171 11.87 45.10 -41.27
C ILE K 171 10.98 44.93 -42.48
N ALA K 172 10.09 45.87 -42.66
CA ALA K 172 9.14 45.89 -43.78
C ALA K 172 9.88 46.22 -45.09
N LYS K 173 9.53 45.46 -46.11
CA LYS K 173 10.14 45.58 -47.45
C LYS K 173 9.37 46.60 -48.29
N ARG K 174 10.10 47.66 -48.64
CA ARG K 174 9.55 48.75 -49.44
C ARG K 174 9.28 48.29 -50.88
N CYS K 175 8.24 48.90 -51.42
CA CYS K 175 7.78 48.65 -52.80
C CYS K 175 6.77 49.75 -53.14
N GLU K 176 6.07 49.53 -54.24
CA GLU K 176 5.05 50.51 -54.67
C GLU K 176 3.80 49.77 -55.09
N VAL K 177 2.67 50.38 -54.75
CA VAL K 177 1.35 49.84 -55.09
C VAL K 177 0.55 50.96 -55.75
N ASP K 178 0.27 50.70 -57.03
CA ASP K 178 -0.48 51.71 -57.82
C ASP K 178 0.30 53.03 -57.78
N GLY K 179 1.62 52.93 -57.89
CA GLY K 179 2.46 54.12 -57.91
C GLY K 179 2.59 54.83 -56.58
N LYS K 180 2.08 54.20 -55.54
CA LYS K 180 2.16 54.78 -54.17
C LYS K 180 3.23 53.98 -53.40
N THR K 181 3.93 54.65 -52.50
CA THR K 181 4.93 53.94 -51.69
C THR K 181 4.11 53.02 -50.74
N ALA K 182 4.56 51.79 -50.75
CA ALA K 182 3.97 50.71 -49.91
C ALA K 182 5.12 49.97 -49.24
N TYR K 183 4.79 49.29 -48.15
CA TYR K 183 5.78 48.46 -47.42
C TYR K 183 5.01 47.19 -47.02
N ARG K 184 5.63 46.07 -47.35
CA ARG K 184 5.04 44.77 -47.01
C ARG K 184 5.69 44.29 -45.69
N PHE K 185 4.79 43.84 -44.86
CA PHE K 185 5.13 43.30 -43.53
C PHE K 185 4.31 42.02 -43.25
N ASP K 186 4.99 40.93 -43.43
CA ASP K 186 4.43 39.59 -43.21
C ASP K 186 4.87 39.14 -41.79
N ILE K 187 3.93 38.58 -41.09
CA ILE K 187 4.16 38.08 -39.73
C ILE K 187 4.15 36.56 -39.73
N ARG K 188 5.22 36.00 -39.21
CA ARG K 188 5.29 34.49 -39.11
C ARG K 188 5.09 34.25 -37.62
N ILE K 189 3.95 33.57 -37.33
CA ILE K 189 3.63 33.37 -35.91
C ILE K 189 4.54 32.35 -35.27
N GLN K 190 4.95 31.39 -36.09
CA GLN K 190 5.80 30.29 -35.56
C GLN K 190 6.65 29.62 -36.60
N GLY K 191 7.75 29.01 -36.15
CA GLY K 191 8.63 28.28 -37.06
C GLY K 191 9.61 29.18 -37.79
N GLU K 192 9.97 28.73 -39.00
CA GLU K 192 10.93 29.41 -39.89
C GLU K 192 10.60 30.86 -40.13
N GLY K 193 11.53 31.72 -39.81
CA GLY K 193 11.47 33.16 -39.90
C GLY K 193 10.51 33.76 -38.87
N GLU K 194 10.26 33.04 -37.78
CA GLU K 194 9.31 33.50 -36.74
C GLU K 194 9.58 34.97 -36.42
N THR K 195 8.55 35.78 -36.40
CA THR K 195 8.67 37.19 -36.08
C THR K 195 8.97 37.38 -34.58
N VAL K 196 9.81 38.36 -34.35
CA VAL K 196 10.18 38.69 -32.96
C VAL K 196 8.91 39.32 -32.34
N PHE K 197 8.62 38.78 -31.18
CA PHE K 197 7.47 39.30 -30.34
C PHE K 197 8.16 39.72 -29.02
N PHE K 198 7.64 40.80 -28.47
CA PHE K 198 8.05 41.51 -27.32
C PHE K 198 7.07 41.45 -26.10
N ASP K 199 7.72 41.65 -24.96
CA ASP K 199 7.08 41.71 -23.63
C ASP K 199 7.56 43.06 -23.06
N PHE K 200 6.67 43.85 -22.54
CA PHE K 200 6.97 45.14 -21.90
C PHE K 200 5.84 45.44 -20.85
N PRO L 1 1.51 66.60 -27.05
CA PRO L 1 1.03 65.20 -27.29
C PRO L 1 1.20 64.37 -26.03
N ALA L 2 1.06 63.04 -26.19
CA ALA L 2 1.17 62.13 -25.02
C ALA L 2 2.61 62.20 -24.51
N GLN L 3 2.77 61.86 -23.24
CA GLN L 3 4.08 61.89 -22.57
C GLN L 3 4.41 60.64 -21.75
N ASP L 4 5.71 60.29 -21.75
CA ASP L 4 6.16 59.14 -20.97
C ASP L 4 6.28 59.51 -19.48
N ASN L 5 5.20 59.43 -18.75
CA ASN L 5 5.36 59.79 -17.29
C ASN L 5 5.16 58.57 -16.42
N SER L 6 4.42 57.62 -16.96
CA SER L 6 4.10 56.38 -16.21
C SER L 6 5.00 55.22 -16.61
N ARG L 7 4.83 54.19 -15.83
CA ARG L 7 5.48 52.89 -15.92
C ARG L 7 4.34 51.94 -15.50
N PHE L 8 4.32 50.78 -16.17
CA PHE L 8 3.24 49.82 -15.84
C PHE L 8 3.85 48.60 -15.21
N VAL L 9 3.06 48.00 -14.32
CA VAL L 9 3.53 46.80 -13.60
C VAL L 9 3.69 45.70 -14.67
N ILE L 10 4.85 45.10 -14.62
CA ILE L 10 5.17 44.04 -15.59
C ILE L 10 3.97 43.05 -15.48
N ARG L 11 3.61 42.55 -16.67
CA ARG L 11 2.49 41.55 -16.68
C ARG L 11 3.04 40.25 -16.09
N ASP L 12 2.17 39.50 -15.46
CA ASP L 12 2.56 38.18 -14.92
C ASP L 12 2.07 37.19 -16.00
N ARG L 13 2.95 36.58 -16.73
CA ARG L 13 2.66 35.63 -17.76
C ARG L 13 2.41 34.22 -17.31
N ASN L 14 2.29 34.02 -15.97
CA ASN L 14 1.95 32.67 -15.47
C ASN L 14 0.49 32.79 -14.93
N TRP L 15 0.03 34.03 -14.84
CA TRP L 15 -1.32 34.32 -14.34
C TRP L 15 -2.24 34.22 -15.61
N HIS L 16 -1.79 34.97 -16.60
CA HIS L 16 -2.45 34.95 -17.93
C HIS L 16 -2.18 33.53 -18.47
N PRO L 17 -3.03 33.11 -19.39
CA PRO L 17 -2.89 31.77 -20.02
C PRO L 17 -1.61 31.78 -20.85
N LYS L 18 -0.98 30.66 -20.97
CA LYS L 18 0.23 30.56 -21.82
C LYS L 18 -0.23 30.53 -23.31
N ALA L 19 0.82 30.63 -24.13
CA ALA L 19 0.65 30.65 -25.57
C ALA L 19 0.19 29.28 -26.09
N LEU L 20 0.92 28.24 -25.66
CA LEU L 20 0.61 26.88 -26.12
C LEU L 20 -0.22 26.13 -25.08
N THR L 21 -1.50 26.00 -25.41
CA THR L 21 -2.45 25.25 -24.54
C THR L 21 -3.09 24.20 -25.49
N PRO L 22 -2.39 23.10 -25.65
CA PRO L 22 -2.75 22.04 -26.57
C PRO L 22 -4.16 21.56 -26.63
N ASP L 23 -4.91 21.56 -25.55
CA ASP L 23 -6.32 21.09 -25.56
C ASP L 23 -7.22 22.00 -26.40
N TYR L 24 -6.72 23.20 -26.54
CA TYR L 24 -7.32 24.30 -27.34
C TYR L 24 -6.44 24.26 -28.65
N LYS L 25 -6.87 23.32 -29.46
CA LYS L 25 -6.30 22.92 -30.71
C LYS L 25 -5.66 24.02 -31.53
N THR L 26 -6.41 25.08 -31.81
CA THR L 26 -5.84 26.18 -32.61
C THR L 26 -4.55 26.76 -32.05
N SER L 27 -4.41 26.92 -30.72
CA SER L 27 -3.19 27.47 -30.13
C SER L 27 -1.92 26.72 -30.57
N ILE L 28 -2.06 25.47 -30.99
CA ILE L 28 -0.87 24.69 -31.41
C ILE L 28 -0.04 25.38 -32.47
N ALA L 29 -0.66 25.69 -33.59
CA ALA L 29 -0.01 26.31 -34.74
C ALA L 29 0.09 27.80 -34.65
N ARG L 30 -0.58 28.45 -33.67
CA ARG L 30 -0.55 29.88 -33.54
C ARG L 30 0.10 30.44 -32.29
N SER L 31 1.10 29.79 -31.80
CA SER L 31 1.84 30.23 -30.59
C SER L 31 3.33 30.18 -31.00
N PRO L 32 4.04 31.24 -30.69
CA PRO L 32 5.46 31.36 -30.99
C PRO L 32 6.25 30.28 -30.32
N ARG L 33 7.37 29.90 -30.89
CA ARG L 33 8.24 28.84 -30.32
C ARG L 33 9.47 29.52 -29.75
N GLN L 34 9.77 30.74 -30.17
CA GLN L 34 10.92 31.46 -29.56
C GLN L 34 10.41 32.21 -28.32
N ALA L 35 11.27 32.60 -27.40
CA ALA L 35 10.84 33.41 -26.23
C ALA L 35 10.53 34.85 -26.67
N LEU L 36 9.63 35.46 -25.91
CA LEU L 36 9.23 36.88 -26.12
C LEU L 36 10.54 37.65 -25.81
N VAL L 37 10.75 38.76 -26.45
CA VAL L 37 11.92 39.60 -26.20
C VAL L 37 11.50 40.72 -25.25
N SER L 38 12.04 40.71 -24.03
CA SER L 38 11.62 41.74 -23.07
C SER L 38 12.33 43.06 -23.45
N ILE L 39 11.57 44.11 -23.45
CA ILE L 39 12.09 45.45 -23.71
C ILE L 39 11.53 46.41 -22.61
N PRO L 40 12.37 47.40 -22.30
CA PRO L 40 12.01 48.43 -21.32
C PRO L 40 10.88 49.24 -21.91
N GLN L 41 10.07 49.79 -20.99
CA GLN L 41 8.93 50.62 -21.48
C GLN L 41 9.52 51.96 -21.92
N SER L 42 8.95 52.47 -22.99
CA SER L 42 9.34 53.76 -23.58
C SER L 42 7.97 54.39 -23.95
N ILE L 43 8.01 55.59 -24.38
CA ILE L 43 6.79 56.33 -24.74
C ILE L 43 5.98 55.52 -25.73
N SER L 44 6.67 54.73 -26.57
CA SER L 44 5.97 53.90 -27.57
C SER L 44 4.96 53.01 -26.83
N GLU L 45 5.35 52.42 -25.72
CA GLU L 45 4.50 51.53 -24.91
C GLU L 45 3.65 52.14 -23.83
N THR L 46 4.12 53.20 -23.19
CA THR L 46 3.38 53.82 -22.10
C THR L 46 2.28 54.75 -22.53
N THR L 47 2.04 55.00 -23.77
CA THR L 47 0.96 55.91 -24.22
C THR L 47 -0.03 55.05 -25.03
N GLY L 48 -1.20 55.63 -25.24
CA GLY L 48 -2.26 55.04 -26.02
C GLY L 48 -3.34 56.09 -26.32
N PRO L 49 -4.27 55.63 -27.19
CA PRO L 49 -5.40 56.46 -27.58
C PRO L 49 -6.36 56.74 -26.43
N ASN L 50 -6.92 57.94 -26.49
CA ASN L 50 -7.96 58.39 -25.58
C ASN L 50 -9.19 58.57 -26.52
N PHE L 51 -10.27 57.88 -26.19
CA PHE L 51 -11.48 57.94 -27.02
C PHE L 51 -12.56 58.85 -26.53
N SER L 52 -12.21 59.78 -25.67
CA SER L 52 -13.09 60.79 -25.12
C SER L 52 -13.91 61.49 -26.19
N HIS L 53 -13.30 61.77 -27.34
CA HIS L 53 -14.06 62.47 -28.41
C HIS L 53 -14.65 61.56 -29.43
N LEU L 54 -14.72 60.26 -29.15
CA LEU L 54 -15.33 59.34 -30.17
C LEU L 54 -16.84 59.59 -30.14
N GLY L 55 -17.44 59.71 -31.31
CA GLY L 55 -18.90 60.00 -31.36
C GLY L 55 -19.70 58.74 -31.19
N PHE L 56 -20.16 58.45 -29.99
CA PHE L 56 -20.94 57.26 -29.68
C PHE L 56 -22.45 57.49 -29.91
N GLY L 57 -23.05 56.54 -30.58
CA GLY L 57 -24.52 56.53 -30.81
C GLY L 57 -25.17 56.47 -29.41
N ALA L 58 -26.41 56.87 -29.34
CA ALA L 58 -27.18 56.89 -28.09
C ALA L 58 -27.43 55.55 -27.44
N HIS L 59 -27.46 54.51 -28.25
CA HIS L 59 -27.71 53.15 -27.77
C HIS L 59 -26.50 52.26 -27.98
N ASP L 60 -25.35 52.88 -28.05
CA ASP L 60 -24.09 52.15 -28.29
C ASP L 60 -23.93 50.98 -27.33
N HIS L 61 -24.36 51.19 -26.11
CA HIS L 61 -24.26 50.15 -25.07
C HIS L 61 -25.57 49.45 -24.76
N ASP L 62 -26.62 49.66 -25.53
CA ASP L 62 -27.92 49.02 -25.30
C ASP L 62 -28.22 48.04 -26.46
N LEU L 63 -27.79 46.81 -26.23
CA LEU L 63 -27.99 45.73 -27.20
C LEU L 63 -29.46 45.37 -27.40
N LEU L 64 -30.31 45.81 -26.50
CA LEU L 64 -31.74 45.54 -26.65
C LEU L 64 -32.28 46.45 -27.75
N LEU L 65 -31.69 47.63 -27.90
CA LEU L 65 -32.20 48.59 -28.90
C LEU L 65 -31.30 48.92 -30.08
N ASN L 66 -30.00 48.79 -29.92
CA ASN L 66 -29.02 49.15 -30.91
C ASN L 66 -29.05 48.38 -32.20
N PHE L 67 -29.98 47.51 -32.50
CA PHE L 67 -29.82 46.79 -33.82
C PHE L 67 -31.09 47.04 -34.68
N GLY L 71 -38.39 45.48 -33.02
CA GLY L 71 -38.71 44.47 -32.03
C GLY L 71 -37.66 44.43 -30.91
N LEU L 72 -37.93 43.53 -29.98
CA LEU L 72 -37.05 43.28 -28.82
C LEU L 72 -36.44 41.87 -29.07
N PRO L 73 -35.19 41.76 -28.70
CA PRO L 73 -34.52 40.45 -28.84
C PRO L 73 -35.26 39.48 -27.88
N ILE L 74 -35.18 38.23 -28.24
CA ILE L 74 -35.76 37.15 -27.40
C ILE L 74 -34.61 36.62 -26.52
N GLY L 75 -34.87 36.47 -25.25
CA GLY L 75 -33.78 36.01 -24.32
C GLY L 75 -33.92 36.80 -23.01
N GLU L 76 -33.06 36.37 -22.06
CA GLU L 76 -33.04 36.92 -20.70
C GLU L 76 -32.46 38.31 -20.68
N ARG L 77 -33.31 39.26 -20.35
CA ARG L 77 -32.88 40.66 -20.29
C ARG L 77 -31.96 40.76 -19.05
N ILE L 78 -30.80 41.37 -19.25
CA ILE L 78 -29.82 41.58 -18.20
C ILE L 78 -29.05 42.88 -18.45
N ILE L 79 -28.42 43.25 -17.37
CA ILE L 79 -27.50 44.37 -17.34
C ILE L 79 -26.11 43.82 -17.00
N VAL L 80 -25.14 44.16 -17.82
CA VAL L 80 -23.74 43.78 -17.53
C VAL L 80 -23.11 45.13 -17.05
N ALA L 81 -22.64 45.10 -15.84
CA ALA L 81 -22.02 46.35 -15.25
C ALA L 81 -20.85 45.99 -14.38
N GLY L 82 -19.98 46.94 -14.12
CA GLY L 82 -18.78 46.76 -13.29
C GLY L 82 -17.95 48.05 -13.33
N ARG L 83 -16.75 47.92 -12.80
CA ARG L 83 -15.82 49.06 -12.68
C ARG L 83 -14.45 48.64 -13.23
N VAL L 84 -13.79 49.56 -13.91
CA VAL L 84 -12.45 49.25 -14.45
C VAL L 84 -11.47 49.97 -13.49
N VAL L 85 -10.61 49.22 -12.93
CA VAL L 85 -9.55 49.66 -12.04
C VAL L 85 -8.16 49.07 -12.45
N ASP L 86 -7.15 49.75 -11.98
CA ASP L 86 -5.75 49.34 -12.15
C ASP L 86 -5.39 48.43 -11.01
N GLN L 87 -4.18 47.88 -10.97
CA GLN L 87 -3.80 46.95 -9.90
C GLN L 87 -3.66 47.62 -8.52
N TYR L 88 -3.59 48.94 -8.49
CA TYR L 88 -3.45 49.71 -7.22
C TYR L 88 -4.82 50.05 -6.66
N GLY L 89 -5.84 49.60 -7.38
CA GLY L 89 -7.22 49.83 -7.09
C GLY L 89 -7.70 51.17 -7.62
N LYS L 90 -6.88 51.85 -8.38
CA LYS L 90 -7.31 53.21 -8.90
C LYS L 90 -8.20 53.03 -10.12
N PRO L 91 -9.22 53.86 -10.21
CA PRO L 91 -10.18 53.83 -11.32
C PRO L 91 -9.55 54.29 -12.61
N VAL L 92 -10.10 53.75 -13.70
CA VAL L 92 -9.65 54.12 -15.06
C VAL L 92 -10.87 54.83 -15.68
N PRO L 93 -10.86 56.14 -15.55
CA PRO L 93 -11.96 56.98 -16.09
C PRO L 93 -11.84 57.09 -17.61
N ASN L 94 -12.96 57.23 -18.25
CA ASN L 94 -13.18 57.37 -19.67
C ASN L 94 -12.33 56.46 -20.52
N THR L 95 -12.35 55.19 -20.15
CA THR L 95 -11.59 54.19 -20.99
C THR L 95 -12.64 53.56 -21.91
N LEU L 96 -12.16 52.88 -22.96
CA LEU L 96 -13.05 52.29 -23.93
C LEU L 96 -13.31 50.80 -23.64
N VAL L 97 -14.58 50.45 -23.62
CA VAL L 97 -14.96 49.02 -23.37
C VAL L 97 -15.86 48.57 -24.52
N GLU L 98 -15.49 47.52 -25.18
CA GLU L 98 -16.32 47.00 -26.32
C GLU L 98 -16.62 45.56 -25.96
N MET L 99 -17.75 45.07 -26.27
CA MET L 99 -18.26 43.73 -26.00
C MET L 99 -19.02 43.25 -27.25
N TRP L 100 -19.06 41.95 -27.41
CA TRP L 100 -19.73 41.33 -28.55
C TRP L 100 -20.04 39.87 -28.10
N GLN L 101 -21.13 39.35 -28.60
CA GLN L 101 -21.52 37.95 -28.19
C GLN L 101 -22.49 37.36 -29.20
N ALA L 102 -22.83 36.13 -28.98
CA ALA L 102 -23.86 35.39 -29.76
C ALA L 102 -25.22 35.78 -29.12
N ASN L 103 -26.28 35.36 -29.76
CA ASN L 103 -27.65 35.59 -29.24
C ASN L 103 -27.97 34.49 -28.19
N ALA L 104 -29.22 34.54 -27.79
CA ALA L 104 -29.78 33.65 -26.77
C ALA L 104 -29.58 32.18 -27.06
N GLY L 105 -29.58 31.86 -28.35
CA GLY L 105 -29.42 30.52 -28.84
C GLY L 105 -27.99 30.15 -29.12
N GLY L 106 -27.05 31.10 -28.87
CA GLY L 106 -25.63 30.73 -29.13
C GLY L 106 -25.20 30.93 -30.58
N ARG L 107 -25.99 31.66 -31.33
CA ARG L 107 -25.74 32.01 -32.71
C ARG L 107 -25.13 33.42 -32.84
N TYR L 108 -24.06 33.47 -33.65
CA TYR L 108 -23.41 34.77 -33.92
C TYR L 108 -23.86 35.34 -35.28
N ARG L 109 -24.02 36.65 -35.26
CA ARG L 109 -24.40 37.41 -36.46
C ARG L 109 -23.07 37.69 -37.19
N HIS L 110 -22.50 36.64 -37.70
CA HIS L 110 -21.22 36.59 -38.40
C HIS L 110 -21.32 35.61 -39.58
N LYS L 111 -20.86 36.03 -40.71
CA LYS L 111 -20.87 35.30 -41.95
C LYS L 111 -20.37 33.84 -41.81
N ASN L 112 -19.30 33.68 -41.04
CA ASN L 112 -18.66 32.38 -40.83
C ASN L 112 -19.32 31.49 -39.79
N ASP L 113 -20.42 31.94 -39.17
CA ASP L 113 -21.12 31.15 -38.16
C ASP L 113 -22.26 30.36 -38.80
N ARG L 114 -21.99 29.09 -39.03
CA ARG L 114 -22.94 28.15 -39.65
C ARG L 114 -23.68 27.32 -38.62
N TYR L 115 -23.79 27.80 -37.40
CA TYR L 115 -24.47 27.02 -36.33
C TYR L 115 -25.98 27.10 -36.66
N LEU L 116 -26.62 25.97 -36.51
CA LEU L 116 -28.02 25.78 -36.81
C LEU L 116 -28.99 26.56 -35.99
N ALA L 117 -28.63 27.07 -34.81
CA ALA L 117 -29.65 27.85 -34.03
C ALA L 117 -29.84 29.10 -34.89
N PRO L 118 -31.05 29.64 -34.94
CA PRO L 118 -31.36 30.79 -35.74
C PRO L 118 -30.85 32.11 -35.19
N LEU L 119 -30.91 33.07 -36.10
CA LEU L 119 -30.55 34.47 -35.85
C LEU L 119 -31.81 35.13 -35.28
N ASP L 120 -31.57 36.17 -34.53
CA ASP L 120 -32.66 36.95 -33.89
C ASP L 120 -32.64 38.28 -34.66
N PRO L 121 -33.75 38.49 -35.36
CA PRO L 121 -33.92 39.69 -36.18
C PRO L 121 -33.75 40.99 -35.45
N ASN L 122 -33.91 40.96 -34.13
CA ASN L 122 -33.81 42.19 -33.34
C ASN L 122 -32.48 42.24 -32.58
N PHE L 123 -31.56 41.39 -32.96
CA PHE L 123 -30.29 41.31 -32.23
C PHE L 123 -29.04 41.38 -33.08
N GLY L 124 -28.20 42.37 -32.71
CA GLY L 124 -26.93 42.63 -33.36
C GLY L 124 -25.81 41.80 -32.70
N GLY L 125 -25.49 42.12 -31.47
CA GLY L 125 -24.48 41.52 -30.65
C GLY L 125 -23.27 42.35 -30.29
N VAL L 126 -23.32 43.64 -30.58
CA VAL L 126 -22.22 44.55 -30.33
C VAL L 126 -22.64 45.75 -29.48
N GLY L 127 -21.70 46.10 -28.62
CA GLY L 127 -21.90 47.25 -27.69
C GLY L 127 -20.50 47.85 -27.45
N ARG L 128 -20.49 49.10 -27.11
CA ARG L 128 -19.31 49.90 -26.82
C ARG L 128 -19.80 50.99 -25.88
N CYS L 129 -18.92 51.47 -25.05
CA CYS L 129 -19.24 52.52 -24.08
C CYS L 129 -17.93 53.00 -23.45
N LEU L 130 -18.03 54.14 -22.81
CA LEU L 130 -16.87 54.75 -22.15
C LEU L 130 -17.09 54.66 -20.61
N THR L 131 -16.03 54.29 -19.92
CA THR L 131 -16.16 54.23 -18.44
C THR L 131 -16.34 55.72 -18.05
N ASP L 132 -17.03 55.89 -16.95
CA ASP L 132 -17.31 57.18 -16.36
C ASP L 132 -16.12 57.52 -15.44
N SER L 133 -16.23 58.70 -14.87
CA SER L 133 -15.16 59.23 -14.00
C SER L 133 -14.82 58.22 -12.93
N ASP L 134 -15.79 57.39 -12.53
CA ASP L 134 -15.51 56.40 -11.47
C ASP L 134 -14.93 55.08 -11.92
N GLY L 135 -14.84 54.94 -13.23
CA GLY L 135 -14.31 53.70 -13.82
C GLY L 135 -15.45 52.69 -14.00
N TYR L 136 -16.68 53.20 -14.05
CA TYR L 136 -17.89 52.43 -14.20
C TYR L 136 -18.47 52.39 -15.60
N TYR L 137 -18.92 51.19 -15.97
CA TYR L 137 -19.56 51.03 -17.28
C TYR L 137 -20.80 50.09 -17.08
N SER L 138 -21.58 50.11 -18.16
CA SER L 138 -22.73 49.23 -18.19
C SER L 138 -23.31 49.12 -19.61
N PHE L 139 -23.84 47.93 -19.75
CA PHE L 139 -24.45 47.46 -21.01
C PHE L 139 -25.78 46.82 -20.61
N ARG L 140 -26.61 46.75 -21.58
CA ARG L 140 -27.94 46.11 -21.42
C ARG L 140 -28.01 45.19 -22.65
N THR L 141 -28.24 43.94 -22.38
CA THR L 141 -28.26 42.92 -23.42
C THR L 141 -29.13 41.75 -22.97
N ILE L 142 -28.88 40.62 -23.65
CA ILE L 142 -29.55 39.36 -23.35
C ILE L 142 -28.44 38.30 -23.10
N LYS L 143 -28.72 37.46 -22.13
CA LYS L 143 -27.67 36.42 -21.82
C LYS L 143 -27.54 35.57 -23.11
N PRO L 144 -26.32 35.42 -23.58
CA PRO L 144 -26.06 34.59 -24.78
C PRO L 144 -26.18 33.11 -24.34
N GLY L 145 -26.28 32.19 -25.25
CA GLY L 145 -26.34 30.77 -25.08
C GLY L 145 -24.97 30.15 -25.45
N PRO L 146 -24.71 28.97 -24.93
CA PRO L 146 -23.46 28.22 -25.14
C PRO L 146 -23.36 27.89 -26.62
N TYR L 147 -22.15 27.64 -27.06
CA TYR L 147 -21.90 27.42 -28.53
C TYR L 147 -21.05 26.21 -28.78
N PRO L 148 -21.52 25.35 -29.68
CA PRO L 148 -20.79 24.11 -30.03
C PRO L 148 -19.66 24.59 -30.95
N TRP L 149 -18.49 24.00 -30.85
CA TRP L 149 -17.37 24.43 -31.71
C TRP L 149 -16.51 23.23 -32.01
N ARG L 150 -15.84 23.31 -33.16
CA ARG L 150 -15.00 22.21 -33.60
C ARG L 150 -13.64 22.20 -32.94
N ASN L 151 -13.56 21.66 -31.76
CA ASN L 151 -12.30 21.52 -30.99
C ASN L 151 -12.24 19.99 -30.77
N GLY L 152 -12.76 19.56 -29.63
CA GLY L 152 -12.84 18.05 -29.45
C GLY L 152 -14.19 17.71 -30.17
N PRO L 153 -14.55 16.45 -30.18
CA PRO L 153 -15.75 15.95 -30.80
C PRO L 153 -17.05 16.48 -30.21
N ASN L 154 -16.99 17.04 -29.00
CA ASN L 154 -18.26 17.55 -28.38
C ASN L 154 -17.89 18.64 -27.37
N ASP L 155 -17.26 19.68 -27.85
CA ASP L 155 -16.85 20.83 -27.05
C ASP L 155 -17.93 21.89 -27.24
N TRP L 156 -18.28 22.49 -26.11
CA TRP L 156 -19.30 23.55 -26.08
C TRP L 156 -18.73 24.73 -25.27
N ARG L 157 -18.83 25.94 -25.80
CA ARG L 157 -18.30 27.09 -25.01
C ARG L 157 -19.41 27.45 -24.00
N PRO L 158 -18.97 27.80 -22.81
CA PRO L 158 -19.93 28.30 -21.80
C PRO L 158 -20.49 29.61 -22.40
N ALA L 159 -21.65 30.00 -21.96
CA ALA L 159 -22.24 31.29 -22.41
C ALA L 159 -21.14 32.31 -22.02
N HIS L 160 -20.97 33.32 -22.87
CA HIS L 160 -19.88 34.30 -22.52
C HIS L 160 -19.99 35.48 -23.50
N ILE L 161 -19.50 36.58 -23.03
CA ILE L 161 -19.45 37.85 -23.77
C ILE L 161 -17.96 38.20 -23.92
N HIS L 162 -17.61 38.57 -25.12
CA HIS L 162 -16.20 38.98 -25.41
C HIS L 162 -16.08 40.45 -25.00
N PHE L 163 -14.95 40.77 -24.36
CA PHE L 163 -14.66 42.14 -23.91
C PHE L 163 -13.28 42.53 -24.45
N GLY L 164 -13.14 43.81 -24.64
CA GLY L 164 -11.92 44.48 -25.12
C GLY L 164 -11.87 45.81 -24.30
N ILE L 165 -10.79 46.03 -23.61
CA ILE L 165 -10.70 47.28 -22.81
C ILE L 165 -9.37 47.96 -23.22
N SER L 166 -9.43 49.25 -23.49
CA SER L 166 -8.28 50.04 -23.92
C SER L 166 -7.35 50.36 -22.77
N GLY L 167 -7.82 51.09 -21.77
CA GLY L 167 -6.82 51.37 -20.64
C GLY L 167 -6.11 52.67 -21.12
N PRO L 168 -5.29 53.19 -20.24
CA PRO L 168 -4.54 54.42 -20.55
C PRO L 168 -3.42 54.26 -21.55
N SER L 169 -3.02 53.00 -21.84
CA SER L 169 -1.92 52.81 -22.81
C SER L 169 -2.00 51.49 -23.53
N ILE L 170 -1.16 51.41 -24.59
CA ILE L 170 -1.14 50.12 -25.32
C ILE L 170 -0.60 49.05 -24.36
N ALA L 171 0.10 49.45 -23.31
CA ALA L 171 0.63 48.44 -22.33
C ALA L 171 -0.51 47.75 -21.57
N THR L 172 -1.61 48.44 -21.39
CA THR L 172 -2.78 47.96 -20.69
C THR L 172 -3.88 47.39 -21.58
N LYS L 173 -3.91 47.71 -22.85
CA LYS L 173 -4.99 47.16 -23.74
C LYS L 173 -5.14 45.65 -23.45
N LEU L 174 -6.37 45.20 -23.37
CA LEU L 174 -6.69 43.78 -23.07
C LEU L 174 -7.95 43.30 -23.78
N ILE L 175 -7.95 42.03 -24.10
CA ILE L 175 -9.14 41.38 -24.68
C ILE L 175 -9.34 40.09 -23.81
N THR L 176 -10.60 39.91 -23.43
CA THR L 176 -10.97 38.83 -22.56
C THR L 176 -12.40 38.36 -22.81
N GLN L 177 -12.83 37.47 -21.90
CA GLN L 177 -14.21 36.94 -21.97
C GLN L 177 -14.80 36.93 -20.55
N LEU L 178 -16.06 37.20 -20.43
CA LEU L 178 -16.86 37.23 -19.23
C LEU L 178 -17.69 35.91 -19.23
N TYR L 179 -17.71 35.24 -18.09
CA TYR L 179 -18.52 33.97 -18.00
C TYR L 179 -19.58 34.22 -16.93
N PHE L 180 -20.57 33.34 -16.90
CA PHE L 180 -21.66 33.43 -15.94
C PHE L 180 -21.54 32.44 -14.77
N GLU L 181 -21.60 33.06 -13.58
CA GLU L 181 -21.54 32.37 -12.30
C GLU L 181 -22.47 31.13 -12.32
N GLY L 182 -21.92 30.04 -11.89
CA GLY L 182 -22.59 28.73 -11.79
C GLY L 182 -22.67 27.95 -13.11
N ASP L 183 -22.26 28.54 -14.21
CA ASP L 183 -22.36 27.76 -15.52
C ASP L 183 -21.52 26.51 -15.48
N PRO L 184 -22.20 25.36 -15.55
CA PRO L 184 -21.53 24.04 -15.50
C PRO L 184 -20.53 23.78 -16.58
N LEU L 185 -20.63 24.48 -17.71
CA LEU L 185 -19.67 24.28 -18.82
C LEU L 185 -18.29 24.85 -18.56
N ILE L 186 -18.24 25.87 -17.72
CA ILE L 186 -17.02 26.59 -17.44
C ILE L 186 -15.78 25.70 -17.24
N PRO L 187 -15.87 24.77 -16.29
CA PRO L 187 -14.74 23.89 -15.94
C PRO L 187 -14.38 22.89 -17.01
N MET L 188 -15.21 22.76 -18.02
CA MET L 188 -14.95 21.77 -19.08
C MET L 188 -14.35 22.42 -20.31
N CYS L 189 -14.43 23.75 -20.40
CA CYS L 189 -13.91 24.44 -21.59
C CYS L 189 -12.39 24.59 -21.61
N PRO L 190 -11.84 24.21 -22.75
CA PRO L 190 -10.39 24.25 -23.03
C PRO L 190 -9.87 25.67 -23.15
N ILE L 191 -10.70 26.60 -23.58
CA ILE L 191 -10.29 28.04 -23.65
C ILE L 191 -10.12 28.51 -22.20
N VAL L 192 -11.11 28.25 -21.36
CA VAL L 192 -11.07 28.62 -19.93
C VAL L 192 -9.80 27.99 -19.32
N LYS L 193 -9.63 26.70 -19.55
CA LYS L 193 -8.47 25.95 -19.06
C LYS L 193 -7.15 26.38 -19.62
N SER L 194 -7.11 27.41 -20.46
CA SER L 194 -5.82 27.92 -20.97
C SER L 194 -5.15 28.64 -19.77
N ILE L 195 -5.99 29.03 -18.82
CA ILE L 195 -5.60 29.70 -17.59
C ILE L 195 -5.25 28.63 -16.54
N ALA L 196 -4.00 28.50 -16.16
CA ALA L 196 -3.57 27.46 -15.19
C ALA L 196 -4.04 27.71 -13.75
N ASN L 197 -4.19 28.92 -13.32
CA ASN L 197 -4.61 29.23 -11.94
C ASN L 197 -6.11 29.36 -11.76
N PRO L 198 -6.67 28.44 -11.00
CA PRO L 198 -8.12 28.43 -10.71
C PRO L 198 -8.56 29.80 -10.19
N GLU L 199 -7.61 30.47 -9.54
CA GLU L 199 -7.98 31.83 -9.03
C GLU L 199 -8.12 32.79 -10.20
N ALA L 200 -7.34 32.64 -11.22
CA ALA L 200 -7.38 33.52 -12.41
C ALA L 200 -8.72 33.37 -13.11
N VAL L 201 -9.18 32.11 -13.14
CA VAL L 201 -10.47 31.77 -13.73
C VAL L 201 -11.60 32.50 -13.03
N GLN L 202 -11.63 32.41 -11.71
CA GLN L 202 -12.67 33.10 -10.92
C GLN L 202 -12.80 34.55 -11.32
N GLN L 203 -11.69 35.14 -11.79
CA GLN L 203 -11.71 36.58 -12.13
C GLN L 203 -12.54 36.86 -13.40
N LEU L 204 -12.80 35.84 -14.19
CA LEU L 204 -13.57 36.00 -15.43
C LEU L 204 -15.06 35.76 -15.25
N ILE L 205 -15.40 35.36 -14.02
CA ILE L 205 -16.79 35.01 -13.73
C ILE L 205 -17.61 36.16 -13.17
N ALA L 206 -18.56 36.59 -13.93
CA ALA L 206 -19.46 37.72 -13.53
C ALA L 206 -20.38 37.14 -12.47
N LYS L 207 -20.70 37.91 -11.47
CA LYS L 207 -21.58 37.49 -10.38
C LYS L 207 -22.98 38.08 -10.49
N LEU L 208 -23.95 37.22 -10.20
CA LEU L 208 -25.38 37.67 -10.22
C LEU L 208 -25.45 38.82 -9.17
N ASP L 209 -26.03 39.90 -9.63
CA ASP L 209 -26.16 41.13 -8.84
C ASP L 209 -27.62 41.57 -8.75
N MET L 210 -28.29 41.01 -7.75
CA MET L 210 -29.70 41.28 -7.47
C MET L 210 -29.92 42.76 -7.15
N ASN L 211 -28.93 43.38 -6.53
CA ASN L 211 -29.05 44.81 -6.11
C ASN L 211 -29.10 45.75 -7.32
N ASN L 212 -28.63 45.33 -8.46
CA ASN L 212 -28.61 46.20 -9.65
C ASN L 212 -29.74 45.86 -10.61
N ALA L 213 -30.50 44.82 -10.27
CA ALA L 213 -31.59 44.34 -11.11
C ALA L 213 -32.76 45.32 -11.09
N ASN L 214 -33.47 45.34 -12.19
CA ASN L 214 -34.70 46.17 -12.31
C ASN L 214 -35.85 45.14 -12.12
N PRO L 215 -36.47 45.23 -10.98
CA PRO L 215 -37.57 44.31 -10.62
C PRO L 215 -38.60 44.30 -11.74
N MET L 216 -39.10 43.14 -12.04
CA MET L 216 -40.10 42.92 -13.09
C MET L 216 -39.53 43.32 -14.45
N ASP L 217 -38.22 43.33 -14.64
CA ASP L 217 -37.66 43.77 -15.95
C ASP L 217 -36.44 43.01 -16.40
N CYS L 218 -35.30 43.25 -15.71
CA CYS L 218 -34.05 42.57 -16.03
C CYS L 218 -33.23 42.38 -14.76
N LEU L 219 -32.45 41.35 -14.85
CA LEU L 219 -31.51 40.95 -13.79
C LEU L 219 -30.18 41.67 -14.15
N ALA L 220 -29.17 41.47 -13.32
CA ALA L 220 -27.90 42.14 -13.58
C ALA L 220 -26.77 41.24 -13.08
N TYR L 221 -25.64 41.44 -13.75
CA TYR L 221 -24.39 40.77 -13.48
C TYR L 221 -23.30 41.81 -13.29
N ARG L 222 -22.43 41.46 -12.36
CA ARG L 222 -21.31 42.40 -12.04
C ARG L 222 -20.02 41.82 -12.57
N PHE L 223 -19.26 42.66 -13.27
CA PHE L 223 -17.95 42.17 -13.79
C PHE L 223 -16.96 43.32 -13.70
N ASP L 224 -16.09 43.24 -12.68
CA ASP L 224 -15.08 44.32 -12.54
C ASP L 224 -13.85 43.88 -13.32
N ILE L 225 -13.14 44.87 -13.84
CA ILE L 225 -11.92 44.56 -14.64
C ILE L 225 -10.73 45.28 -14.04
N VAL L 226 -9.64 44.62 -13.91
CA VAL L 226 -8.41 45.16 -13.34
C VAL L 226 -7.32 45.22 -14.43
N LEU L 227 -6.82 46.39 -14.70
CA LEU L 227 -5.73 46.59 -15.67
C LEU L 227 -4.39 46.69 -14.94
N ARG L 228 -3.34 46.60 -15.74
CA ARG L 228 -1.96 46.68 -15.21
C ARG L 228 -1.88 47.98 -14.37
N GLY L 229 -1.29 47.82 -13.22
CA GLY L 229 -1.16 49.02 -12.28
C GLY L 229 -0.16 49.98 -13.01
N GLN L 230 -0.44 51.22 -12.87
CA GLN L 230 0.28 52.35 -13.42
C GLN L 230 0.89 53.17 -12.26
N ARG L 231 2.15 53.47 -12.46
CA ARG L 231 2.87 54.28 -11.42
C ARG L 231 3.82 55.25 -12.11
N LYS L 232 4.27 56.18 -11.26
CA LYS L 232 5.24 57.21 -11.78
C LYS L 232 6.62 56.54 -11.80
N THR L 233 7.41 57.12 -12.67
CA THR L 233 8.85 56.61 -12.81
C THR L 233 9.55 57.15 -11.56
N HIS L 234 10.57 56.48 -11.09
CA HIS L 234 11.28 56.98 -9.88
C HIS L 234 12.76 56.61 -10.06
N PHE L 235 13.57 57.54 -9.58
CA PHE L 235 15.02 57.47 -9.60
C PHE L 235 15.51 56.91 -10.94
N GLU L 236 14.70 57.11 -11.99
CA GLU L 236 15.09 56.62 -13.32
C GLU L 236 16.21 57.41 -13.96
#